data_9PZQ
#
_entry.id   9PZQ
#
_cell.length_a   1.00
_cell.length_b   1.00
_cell.length_c   1.00
_cell.angle_alpha   90.00
_cell.angle_beta   90.00
_cell.angle_gamma   90.00
#
_symmetry.space_group_name_H-M   'P 1'
#
loop_
_entity.id
_entity.type
_entity.pdbx_description
1 polymer 'polyclonal antibody Fab fragment, termed FabEnc1'
2 polymer 'Glutamate receptor ionotropic, NMDA 1'
3 polymer 'Glutamate receptor ionotropic, NMDA 2A'
#
loop_
_entity_poly.entity_id
_entity_poly.type
_entity_poly.pdbx_seq_one_letter_code
_entity_poly.pdbx_strand_id
1 'polypeptide(L)'
;(UNK)(UNK)(UNK)(UNK)(UNK)(UNK)(UNK)(UNK)(UNK)(UNK)(UNK)(UNK)(UNK)(UNK)(UNK)(UNK)
(UNK)(UNK)(UNK)(UNK)(UNK)(UNK)(UNK)(UNK)(UNK)(UNK)(UNK)(UNK)(UNK)(UNK)(UNK)(UNK)
(UNK)(UNK)(UNK)(UNK)(UNK)(UNK)(UNK)(UNK)(UNK)(UNK)(UNK)(UNK)(UNK)(UNK)(UNK)(UNK)
(UNK)(UNK)(UNK)(UNK)(UNK)(UNK)(UNK)(UNK)(UNK)(UNK)(UNK)(UNK)(UNK)(UNK)(UNK)(UNK)
(UNK)(UNK)(UNK)(UNK)(UNK)(UNK)(UNK)(UNK)(UNK)(UNK)(UNK)(UNK)(UNK)(UNK)(UNK)(UNK)
(UNK)(UNK)(UNK)(UNK)(UNK)(UNK)(UNK)(UNK)(UNK)(UNK)(UNK)(UNK)(UNK)(UNK)(UNK)(UNK)
(UNK)(UNK)(UNK)(UNK)(UNK)(UNK)(UNK)(UNK)(UNK)(UNK)(UNK)(UNK)(UNK)(UNK)(UNK)(UNK)
(UNK)(UNK)(UNK)(UNK)(UNK)(UNK)(UNK)(UNK)(UNK)(UNK)(UNK)(UNK)(UNK)(UNK)(UNK)(UNK)
(UNK)(UNK)(UNK)(UNK)(UNK)(UNK)(UNK)(UNK)(UNK)(UNK)(UNK)(UNK)(UNK)(UNK)(UNK)(UNK)
(UNK)(UNK)(UNK)(UNK)(UNK)(UNK)(UNK)(UNK)(UNK)(UNK)(UNK)(UNK)(UNK)(UNK)(UNK)(UNK)
(UNK)(UNK)(UNK)(UNK)(UNK)(UNK)(UNK)(UNK)(UNK)(UNK)(UNK)(UNK)(UNK)(UNK)(UNK)(UNK)
(UNK)(UNK)(UNK)(UNK)(UNK)(UNK)(UNK)(UNK)(UNK)(UNK)(UNK)(UNK)(UNK)(UNK)(UNK)(UNK)
(UNK)(UNK)(UNK)(UNK)(UNK)(UNK)(UNK)(UNK)(UNK)(UNK)(UNK)(UNK)(UNK)(UNK)(UNK)(UNK)
(UNK)(UNK)(UNK)(UNK)(UNK)(UNK)(UNK)(UNK)(UNK)(UNK)(UNK)(UNK)(UNK)(UNK)(UNK)(UNK)
(UNK)(UNK)(UNK)(UNK)(UNK)(UNK)(UNK)(UNK)(UNK)(UNK)(UNK)(UNK)(UNK)(UNK)(UNK)(UNK)
(UNK)(UNK)(UNK)(UNK)
;
F,G
2 'polypeptide(L)'
;MSTMHLLTFALLFSCSFARAACDPKIVNIGAVLSTRKHEQMFREAVNQANKRHGSWKIQLNATSVTHKPNAIQMALSVCE
DLISSQVYAILVSHPPTPNDHFTPTPVSYTAGFYRIPVLGLTTRMSIYSDKSIHLSFLRTVPPYSHQSSVWFEMMRVYNW
NHIILLVSDDHEGRAAQKRLETLLEERESKAEKVLQFDPGTKNVTALLMEARELEARVIILSASEDDAATVYRAAAMLNM
TGSGYVWLVGEREISGNALRYAPDGIIGLQLINGKNESAHISDAVGVVAQAVHELLEKENITDPPRGCVGNTNIWKTGPL
FKRVLMSSKYADGVTGRVEFNEDGDRKFANYSIMNLQNRKLVQVGIYNGTHVIPNDRKIIWPGGETEKPRGYQMSTRLKI
VTIHQEPFVYVKPTMSDGTCKEEFTVNGDPVKKVICTGPNDTSPGSPRHTVPQCCYGFCIDLLIKLARTMNFTYEVHLVA
DGKFGTQERVNNSNKKEWNGMMGELLSGQADMIVAPLTINNERAQYIEFSKPFKYQGLTILVKKEIPRSTLDSFMQPFQS
TLWLLVGLSVHVVAVMLYLLDRFSPFGRFKVNSEEEEEDALTLSSAMWFSWGVLLNSGIGEGAPRSFSARILGMVWAGFA
MIIVASYTANLAAFLVLDRPEERITGINDPRLRNPSDKFIYATVKQSSVDIYFRRQVELSTMYRHMEKHNYESAAEAIQA
VRDNKLHAFIWDSAVLEFEASQKCDLVTTGELFFRSGFGIGMRKDSPWKQNVSLSILKSHENGFMEDLDKTWVRYQECDS
RSNAPATLTFENMAGVFMLVAGGIVAGIFLIFIEIAYKRHKDARRKQ
;
A,C
3 'polypeptide(L)'
;MGRLGYWTLLVLPALLVWRDPAQNAAAEKGPPALNIAVLLGHSHDVTERELRNLWGPEQATGLPLDVNVVALLMNRTDPK
SLITHVCDLMSGARIHGLVFGDDTDQEAVAQMLDFISSQTFIPILGIHGGASMIMADKDPTSTFFQFGASIQQQATVMLK
IMQDYDWHVFSLVTTIFPGYRDFISFIKTTVDNSFVGWDMQNVITLDTSFEDAKTQVQLKKIHSSVILLYCSKDEAVLIL
SEARSLGLTGYDFFWIVPSLVSGNTELIPKEFPSGLISVSYDDWDYSLEARVRDGLGILTTAASSMLEKFSYIPEAKASC
YGQAEKPETPLHTLHQFMVNVTWDGKDLSFTEEGYQVHPRLVVIVLNKDREWEKVGKWENQTLSLRHAVWPRYKSFSDCE
PDDNHLSIVTLEEAPFVIVEDIDPLTETCVRNTVPCRKFVKINNSTNEGMNVKKCCKGFCIDILKKLSRTVKFTYDLYLV
TNGKHGKKVNNVWNGMIGEVVYQRAVMAVGSLTINEERSEVVDFSVPFVETGISVMVSRSNGTVSPSAFLEPFSASVWVM
MFVMLLIVSAIAVFVFEYFSPVGYNRNLAKGKAPHGPSFTIGKAIWLLWGLVFNNSVPVQNPKGTTSKIMVSVWAFFAVI
FLASYTANLAAFMIQEEFVDQVTGLSDKKFQRPHDYSPPFRFGTVPNGSTERNIRNNYPYMHQYMTRFNQRGVEDALVSL
KTGKLDAFIYDAAVLNYKAGRDEGCKLVTIGSGYIFATTGYGIALQKGSPWKRQIDLALLQFVGDGEMEELETLWLTGIC
HNEKNEVMSSQLDIDNMAGVFYMLAAAMALSLITFIWEHLFYWKLRFCFTGVCSDRPGLLFSISRG
;
B,D
#
# COMPACT_ATOMS: atom_id res chain seq x y z
N UNK A 1 -43.52 -41.37 15.40
CA UNK A 1 -42.73 -41.19 16.60
C UNK A 1 -41.45 -42.01 16.44
N UNK A 2 -40.31 -41.44 16.80
CA UNK A 2 -39.04 -42.15 16.74
C UNK A 2 -39.10 -43.44 17.55
N UNK A 3 -38.63 -44.52 16.95
CA UNK A 3 -38.63 -45.85 17.57
C UNK A 3 -37.25 -46.49 17.43
N UNK A 4 -36.89 -47.26 18.45
CA UNK A 4 -35.68 -48.08 18.46
C UNK A 4 -36.07 -49.48 18.93
N UNK A 5 -35.83 -50.47 18.07
CA UNK A 5 -36.18 -51.87 18.35
C UNK A 5 -34.90 -52.70 18.44
N UNK A 6 -34.66 -53.27 19.62
CA UNK A 6 -33.49 -54.10 19.87
C UNK A 6 -33.74 -55.58 19.57
N UNK A 7 -32.67 -56.32 19.37
CA UNK A 7 -32.70 -57.78 19.24
C UNK A 7 -33.19 -58.46 20.53
N UNK A 8 -33.55 -59.73 20.43
CA UNK A 8 -34.03 -60.52 21.55
C UNK A 8 -32.95 -60.88 22.58
N UNK A 9 -33.37 -61.46 23.69
CA UNK A 9 -32.48 -61.88 24.75
C UNK A 9 -31.45 -62.93 24.28
N UNK A 10 -30.23 -62.85 24.81
CA UNK A 10 -29.09 -63.67 24.41
C UNK A 10 -28.53 -64.45 25.61
N UNK A 11 -28.26 -65.73 25.38
CA UNK A 11 -27.46 -66.55 26.29
C UNK A 11 -26.09 -66.79 25.64
N UNK A 12 -25.03 -66.35 26.31
CA UNK A 12 -23.68 -66.41 25.80
C UNK A 12 -22.77 -67.13 26.81
N UNK A 13 -21.87 -67.97 26.30
CA UNK A 13 -20.90 -68.65 27.15
C UNK A 13 -19.80 -67.68 27.59
N UNK A 14 -19.23 -67.85 28.81
CA UNK A 14 -18.04 -67.11 29.22
C UNK A 14 -16.92 -67.22 28.17
N UNK A 15 -16.25 -66.10 27.88
CA UNK A 15 -15.20 -65.97 26.86
C UNK A 15 -15.70 -65.77 25.43
N UNK A 16 -16.98 -66.02 25.14
CA UNK A 16 -17.55 -65.81 23.82
C UNK A 16 -17.86 -64.32 23.54
N UNK A 17 -18.32 -64.05 22.33
CA UNK A 17 -18.79 -62.72 21.90
C UNK A 17 -20.28 -62.75 21.56
N UNK A 18 -20.93 -61.60 21.67
CA UNK A 18 -22.32 -61.40 21.25
C UNK A 18 -22.41 -60.13 20.41
N UNK A 19 -23.31 -60.10 19.41
CA UNK A 19 -23.59 -58.90 18.63
C UNK A 19 -25.06 -58.54 18.80
N UNK A 20 -25.31 -57.40 19.45
CA UNK A 20 -26.63 -56.86 19.67
C UNK A 20 -27.00 -55.90 18.54
N UNK A 21 -28.28 -55.86 18.14
CA UNK A 21 -28.78 -54.94 17.13
C UNK A 21 -29.81 -53.96 17.70
N UNK A 22 -29.88 -52.77 17.09
CA UNK A 22 -30.83 -51.74 17.39
C UNK A 22 -31.31 -51.10 16.08
N UNK A 23 -32.50 -51.54 15.61
CA UNK A 23 -33.13 -51.00 14.41
C UNK A 23 -33.89 -49.73 14.76
N UNK A 24 -33.67 -48.66 13.98
CA UNK A 24 -34.26 -47.35 14.22
C UNK A 24 -35.26 -46.99 13.14
N UNK A 25 -36.25 -46.15 13.49
CA UNK A 25 -37.23 -45.59 12.57
C UNK A 25 -37.79 -44.26 13.10
N UNK A 26 -38.44 -43.48 12.22
CA UNK A 26 -39.12 -42.24 12.62
C UNK A 26 -38.22 -41.02 12.85
N UNK A 27 -36.91 -41.14 12.60
CA UNK A 27 -35.96 -40.03 12.61
C UNK A 27 -34.81 -40.30 11.60
N UNK A 28 -34.06 -39.25 11.26
CA UNK A 28 -32.89 -39.38 10.39
C UNK A 28 -31.80 -40.18 11.09
N UNK A 29 -31.45 -41.34 10.53
CA UNK A 29 -30.42 -42.20 11.09
C UNK A 29 -29.02 -41.57 10.95
N UNK A 30 -27.88 -39.04 13.59
CA UNK A 30 -28.11 -39.51 14.94
C UNK A 30 -26.85 -40.01 15.60
N UNK A 31 -26.66 -39.61 16.86
CA UNK A 31 -25.75 -40.28 17.79
C UNK A 31 -26.52 -41.43 18.44
N UNK A 32 -26.11 -42.67 18.14
CA UNK A 32 -26.69 -43.87 18.76
C UNK A 32 -25.79 -44.27 19.92
N UNK A 33 -26.34 -44.18 21.12
CA UNK A 33 -25.68 -44.51 22.36
C UNK A 33 -26.03 -45.91 22.81
N UNK A 34 -25.11 -46.54 23.50
CA UNK A 34 -25.31 -47.82 24.16
C UNK A 34 -25.05 -47.70 25.65
N UNK A 35 -25.93 -48.30 26.44
CA UNK A 35 -25.89 -48.25 27.89
C UNK A 35 -26.07 -49.64 28.47
N UNK A 36 -25.43 -49.88 29.61
CA UNK A 36 -25.54 -51.12 30.40
C UNK A 36 -26.30 -50.83 31.69
N UNK A 37 -27.19 -51.72 32.08
CA UNK A 37 -27.84 -51.68 33.40
C UNK A 37 -27.93 -53.09 33.99
N UNK A 38 -27.25 -53.29 35.11
CA UNK A 38 -27.43 -54.52 35.89
C UNK A 38 -28.75 -54.43 36.70
N UNK A 39 -29.39 -55.56 37.04
CA UNK A 39 -30.60 -55.57 37.85
C UNK A 39 -30.41 -54.78 39.16
N UNK A 40 -31.34 -53.86 39.44
CA UNK A 40 -31.30 -53.03 40.65
C UNK A 40 -30.18 -51.99 40.71
N UNK A 41 -29.38 -51.82 39.65
CA UNK A 41 -28.29 -50.86 39.57
C UNK A 41 -28.65 -49.65 38.67
N UNK A 42 -27.83 -48.61 38.77
CA UNK A 42 -27.89 -47.46 37.87
C UNK A 42 -27.42 -47.81 36.45
N UNK A 43 -27.57 -46.86 35.52
CA UNK A 43 -27.09 -47.00 34.15
C UNK A 43 -25.60 -46.65 34.06
N UNK A 44 -24.90 -47.36 33.19
CA UNK A 44 -23.52 -47.07 32.78
C UNK A 44 -23.49 -46.84 31.28
N UNK A 45 -22.99 -45.68 30.85
CA UNK A 45 -22.82 -45.37 29.44
C UNK A 45 -21.60 -46.13 28.90
N UNK A 46 -21.76 -46.78 27.77
CA UNK A 46 -20.73 -47.59 27.12
C UNK A 46 -20.00 -46.78 26.06
N UNK A 47 -20.75 -46.27 25.09
CA UNK A 47 -20.22 -45.55 23.94
C UNK A 47 -21.34 -44.87 23.15
N UNK A 48 -20.95 -43.98 22.23
CA UNK A 48 -21.82 -43.57 21.13
C UNK A 48 -21.15 -43.79 19.77
N UNK A 49 -21.97 -43.93 18.73
CA UNK A 49 -21.58 -43.88 17.31
C UNK A 49 -22.43 -42.83 16.60
N UNK A 50 -21.78 -41.96 15.81
CA UNK A 50 -22.48 -41.06 14.89
C UNK A 50 -22.75 -41.79 13.58
N UNK A 51 -23.99 -42.13 13.32
CA UNK A 51 -24.36 -43.06 12.25
C UNK A 51 -24.07 -42.57 10.82
N UNK A 52 -16.91 -42.68 16.50
CA UNK A 52 -17.24 -43.29 17.80
C UNK A 52 -16.55 -42.58 18.96
N UNK A 53 -17.14 -42.67 20.12
CA UNK A 53 -16.48 -42.35 21.39
C UNK A 53 -16.87 -43.39 22.43
N UNK A 54 -15.91 -44.07 23.08
CA UNK A 54 -16.31 -45.21 23.95
C UNK A 54 -15.79 -45.15 25.38
N UNK A 55 -16.52 -45.77 26.33
CA UNK A 55 -16.14 -45.79 27.78
C UNK A 55 -14.71 -46.29 27.94
N UNK A 56 -13.81 -45.42 28.40
CA UNK A 56 -12.42 -45.88 28.68
C UNK A 56 -12.57 -47.26 29.30
N UNK A 57 -13.69 -47.48 29.99
CA UNK A 57 -13.97 -48.81 30.55
C UNK A 57 -14.22 -49.79 29.39
N UNK A 58 -15.10 -49.46 28.45
CA UNK A 58 -15.47 -50.39 27.36
C UNK A 58 -14.76 -50.07 26.04
N UNK A 59 -13.43 -49.90 26.03
CA UNK A 59 -12.69 -49.71 24.78
C UNK A 59 -12.25 -51.03 24.15
N UNK A 60 -11.74 -51.98 24.94
CA UNK A 60 -11.26 -53.27 24.45
C UNK A 60 -12.37 -54.34 24.38
N UNK A 61 -13.58 -53.98 24.73
CA UNK A 61 -14.69 -54.92 24.91
C UNK A 61 -15.87 -54.67 23.98
N UNK A 62 -16.20 -53.42 23.77
CA UNK A 62 -17.29 -52.99 22.91
C UNK A 62 -16.77 -52.51 21.56
N UNK A 63 -17.42 -52.94 20.47
CA UNK A 63 -17.21 -52.39 19.14
C UNK A 63 -18.56 -51.97 18.55
N UNK A 64 -18.71 -50.70 18.25
CA UNK A 64 -19.91 -50.16 17.63
C UNK A 64 -19.75 -50.14 16.11
N UNK A 65 -20.81 -50.49 15.41
CA UNK A 65 -20.93 -50.39 13.95
C UNK A 65 -22.34 -49.98 13.58
N UNK A 66 -22.54 -49.53 12.35
CA UNK A 66 -23.86 -49.22 11.81
C UNK A 66 -24.05 -49.85 10.43
N UNK A 67 -25.29 -50.12 10.06
CA UNK A 67 -25.72 -50.38 8.70
C UNK A 67 -26.75 -49.31 8.32
N UNK A 68 -26.31 -48.35 7.51
CA UNK A 68 -27.14 -47.23 7.08
C UNK A 68 -28.29 -47.68 6.17
N UNK A 69 -28.13 -48.77 5.41
CA UNK A 69 -29.15 -49.27 4.49
C UNK A 69 -30.39 -49.78 5.24
N UNK A 70 -30.20 -50.37 6.40
CA UNK A 70 -31.28 -50.87 7.26
C UNK A 70 -31.59 -49.96 8.45
N UNK A 71 -30.90 -48.81 8.58
CA UNK A 71 -30.98 -47.91 9.74
C UNK A 71 -30.76 -48.64 11.07
N UNK A 72 -29.79 -49.54 11.10
CA UNK A 72 -29.53 -50.41 12.24
C UNK A 72 -28.15 -50.14 12.84
N UNK A 73 -28.11 -49.93 14.14
CA UNK A 73 -26.87 -49.87 14.90
C UNK A 73 -26.58 -51.23 15.55
N UNK A 74 -25.30 -51.56 15.68
CA UNK A 74 -24.84 -52.79 16.30
C UNK A 74 -23.81 -52.51 17.38
N UNK A 75 -23.82 -53.31 18.42
CA UNK A 75 -22.75 -53.37 19.41
C UNK A 75 -22.30 -54.82 19.54
N UNK A 76 -21.03 -55.07 19.25
CA UNK A 76 -20.40 -56.35 19.54
C UNK A 76 -19.69 -56.26 20.88
N UNK A 77 -19.94 -57.20 21.77
CA UNK A 77 -19.21 -57.41 23.01
C UNK A 77 -18.37 -58.68 22.90
N UNK A 78 -17.11 -58.58 23.30
CA UNK A 78 -16.14 -59.68 23.24
C UNK A 78 -15.65 -60.09 24.64
N UNK A 79 -15.10 -61.29 24.72
CA UNK A 79 -14.51 -61.83 25.95
C UNK A 79 -15.43 -61.70 27.17
N UNK A 80 -16.68 -62.13 26.99
CA UNK A 80 -17.73 -61.94 27.98
C UNK A 80 -17.46 -62.71 29.27
N UNK A 81 -17.78 -62.07 30.38
CA UNK A 81 -17.72 -62.64 31.73
C UNK A 81 -19.10 -62.57 32.39
N UNK A 82 -19.28 -63.25 33.52
CA UNK A 82 -20.54 -63.16 34.26
C UNK A 82 -20.89 -61.73 34.68
N UNK A 83 -19.89 -60.85 34.83
CA UNK A 83 -20.11 -59.44 35.14
C UNK A 83 -20.73 -58.65 33.98
N UNK A 84 -20.70 -59.20 32.76
CA UNK A 84 -21.37 -58.60 31.60
C UNK A 84 -22.85 -58.98 31.49
N UNK A 85 -23.36 -59.83 32.37
CA UNK A 85 -24.79 -60.13 32.46
C UNK A 85 -25.55 -58.87 32.90
N UNK A 86 -26.34 -58.31 32.00
CA UNK A 86 -27.05 -57.06 32.19
C UNK A 86 -28.13 -56.87 31.10
N UNK A 87 -28.98 -55.87 31.29
CA UNK A 87 -29.77 -55.30 30.20
C UNK A 87 -28.92 -54.25 29.49
N UNK A 88 -28.84 -54.35 28.17
CA UNK A 88 -28.21 -53.37 27.31
C UNK A 88 -29.26 -52.58 26.56
N UNK A 89 -29.20 -51.25 26.63
CA UNK A 89 -30.26 -50.42 26.01
C UNK A 89 -29.65 -49.45 24.99
N UNK A 90 -30.24 -49.37 23.79
CA UNK A 90 -29.76 -48.40 22.78
C UNK A 90 -30.58 -47.12 22.89
N UNK A 91 -29.94 -45.96 22.80
CA UNK A 91 -30.65 -44.70 22.98
C UNK A 91 -30.19 -43.67 21.95
N UNK A 92 -31.10 -42.81 21.51
CA UNK A 92 -30.80 -41.68 20.64
C UNK A 92 -30.87 -40.39 21.43
N UNK A 93 -29.89 -39.53 21.18
CA UNK A 93 -29.83 -38.20 21.75
C UNK A 93 -30.84 -37.25 21.10
N UNK A 94 -30.35 -34.77 26.19
CA UNK A 94 -30.44 -36.08 26.82
C UNK A 94 -31.02 -37.15 25.88
N UNK A 95 -31.17 -38.37 26.39
CA UNK A 95 -31.66 -39.51 25.61
C UNK A 95 -33.19 -39.48 25.51
N UNK A 96 -33.71 -39.07 24.35
CA UNK A 96 -35.15 -38.94 24.12
C UNK A 96 -35.81 -40.23 23.63
N UNK A 97 -35.07 -41.05 22.89
CA UNK A 97 -35.56 -42.32 22.39
C UNK A 97 -34.71 -43.46 22.93
N UNK A 98 -35.37 -44.54 23.33
CA UNK A 98 -34.75 -45.72 23.91
C UNK A 98 -35.27 -46.98 23.22
N UNK A 99 -34.38 -47.95 23.00
CA UNK A 99 -34.78 -49.22 22.33
C UNK A 99 -35.51 -50.12 23.33
N UNK A 100 -35.90 -51.32 22.89
CA UNK A 100 -36.57 -52.29 23.80
C UNK A 100 -35.53 -52.91 24.73
N UNK A 101 -34.25 -52.53 24.57
CA UNK A 101 -33.17 -53.09 25.41
C UNK A 101 -32.94 -54.56 25.06
N UNK A 102 -32.02 -55.23 25.75
CA UNK A 102 -31.70 -56.64 25.43
C UNK A 102 -31.02 -57.32 26.62
N UNK A 103 -31.69 -58.28 27.25
CA UNK A 103 -31.08 -59.02 28.36
C UNK A 103 -29.98 -59.95 27.80
N UNK A 104 -28.75 -59.75 28.25
CA UNK A 104 -27.64 -60.65 27.98
C UNK A 104 -27.32 -61.42 29.25
N UNK A 105 -27.37 -62.75 29.17
CA UNK A 105 -26.98 -63.64 30.24
C UNK A 105 -25.69 -64.37 29.86
N UNK A 106 -24.63 -64.19 30.63
CA UNK A 106 -23.35 -64.89 30.41
C UNK A 106 -23.27 -66.06 31.38
N UNK A 107 -23.41 -67.27 30.85
CA UNK A 107 -23.42 -68.50 31.64
C UNK A 107 -23.01 -69.71 30.81
N UNK A 108 -22.40 -70.70 31.46
CA UNK A 108 -22.13 -71.99 30.85
C UNK A 108 -23.33 -72.96 30.88
N UNK A 109 -24.39 -72.60 31.62
CA UNK A 109 -25.60 -73.42 31.71
C UNK A 109 -26.31 -73.52 30.35
N UNK A 110 -27.10 -74.59 30.17
CA UNK A 110 -27.77 -74.86 28.91
C UNK A 110 -29.15 -74.21 28.88
N UNK A 111 -29.53 -73.74 27.70
CA UNK A 111 -30.93 -73.35 27.44
C UNK A 111 -31.86 -74.52 27.73
N UNK A 112 -32.85 -74.28 28.57
CA UNK A 112 -33.84 -75.28 28.98
C UNK A 112 -35.23 -74.66 28.85
N UNK A 113 -36.16 -75.25 28.10
CA UNK A 113 -37.52 -74.74 27.98
C UNK A 113 -38.29 -74.94 29.29
N UNK A 114 -39.21 -74.02 29.60
CA UNK A 114 -39.92 -74.07 30.91
C UNK A 114 -41.09 -75.05 30.88
N UNK A 115 -41.38 -75.69 32.01
CA UNK A 115 -42.57 -76.57 32.11
C UNK A 115 -43.73 -75.73 32.62
N UNK A 116 -44.89 -75.77 31.95
CA UNK A 116 -45.99 -74.89 32.34
C UNK A 116 -47.11 -75.70 32.95
N UNK A 117 -47.43 -75.44 34.21
CA UNK A 117 -48.46 -76.15 34.96
C UNK A 117 -49.63 -75.22 35.32
N UNK A 118 -50.88 -75.64 35.09
CA UNK A 118 -52.05 -74.86 35.48
C UNK A 118 -52.24 -74.88 37.01
N UNK A 119 -52.62 -73.75 37.57
CA UNK A 119 -52.99 -73.59 38.97
C UNK A 119 -54.49 -73.27 39.05
N UNK A 120 -55.30 -74.31 39.16
CA UNK A 120 -56.73 -74.20 39.38
C UNK A 120 -57.06 -74.45 40.86
N UNK A 121 -58.10 -73.79 41.42
CA UNK A 121 -58.52 -73.99 42.80
C UNK A 121 -58.88 -75.46 43.07
N UNK A 122 -58.68 -75.89 44.32
CA UNK A 122 -59.29 -77.12 44.80
C UNK A 122 -60.83 -76.98 44.87
N UNK A 123 -61.53 -78.10 44.94
CA UNK A 123 -62.99 -78.16 44.94
C UNK A 123 -63.66 -77.23 45.96
N UNK A 124 -63.12 -77.13 47.17
CA UNK A 124 -63.71 -76.36 48.27
C UNK A 124 -63.65 -74.82 48.11
N UNK A 125 -62.87 -74.29 47.17
CA UNK A 125 -62.58 -72.86 47.11
C UNK A 125 -63.58 -72.01 46.30
N UNK A 126 -64.61 -72.61 45.68
CA UNK A 126 -65.45 -71.95 44.68
C UNK A 126 -66.50 -70.95 45.21
N UNK A 127 -66.61 -70.71 46.52
CA UNK A 127 -67.74 -69.95 47.09
C UNK A 127 -67.62 -68.43 47.01
N UNK A 128 -66.48 -67.88 46.59
CA UNK A 128 -66.27 -66.44 46.54
C UNK A 128 -66.72 -65.83 45.22
N UNK A 129 -67.08 -64.53 45.23
CA UNK A 129 -67.46 -63.77 44.03
C UNK A 129 -66.32 -63.61 43.02
N UNK A 130 -65.07 -63.74 43.48
CA UNK A 130 -63.87 -63.69 42.67
C UNK A 130 -63.10 -65.02 42.81
N UNK A 131 -62.51 -65.48 41.72
CA UNK A 131 -61.67 -66.67 41.69
C UNK A 131 -60.27 -66.29 41.23
N UNK A 132 -59.26 -66.77 41.97
CA UNK A 132 -57.86 -66.64 41.56
C UNK A 132 -57.40 -67.92 40.89
N UNK A 133 -56.79 -67.77 39.73
CA UNK A 133 -56.15 -68.82 38.94
C UNK A 133 -54.66 -68.50 38.81
N UNK A 134 -53.88 -69.45 38.33
CA UNK A 134 -52.47 -69.19 38.06
C UNK A 134 -51.85 -70.12 37.04
N UNK A 135 -50.63 -69.80 36.65
CA UNK A 135 -49.73 -70.69 35.93
C UNK A 135 -48.37 -70.69 36.60
N UNK A 136 -47.84 -71.90 36.82
CA UNK A 136 -46.48 -72.13 37.31
C UNK A 136 -45.58 -72.45 36.12
N UNK A 137 -44.54 -71.64 35.92
CA UNK A 137 -43.57 -71.75 34.83
C UNK A 137 -42.26 -72.19 35.46
N UNK A 138 -41.94 -73.48 35.34
CA UNK A 138 -40.90 -74.11 36.14
C UNK A 138 -39.75 -74.67 35.29
N UNK A 139 -38.53 -74.50 35.80
CA UNK A 139 -37.34 -75.20 35.31
C UNK A 139 -36.85 -74.73 33.95
N UNK A 140 -36.81 -73.42 33.72
CA UNK A 140 -36.31 -72.85 32.48
C UNK A 140 -34.98 -72.11 32.66
N UNK A 141 -34.26 -71.87 31.56
CA UNK A 141 -33.01 -71.06 31.63
C UNK A 141 -32.50 -70.77 30.22
N UNK A 142 -32.28 -69.49 29.84
CA UNK A 142 -32.22 -68.41 30.83
C UNK A 142 -33.36 -67.41 30.66
N UNK A 143 -33.53 -66.48 31.61
CA UNK A 143 -34.61 -65.46 31.53
C UNK A 143 -34.40 -64.55 30.31
N UNK A 144 -35.35 -63.67 29.92
CA UNK A 144 -36.69 -63.65 30.53
C UNK A 144 -37.84 -64.38 29.83
N UNK A 145 -38.81 -64.88 30.62
CA UNK A 145 -40.04 -65.57 30.16
C UNK A 145 -41.24 -64.62 30.27
N UNK A 146 -42.03 -64.50 29.20
CA UNK A 146 -43.19 -63.62 29.21
C UNK A 146 -44.47 -64.42 29.46
N UNK A 147 -45.36 -63.90 30.29
CA UNK A 147 -46.66 -64.49 30.57
C UNK A 147 -47.75 -63.47 30.27
N UNK A 148 -48.72 -63.86 29.44
CA UNK A 148 -49.96 -63.11 29.23
C UNK A 148 -51.15 -63.99 29.56
N UNK A 149 -52.33 -63.39 29.70
CA UNK A 149 -53.59 -64.09 29.94
C UNK A 149 -54.58 -63.74 28.84
N UNK A 150 -55.21 -64.74 28.26
CA UNK A 150 -56.10 -64.61 27.09
C UNK A 150 -55.49 -63.73 25.99
N UNK A 151 -54.34 -64.18 25.47
CA UNK A 151 -53.70 -63.45 24.34
C UNK A 151 -53.42 -62.01 24.74
N UNK A 152 -52.79 -61.81 25.90
CA UNK A 152 -52.43 -60.45 26.34
C UNK A 152 -53.69 -59.58 26.39
N UNK A 153 -54.86 -60.17 26.65
CA UNK A 153 -56.07 -59.34 26.84
C UNK A 153 -56.27 -59.18 28.34
N UNK A 154 -56.94 -60.15 28.98
CA UNK A 154 -57.06 -60.17 30.43
C UNK A 154 -55.76 -59.61 31.05
N UNK A 155 -55.80 -58.33 31.42
CA UNK A 155 -54.64 -57.61 31.98
C UNK A 155 -54.87 -57.03 33.37
N UNK A 156 -56.12 -56.81 33.76
CA UNK A 156 -56.49 -56.40 35.11
C UNK A 156 -56.46 -57.59 36.07
N UNK A 157 -55.99 -57.35 37.31
CA UNK A 157 -55.95 -58.41 38.33
C UNK A 157 -54.88 -59.48 38.07
N UNK A 158 -53.88 -59.18 37.24
CA UNK A 158 -52.75 -60.06 36.93
C UNK A 158 -51.56 -59.67 37.80
N UNK A 159 -50.94 -60.66 38.43
CA UNK A 159 -49.64 -60.53 39.10
C UNK A 159 -48.68 -61.57 38.54
N UNK A 160 -47.67 -61.13 37.80
CA UNK A 160 -46.56 -61.98 37.38
C UNK A 160 -45.38 -61.73 38.30
N UNK A 161 -44.98 -62.75 39.04
CA UNK A 161 -43.94 -62.65 40.04
C UNK A 161 -42.56 -62.75 39.40
N UNK A 162 -41.53 -62.05 39.95
CA UNK A 162 -40.16 -62.22 39.51
C UNK A 162 -39.71 -63.68 39.60
N UNK A 163 -38.89 -64.10 38.62
CA UNK A 163 -38.33 -65.44 38.61
C UNK A 163 -37.32 -65.64 39.76
N UNK A 164 -37.30 -66.86 40.30
CA UNK A 164 -36.33 -67.28 41.32
C UNK A 164 -35.46 -68.36 40.72
N UNK A 165 -34.14 -68.18 40.83
CA UNK A 165 -33.15 -69.15 40.37
C UNK A 165 -32.92 -70.22 41.44
N UNK A 166 -33.03 -71.51 41.06
CA UNK A 166 -32.70 -72.65 41.91
C UNK A 166 -32.06 -73.74 41.07
N UNK A 167 -30.85 -74.16 41.45
CA UNK A 167 -30.10 -75.22 40.73
C UNK A 167 -29.97 -74.95 39.22
N UNK A 168 -29.53 -73.74 38.86
CA UNK A 168 -29.36 -73.25 37.50
C UNK A 168 -30.63 -73.19 36.64
N UNK A 169 -31.80 -73.30 37.26
CA UNK A 169 -33.09 -73.20 36.58
C UNK A 169 -33.98 -72.15 37.27
N UNK A 170 -34.64 -71.34 36.47
CA UNK A 170 -35.61 -70.37 36.95
C UNK A 170 -36.99 -71.00 37.17
N UNK A 171 -37.71 -70.48 38.14
CA UNK A 171 -39.13 -70.74 38.35
C UNK A 171 -39.86 -69.42 38.54
N UNK A 172 -40.94 -69.22 37.81
CA UNK A 172 -41.81 -68.05 37.86
C UNK A 172 -43.26 -68.52 38.00
N UNK A 173 -44.08 -67.70 38.63
CA UNK A 173 -45.53 -67.90 38.65
C UNK A 173 -46.26 -66.62 38.22
N UNK A 174 -47.45 -66.78 37.67
CA UNK A 174 -48.37 -65.68 37.41
C UNK A 174 -49.74 -66.04 37.94
N UNK A 175 -50.40 -65.11 38.62
CA UNK A 175 -51.78 -65.23 39.06
C UNK A 175 -52.68 -64.27 38.29
N UNK A 176 -53.93 -64.67 38.10
CA UNK A 176 -55.01 -63.81 37.60
C UNK A 176 -56.25 -64.00 38.47
N UNK A 177 -56.93 -62.90 38.78
CA UNK A 177 -58.18 -62.92 39.54
C UNK A 177 -59.31 -62.42 38.65
N UNK A 178 -60.34 -63.24 38.50
CA UNK A 178 -61.51 -62.97 37.65
C UNK A 178 -62.80 -63.18 38.44
N UNK A 179 -63.95 -62.60 38.02
CA UNK A 179 -65.25 -62.91 38.63
C UNK A 179 -65.57 -64.40 38.48
N UNK A 180 -66.14 -65.01 39.52
CA UNK A 180 -66.56 -66.42 39.47
C UNK A 180 -67.67 -66.69 38.44
N UNK A 181 -68.37 -65.65 38.00
CA UNK A 181 -69.34 -65.73 36.91
C UNK A 181 -68.70 -65.92 35.53
N UNK A 182 -67.41 -65.61 35.36
CA UNK A 182 -66.72 -65.70 34.06
C UNK A 182 -65.88 -66.98 33.92
N UNK A 183 -65.52 -67.63 35.04
CA UNK A 183 -64.79 -68.90 34.99
C UNK A 183 -65.48 -69.94 35.88
N UNK A 184 -65.68 -71.19 35.40
CA UNK A 184 -65.16 -71.75 34.16
C UNK A 184 -66.04 -71.60 32.92
N UNK A 185 -67.14 -70.83 32.98
CA UNK A 185 -68.04 -70.64 31.83
C UNK A 185 -67.34 -70.02 30.63
N UNK A 186 -66.41 -69.10 30.89
CA UNK A 186 -65.53 -68.53 29.88
C UNK A 186 -64.12 -69.12 29.99
N UNK A 187 -63.42 -69.17 28.87
CA UNK A 187 -62.07 -69.72 28.81
C UNK A 187 -61.06 -68.73 29.39
N UNK A 188 -60.24 -69.20 30.31
CA UNK A 188 -59.04 -68.50 30.78
C UNK A 188 -57.82 -69.34 30.39
N UNK A 189 -56.87 -68.71 29.70
CA UNK A 189 -55.64 -69.36 29.21
C UNK A 189 -54.45 -68.49 29.55
N UNK A 190 -53.40 -69.07 30.13
CA UNK A 190 -52.11 -68.39 30.21
C UNK A 190 -51.28 -68.70 28.96
N UNK A 191 -50.66 -67.67 28.39
CA UNK A 191 -49.77 -67.78 27.26
C UNK A 191 -48.34 -67.52 27.76
N UNK A 192 -47.50 -68.54 27.66
CA UNK A 192 -46.11 -68.46 28.13
C UNK A 192 -45.19 -68.51 26.92
N UNK A 193 -44.27 -67.54 26.82
CA UNK A 193 -43.24 -67.55 25.81
C UNK A 193 -41.84 -67.50 26.45
N UNK A 194 -40.95 -68.37 25.98
CA UNK A 194 -39.54 -68.40 26.34
C UNK A 194 -38.69 -68.21 25.08
N UNK A 195 -38.29 -66.97 24.76
CA UNK A 195 -37.63 -66.64 23.49
C UNK A 195 -36.35 -67.44 23.26
N UNK A 196 -35.53 -67.63 24.30
CA UNK A 196 -34.24 -68.31 24.18
C UNK A 196 -34.33 -69.77 23.69
N UNK A 197 -35.44 -70.46 23.95
CA UNK A 197 -35.71 -71.81 23.44
C UNK A 197 -36.73 -71.84 22.30
N UNK A 198 -37.15 -70.66 21.80
CA UNK A 198 -38.23 -70.52 20.83
C UNK A 198 -39.55 -71.21 21.25
N UNK A 199 -39.79 -71.33 22.56
CA UNK A 199 -40.94 -72.05 23.11
C UNK A 199 -42.12 -71.09 23.30
N UNK A 200 -43.31 -71.51 22.87
CA UNK A 200 -44.60 -70.90 23.19
C UNK A 200 -45.54 -71.99 23.67
N UNK A 201 -46.18 -71.78 24.82
CA UNK A 201 -47.12 -72.73 25.43
C UNK A 201 -48.36 -71.97 25.85
N UNK A 202 -49.51 -72.45 25.39
CA UNK A 202 -50.80 -71.98 25.85
C UNK A 202 -51.41 -73.03 26.79
N UNK A 203 -51.75 -72.61 28.00
CA UNK A 203 -52.31 -73.50 29.03
C UNK A 203 -53.68 -73.04 29.45
N UNK A 204 -54.70 -73.77 29.01
CA UNK A 204 -56.08 -73.54 29.43
C UNK A 204 -56.27 -73.94 30.89
N UNK A 205 -56.87 -73.05 31.69
CA UNK A 205 -57.23 -73.33 33.07
C UNK A 205 -58.59 -74.03 33.09
N UNK A 206 -58.59 -75.28 33.55
CA UNK A 206 -59.81 -76.09 33.71
C UNK A 206 -60.02 -76.40 35.20
N UNK A 207 -61.28 -76.55 35.66
CA UNK A 207 -61.55 -77.00 37.02
C UNK A 207 -60.87 -78.35 37.31
N UNK A 208 -60.51 -78.58 38.56
CA UNK A 208 -60.01 -79.89 38.98
C UNK A 208 -61.15 -80.90 39.00
N UNK A 209 -60.84 -82.14 38.64
CA UNK A 209 -61.82 -83.24 38.61
C UNK A 209 -62.74 -83.28 37.37
N UNK A 210 -62.55 -82.36 36.43
CA UNK A 210 -63.19 -82.40 35.11
C UNK A 210 -62.37 -83.17 34.08
N UNK B 1 -15.18 -34.15 46.36
CA UNK B 1 -16.39 -34.51 45.63
C UNK B 1 -17.58 -33.73 46.20
N UNK B 2 -18.46 -33.26 45.31
CA UNK B 2 -19.67 -32.57 45.76
C UNK B 2 -20.53 -33.57 46.52
N UNK B 3 -20.78 -33.28 47.79
CA UNK B 3 -21.68 -34.10 48.62
C UNK B 3 -23.10 -33.61 48.44
N UNK B 4 -23.98 -34.51 48.04
CA UNK B 4 -25.41 -34.29 47.91
C UNK B 4 -26.14 -34.90 49.11
N UNK B 5 -26.79 -34.06 49.91
CA UNK B 5 -27.51 -34.51 51.12
C UNK B 5 -29.02 -34.38 50.90
N UNK B 6 -29.75 -35.48 51.01
CA UNK B 6 -31.20 -35.49 50.92
C UNK B 6 -31.89 -35.64 52.27
N UNK B 7 -33.04 -35.00 52.41
CA UNK B 7 -33.88 -35.13 53.60
C UNK B 7 -35.37 -35.01 53.27
N UNK B 8 -36.25 -35.75 53.97
CA UNK B 8 -35.92 -36.85 54.87
C UNK B 8 -35.41 -38.09 54.11
N UNK B 9 -34.91 -39.09 54.80
CA UNK B 9 -34.53 -40.37 54.18
C UNK B 9 -35.75 -41.20 53.77
N UNK B 10 -36.85 -41.05 54.52
CA UNK B 10 -38.14 -41.65 54.19
C UNK B 10 -39.29 -40.76 54.65
N UNK B 11 -40.43 -40.87 53.99
CA UNK B 11 -41.67 -40.23 54.40
C UNK B 11 -42.87 -41.09 53.97
N UNK B 12 -43.94 -41.04 54.74
CA UNK B 12 -45.17 -41.77 54.47
C UNK B 12 -46.36 -40.80 54.49
N UNK B 13 -47.14 -40.80 53.41
CA UNK B 13 -48.26 -39.87 53.20
C UNK B 13 -49.48 -40.58 52.60
N UNK B 14 -50.65 -40.05 52.89
CA UNK B 14 -51.89 -40.51 52.26
C UNK B 14 -51.98 -39.99 50.83
N UNK B 15 -52.56 -40.77 49.91
CA UNK B 15 -52.85 -40.30 48.57
C UNK B 15 -53.71 -39.02 48.63
N UNK B 16 -53.39 -38.05 47.77
CA UNK B 16 -53.99 -36.72 47.78
C UNK B 16 -53.20 -35.67 48.57
N UNK B 17 -52.33 -36.08 49.48
CA UNK B 17 -51.52 -35.13 50.26
C UNK B 17 -50.36 -34.53 49.44
N UNK B 18 -49.83 -33.41 49.95
CA UNK B 18 -48.64 -32.76 49.42
C UNK B 18 -47.40 -33.25 50.17
N UNK B 19 -46.34 -33.56 49.43
CA UNK B 19 -45.03 -33.87 50.01
C UNK B 19 -43.96 -32.94 49.50
N UNK B 20 -42.94 -32.75 50.33
CA UNK B 20 -41.77 -31.94 50.01
C UNK B 20 -40.52 -32.69 50.42
N UNK B 21 -39.59 -32.85 49.49
CA UNK B 21 -38.28 -33.46 49.68
C UNK B 21 -37.21 -32.41 49.42
N UNK B 22 -36.14 -32.42 50.22
CA UNK B 22 -35.03 -31.46 50.09
C UNK B 22 -33.77 -32.14 49.62
N UNK B 23 -32.94 -31.38 48.89
CA UNK B 23 -31.60 -31.78 48.48
C UNK B 23 -30.67 -30.59 48.66
N UNK B 24 -29.54 -30.82 49.33
CA UNK B 24 -28.51 -29.81 49.55
C UNK B 24 -27.20 -30.28 48.95
N UNK B 25 -26.54 -29.43 48.17
CA UNK B 25 -25.18 -29.65 47.66
C UNK B 25 -24.14 -28.94 48.53
N UNK B 26 -22.96 -29.55 48.69
CA UNK B 26 -21.84 -28.96 49.43
C UNK B 26 -21.20 -27.76 48.70
N UNK B 27 -28.57 -29.41 38.51
CA UNK B 27 -29.23 -30.37 39.41
C UNK B 27 -30.35 -31.10 38.68
N UNK B 28 -30.35 -32.41 38.80
CA UNK B 28 -31.40 -33.29 38.30
C UNK B 28 -32.05 -34.07 39.43
N UNK B 29 -33.34 -34.38 39.26
CA UNK B 29 -34.09 -35.29 40.10
C UNK B 29 -34.47 -36.54 39.31
N UNK B 30 -34.37 -37.68 39.95
CA UNK B 30 -34.75 -38.98 39.39
C UNK B 30 -35.80 -39.65 40.27
N UNK B 31 -36.72 -40.37 39.61
CA UNK B 31 -37.61 -41.32 40.26
C UNK B 31 -37.09 -42.74 39.96
N UNK B 32 -36.88 -43.56 40.98
CA UNK B 32 -36.58 -44.97 40.83
C UNK B 32 -37.66 -45.82 41.51
N UNK B 33 -38.39 -46.59 40.70
CA UNK B 33 -39.33 -47.60 41.17
C UNK B 33 -38.60 -48.94 41.39
N UNK B 34 -39.16 -49.78 42.24
CA UNK B 34 -38.57 -51.08 42.54
C UNK B 34 -38.33 -51.92 41.26
N UNK B 35 -37.14 -52.53 41.18
CA UNK B 35 -36.75 -53.38 40.06
C UNK B 35 -36.58 -52.66 38.71
N UNK B 36 -36.59 -51.32 38.71
CA UNK B 36 -36.42 -50.52 37.49
C UNK B 36 -35.19 -49.61 37.58
N UNK B 37 -34.59 -49.24 36.44
CA UNK B 37 -33.61 -48.17 36.42
C UNK B 37 -34.25 -46.84 36.86
N UNK B 38 -33.44 -45.87 37.30
CA UNK B 38 -33.91 -44.51 37.51
C UNK B 38 -34.51 -43.90 36.23
N UNK B 39 -35.45 -42.98 36.39
CA UNK B 39 -35.99 -42.16 35.30
C UNK B 39 -35.77 -40.68 35.63
N UNK B 40 -35.25 -39.93 34.67
CA UNK B 40 -35.13 -38.48 34.82
C UNK B 40 -36.52 -37.87 34.98
N UNK B 41 -36.70 -37.11 36.06
CA UNK B 41 -37.95 -36.47 36.42
C UNK B 41 -37.87 -34.96 36.15
N UNK B 42 -36.81 -34.33 36.64
CA UNK B 42 -36.57 -32.88 36.55
C UNK B 42 -35.08 -32.67 36.29
N UNK B 43 -39.33 -29.93 34.07
CA UNK B 43 -39.86 -31.30 34.00
C UNK B 43 -39.51 -31.95 32.67
N UNK B 44 -39.19 -33.23 32.70
CA UNK B 44 -39.22 -34.06 31.49
C UNK B 44 -40.64 -34.13 30.92
N UNK B 45 -40.75 -34.34 29.61
CA UNK B 45 -42.03 -34.23 28.87
C UNK B 45 -43.11 -35.20 29.35
N UNK B 46 -42.72 -36.36 29.89
CA UNK B 46 -43.63 -37.39 30.40
C UNK B 46 -44.06 -37.16 31.86
N UNK B 47 -43.46 -36.19 32.54
CA UNK B 47 -43.64 -36.00 33.98
C UNK B 47 -44.92 -35.19 34.26
N UNK B 48 -45.83 -35.71 35.09
CA UNK B 48 -47.04 -35.00 35.47
C UNK B 48 -46.75 -33.64 36.14
N UNK B 49 -47.67 -32.70 35.97
CA UNK B 49 -47.56 -31.33 36.48
C UNK B 49 -47.57 -31.24 38.02
N UNK B 50 -48.06 -32.28 38.71
CA UNK B 50 -48.01 -32.40 40.17
C UNK B 50 -46.59 -32.43 40.74
N UNK B 51 -45.59 -32.77 39.92
CA UNK B 51 -44.18 -32.70 40.28
C UNK B 51 -43.63 -31.31 40.00
N UNK B 52 -43.00 -30.69 40.99
CA UNK B 52 -42.36 -29.37 40.85
C UNK B 52 -41.00 -29.36 41.52
N UNK B 53 -39.95 -29.21 40.71
CA UNK B 53 -38.57 -29.31 41.27
C UNK B 53 -37.93 -27.92 41.32
N UNK B 54 -38.22 -27.19 42.41
CA UNK B 54 -37.64 -25.83 42.57
C UNK B 54 -36.22 -25.96 43.11
N UNK B 55 -35.28 -26.42 42.27
CA UNK B 55 -33.87 -26.56 42.70
C UNK B 55 -33.11 -25.27 42.36
N UNK B 56 -31.93 -25.07 42.98
CA UNK B 56 -31.11 -23.88 42.65
C UNK B 56 -29.64 -24.29 42.58
N UNK B 57 -28.73 -23.41 43.01
CA UNK B 57 -27.28 -23.71 42.96
C UNK B 57 -26.96 -24.92 43.85
N UNK B 58 -27.44 -24.91 45.10
CA UNK B 58 -27.20 -26.03 46.02
C UNK B 58 -28.54 -26.52 46.59
N UNK B 59 -29.35 -25.60 47.13
CA UNK B 59 -30.68 -25.97 47.65
C UNK B 59 -31.53 -26.50 46.49
N UNK B 60 -32.31 -27.56 46.74
CA UNK B 60 -33.12 -28.18 45.66
C UNK B 60 -34.33 -28.88 46.26
N UNK B 61 -35.51 -28.25 46.19
CA UNK B 61 -36.72 -28.91 46.68
C UNK B 61 -37.46 -29.58 45.54
N UNK B 62 -37.90 -30.82 45.76
CA UNK B 62 -38.89 -31.51 44.95
C UNK B 62 -40.21 -31.54 45.72
N UNK B 63 -41.27 -31.08 45.09
CA UNK B 63 -42.61 -31.10 45.65
C UNK B 63 -43.53 -31.97 44.78
N UNK B 64 -44.34 -32.81 45.41
CA UNK B 64 -45.46 -33.50 44.77
C UNK B 64 -46.74 -32.94 45.40
N UNK B 65 -47.56 -32.21 44.62
CA UNK B 65 -48.69 -31.44 45.15
C UNK B 65 -49.90 -32.30 45.51
N UNK B 66 -50.08 -33.42 44.83
CA UNK B 66 -51.17 -34.38 45.01
C UNK B 66 -50.59 -35.77 44.77
N UNK B 67 -50.18 -36.45 45.83
CA UNK B 67 -49.52 -37.74 45.73
C UNK B 67 -50.49 -38.81 45.25
N UNK B 68 -50.07 -39.60 44.28
CA UNK B 68 -50.79 -40.79 43.81
C UNK B 68 -50.10 -42.05 44.33
N UNK B 69 -50.84 -43.16 44.41
CA UNK B 69 -50.28 -44.46 44.82
C UNK B 69 -49.10 -44.91 43.93
N UNK B 70 -49.15 -44.56 42.64
CA UNK B 70 -48.08 -44.84 41.68
C UNK B 70 -46.82 -43.98 41.84
N UNK B 71 -46.84 -42.97 42.71
CA UNK B 71 -45.66 -42.15 43.03
C UNK B 71 -44.74 -42.82 44.05
N UNK B 72 -45.15 -43.99 44.58
CA UNK B 72 -44.31 -44.86 45.39
C UNK B 72 -42.98 -45.16 44.67
N UNK B 73 -41.89 -44.61 45.19
CA UNK B 73 -40.56 -44.82 44.56
C UNK B 73 -39.46 -44.14 45.39
N UNK B 74 -38.20 -44.34 44.99
CA UNK B 74 -37.07 -43.68 45.69
C UNK B 74 -36.61 -42.48 44.86
N UNK B 75 -36.72 -41.27 45.43
CA UNK B 75 -36.36 -40.06 44.68
C UNK B 75 -34.91 -39.69 44.97
N UNK B 76 -34.09 -39.51 43.95
CA UNK B 76 -32.68 -39.10 44.07
C UNK B 76 -32.48 -37.72 43.44
N UNK B 77 -31.69 -36.88 44.09
CA UNK B 77 -31.09 -35.73 43.42
C UNK B 77 -29.67 -36.10 42.95
N UNK B 78 -29.23 -35.47 41.85
CA UNK B 78 -27.89 -35.63 41.30
C UNK B 78 -27.34 -34.26 40.93
N UNK B 79 -26.07 -34.01 41.22
CA UNK B 79 -25.37 -32.91 40.54
C UNK B 79 -24.81 -33.43 39.23
N UNK B 80 -16.91 -35.92 37.95
CA UNK B 80 -17.67 -36.94 38.70
C UNK B 80 -19.10 -36.43 38.93
N UNK B 81 -20.09 -37.34 38.88
CA UNK B 81 -21.50 -36.95 39.13
C UNK B 81 -22.00 -37.67 40.39
N UNK B 82 -22.27 -36.92 41.46
CA UNK B 82 -22.70 -37.55 42.71
C UNK B 82 -24.20 -37.45 42.92
N UNK B 83 -24.76 -38.41 43.65
CA UNK B 83 -26.23 -38.41 43.87
C UNK B 83 -26.55 -38.24 45.35
N UNK B 84 -27.77 -37.81 45.68
CA UNK B 84 -28.18 -37.65 47.09
C UNK B 84 -28.38 -39.04 47.72
N UNK B 85 -28.40 -39.11 49.05
CA UNK B 85 -28.51 -40.41 49.74
C UNK B 85 -29.73 -41.16 49.22
N UNK B 86 -30.93 -40.58 49.37
CA UNK B 86 -32.19 -41.22 48.92
C UNK B 86 -33.39 -40.44 49.45
N UNK B 87 -34.61 -40.87 49.11
CA UNK B 87 -35.83 -40.21 49.62
C UNK B 87 -36.99 -41.17 49.37
N UNK B 88 -37.18 -42.15 50.26
CA UNK B 88 -38.19 -43.18 50.00
C UNK B 88 -39.58 -42.63 50.31
N UNK B 89 -40.47 -42.62 49.32
CA UNK B 89 -41.86 -42.28 49.48
C UNK B 89 -42.69 -43.55 49.68
N UNK B 90 -43.38 -43.63 50.82
CA UNK B 90 -44.35 -44.68 51.14
C UNK B 90 -45.77 -44.09 51.19
N UNK B 91 -46.76 -44.91 50.87
CA UNK B 91 -48.17 -44.48 50.81
C UNK B 91 -48.92 -45.05 52.03
N UNK B 92 -49.58 -44.17 52.78
CA UNK B 92 -50.53 -44.57 53.81
C UNK B 92 -51.87 -44.92 53.18
N UNK B 93 -52.52 -45.97 53.71
CA UNK B 93 -53.86 -46.39 53.33
C UNK B 93 -54.64 -46.89 54.56
N UNK B 94 -55.90 -47.23 54.35
CA UNK B 94 -56.69 -47.92 55.38
C UNK B 94 -56.08 -49.30 55.69
N UNK B 95 -56.23 -49.73 56.95
CA UNK B 95 -55.81 -51.06 57.38
C UNK B 95 -56.52 -52.14 56.56
N UNK B 96 -55.80 -53.19 56.19
CA UNK B 96 -56.29 -54.33 55.45
C UNK B 96 -55.75 -55.62 56.07
N UNK B 97 -56.63 -56.58 56.30
CA UNK B 97 -56.26 -57.89 56.83
C UNK B 97 -55.59 -58.75 55.72
N UNK B 98 -54.59 -59.57 56.06
CA UNK B 98 -53.97 -60.47 55.09
C UNK B 98 -54.93 -61.56 54.63
N UNK B 99 -54.86 -61.91 53.34
CA UNK B 99 -55.42 -63.15 52.82
C UNK B 99 -54.38 -64.25 52.98
N UNK B 100 -54.65 -65.22 53.84
CA UNK B 100 -53.70 -66.28 54.20
C UNK B 100 -54.03 -67.58 53.45
N UNK B 101 -53.01 -68.18 52.84
CA UNK B 101 -53.09 -69.46 52.11
C UNK B 101 -51.92 -70.36 52.50
N UNK B 102 -52.19 -71.61 52.85
CA UNK B 102 -51.17 -72.61 53.19
C UNK B 102 -51.10 -73.69 52.11
N UNK B 103 -49.88 -74.12 51.79
CA UNK B 103 -49.62 -75.13 50.76
C UNK B 103 -48.76 -76.26 51.34
N UNK B 104 -49.23 -77.52 51.31
CA UNK B 104 -48.40 -78.66 51.66
C UNK B 104 -47.24 -78.82 50.67
N UNK B 105 -46.20 -79.60 51.01
CA UNK B 105 -45.13 -79.94 50.07
C UNK B 105 -45.68 -80.57 48.78
N UNK B 106 -45.06 -80.26 47.65
CA UNK B 106 -45.39 -80.94 46.39
C UNK B 106 -44.91 -82.40 46.41
N UNK B 107 -45.58 -83.28 45.70
CA UNK B 107 -45.15 -84.67 45.52
C UNK B 107 -43.76 -84.76 44.89
N UNK B 108 -43.44 -83.84 43.99
CA UNK B 108 -42.14 -83.75 43.33
C UNK B 108 -41.01 -83.41 44.30
N UNK B 109 -41.26 -82.49 45.24
CA UNK B 109 -40.27 -82.17 46.26
C UNK B 109 -40.09 -83.35 47.24
N UNK B 110 -41.18 -83.99 47.65
CA UNK B 110 -41.12 -85.15 48.52
C UNK B 110 -40.32 -86.30 47.89
N UNK B 111 -40.42 -86.50 46.60
CA UNK B 111 -39.61 -87.48 45.87
C UNK B 111 -38.12 -87.16 45.91
N UNK B 112 -37.74 -85.88 46.02
CA UNK B 112 -36.34 -85.46 46.18
C UNK B 112 -35.83 -85.53 47.64
N UNK B 113 -36.66 -85.94 48.60
CA UNK B 113 -36.28 -86.05 50.02
C UNK B 113 -36.44 -84.76 50.84
N UNK B 114 -36.97 -83.69 50.25
CA UNK B 114 -37.28 -82.44 50.92
C UNK B 114 -38.78 -82.20 51.08
N UNK B 115 -39.15 -81.37 52.06
CA UNK B 115 -40.52 -80.97 52.29
C UNK B 115 -40.59 -79.49 52.68
N UNK B 116 -41.04 -78.63 51.79
CA UNK B 116 -41.30 -77.22 52.08
C UNK B 116 -42.80 -76.97 52.18
N UNK B 117 -43.24 -76.47 53.33
CA UNK B 117 -44.59 -75.97 53.57
C UNK B 117 -44.56 -74.46 53.36
N UNK B 118 -45.43 -73.93 52.52
CA UNK B 118 -45.45 -72.51 52.16
C UNK B 118 -46.75 -71.87 52.67
N UNK B 119 -46.63 -70.68 53.25
CA UNK B 119 -47.75 -69.84 53.64
C UNK B 119 -47.61 -68.46 53.00
N UNK B 120 -48.61 -68.06 52.22
CA UNK B 120 -48.72 -66.71 51.70
C UNK B 120 -49.66 -65.88 52.56
N UNK B 121 -49.26 -64.65 52.86
CA UNK B 121 -50.03 -63.64 53.57
C UNK B 121 -50.07 -62.42 52.67
N UNK B 122 -51.15 -62.27 51.92
CA UNK B 122 -51.18 -61.32 50.81
C UNK B 122 -52.10 -60.13 51.09
N UNK B 123 -51.71 -58.97 50.52
CA UNK B 123 -52.49 -57.74 50.45
C UNK B 123 -52.94 -57.18 51.80
N UNK B 124 -52.00 -57.02 52.74
CA UNK B 124 -52.26 -56.46 54.06
C UNK B 124 -51.66 -55.05 54.24
N UNK B 125 -52.21 -54.30 55.19
CA UNK B 125 -51.67 -53.01 55.63
C UNK B 125 -52.07 -52.75 57.09
N UNK B 126 -51.17 -52.22 57.97
CA UNK B 126 -49.78 -51.82 57.72
C UNK B 126 -48.84 -53.02 57.52
N UNK B 127 -47.56 -52.75 57.24
CA UNK B 127 -46.57 -53.80 56.93
C UNK B 127 -46.17 -54.70 58.10
N UNK B 128 -46.44 -54.27 59.33
CA UNK B 128 -46.08 -55.04 60.53
C UNK B 128 -47.00 -56.25 60.67
N UNK B 129 -46.41 -57.44 60.55
CA UNK B 129 -47.11 -58.71 60.65
C UNK B 129 -46.19 -59.75 61.30
N UNK B 130 -46.77 -60.69 62.04
CA UNK B 130 -46.04 -61.80 62.62
C UNK B 130 -46.61 -63.12 62.08
N UNK B 131 -45.73 -64.07 61.78
CA UNK B 131 -46.10 -65.42 61.37
C UNK B 131 -45.50 -66.42 62.35
N UNK B 132 -46.34 -67.35 62.79
CA UNK B 132 -45.96 -68.47 63.63
C UNK B 132 -46.32 -69.79 62.92
N UNK B 133 -45.37 -70.70 62.90
CA UNK B 133 -45.60 -72.07 62.46
C UNK B 133 -45.84 -72.99 63.65
N UNK B 134 -46.80 -73.89 63.53
CA UNK B 134 -47.02 -74.98 64.48
C UNK B 134 -47.05 -76.32 63.74
N UNK B 135 -46.39 -77.30 64.35
CA UNK B 135 -46.40 -78.70 63.90
C UNK B 135 -46.98 -79.52 65.03
N UNK B 136 -48.09 -80.21 64.81
CA UNK B 136 -48.86 -80.93 65.84
C UNK B 136 -49.10 -80.08 67.10
N UNK B 137 -49.53 -78.83 66.89
CA UNK B 137 -49.80 -77.92 68.03
C UNK B 137 -48.50 -77.68 68.81
N UNK B 138 -47.40 -77.43 68.10
CA UNK B 138 -46.10 -77.13 68.77
C UNK B 138 -45.34 -76.10 67.92
N UNK B 139 -44.97 -74.96 68.52
CA UNK B 139 -44.32 -73.92 67.72
C UNK B 139 -43.00 -74.38 67.13
N UNK B 140 -42.77 -74.05 65.86
CA UNK B 140 -41.54 -74.33 65.12
C UNK B 140 -40.96 -73.04 64.56
N UNK B 141 -39.69 -72.75 64.91
CA UNK B 141 -38.94 -71.60 64.40
C UNK B 141 -37.82 -72.02 63.42
N UNK B 142 -37.16 -73.14 63.68
CA UNK B 142 -36.07 -73.62 62.82
C UNK B 142 -36.58 -74.04 61.44
N UNK B 143 -35.83 -73.64 60.40
CA UNK B 143 -36.16 -73.94 59.01
C UNK B 143 -37.18 -72.99 58.38
N UNK B 144 -37.55 -71.91 59.08
CA UNK B 144 -38.45 -70.88 58.56
C UNK B 144 -37.67 -69.79 57.84
N UNK B 145 -38.06 -69.49 56.61
CA UNK B 145 -37.57 -68.38 55.80
C UNK B 145 -38.74 -67.49 55.43
N UNK B 146 -38.61 -66.20 55.72
CA UNK B 146 -39.62 -65.19 55.44
C UNK B 146 -39.12 -64.21 54.38
N UNK B 147 -40.02 -63.76 53.51
CA UNK B 147 -39.75 -62.74 52.50
C UNK B 147 -40.97 -61.82 52.37
N UNK B 148 -40.70 -60.52 52.22
CA UNK B 148 -41.73 -59.50 52.10
C UNK B 148 -41.59 -58.79 50.76
N UNK B 149 -42.73 -58.50 50.12
CA UNK B 149 -42.69 -57.74 48.84
C UNK B 149 -42.88 -56.25 49.15
N UNK B 150 -42.18 -55.37 48.43
CA UNK B 150 -42.28 -53.91 48.66
C UNK B 150 -43.73 -53.45 48.49
N UNK B 151 -44.07 -52.25 48.98
CA UNK B 151 -45.43 -51.78 48.89
C UNK B 151 -45.93 -51.85 47.42
N UNK B 152 -47.16 -52.32 47.23
CA UNK B 152 -47.76 -52.39 45.90
C UNK B 152 -48.10 -50.98 45.38
N UNK B 153 -47.77 -50.74 44.11
CA UNK B 153 -47.93 -49.42 43.50
C UNK B 153 -49.38 -49.06 43.15
N UNK B 154 -50.33 -50.02 43.22
CA UNK B 154 -51.74 -49.84 42.87
C UNK B 154 -52.63 -49.76 44.11
N UNK B 155 -52.51 -50.77 44.99
CA UNK B 155 -53.38 -50.87 46.16
C UNK B 155 -52.70 -50.49 47.47
N UNK B 156 -51.40 -50.16 47.41
CA UNK B 156 -50.59 -49.74 48.56
C UNK B 156 -50.48 -50.77 49.69
N UNK B 157 -50.72 -52.05 49.40
CA UNK B 157 -50.60 -53.13 50.37
C UNK B 157 -49.20 -53.75 50.38
N UNK B 158 -48.96 -54.59 51.37
CA UNK B 158 -47.78 -55.45 51.46
C UNK B 158 -48.20 -56.92 51.34
N UNK B 159 -47.27 -57.77 50.97
CA UNK B 159 -47.45 -59.22 51.00
C UNK B 159 -46.23 -59.89 51.61
N UNK B 160 -46.43 -61.08 52.18
CA UNK B 160 -45.39 -61.86 52.81
C UNK B 160 -45.50 -63.33 52.41
N UNK B 161 -44.35 -63.96 52.17
CA UNK B 161 -44.22 -65.40 52.05
C UNK B 161 -43.44 -65.94 53.24
N UNK B 162 -43.94 -67.01 53.85
CA UNK B 162 -43.23 -67.78 54.87
C UNK B 162 -43.09 -69.22 54.40
N UNK B 163 -41.86 -69.74 54.41
CA UNK B 163 -41.55 -71.11 53.98
C UNK B 163 -40.89 -71.87 55.12
N UNK B 164 -41.56 -72.92 55.59
CA UNK B 164 -41.00 -73.89 56.54
C UNK B 164 -40.42 -75.06 55.73
N UNK B 165 -39.10 -75.26 55.79
CA UNK B 165 -38.44 -76.39 55.12
C UNK B 165 -38.01 -77.43 56.15
N UNK B 166 -38.42 -78.67 55.89
CA UNK B 166 -38.12 -79.87 56.65
C UNK B 166 -37.48 -80.90 55.72
N UNK B 167 -36.88 -81.96 56.29
CA UNK B 167 -36.64 -83.20 55.55
C UNK B 167 -37.96 -83.94 55.33
N UNK B 168 -38.02 -84.79 54.32
CA UNK B 168 -39.16 -85.68 54.10
C UNK B 168 -39.47 -86.51 55.34
N UNK B 169 -38.45 -87.11 55.95
CA UNK B 169 -38.59 -87.96 57.13
C UNK B 169 -39.17 -87.20 58.33
N UNK B 170 -38.78 -85.95 58.52
CA UNK B 170 -39.34 -85.11 59.59
C UNK B 170 -40.80 -84.73 59.28
N UNK B 171 -41.09 -84.36 58.04
CA UNK B 171 -42.44 -84.04 57.59
C UNK B 171 -43.41 -85.22 57.78
N UNK B 172 -42.94 -86.43 57.51
CA UNK B 172 -43.77 -87.65 57.60
C UNK B 172 -44.01 -88.12 59.04
N UNK B 173 -43.23 -87.63 60.02
CA UNK B 173 -43.43 -87.95 61.45
C UNK B 173 -44.57 -87.17 62.10
N UNK B 174 -45.04 -86.11 61.46
CA UNK B 174 -46.08 -85.24 61.99
C UNK B 174 -47.29 -85.21 61.08
N UNK B 175 -48.43 -84.72 61.59
CA UNK B 175 -49.66 -84.69 60.81
C UNK B 175 -50.22 -83.28 60.58
N UNK B 176 -50.38 -82.49 61.67
CA UNK B 176 -50.96 -81.15 61.58
C UNK B 176 -49.88 -80.10 61.33
N UNK B 177 -50.05 -79.31 60.28
CA UNK B 177 -49.20 -78.18 59.93
C UNK B 177 -50.04 -76.92 59.89
N UNK B 178 -49.65 -75.91 60.67
CA UNK B 178 -50.40 -74.67 60.86
C UNK B 178 -49.54 -73.44 60.64
N UNK B 179 -50.05 -72.49 59.87
CA UNK B 179 -49.55 -71.13 59.73
C UNK B 179 -50.51 -70.17 60.43
N UNK B 180 -50.03 -69.41 61.42
CA UNK B 180 -50.78 -68.41 62.17
C UNK B 180 -50.25 -67.02 61.86
N UNK B 181 -51.11 -66.16 61.35
CA UNK B 181 -50.79 -64.76 61.07
C UNK B 181 -51.41 -63.84 62.12
N UNK B 182 -50.58 -63.07 62.83
CA UNK B 182 -51.02 -62.02 63.75
C UNK B 182 -50.78 -60.66 63.11
N UNK B 183 -51.84 -59.89 62.97
CA UNK B 183 -51.82 -58.58 62.34
C UNK B 183 -52.74 -57.61 63.09
N UNK B 184 -52.44 -56.31 63.04
CA UNK B 184 -53.19 -55.25 63.74
C UNK B 184 -54.71 -55.29 63.50
N UNK B 185 -55.13 -55.77 62.36
CA UNK B 185 -56.55 -55.81 61.93
C UNK B 185 -57.43 -56.79 62.71
N UNK B 186 -56.84 -57.69 63.51
CA UNK B 186 -57.60 -58.64 64.31
C UNK B 186 -56.88 -58.95 65.62
N UNK B 187 -57.65 -59.08 66.71
CA UNK B 187 -57.11 -59.55 67.99
C UNK B 187 -56.80 -61.04 67.98
N UNK B 188 -57.52 -61.84 67.20
CA UNK B 188 -57.28 -63.27 67.01
C UNK B 188 -56.39 -63.50 65.78
N UNK B 189 -55.44 -64.44 65.85
CA UNK B 189 -54.66 -64.85 64.69
C UNK B 189 -55.54 -65.40 63.56
N UNK B 190 -55.17 -65.13 62.32
CA UNK B 190 -55.72 -65.83 61.16
C UNK B 190 -54.96 -67.15 61.03
N UNK B 191 -55.68 -68.26 61.18
CA UNK B 191 -55.10 -69.60 61.19
C UNK B 191 -55.44 -70.34 59.91
N UNK B 192 -54.42 -70.90 59.25
CA UNK B 192 -54.59 -71.84 58.14
C UNK B 192 -53.80 -73.11 58.42
N UNK B 193 -54.46 -74.26 58.26
CA UNK B 193 -53.88 -75.55 58.58
C UNK B 193 -54.22 -76.59 57.51
N UNK B 194 -53.44 -77.66 57.48
CA UNK B 194 -53.77 -78.90 56.79
C UNK B 194 -53.26 -80.09 57.60
N UNK B 195 -53.88 -81.27 57.38
CA UNK B 195 -53.38 -82.54 57.89
C UNK B 195 -52.70 -83.31 56.76
N UNK B 196 -51.48 -83.79 57.01
CA UNK B 196 -50.69 -84.54 56.02
C UNK B 196 -51.43 -85.75 55.49
N UNK B 197 -52.15 -86.45 56.36
CA UNK B 197 -52.89 -87.68 56.02
C UNK B 197 -54.05 -87.42 55.04
N UNK B 198 -54.54 -86.19 54.95
CA UNK B 198 -55.59 -85.81 54.01
C UNK B 198 -55.03 -85.40 52.62
N UNK B 199 -53.70 -85.21 52.53
CA UNK B 199 -53.03 -84.81 51.30
C UNK B 199 -52.51 -85.99 50.47
N UNK B 200 -52.51 -87.19 51.04
CA UNK B 200 -51.94 -88.39 50.41
C UNK B 200 -52.93 -89.20 49.58
N UNK B 201 -54.19 -88.84 49.59
CA UNK B 201 -55.23 -89.49 48.81
C UNK B 201 -55.46 -88.80 47.47
N LYS C 25 9.79 -48.36 -7.23
CA LYS C 25 8.46 -48.36 -7.81
C LYS C 25 7.39 -48.68 -6.77
N ILE C 26 7.75 -48.54 -5.50
CA ILE C 26 6.83 -48.81 -4.40
C ILE C 26 6.70 -47.55 -3.54
N VAL C 27 5.51 -47.41 -2.94
CA VAL C 27 5.22 -46.30 -2.03
C VAL C 27 4.64 -46.90 -0.76
N ASN C 28 5.28 -46.62 0.38
CA ASN C 28 4.83 -47.12 1.66
C ASN C 28 4.02 -46.04 2.38
N ILE C 29 2.96 -46.45 3.06
CA ILE C 29 2.09 -45.56 3.81
C ILE C 29 2.00 -46.07 5.24
N GLY C 30 2.40 -45.25 6.20
CA GLY C 30 2.40 -45.62 7.60
C GLY C 30 1.19 -45.08 8.32
N ALA C 31 0.74 -45.83 9.33
CA ALA C 31 -0.44 -45.45 10.10
C ALA C 31 -0.34 -46.02 11.50
N VAL C 32 -0.93 -45.28 12.45
CA VAL C 32 -1.07 -45.73 13.83
C VAL C 32 -2.54 -46.01 14.03
N LEU C 33 -2.95 -47.27 13.94
CA LEU C 33 -4.37 -47.63 14.01
C LEU C 33 -4.51 -48.94 14.77
N SER C 34 -5.56 -49.03 15.60
CA SER C 34 -5.76 -50.14 16.51
C SER C 34 -6.82 -51.14 16.06
N THR C 35 -7.99 -50.64 15.65
CA THR C 35 -9.11 -51.52 15.33
C THR C 35 -8.88 -52.26 14.02
N ARG C 36 -9.15 -53.57 14.02
CA ARG C 36 -8.85 -54.39 12.86
C ARG C 36 -9.82 -54.13 11.70
N LYS C 37 -11.03 -53.66 11.99
CA LYS C 37 -11.99 -53.36 10.93
C LYS C 37 -11.56 -52.13 10.14
N HIS C 38 -11.11 -51.08 10.83
CA HIS C 38 -10.64 -49.90 10.12
C HIS C 38 -9.30 -50.15 9.45
N GLU C 39 -8.49 -51.08 9.99
CA GLU C 39 -7.28 -51.49 9.28
C GLU C 39 -7.60 -52.25 8.00
N GLN C 40 -8.64 -53.10 8.05
CA GLN C 40 -9.07 -53.81 6.84
C GLN C 40 -9.63 -52.84 5.81
N MET C 41 -10.40 -51.84 6.26
CA MET C 41 -10.91 -50.83 5.34
C MET C 41 -9.77 -49.96 4.78
N PHE C 42 -8.74 -49.69 5.59
CA PHE C 42 -7.58 -48.93 5.14
C PHE C 42 -6.81 -49.70 4.06
N ARG C 43 -6.58 -51.00 4.29
CA ARG C 43 -5.90 -51.82 3.31
C ARG C 43 -6.75 -52.03 2.04
N GLU C 44 -8.06 -52.09 2.19
CA GLU C 44 -8.95 -52.19 1.04
C GLU C 44 -8.92 -50.91 0.21
N ALA C 45 -8.85 -49.75 0.88
CA ALA C 45 -8.76 -48.49 0.15
C ALA C 45 -7.39 -48.32 -0.52
N VAL C 46 -6.33 -48.83 0.11
CA VAL C 46 -5.01 -48.85 -0.53
C VAL C 46 -5.02 -49.76 -1.76
N ASN C 47 -5.68 -50.91 -1.66
CA ASN C 47 -5.77 -51.84 -2.79
C ASN C 47 -6.62 -51.27 -3.92
N GLN C 48 -7.70 -50.56 -3.60
CA GLN C 48 -8.56 -49.96 -4.59
C GLN C 48 -8.07 -48.59 -5.06
N ALA C 49 -6.97 -48.08 -4.48
CA ALA C 49 -6.43 -46.80 -4.95
C ALA C 49 -5.78 -46.94 -6.32
N ASN C 50 -5.22 -48.10 -6.64
CA ASN C 50 -4.61 -48.35 -7.94
C ASN C 50 -5.59 -48.94 -8.95
N LYS C 51 -6.88 -48.81 -8.70
CA LYS C 51 -7.87 -49.43 -9.58
C LYS C 51 -8.06 -48.62 -10.86
N ARG C 52 -8.40 -47.34 -10.72
CA ARG C 52 -8.72 -46.49 -11.85
C ARG C 52 -7.50 -45.79 -12.45
N HIS C 53 -6.30 -46.02 -11.89
CA HIS C 53 -5.09 -45.38 -12.39
C HIS C 53 -4.36 -46.22 -13.43
N GLY C 54 -5.06 -47.11 -14.12
CA GLY C 54 -4.47 -47.85 -15.21
C GLY C 54 -3.57 -48.99 -14.74
N SER C 55 -2.75 -49.46 -15.68
CA SER C 55 -1.84 -50.58 -15.45
C SER C 55 -0.41 -50.11 -15.21
N TRP C 56 -0.24 -48.98 -14.53
CA TRP C 56 1.10 -48.48 -14.22
C TRP C 56 1.74 -49.34 -13.13
N LYS C 57 3.07 -49.41 -13.16
CA LYS C 57 3.82 -50.33 -12.33
C LYS C 57 4.06 -49.84 -10.90
N ILE C 58 3.32 -48.81 -10.45
CA ILE C 58 3.47 -48.34 -9.08
C ILE C 58 2.78 -49.32 -8.14
N GLN C 59 3.35 -49.49 -6.94
CA GLN C 59 2.77 -50.33 -5.91
C GLN C 59 2.56 -49.50 -4.64
N LEU C 60 1.54 -49.85 -3.89
CA LEU C 60 1.18 -49.14 -2.67
C LEU C 60 1.11 -50.15 -1.53
N ASN C 61 2.02 -50.05 -0.57
CA ASN C 61 2.01 -50.92 0.59
C ASN C 61 1.66 -50.11 1.82
N ALA C 62 1.01 -50.74 2.79
CA ALA C 62 0.53 -50.08 3.99
C ALA C 62 1.09 -50.80 5.22
N THR C 63 1.47 -50.02 6.23
CA THR C 63 1.96 -50.54 7.50
C THR C 63 1.31 -49.80 8.65
N SER C 64 0.59 -50.53 9.49
CA SER C 64 -0.11 -49.96 10.63
C SER C 64 0.41 -50.54 11.93
N VAL C 65 0.46 -49.71 12.96
CA VAL C 65 0.98 -50.10 14.28
C VAL C 65 -0.09 -49.82 15.33
N THR C 66 0.02 -50.54 16.46
CA THR C 66 -1.02 -50.41 17.53
C THR C 66 -0.64 -49.33 18.55
N HIS C 67 -0.87 -49.59 19.84
CA HIS C 67 -0.61 -48.55 20.87
C HIS C 67 -0.11 -49.16 22.19
N LYS C 68 0.90 -48.55 22.81
CA LYS C 68 1.38 -49.01 24.14
C LYS C 68 0.91 -47.95 25.15
N PRO C 69 0.54 -48.30 26.41
CA PRO C 69 -0.04 -47.29 27.33
C PRO C 69 0.84 -46.08 27.59
N ASN C 70 2.10 -46.09 27.19
CA ASN C 70 2.98 -44.94 27.37
C ASN C 70 2.96 -44.07 26.11
N ALA C 71 3.83 -43.07 26.07
CA ALA C 71 3.92 -42.17 24.91
C ALA C 71 5.34 -41.96 24.40
N ILE C 72 6.37 -42.18 25.22
CA ILE C 72 7.74 -42.01 24.75
C ILE C 72 8.17 -43.22 23.93
N GLN C 73 7.95 -44.42 24.46
CA GLN C 73 8.33 -45.63 23.74
C GLN C 73 7.39 -45.91 22.57
N MET C 74 6.15 -45.41 22.63
CA MET C 74 5.29 -45.39 21.45
C MET C 74 5.90 -44.53 20.35
N ALA C 75 6.38 -43.33 20.71
CA ALA C 75 7.04 -42.46 19.74
C ALA C 75 8.29 -43.11 19.17
N LEU C 76 9.04 -43.82 20.01
CA LEU C 76 10.24 -44.52 19.57
C LEU C 76 9.90 -45.65 18.60
N SER C 77 8.94 -46.50 18.97
CA SER C 77 8.57 -47.63 18.12
C SER C 77 8.03 -47.16 16.78
N VAL C 78 7.15 -46.15 16.78
CA VAL C 78 6.57 -45.65 15.55
C VAL C 78 7.61 -44.96 14.68
N CYS C 79 8.51 -44.16 15.30
CA CYS C 79 9.46 -43.39 14.50
C CYS C 79 10.51 -44.30 13.87
N GLU C 80 11.08 -45.24 14.63
CA GLU C 80 12.06 -46.12 14.00
C GLU C 80 11.41 -47.14 13.07
N ASP C 81 10.15 -47.55 13.31
CA ASP C 81 9.51 -48.44 12.36
C ASP C 81 9.15 -47.74 11.05
N LEU C 82 8.82 -46.45 11.10
CA LEU C 82 8.54 -45.74 9.86
C LEU C 82 9.81 -45.26 9.17
N ILE C 83 10.91 -45.11 9.90
CA ILE C 83 12.20 -44.91 9.25
C ILE C 83 12.64 -46.19 8.54
N SER C 84 12.51 -47.34 9.20
CA SER C 84 12.84 -48.61 8.56
C SER C 84 11.87 -48.98 7.45
N SER C 85 10.64 -48.46 7.49
CA SER C 85 9.67 -48.71 6.43
C SER C 85 9.80 -47.75 5.27
N GLN C 86 10.33 -46.55 5.53
CA GLN C 86 10.45 -45.44 4.56
C GLN C 86 9.10 -45.09 3.93
N VAL C 87 8.17 -44.65 4.79
CA VAL C 87 6.83 -44.30 4.35
C VAL C 87 6.81 -42.85 3.88
N TYR C 88 5.75 -42.47 3.16
CA TYR C 88 5.59 -41.12 2.67
C TYR C 88 4.45 -40.36 3.33
N ALA C 89 3.48 -41.06 3.91
CA ALA C 89 2.34 -40.42 4.58
C ALA C 89 2.12 -41.13 5.92
N ILE C 90 1.98 -40.34 6.98
CA ILE C 90 1.83 -40.86 8.33
C ILE C 90 0.48 -40.41 8.87
N LEU C 91 -0.31 -41.37 9.35
CA LEU C 91 -1.69 -41.14 9.75
C LEU C 91 -1.89 -41.51 11.21
N VAL C 92 -2.61 -40.65 11.93
CA VAL C 92 -3.04 -40.91 13.30
C VAL C 92 -4.55 -40.76 13.35
N SER C 93 -5.24 -41.82 13.74
CA SER C 93 -6.70 -41.89 13.66
C SER C 93 -7.30 -42.42 14.95
N HIS C 94 -6.91 -41.84 16.09
CA HIS C 94 -7.41 -42.26 17.40
C HIS C 94 -8.10 -41.10 18.09
N PRO C 95 -9.42 -40.96 17.95
CA PRO C 95 -10.15 -39.99 18.78
C PRO C 95 -10.37 -40.41 20.22
N PRO C 96 -10.63 -41.73 20.57
CA PRO C 96 -10.77 -41.92 22.04
C PRO C 96 -9.47 -42.23 22.75
N THR C 97 -8.59 -41.24 22.82
CA THR C 97 -7.36 -41.40 23.59
C THR C 97 -7.66 -41.22 25.08
N PRO C 98 -7.05 -42.02 25.96
CA PRO C 98 -7.29 -41.81 27.40
C PRO C 98 -6.67 -40.55 27.95
N ASN C 99 -5.54 -40.11 27.40
CA ASN C 99 -4.96 -38.84 27.80
C ASN C 99 -5.70 -37.70 27.14
N ASP C 100 -6.00 -36.66 27.90
CA ASP C 100 -6.73 -35.50 27.41
C ASP C 100 -5.83 -34.46 26.76
N HIS C 101 -4.55 -34.77 26.55
CA HIS C 101 -3.65 -33.84 25.89
C HIS C 101 -3.85 -33.82 24.38
N PHE C 102 -4.18 -34.98 23.79
CA PHE C 102 -4.42 -35.17 22.35
C PHE C 102 -3.20 -34.73 21.53
N THR C 103 -2.06 -35.35 21.82
CA THR C 103 -0.78 -34.95 21.24
C THR C 103 -0.16 -36.09 20.44
N PRO C 104 -0.39 -36.14 19.12
CA PRO C 104 0.45 -36.98 18.24
C PRO C 104 1.73 -36.27 17.79
N THR C 105 2.12 -35.23 18.53
CA THR C 105 3.28 -34.39 18.20
C THR C 105 4.63 -35.08 17.93
N PRO C 106 5.11 -36.09 18.69
CA PRO C 106 6.52 -36.50 18.48
C PRO C 106 6.78 -37.25 17.18
N VAL C 107 5.80 -37.99 16.66
CA VAL C 107 5.97 -38.65 15.37
C VAL C 107 6.03 -37.60 14.26
N SER C 108 5.20 -36.56 14.36
CA SER C 108 5.25 -35.46 13.41
C SER C 108 6.56 -34.69 13.52
N TYR C 109 7.12 -34.59 14.73
CA TYR C 109 8.39 -33.91 14.91
C TYR C 109 9.54 -34.72 14.33
N THR C 110 9.49 -36.05 14.49
CA THR C 110 10.52 -36.91 13.92
C THR C 110 10.43 -36.93 12.39
N ALA C 111 9.22 -36.84 11.84
CA ALA C 111 9.09 -36.73 10.39
C ALA C 111 9.55 -35.36 9.91
N GLY C 112 9.31 -34.31 10.70
CA GLY C 112 9.81 -32.99 10.39
C GLY C 112 11.31 -32.85 10.54
N PHE C 113 11.95 -33.80 11.24
CA PHE C 113 13.41 -33.87 11.21
C PHE C 113 13.92 -34.22 9.82
N TYR C 114 13.13 -34.96 9.03
CA TYR C 114 13.46 -35.21 7.64
C TYR C 114 12.43 -34.63 6.68
N ARG C 115 11.52 -33.76 7.17
CA ARG C 115 10.52 -33.03 6.37
C ARG C 115 9.60 -33.97 5.61
N ILE C 116 8.85 -34.78 6.36
CA ILE C 116 7.92 -35.74 5.80
C ILE C 116 6.52 -35.36 6.27
N PRO C 117 5.55 -35.22 5.36
CA PRO C 117 4.21 -34.75 5.77
C PRO C 117 3.44 -35.80 6.55
N VAL C 118 3.03 -35.43 7.76
CA VAL C 118 2.13 -36.23 8.58
C VAL C 118 0.74 -35.63 8.48
N LEU C 119 -0.25 -36.45 8.13
CA LEU C 119 -1.62 -35.98 7.97
C LEU C 119 -2.39 -36.31 9.24
N GLY C 120 -2.54 -35.32 10.11
CA GLY C 120 -3.36 -35.49 11.28
C GLY C 120 -4.84 -35.52 10.93
N LEU C 121 -5.59 -36.33 11.67
CA LEU C 121 -6.97 -36.62 11.30
C LEU C 121 -7.97 -36.41 12.42
N THR C 122 -7.54 -36.31 13.67
CA THR C 122 -8.47 -36.30 14.81
C THR C 122 -8.54 -34.97 15.52
N THR C 123 -7.41 -34.45 16.00
CA THR C 123 -7.44 -33.27 16.84
C THR C 123 -7.52 -32.00 16.00
N ARG C 124 -7.91 -30.90 16.65
CA ARG C 124 -8.08 -29.62 15.99
C ARG C 124 -7.36 -28.50 16.75
N MET C 125 -6.21 -28.81 17.34
CA MET C 125 -5.48 -27.83 18.14
C MET C 125 -4.80 -26.81 17.24
N SER C 126 -4.82 -25.55 17.67
CA SER C 126 -4.23 -24.47 16.91
C SER C 126 -2.70 -24.45 16.99
N ILE C 127 -2.12 -25.19 17.92
CA ILE C 127 -0.65 -25.27 18.01
C ILE C 127 -0.08 -26.03 16.82
N TYR C 128 -0.87 -26.88 16.17
CA TYR C 128 -0.47 -27.50 14.92
C TYR C 128 -0.58 -26.56 13.74
N SER C 129 -1.25 -25.42 13.91
CA SER C 129 -1.41 -24.45 12.84
C SER C 129 -0.11 -23.73 12.51
N ASP C 130 0.83 -23.70 13.45
CA ASP C 130 2.11 -23.03 13.23
C ASP C 130 2.98 -23.87 12.30
N LYS C 131 3.18 -23.39 11.08
CA LYS C 131 4.08 -24.10 10.16
C LYS C 131 5.54 -23.87 10.48
N SER C 132 5.85 -22.88 11.31
CA SER C 132 7.24 -22.70 11.76
C SER C 132 7.64 -23.79 12.74
N ILE C 133 6.75 -24.14 13.66
CA ILE C 133 7.02 -25.25 14.57
C ILE C 133 6.77 -26.59 13.88
N HIS C 134 5.58 -26.77 13.33
CA HIS C 134 5.23 -27.99 12.60
C HIS C 134 5.59 -27.77 11.13
N LEU C 135 6.83 -28.11 10.78
CA LEU C 135 7.34 -27.83 9.44
C LEU C 135 6.71 -28.70 8.37
N SER C 136 6.38 -29.95 8.71
CA SER C 136 5.83 -30.90 7.76
C SER C 136 4.62 -31.61 8.35
N PHE C 137 3.67 -30.83 8.86
CA PHE C 137 2.41 -31.37 9.34
C PHE C 137 1.27 -30.76 8.56
N LEU C 138 0.39 -31.60 8.04
CA LEU C 138 -0.84 -31.17 7.39
C LEU C 138 -2.01 -31.86 8.07
N ARG C 139 -3.20 -31.34 7.83
CA ARG C 139 -4.40 -31.92 8.42
C ARG C 139 -5.60 -31.55 7.56
N THR C 140 -6.61 -32.43 7.59
CA THR C 140 -7.84 -32.23 6.86
C THR C 140 -8.97 -31.75 7.77
N VAL C 141 -8.66 -31.10 8.88
CA VAL C 141 -9.65 -30.50 9.77
C VAL C 141 -9.20 -29.08 10.10
N PRO C 142 -10.13 -28.15 10.27
CA PRO C 142 -9.76 -26.79 10.70
C PRO C 142 -9.67 -26.70 12.21
N PRO C 143 -8.98 -25.69 12.74
CA PRO C 143 -9.04 -25.46 14.19
C PRO C 143 -10.37 -24.83 14.58
N TYR C 144 -10.55 -24.70 15.90
CA TYR C 144 -11.82 -24.22 16.43
C TYR C 144 -12.04 -22.72 16.23
N SER C 145 -10.97 -21.97 15.92
CA SER C 145 -11.10 -20.53 15.70
C SER C 145 -11.94 -20.21 14.47
N HIS C 146 -11.93 -21.09 13.48
CA HIS C 146 -12.82 -20.96 12.33
C HIS C 146 -14.29 -21.06 12.73
N GLN C 147 -14.58 -21.78 13.82
CA GLN C 147 -15.92 -21.77 14.40
C GLN C 147 -16.31 -20.36 14.83
N SER C 148 -15.36 -19.61 15.39
CA SER C 148 -15.59 -18.20 15.68
C SER C 148 -15.82 -17.41 14.40
N SER C 149 -15.19 -17.84 13.30
CA SER C 149 -15.51 -17.28 11.98
C SER C 149 -16.97 -17.53 11.62
N VAL C 150 -17.46 -18.73 11.93
CA VAL C 150 -18.89 -19.02 11.81
C VAL C 150 -19.68 -18.12 12.75
N TRP C 151 -19.12 -17.86 13.94
CA TRP C 151 -19.74 -16.91 14.85
C TRP C 151 -19.59 -15.49 14.32
N PHE C 152 -18.54 -15.22 13.54
CA PHE C 152 -18.48 -13.98 12.78
C PHE C 152 -19.58 -13.95 11.72
N GLU C 153 -19.91 -15.11 11.17
CA GLU C 153 -21.08 -15.22 10.30
C GLU C 153 -22.37 -15.03 11.10
N MET C 154 -22.33 -15.27 12.41
CA MET C 154 -23.47 -14.91 13.25
C MET C 154 -23.57 -13.39 13.39
N MET C 155 -22.44 -12.69 13.25
CA MET C 155 -22.47 -11.24 13.27
C MET C 155 -23.00 -10.65 11.97
N ARG C 156 -23.00 -11.42 10.88
CA ARG C 156 -23.50 -10.95 9.60
C ARG C 156 -24.99 -11.20 9.41
N VAL C 157 -25.63 -11.92 10.32
CA VAL C 157 -27.05 -12.28 10.17
C VAL C 157 -27.90 -11.42 11.10
N TYR C 158 -27.58 -11.44 12.39
CA TYR C 158 -28.41 -10.82 13.41
C TYR C 158 -27.99 -9.39 13.75
N ASN C 159 -27.01 -8.85 13.01
CA ASN C 159 -26.54 -7.46 13.12
C ASN C 159 -26.04 -7.13 14.53
N TRP C 160 -24.98 -7.83 14.93
CA TRP C 160 -24.37 -7.68 16.25
C TRP C 160 -22.97 -7.11 16.07
N ASN C 161 -22.58 -6.20 16.96
CA ASN C 161 -21.33 -5.47 16.81
C ASN C 161 -20.47 -5.46 18.07
N HIS C 162 -20.91 -6.10 19.15
CA HIS C 162 -20.16 -6.08 20.41
C HIS C 162 -20.20 -7.47 21.01
N ILE C 163 -19.03 -8.06 21.24
CA ILE C 163 -18.90 -9.43 21.72
C ILE C 163 -18.14 -9.43 23.03
N ILE C 164 -18.22 -10.57 23.74
CA ILE C 164 -17.55 -10.77 25.02
C ILE C 164 -16.77 -12.08 24.91
N LEU C 165 -15.44 -11.98 24.84
CA LEU C 165 -14.58 -13.14 24.67
C LEU C 165 -14.10 -13.68 26.01
N LEU C 166 -14.01 -15.01 26.12
CA LEU C 166 -13.53 -15.66 27.33
C LEU C 166 -12.79 -16.92 26.90
N VAL C 167 -11.46 -16.89 26.99
CA VAL C 167 -10.61 -18.02 26.62
C VAL C 167 -9.74 -18.38 27.81
N SER C 168 -9.79 -19.65 28.23
CA SER C 168 -8.91 -20.14 29.27
C SER C 168 -7.64 -20.76 28.70
N ASP C 169 -7.73 -21.42 27.55
CA ASP C 169 -6.61 -22.14 26.95
C ASP C 169 -5.62 -21.13 26.38
N ASP C 170 -4.46 -20.99 27.04
CA ASP C 170 -3.44 -20.06 26.59
C ASP C 170 -2.65 -20.58 25.40
N HIS C 171 -2.74 -21.87 25.09
CA HIS C 171 -2.04 -22.42 23.93
C HIS C 171 -2.67 -21.94 22.63
N GLU C 172 -3.99 -21.77 22.62
CA GLU C 172 -4.71 -21.31 21.44
C GLU C 172 -5.34 -19.94 21.62
N GLY C 173 -5.18 -19.31 22.78
CA GLY C 173 -5.86 -18.06 23.05
C GLY C 173 -5.33 -16.91 22.24
N ARG C 174 -4.00 -16.85 22.08
CA ARG C 174 -3.40 -15.78 21.27
C ARG C 174 -3.76 -15.94 19.80
N ALA C 175 -3.81 -17.18 19.31
CA ALA C 175 -4.21 -17.41 17.91
C ALA C 175 -5.68 -17.11 17.71
N ALA C 176 -6.52 -17.40 18.70
CA ALA C 176 -7.94 -17.11 18.59
C ALA C 176 -8.19 -15.61 18.63
N GLN C 177 -7.47 -14.87 19.49
CA GLN C 177 -7.60 -13.42 19.52
C GLN C 177 -7.04 -12.79 18.25
N LYS C 178 -5.99 -13.37 17.68
CA LYS C 178 -5.44 -12.87 16.42
C LYS C 178 -6.41 -13.08 15.27
N ARG C 179 -7.04 -14.26 15.20
CA ARG C 179 -8.05 -14.52 14.17
C ARG C 179 -9.27 -13.63 14.37
N LEU C 180 -9.62 -13.35 15.63
CA LEU C 180 -10.75 -12.47 15.92
C LEU C 180 -10.46 -11.03 15.49
N GLU C 181 -9.25 -10.54 15.75
CA GLU C 181 -8.87 -9.21 15.28
C GLU C 181 -8.78 -9.15 13.76
N THR C 182 -8.35 -10.24 13.12
CA THR C 182 -8.31 -10.30 11.66
C THR C 182 -9.72 -10.24 11.07
N LEU C 183 -10.68 -10.91 11.73
CA LEU C 183 -12.07 -10.86 11.26
C LEU C 183 -12.71 -9.50 11.53
N LEU C 184 -12.38 -8.88 12.67
CA LEU C 184 -12.94 -7.58 12.99
C LEU C 184 -12.23 -6.43 12.29
N GLU C 185 -11.11 -6.70 11.61
CA GLU C 185 -10.43 -5.67 10.83
C GLU C 185 -11.28 -5.21 9.64
N GLU C 186 -12.16 -6.10 9.12
CA GLU C 186 -13.02 -5.73 8.01
C GLU C 186 -14.06 -4.68 8.41
N ARG C 187 -14.63 -4.84 9.61
CA ARG C 187 -15.57 -3.85 10.14
C ARG C 187 -14.85 -2.72 10.87
N GLU C 188 -13.56 -2.91 11.19
CA GLU C 188 -12.74 -2.00 12.00
C GLU C 188 -13.40 -1.71 13.36
N SER C 189 -13.92 -2.77 13.97
CA SER C 189 -14.48 -2.72 15.31
C SER C 189 -13.60 -3.53 16.26
N LYS C 190 -13.86 -3.36 17.56
CA LYS C 190 -13.07 -4.04 18.59
C LYS C 190 -14.01 -4.74 19.57
N ALA C 191 -13.49 -5.80 20.19
CA ALA C 191 -14.24 -6.50 21.21
C ALA C 191 -14.32 -5.66 22.49
N GLU C 192 -15.39 -5.86 23.24
CA GLU C 192 -15.61 -5.06 24.44
C GLU C 192 -14.72 -5.51 25.59
N LYS C 193 -14.54 -6.82 25.75
CA LYS C 193 -13.74 -7.35 26.85
C LYS C 193 -13.19 -8.72 26.46
N VAL C 194 -11.89 -8.89 26.62
CA VAL C 194 -11.23 -10.17 26.38
C VAL C 194 -10.55 -10.62 27.67
N LEU C 195 -10.50 -11.93 27.88
CA LEU C 195 -9.97 -12.50 29.12
C LEU C 195 -9.16 -13.74 28.83
N GLN C 196 -7.95 -13.80 29.40
CA GLN C 196 -7.09 -14.97 29.36
C GLN C 196 -6.53 -15.20 30.75
N PHE C 197 -6.61 -16.44 31.23
CA PHE C 197 -6.18 -16.76 32.59
C PHE C 197 -5.82 -18.24 32.67
N ASP C 198 -5.53 -18.69 33.88
CA ASP C 198 -5.04 -20.04 34.12
C ASP C 198 -6.22 -21.00 34.27
N PRO C 199 -6.29 -22.07 33.47
CA PRO C 199 -7.35 -23.07 33.66
C PRO C 199 -7.20 -23.82 34.96
N GLY C 200 -8.34 -24.28 35.48
CA GLY C 200 -8.40 -25.05 36.72
C GLY C 200 -8.97 -24.29 37.89
N THR C 201 -9.12 -22.97 37.79
CA THR C 201 -9.64 -22.18 38.89
C THR C 201 -11.16 -22.21 38.92
N LYS C 202 -11.72 -21.59 39.97
CA LYS C 202 -13.17 -21.52 40.14
C LYS C 202 -13.71 -20.10 40.28
N ASN C 203 -13.00 -19.19 40.94
CA ASN C 203 -13.40 -17.78 40.96
C ASN C 203 -13.11 -17.12 39.61
N VAL C 204 -14.15 -17.10 38.78
CA VAL C 204 -14.23 -16.24 37.60
C VAL C 204 -15.52 -15.46 37.72
N THR C 205 -16.15 -15.53 38.90
CA THR C 205 -17.47 -14.95 39.10
C THR C 205 -17.43 -13.43 39.14
N ALA C 206 -16.34 -12.85 39.67
CA ALA C 206 -16.20 -11.40 39.65
C ALA C 206 -16.03 -10.88 38.22
N LEU C 207 -15.36 -11.65 37.38
CA LEU C 207 -15.25 -11.28 35.97
C LEU C 207 -16.60 -11.41 35.26
N LEU C 208 -17.43 -12.37 35.68
CA LEU C 208 -18.76 -12.49 35.13
C LEU C 208 -19.67 -11.36 35.58
N MET C 209 -19.47 -10.86 36.81
CA MET C 209 -20.24 -9.70 37.27
C MET C 209 -19.77 -8.42 36.60
N GLU C 210 -18.48 -8.33 36.27
CA GLU C 210 -18.01 -7.21 35.46
C GLU C 210 -18.53 -7.31 34.03
N ALA C 211 -18.70 -8.52 33.51
CA ALA C 211 -19.32 -8.70 32.21
C ALA C 211 -20.82 -8.41 32.26
N ARG C 212 -21.45 -8.57 33.43
CA ARG C 212 -22.85 -8.19 33.60
C ARG C 212 -23.03 -6.69 33.46
N GLU C 213 -22.07 -5.91 33.96
CA GLU C 213 -22.15 -4.45 33.86
C GLU C 213 -21.87 -3.93 32.47
N LEU C 214 -21.38 -4.77 31.56
CA LEU C 214 -21.13 -4.36 30.18
C LEU C 214 -22.46 -4.25 29.42
N GLU C 215 -22.39 -3.63 28.25
CA GLU C 215 -23.60 -3.42 27.45
C GLU C 215 -23.99 -4.68 26.70
N ALA C 216 -23.01 -5.38 26.11
CA ALA C 216 -23.30 -6.55 25.30
C ALA C 216 -23.59 -7.76 26.19
N ARG C 217 -24.17 -8.80 25.57
CA ARG C 217 -24.44 -10.06 26.25
C ARG C 217 -23.85 -11.24 25.48
N VAL C 218 -23.05 -11.00 24.46
CA VAL C 218 -22.52 -12.07 23.61
C VAL C 218 -21.43 -12.80 24.39
N ILE C 219 -21.67 -14.07 24.68
CA ILE C 219 -20.74 -14.90 25.43
C ILE C 219 -20.04 -15.83 24.45
N ILE C 220 -18.75 -15.64 24.25
CA ILE C 220 -17.92 -16.51 23.44
C ILE C 220 -16.95 -17.21 24.38
N LEU C 221 -16.94 -18.54 24.36
CA LEU C 221 -16.17 -19.33 25.29
C LEU C 221 -15.26 -20.29 24.54
N SER C 222 -13.99 -20.34 24.96
CA SER C 222 -13.03 -21.28 24.37
C SER C 222 -12.19 -21.86 25.50
N ALA C 223 -12.56 -23.05 25.97
CA ALA C 223 -11.86 -23.71 27.07
C ALA C 223 -12.11 -25.21 26.96
N SER C 224 -11.68 -25.94 27.97
CA SER C 224 -11.90 -27.38 28.06
C SER C 224 -13.25 -27.64 28.73
N GLU C 225 -13.51 -28.90 29.09
CA GLU C 225 -14.79 -29.25 29.69
C GLU C 225 -14.90 -28.80 31.15
N ASP C 226 -13.77 -28.80 31.87
CA ASP C 226 -13.80 -28.46 33.29
C ASP C 226 -14.09 -26.97 33.49
N ASP C 227 -13.41 -26.10 32.73
CA ASP C 227 -13.66 -24.67 32.83
C ASP C 227 -15.02 -24.29 32.29
N ALA C 228 -15.52 -25.04 31.29
CA ALA C 228 -16.87 -24.79 30.78
C ALA C 228 -17.93 -25.15 31.81
N ALA C 229 -17.77 -26.29 32.49
CA ALA C 229 -18.69 -26.65 33.56
C ALA C 229 -18.59 -25.69 34.74
N THR C 230 -17.38 -25.18 35.01
CA THR C 230 -17.18 -24.21 36.08
C THR C 230 -17.90 -22.90 35.78
N VAL C 231 -17.77 -22.39 34.55
CA VAL C 231 -18.46 -21.14 34.23
C VAL C 231 -19.96 -21.36 34.03
N TYR C 232 -20.40 -22.56 33.66
CA TYR C 232 -21.84 -22.85 33.64
C TYR C 232 -22.42 -22.84 35.04
N ARG C 233 -21.71 -23.45 35.99
CA ARG C 233 -22.17 -23.43 37.39
C ARG C 233 -22.10 -22.03 37.98
N ALA C 234 -21.10 -21.24 37.58
CA ALA C 234 -20.99 -19.88 38.07
C ALA C 234 -22.06 -18.97 37.49
N ALA C 235 -22.46 -19.20 36.24
CA ALA C 235 -23.57 -18.44 35.67
C ALA C 235 -24.91 -18.92 36.21
N ALA C 236 -25.01 -20.20 36.60
CA ALA C 236 -26.24 -20.70 37.19
C ALA C 236 -26.41 -20.21 38.62
N MET C 237 -25.32 -20.02 39.36
CA MET C 237 -25.42 -19.44 40.68
C MET C 237 -25.73 -17.94 40.63
N LEU C 238 -25.24 -17.25 39.61
CA LEU C 238 -25.56 -15.85 39.41
C LEU C 238 -26.86 -15.64 38.64
N ASN C 239 -27.46 -16.73 38.14
CA ASN C 239 -28.69 -16.72 37.33
C ASN C 239 -28.57 -15.79 36.12
N MET C 240 -27.67 -16.14 35.21
CA MET C 240 -27.40 -15.36 34.02
C MET C 240 -28.16 -15.90 32.81
N THR C 241 -29.20 -16.69 33.06
CA THR C 241 -29.99 -17.31 32.00
C THR C 241 -31.32 -16.59 31.80
N GLY C 242 -31.33 -15.27 31.98
CA GLY C 242 -32.53 -14.48 31.80
C GLY C 242 -32.75 -14.07 30.36
N SER C 243 -33.45 -12.96 30.18
CA SER C 243 -33.74 -12.45 28.84
C SER C 243 -32.61 -11.55 28.36
N GLY C 244 -32.31 -11.64 27.07
CA GLY C 244 -31.28 -10.83 26.45
C GLY C 244 -29.90 -11.45 26.43
N TYR C 245 -29.65 -12.46 27.26
CA TYR C 245 -28.33 -13.09 27.32
C TYR C 245 -28.10 -13.96 26.10
N VAL C 246 -26.93 -13.82 25.49
CA VAL C 246 -26.56 -14.58 24.30
C VAL C 246 -25.65 -15.72 24.73
N TRP C 247 -26.05 -16.95 24.41
CA TRP C 247 -25.30 -18.16 24.76
C TRP C 247 -24.91 -18.87 23.47
N LEU C 248 -23.60 -19.04 23.27
CA LEU C 248 -23.10 -19.57 22.01
C LEU C 248 -21.75 -20.24 22.26
N VAL C 249 -21.73 -21.56 22.32
CA VAL C 249 -20.54 -22.36 22.59
C VAL C 249 -20.37 -23.40 21.50
N GLY C 250 -19.35 -24.24 21.65
CA GLY C 250 -19.02 -25.26 20.69
C GLY C 250 -19.27 -26.67 21.20
N GLU C 251 -18.68 -27.63 20.48
CA GLU C 251 -18.88 -29.05 20.78
C GLU C 251 -18.09 -29.51 21.99
N ARG C 252 -16.96 -28.87 22.29
CA ARG C 252 -16.17 -29.25 23.46
C ARG C 252 -16.84 -28.84 24.75
N GLU C 253 -17.67 -27.81 24.72
CA GLU C 253 -18.28 -27.25 25.92
C GLU C 253 -19.64 -27.87 26.23
N ILE C 254 -20.08 -28.88 25.47
CA ILE C 254 -21.37 -29.51 25.69
C ILE C 254 -21.18 -31.00 25.94
N SER C 255 -20.04 -31.37 26.52
CA SER C 255 -19.74 -32.76 26.79
C SER C 255 -19.33 -32.92 28.26
N GLY C 256 -19.52 -34.13 28.78
CA GLY C 256 -19.17 -34.43 30.15
C GLY C 256 -20.10 -33.80 31.16
N ASN C 257 -19.54 -33.27 32.25
CA ASN C 257 -20.35 -32.58 33.25
C ASN C 257 -20.82 -31.21 32.77
N ALA C 258 -20.17 -30.67 31.74
CA ALA C 258 -20.66 -29.43 31.13
C ALA C 258 -21.99 -29.65 30.41
N LEU C 259 -22.23 -30.85 29.90
CA LEU C 259 -23.54 -31.20 29.36
C LEU C 259 -24.57 -31.30 30.47
N ARG C 260 -24.16 -31.80 31.64
CA ARG C 260 -25.06 -31.84 32.80
C ARG C 260 -25.35 -30.45 33.33
N TYR C 261 -24.36 -29.56 33.30
CA TYR C 261 -24.51 -28.19 33.75
C TYR C 261 -24.95 -27.24 32.65
N ALA C 262 -25.39 -27.78 31.51
CA ALA C 262 -25.74 -26.94 30.37
C ALA C 262 -27.12 -26.33 30.56
N PRO C 263 -27.26 -25.00 30.49
CA PRO C 263 -28.60 -24.41 30.49
C PRO C 263 -29.29 -24.62 29.15
N ASP C 264 -30.61 -24.76 29.21
CA ASP C 264 -31.39 -25.04 28.02
C ASP C 264 -31.50 -23.79 27.13
N GLY C 265 -31.82 -24.02 25.86
CA GLY C 265 -31.87 -22.96 24.90
C GLY C 265 -30.54 -22.48 24.39
N ILE C 266 -29.45 -23.18 24.71
CA ILE C 266 -28.12 -22.76 24.28
C ILE C 266 -27.90 -23.20 22.84
N ILE C 267 -27.16 -22.39 22.09
CA ILE C 267 -26.90 -22.63 20.68
C ILE C 267 -25.48 -23.16 20.54
N GLY C 268 -25.36 -24.41 20.07
CA GLY C 268 -24.07 -25.05 19.92
C GLY C 268 -23.81 -25.47 18.49
N LEU C 269 -22.58 -25.94 18.25
CA LEU C 269 -22.14 -26.35 16.93
C LEU C 269 -21.91 -27.86 16.89
N GLN C 270 -21.95 -28.41 15.68
CA GLN C 270 -21.70 -29.83 15.46
C GLN C 270 -20.91 -30.01 14.17
N LEU C 271 -19.86 -30.81 14.25
CA LEU C 271 -19.03 -31.13 13.10
C LEU C 271 -19.67 -32.27 12.32
N ILE C 272 -20.06 -32.00 11.08
CA ILE C 272 -20.63 -33.05 10.24
C ILE C 272 -19.54 -33.99 9.79
N ASN C 273 -19.69 -35.28 10.13
CA ASN C 273 -18.74 -36.36 9.85
C ASN C 273 -17.35 -36.07 10.42
N GLY C 274 -17.32 -35.41 11.58
CA GLY C 274 -16.08 -35.19 12.28
C GLY C 274 -15.71 -36.39 13.13
N LYS C 275 -16.73 -37.08 13.63
CA LYS C 275 -16.54 -38.32 14.38
C LYS C 275 -16.62 -39.56 13.52
N ASN C 276 -17.02 -39.43 12.25
CA ASN C 276 -17.21 -40.59 11.38
C ASN C 276 -15.84 -40.98 10.84
N GLU C 277 -15.30 -42.08 11.40
CA GLU C 277 -13.89 -42.39 11.21
C GLU C 277 -13.62 -43.03 9.86
N SER C 278 -14.53 -43.91 9.40
CA SER C 278 -14.25 -44.73 8.23
C SER C 278 -14.23 -43.91 6.94
N ALA C 279 -15.22 -43.04 6.75
CA ALA C 279 -15.24 -42.16 5.59
C ALA C 279 -14.12 -41.14 5.63
N HIS C 280 -13.71 -40.71 6.82
CA HIS C 280 -12.58 -39.79 6.95
C HIS C 280 -11.27 -40.47 6.54
N ILE C 281 -11.09 -41.74 6.93
CA ILE C 281 -9.92 -42.51 6.52
C ILE C 281 -9.94 -42.75 5.02
N SER C 282 -11.12 -43.05 4.46
CA SER C 282 -11.22 -43.30 3.01
C SER C 282 -10.93 -42.03 2.20
N ASP C 283 -11.42 -40.88 2.67
CA ASP C 283 -11.11 -39.62 2.00
C ASP C 283 -9.65 -39.27 2.14
N ALA C 284 -9.03 -39.59 3.28
CA ALA C 284 -7.60 -39.35 3.45
C ALA C 284 -6.76 -40.22 2.52
N VAL C 285 -7.17 -41.48 2.34
CA VAL C 285 -6.49 -42.38 1.41
C VAL C 285 -6.64 -41.88 -0.02
N GLY C 286 -7.83 -41.37 -0.37
CA GLY C 286 -8.02 -40.81 -1.70
C GLY C 286 -7.17 -39.56 -1.95
N VAL C 287 -7.06 -38.70 -0.94
CA VAL C 287 -6.23 -37.49 -1.05
C VAL C 287 -4.76 -37.86 -1.21
N VAL C 288 -4.28 -38.78 -0.37
CA VAL C 288 -2.87 -39.21 -0.43
C VAL C 288 -2.57 -39.91 -1.75
N ALA C 289 -3.50 -40.75 -2.22
CA ALA C 289 -3.27 -41.50 -3.46
C ALA C 289 -3.26 -40.59 -4.68
N GLN C 290 -4.17 -39.62 -4.74
CA GLN C 290 -4.16 -38.71 -5.89
C GLN C 290 -2.98 -37.74 -5.80
N ALA C 291 -2.52 -37.41 -4.59
CA ALA C 291 -1.32 -36.59 -4.46
C ALA C 291 -0.08 -37.36 -4.91
N VAL C 292 0.00 -38.66 -4.61
CA VAL C 292 1.13 -39.48 -5.05
C VAL C 292 1.11 -39.66 -6.57
N HIS C 293 -0.07 -39.92 -7.14
CA HIS C 293 -0.17 -40.03 -8.59
C HIS C 293 0.03 -38.70 -9.30
N GLU C 294 -0.17 -37.57 -8.61
CA GLU C 294 0.23 -36.29 -9.19
C GLU C 294 1.73 -36.08 -9.09
N LEU C 295 2.35 -36.54 -7.99
CA LEU C 295 3.79 -36.36 -7.80
C LEU C 295 4.59 -37.28 -8.70
N LEU C 296 4.01 -38.40 -9.14
CA LEU C 296 4.72 -39.32 -10.03
C LEU C 296 4.90 -38.75 -11.44
N GLU C 297 4.21 -37.67 -11.79
CA GLU C 297 4.36 -37.03 -13.08
C GLU C 297 5.55 -36.09 -13.15
N LYS C 298 6.40 -36.04 -12.12
CA LYS C 298 7.52 -35.12 -12.06
C LYS C 298 8.83 -35.88 -11.92
N GLU C 299 9.93 -35.15 -12.10
CA GLU C 299 11.29 -35.62 -11.97
C GLU C 299 11.84 -35.07 -10.65
N ASN C 300 13.11 -35.36 -10.34
CA ASN C 300 13.77 -35.10 -9.06
C ASN C 300 12.99 -35.75 -7.91
N ILE C 301 12.80 -37.05 -8.04
CA ILE C 301 12.04 -37.84 -7.07
C ILE C 301 13.07 -38.46 -6.12
N THR C 302 13.28 -37.82 -4.98
CA THR C 302 14.19 -38.33 -3.97
C THR C 302 13.47 -39.24 -3.00
N ASP C 303 14.24 -40.00 -2.23
CA ASP C 303 13.71 -40.91 -1.24
C ASP C 303 14.38 -40.68 0.11
N PRO C 304 13.63 -40.70 1.19
CA PRO C 304 14.23 -40.62 2.52
C PRO C 304 15.01 -41.89 2.84
N PRO C 305 16.30 -41.76 3.15
CA PRO C 305 17.12 -42.96 3.39
C PRO C 305 16.92 -43.56 4.77
N ARG C 306 17.73 -44.56 5.12
CA ARG C 306 17.67 -45.20 6.42
C ARG C 306 18.26 -44.25 7.47
N GLY C 307 17.45 -43.31 7.96
CA GLY C 307 17.90 -42.27 8.84
C GLY C 307 18.12 -42.66 10.29
N CYS C 308 17.95 -43.93 10.64
CA CYS C 308 18.12 -44.34 12.02
C CYS C 308 19.58 -44.61 12.39
N VAL C 309 20.37 -45.12 11.44
CA VAL C 309 21.76 -45.47 11.69
C VAL C 309 22.62 -44.68 10.70
N GLY C 310 23.33 -43.68 11.21
CA GLY C 310 24.36 -42.99 10.44
C GLY C 310 23.88 -42.14 9.29
N ASN C 311 22.65 -41.66 9.32
CA ASN C 311 22.12 -40.81 8.26
C ASN C 311 21.34 -39.66 8.89
N THR C 312 21.95 -38.48 8.92
CA THR C 312 21.31 -37.27 9.40
C THR C 312 21.08 -36.25 8.29
N ASN C 313 21.32 -36.65 7.04
CA ASN C 313 21.07 -35.75 5.92
C ASN C 313 19.59 -35.62 5.66
N ILE C 314 19.14 -34.40 5.38
CA ILE C 314 17.71 -34.13 5.22
C ILE C 314 17.25 -34.61 3.85
N TRP C 315 15.95 -34.80 3.72
CA TRP C 315 15.32 -35.18 2.45
C TRP C 315 15.19 -33.91 1.60
N LYS C 316 15.81 -33.92 0.42
CA LYS C 316 16.07 -32.68 -0.30
C LYS C 316 14.82 -32.11 -0.94
N THR C 317 13.83 -32.94 -1.25
CA THR C 317 12.58 -32.48 -1.85
C THR C 317 11.47 -32.36 -0.82
N GLY C 318 11.82 -31.94 0.40
CA GLY C 318 10.87 -31.69 1.45
C GLY C 318 9.89 -30.57 1.14
N PRO C 319 10.39 -29.34 1.00
CA PRO C 319 9.51 -28.23 0.58
C PRO C 319 8.94 -28.39 -0.82
N LEU C 320 9.59 -29.14 -1.71
CA LEU C 320 9.03 -29.39 -3.04
C LEU C 320 7.78 -30.26 -2.95
N PHE C 321 7.85 -31.36 -2.20
CA PHE C 321 6.68 -32.21 -1.98
C PHE C 321 5.63 -31.50 -1.13
N LYS C 322 6.07 -30.61 -0.23
CA LYS C 322 5.13 -29.79 0.51
C LYS C 322 4.38 -28.83 -0.41
N ARG C 323 5.07 -28.27 -1.41
CA ARG C 323 4.41 -27.39 -2.37
C ARG C 323 3.49 -28.18 -3.29
N VAL C 324 3.83 -29.44 -3.58
CA VAL C 324 2.90 -30.34 -4.27
C VAL C 324 1.64 -30.53 -3.44
N LEU C 325 1.79 -30.69 -2.12
CA LEU C 325 0.64 -30.76 -1.24
C LEU C 325 -0.11 -29.42 -1.11
N MET C 326 0.57 -28.30 -1.37
CA MET C 326 -0.10 -27.00 -1.33
C MET C 326 -1.06 -26.82 -2.48
N SER C 327 -0.74 -27.41 -3.65
CA SER C 327 -1.58 -27.29 -4.84
C SER C 327 -2.53 -28.47 -5.00
N SER C 328 -2.99 -29.05 -3.91
CA SER C 328 -3.85 -30.23 -3.94
C SER C 328 -5.28 -29.78 -4.28
N LYS C 329 -5.71 -30.05 -5.50
CA LYS C 329 -7.04 -29.72 -5.97
C LYS C 329 -7.85 -31.00 -6.18
N TYR C 330 -9.07 -31.02 -5.64
CA TYR C 330 -9.89 -32.22 -5.67
C TYR C 330 -11.32 -31.86 -6.09
N ALA C 331 -12.04 -32.86 -6.59
CA ALA C 331 -13.43 -32.70 -6.95
C ALA C 331 -14.28 -33.91 -6.59
N ASP C 332 -13.72 -34.89 -5.89
CA ASP C 332 -14.43 -36.11 -5.54
C ASP C 332 -14.18 -36.41 -4.07
N GLY C 333 -15.14 -37.08 -3.45
CA GLY C 333 -15.04 -37.44 -2.05
C GLY C 333 -16.39 -37.83 -1.51
N VAL C 334 -16.39 -38.20 -0.23
CA VAL C 334 -17.62 -38.60 0.43
C VAL C 334 -18.43 -37.38 0.85
N THR C 335 -17.76 -36.37 1.41
CA THR C 335 -18.46 -35.23 1.98
C THR C 335 -18.45 -34.02 1.04
N GLY C 336 -17.26 -33.54 0.68
CA GLY C 336 -17.15 -32.34 -0.12
C GLY C 336 -15.75 -32.15 -0.66
N ARG C 337 -15.53 -30.96 -1.22
CA ARG C 337 -14.25 -30.62 -1.82
C ARG C 337 -13.19 -30.37 -0.75
N VAL C 338 -11.98 -30.88 -0.98
CA VAL C 338 -10.86 -30.74 -0.07
C VAL C 338 -9.71 -30.04 -0.79
N GLU C 339 -9.09 -29.07 -0.12
CA GLU C 339 -8.00 -28.29 -0.68
C GLU C 339 -7.21 -27.69 0.47
N PHE C 340 -5.89 -27.61 0.33
CA PHE C 340 -5.03 -27.03 1.35
C PHE C 340 -4.73 -25.57 1.06
N ASN C 341 -4.95 -24.71 2.06
CA ASN C 341 -4.74 -23.28 1.93
C ASN C 341 -3.32 -22.91 2.40
N GLU C 342 -3.11 -21.61 2.63
CA GLU C 342 -1.86 -21.12 3.19
C GLU C 342 -1.62 -21.61 4.63
N ASP C 343 -2.66 -22.08 5.32
CA ASP C 343 -2.52 -22.67 6.64
C ASP C 343 -2.62 -24.19 6.63
N GLY C 344 -3.01 -24.79 5.50
CA GLY C 344 -3.09 -26.23 5.41
C GLY C 344 -4.30 -26.85 6.09
N ASP C 345 -5.47 -26.24 5.95
CA ASP C 345 -6.68 -26.69 6.60
C ASP C 345 -7.75 -27.05 5.56
N ARG C 346 -8.86 -27.58 6.05
CA ARG C 346 -9.99 -27.98 5.21
C ARG C 346 -10.99 -26.83 5.15
N LYS C 347 -11.34 -26.41 3.95
CA LYS C 347 -12.29 -25.32 3.79
C LYS C 347 -13.64 -25.84 3.31
N PHE C 348 -14.63 -24.95 3.36
CA PHE C 348 -15.97 -25.17 2.81
C PHE C 348 -16.69 -26.35 3.45
N ALA C 349 -16.39 -26.59 4.72
CA ALA C 349 -17.02 -27.70 5.44
C ALA C 349 -18.44 -27.32 5.86
N ASN C 350 -19.32 -28.33 5.86
CA ASN C 350 -20.70 -28.13 6.25
C ASN C 350 -20.79 -28.35 7.77
N TYR C 351 -21.42 -27.41 8.47
CA TYR C 351 -21.56 -27.49 9.92
C TYR C 351 -23.03 -27.60 10.29
N SER C 352 -23.29 -28.05 11.51
CA SER C 352 -24.64 -28.11 12.05
C SER C 352 -24.76 -27.18 13.24
N ILE C 353 -25.94 -26.59 13.40
CA ILE C 353 -26.24 -25.66 14.48
C ILE C 353 -27.35 -26.27 15.32
N MET C 354 -27.02 -26.65 16.55
CA MET C 354 -27.91 -27.38 17.44
C MET C 354 -28.45 -26.45 18.52
N ASN C 355 -29.63 -26.78 19.02
CA ASN C 355 -30.24 -26.07 20.13
C ASN C 355 -30.62 -27.08 21.21
N LEU C 356 -30.52 -26.64 22.46
CA LEU C 356 -30.79 -27.50 23.62
C LEU C 356 -32.21 -27.23 24.09
N GLN C 357 -33.16 -27.97 23.55
CA GLN C 357 -34.57 -27.81 23.87
C GLN C 357 -34.92 -28.77 25.01
N ASN C 358 -34.92 -28.25 26.24
CA ASN C 358 -35.23 -28.98 27.48
C ASN C 358 -34.32 -30.20 27.65
N ARG C 359 -33.00 -29.91 27.68
CA ARG C 359 -31.92 -30.91 27.79
C ARG C 359 -31.97 -31.94 26.68
N LYS C 360 -32.38 -31.54 25.48
CA LYS C 360 -32.41 -32.40 24.31
C LYS C 360 -31.86 -31.62 23.12
N LEU C 361 -30.94 -32.25 22.39
CA LEU C 361 -30.27 -31.59 21.28
C LEU C 361 -31.20 -31.57 20.06
N VAL C 362 -31.57 -30.38 19.62
CA VAL C 362 -32.47 -30.19 18.48
C VAL C 362 -31.73 -29.35 17.44
N GLN C 363 -31.67 -29.85 16.21
CA GLN C 363 -31.00 -29.15 15.12
C GLN C 363 -31.84 -27.98 14.65
N VAL C 364 -31.23 -26.80 14.60
CA VAL C 364 -31.90 -25.59 14.16
C VAL C 364 -31.21 -24.90 12.99
N GLY C 365 -30.07 -25.42 12.54
CA GLY C 365 -29.47 -24.77 11.37
C GLY C 365 -28.41 -25.63 10.71
N ILE C 366 -28.13 -25.28 9.45
CA ILE C 366 -27.03 -25.87 8.68
C ILE C 366 -26.14 -24.74 8.19
N TYR C 367 -24.89 -25.07 7.90
CA TYR C 367 -23.91 -24.08 7.47
C TYR C 367 -23.12 -24.62 6.28
N ASN C 368 -23.12 -23.85 5.19
CA ASN C 368 -22.41 -24.20 3.97
C ASN C 368 -20.96 -23.72 4.09
N GLY C 369 -20.27 -23.56 2.96
CA GLY C 369 -18.93 -22.97 2.98
C GLY C 369 -18.89 -21.59 3.61
N THR C 370 -19.89 -20.76 3.34
CA THR C 370 -19.93 -19.42 3.91
C THR C 370 -21.30 -18.95 4.37
N HIS C 371 -22.36 -19.74 4.18
CA HIS C 371 -23.72 -19.26 4.39
C HIS C 371 -24.44 -20.14 5.41
N VAL C 372 -25.28 -19.50 6.22
CA VAL C 372 -26.08 -20.16 7.25
C VAL C 372 -27.52 -20.26 6.74
N ILE C 373 -28.09 -21.46 6.81
CA ILE C 373 -29.52 -21.62 6.55
C ILE C 373 -30.15 -22.23 7.81
N PRO C 374 -30.97 -21.48 8.53
CA PRO C 374 -31.82 -22.10 9.56
C PRO C 374 -32.96 -22.87 8.91
N ASN C 375 -33.31 -24.00 9.52
CA ASN C 375 -34.36 -24.85 8.99
C ASN C 375 -35.73 -24.35 9.47
N ASP C 376 -36.77 -25.16 9.28
CA ASP C 376 -38.12 -24.81 9.71
C ASP C 376 -38.32 -24.93 11.22
N ARG C 377 -37.34 -25.47 11.95
CA ARG C 377 -37.44 -25.55 13.40
C ARG C 377 -37.26 -24.17 14.01
N LYS C 378 -38.02 -23.90 15.08
CA LYS C 378 -37.97 -22.61 15.74
C LYS C 378 -36.71 -22.50 16.59
N ILE C 379 -36.28 -21.26 16.81
CA ILE C 379 -35.10 -20.95 17.60
C ILE C 379 -35.59 -20.59 19.00
N ILE C 380 -35.51 -21.53 19.92
CA ILE C 380 -35.96 -21.33 21.29
C ILE C 380 -34.79 -20.77 22.09
N TRP C 381 -35.00 -19.62 22.69
CA TRP C 381 -34.03 -18.85 23.46
C TRP C 381 -34.23 -19.08 24.96
N PRO C 382 -33.17 -18.96 25.76
CA PRO C 382 -33.33 -19.14 27.22
C PRO C 382 -34.13 -18.04 27.91
N GLY C 383 -34.36 -16.90 27.24
CA GLY C 383 -35.11 -15.81 27.85
C GLY C 383 -36.57 -15.78 27.45
N GLY C 384 -36.92 -14.84 26.59
CA GLY C 384 -38.32 -14.63 26.23
C GLY C 384 -38.73 -15.18 24.88
N GLU C 385 -38.80 -14.31 23.87
CA GLU C 385 -39.35 -14.65 22.57
C GLU C 385 -38.38 -15.50 21.77
N THR C 386 -38.85 -15.97 20.62
CA THR C 386 -38.07 -16.79 19.71
C THR C 386 -37.27 -15.97 18.71
N GLU C 387 -37.43 -14.64 18.71
CA GLU C 387 -36.67 -13.77 17.83
C GLU C 387 -35.28 -13.52 18.43
N LYS C 388 -34.51 -12.64 17.78
CA LYS C 388 -33.18 -12.39 18.32
C LYS C 388 -33.27 -11.49 19.56
N PRO C 389 -32.54 -11.83 20.62
CA PRO C 389 -32.52 -10.95 21.81
C PRO C 389 -31.62 -9.75 21.55
N ARG C 390 -32.20 -8.55 21.65
CA ARG C 390 -31.42 -7.32 21.52
C ARG C 390 -30.64 -7.15 22.83
N GLY C 391 -29.47 -7.78 22.88
CA GLY C 391 -28.69 -7.83 24.10
C GLY C 391 -27.68 -6.72 24.24
N TYR C 392 -27.99 -5.55 23.70
CA TYR C 392 -27.16 -4.36 23.87
C TYR C 392 -27.92 -3.41 24.79
N GLN C 393 -27.76 -3.63 26.09
CA GLN C 393 -28.38 -2.79 27.10
C GLN C 393 -27.49 -1.59 27.32
N MET C 394 -27.90 -0.44 26.77
CA MET C 394 -27.10 0.77 26.86
C MET C 394 -27.13 1.32 28.29
N SER C 395 -26.12 2.15 28.59
CA SER C 395 -25.92 2.66 29.94
C SER C 395 -26.98 3.69 30.27
N THR C 396 -27.99 3.28 31.03
CA THR C 396 -29.02 4.19 31.53
C THR C 396 -28.59 4.95 32.77
N ARG C 397 -27.39 4.68 33.29
CA ARG C 397 -26.80 5.43 34.41
C ARG C 397 -25.37 5.76 34.01
N LEU C 398 -25.18 6.95 33.46
CA LEU C 398 -23.89 7.35 32.91
C LEU C 398 -22.98 7.85 34.02
N LYS C 399 -21.85 7.16 34.21
CA LYS C 399 -20.82 7.62 35.15
C LYS C 399 -20.12 8.82 34.54
N ILE C 400 -20.51 10.01 34.98
CA ILE C 400 -20.03 11.26 34.40
C ILE C 400 -18.78 11.69 35.16
N VAL C 401 -17.66 11.79 34.43
CA VAL C 401 -16.42 12.31 35.00
C VAL C 401 -16.20 13.71 34.44
N THR C 402 -15.56 14.56 35.23
CA THR C 402 -15.28 15.92 34.83
C THR C 402 -14.04 16.42 35.54
N ILE C 403 -13.50 17.52 35.02
CA ILE C 403 -12.35 18.19 35.62
C ILE C 403 -12.85 19.54 36.13
N HIS C 404 -12.18 20.06 37.16
CA HIS C 404 -12.60 21.32 37.76
C HIS C 404 -12.24 22.49 36.87
N GLN C 405 -13.15 22.84 35.96
CA GLN C 405 -13.01 24.05 35.16
C GLN C 405 -13.63 25.21 35.92
N GLU C 406 -12.94 26.35 35.94
CA GLU C 406 -13.37 27.46 36.80
C GLU C 406 -14.65 28.14 36.33
N PRO C 407 -14.84 28.53 35.05
CA PRO C 407 -16.15 29.10 34.69
C PRO C 407 -17.22 28.06 34.41
N PHE C 408 -16.88 26.78 34.35
CA PHE C 408 -17.82 25.75 33.94
C PHE C 408 -18.24 24.83 35.07
N VAL C 409 -17.33 24.48 35.98
CA VAL C 409 -17.61 23.55 37.08
C VAL C 409 -17.44 24.33 38.38
N TYR C 410 -18.54 24.79 38.96
CA TYR C 410 -18.53 25.47 40.23
C TYR C 410 -18.83 24.44 41.32
N VAL C 411 -17.90 24.29 42.26
CA VAL C 411 -17.96 23.28 43.30
C VAL C 411 -18.12 23.98 44.64
N LYS C 412 -19.13 23.59 45.40
CA LYS C 412 -19.42 24.20 46.70
C LYS C 412 -19.71 23.11 47.72
N PRO C 413 -19.13 23.21 48.92
CA PRO C 413 -19.46 22.25 49.98
C PRO C 413 -20.91 22.35 50.43
N THR C 414 -21.43 21.23 50.92
CA THR C 414 -22.82 21.14 51.33
C THR C 414 -23.06 21.90 52.62
N MET C 415 -24.33 22.19 52.89
CA MET C 415 -24.69 22.96 54.08
C MET C 415 -24.58 22.10 55.34
N SER C 416 -25.39 21.06 55.43
CA SER C 416 -25.35 20.15 56.58
C SER C 416 -24.92 18.74 56.18
N ASP C 417 -25.64 18.09 55.27
CA ASP C 417 -25.30 16.74 54.84
C ASP C 417 -25.91 16.50 53.46
N GLY C 418 -25.09 16.62 52.42
CA GLY C 418 -25.49 16.26 51.08
C GLY C 418 -26.56 17.11 50.45
N THR C 419 -26.78 18.33 50.95
CA THR C 419 -27.80 19.22 50.42
C THR C 419 -27.15 20.37 49.68
N CYS C 420 -27.93 20.97 48.77
CA CYS C 420 -27.47 22.07 47.92
C CYS C 420 -28.28 23.31 48.22
N LYS C 421 -27.60 24.42 48.47
CA LYS C 421 -28.27 25.69 48.72
C LYS C 421 -28.83 26.23 47.41
N GLU C 422 -30.15 26.21 47.28
CA GLU C 422 -30.83 26.65 46.05
C GLU C 422 -30.82 28.17 46.01
N GLU C 423 -29.72 28.72 45.50
CA GLU C 423 -29.61 30.16 45.31
C GLU C 423 -30.24 30.57 43.99
N PHE C 424 -30.83 31.76 43.96
CA PHE C 424 -31.52 32.27 42.79
C PHE C 424 -30.63 33.21 42.02
N THR C 425 -30.72 33.16 40.69
CA THR C 425 -29.97 34.07 39.84
C THR C 425 -30.71 35.39 39.69
N VAL C 426 -30.13 36.29 38.90
CA VAL C 426 -30.74 37.61 38.67
C VAL C 426 -31.86 37.56 37.65
N ASN C 427 -32.02 36.44 36.93
CA ASN C 427 -33.06 36.30 35.93
C ASN C 427 -34.26 35.51 36.44
N GLY C 428 -34.38 35.33 37.75
CA GLY C 428 -35.45 34.54 38.30
C GLY C 428 -35.32 33.05 38.06
N ASP C 429 -34.10 32.56 37.86
CA ASP C 429 -33.86 31.16 37.57
C ASP C 429 -33.10 30.53 38.73
N PRO C 430 -33.65 29.51 39.39
CA PRO C 430 -32.89 28.81 40.43
C PRO C 430 -31.77 27.98 39.83
N VAL C 431 -30.65 27.93 40.56
CA VAL C 431 -29.49 27.19 40.12
C VAL C 431 -29.75 25.70 40.31
N LYS C 432 -29.71 24.95 39.21
CA LYS C 432 -29.92 23.50 39.24
C LYS C 432 -28.57 22.82 39.43
N LYS C 433 -28.24 22.50 40.67
CA LYS C 433 -26.96 21.88 41.01
C LYS C 433 -27.07 20.37 40.83
N VAL C 434 -26.03 19.66 41.27
CA VAL C 434 -26.01 18.20 41.24
C VAL C 434 -25.08 17.73 42.35
N ILE C 435 -25.39 16.56 42.92
CA ILE C 435 -24.56 15.97 43.97
C ILE C 435 -23.39 15.28 43.26
N CYS C 436 -22.26 15.98 43.20
CA CYS C 436 -21.03 15.44 42.65
C CYS C 436 -20.15 14.91 43.77
N THR C 437 -19.19 14.05 43.41
CA THR C 437 -18.27 13.47 44.37
C THR C 437 -16.84 13.81 43.94
N GLY C 438 -16.13 14.56 44.78
CA GLY C 438 -14.79 14.98 44.45
C GLY C 438 -13.86 15.01 45.64
N PRO C 439 -12.56 14.97 45.38
CA PRO C 439 -11.59 15.06 46.48
C PRO C 439 -11.39 16.50 46.93
N ASN C 440 -10.67 16.66 48.04
CA ASN C 440 -10.31 18.00 48.50
C ASN C 440 -9.24 18.63 47.60
N ASP C 441 -8.05 18.05 47.61
CA ASP C 441 -6.87 18.68 47.01
C ASP C 441 -6.08 17.62 46.22
N THR C 442 -4.86 17.98 45.85
CA THR C 442 -3.97 17.08 45.14
C THR C 442 -3.41 16.01 46.09
N SER C 443 -2.84 14.97 45.50
CA SER C 443 -2.33 13.78 46.20
C SER C 443 -1.19 14.03 47.19
N PRO C 444 -0.22 14.95 46.96
CA PRO C 444 0.70 15.25 48.08
C PRO C 444 0.03 15.97 49.23
N GLY C 445 -0.87 16.90 48.96
CA GLY C 445 -1.57 17.60 50.02
C GLY C 445 -2.63 16.76 50.69
N SER C 446 -3.65 16.36 49.94
CA SER C 446 -4.75 15.53 50.43
C SER C 446 -4.76 14.24 49.62
N PRO C 447 -4.18 13.16 50.16
CA PRO C 447 -4.10 11.89 49.41
C PRO C 447 -5.44 11.25 49.10
N ARG C 448 -6.25 10.98 50.14
CA ARG C 448 -7.56 10.34 49.97
C ARG C 448 -8.55 11.00 50.92
N HIS C 449 -9.19 12.08 50.46
CA HIS C 449 -10.29 12.73 51.18
C HIS C 449 -11.33 13.16 50.15
N THR C 450 -12.26 12.27 49.82
CA THR C 450 -13.24 12.49 48.77
C THR C 450 -14.63 12.59 49.37
N VAL C 451 -15.30 13.72 49.14
CA VAL C 451 -16.62 13.97 49.72
C VAL C 451 -17.60 14.28 48.60
N PRO C 452 -18.90 14.03 48.84
CA PRO C 452 -19.92 14.57 47.93
C PRO C 452 -20.28 16.01 48.23
N GLN C 453 -20.11 16.87 47.24
CA GLN C 453 -20.47 18.28 47.34
C GLN C 453 -21.41 18.65 46.20
N CYS C 454 -21.69 19.94 46.02
CA CYS C 454 -22.64 20.41 45.00
C CYS C 454 -21.87 21.01 43.84
N CYS C 455 -22.14 20.53 42.64
CA CYS C 455 -21.51 21.03 41.42
C CYS C 455 -22.58 21.64 40.51
N TYR C 456 -22.25 22.76 39.89
CA TYR C 456 -23.16 23.38 38.92
C TYR C 456 -22.33 24.12 37.87
N GLY C 457 -23.03 24.80 36.97
CA GLY C 457 -22.38 25.59 35.95
C GLY C 457 -22.89 25.36 34.54
N PHE C 458 -21.95 25.34 33.58
CA PHE C 458 -22.31 25.28 32.16
C PHE C 458 -22.62 23.85 31.73
N CYS C 459 -21.63 22.96 31.84
CA CYS C 459 -21.80 21.58 31.40
C CYS C 459 -22.74 20.79 32.28
N ILE C 460 -22.92 21.22 33.54
CA ILE C 460 -23.91 20.59 34.42
C ILE C 460 -25.32 20.82 33.89
N ASP C 461 -25.64 22.07 33.54
CA ASP C 461 -26.94 22.37 32.95
C ASP C 461 -27.07 21.80 31.55
N LEU C 462 -25.96 21.66 30.83
CA LEU C 462 -25.98 20.97 29.55
C LEU C 462 -26.35 19.50 29.71
N LEU C 463 -25.80 18.85 30.74
CA LEU C 463 -26.16 17.46 31.03
C LEU C 463 -27.60 17.34 31.53
N ILE C 464 -28.08 18.36 32.25
CA ILE C 464 -29.49 18.38 32.65
C ILE C 464 -30.40 18.50 31.43
N LYS C 465 -29.98 19.30 30.45
CA LYS C 465 -30.73 19.39 29.19
C LYS C 465 -30.70 18.07 28.42
N LEU C 466 -29.56 17.38 28.45
CA LEU C 466 -29.46 16.08 27.79
C LEU C 466 -30.33 15.04 28.47
N ALA C 467 -30.38 15.06 29.81
CA ALA C 467 -31.24 14.14 30.54
C ALA C 467 -32.72 14.48 30.36
N ARG C 468 -33.05 15.75 30.17
CA ARG C 468 -34.40 16.12 29.77
C ARG C 468 -34.71 15.63 28.36
N THR C 469 -33.71 15.59 27.49
CA THR C 469 -33.90 15.17 26.11
C THR C 469 -34.09 13.66 25.99
N MET C 470 -33.15 12.88 26.54
CA MET C 470 -33.11 11.46 26.29
C MET C 470 -33.49 10.64 27.53
N ASN C 471 -33.45 9.32 27.36
CA ASN C 471 -33.99 8.34 28.30
C ASN C 471 -32.87 7.79 29.18
N PHE C 472 -32.32 8.61 30.07
CA PHE C 472 -31.23 8.10 30.90
C PHE C 472 -31.17 8.85 32.22
N THR C 473 -30.65 8.16 33.24
CA THR C 473 -30.12 8.78 34.44
C THR C 473 -28.59 8.83 34.33
N TYR C 474 -27.94 9.32 35.38
CA TYR C 474 -26.51 9.59 35.28
C TYR C 474 -25.88 9.48 36.66
N GLU C 475 -24.57 9.75 36.72
CA GLU C 475 -23.81 9.72 37.97
C GLU C 475 -22.61 10.64 37.80
N VAL C 476 -22.67 11.83 38.37
CA VAL C 476 -21.62 12.83 38.22
C VAL C 476 -20.54 12.60 39.26
N HIS C 477 -19.30 12.43 38.81
CA HIS C 477 -18.14 12.38 39.69
C HIS C 477 -17.04 13.21 39.05
N LEU C 478 -15.92 13.31 39.74
CA LEU C 478 -14.81 14.15 39.32
C LEU C 478 -13.60 13.29 38.94
N VAL C 479 -12.52 13.96 38.56
CA VAL C 479 -11.27 13.31 38.22
C VAL C 479 -10.29 13.52 39.37
N ALA C 480 -9.36 12.57 39.54
CA ALA C 480 -8.46 12.58 40.69
C ALA C 480 -7.38 13.65 40.63
N ASP C 481 -7.15 14.25 39.46
CA ASP C 481 -6.10 15.26 39.33
C ASP C 481 -6.63 16.55 38.74
N GLY C 482 -5.72 17.46 38.39
CA GLY C 482 -6.11 18.68 37.70
C GLY C 482 -5.54 18.73 36.30
N LYS C 483 -5.42 17.56 35.66
CA LYS C 483 -4.77 17.42 34.38
C LYS C 483 -5.72 16.77 33.38
N PHE C 484 -5.59 17.18 32.12
CA PHE C 484 -6.38 16.57 31.05
C PHE C 484 -5.93 15.14 30.79
N GLY C 485 -4.64 14.94 30.59
CA GLY C 485 -4.09 13.63 30.34
C GLY C 485 -3.13 13.61 29.17
N THR C 486 -1.89 13.18 29.41
CA THR C 486 -0.85 13.16 28.39
C THR C 486 -0.29 11.74 28.25
N GLN C 487 0.25 11.46 27.07
CA GLN C 487 0.84 10.17 26.78
C GLN C 487 2.31 10.21 27.16
N GLU C 488 2.69 9.41 28.15
CA GLU C 488 4.05 9.42 28.68
C GLU C 488 4.48 7.97 28.92
N ARG C 489 5.77 7.70 28.74
CA ARG C 489 6.30 6.37 29.01
C ARG C 489 6.26 6.08 30.51
N VAL C 490 5.56 4.99 30.88
CA VAL C 490 5.67 4.49 32.23
C VAL C 490 7.04 3.84 32.38
N ASN C 491 7.57 3.83 33.62
CA ASN C 491 8.98 3.57 33.81
C ASN C 491 9.32 2.09 33.62
N ASN C 492 8.34 1.22 33.81
CA ASN C 492 8.52 -0.20 33.56
C ASN C 492 8.01 -0.58 32.17
N SER C 493 8.67 -1.58 31.57
CA SER C 493 8.33 -2.25 30.31
C SER C 493 8.43 -1.37 29.06
N ASN C 494 8.78 -0.07 29.20
CA ASN C 494 8.98 0.88 28.11
C ASN C 494 7.72 0.99 27.22
N LYS C 495 6.64 1.45 27.83
CA LYS C 495 5.34 1.56 27.18
C LYS C 495 4.73 2.91 27.47
N LYS C 496 4.23 3.58 26.43
CA LYS C 496 3.54 4.84 26.62
C LYS C 496 2.11 4.59 27.09
N GLU C 497 1.72 5.28 28.16
CA GLU C 497 0.38 5.18 28.73
C GLU C 497 -0.18 6.56 28.92
N TRP C 498 -1.48 6.60 29.24
CA TRP C 498 -2.21 7.84 29.48
C TRP C 498 -2.50 8.01 30.96
N ASN C 499 -3.11 9.14 31.30
CA ASN C 499 -3.54 9.44 32.66
C ASN C 499 -4.69 10.43 32.59
N GLY C 500 -5.11 10.94 33.75
CA GLY C 500 -6.15 11.94 33.81
C GLY C 500 -7.52 11.40 33.42
N MET C 501 -8.27 12.23 32.68
CA MET C 501 -9.60 11.83 32.24
C MET C 501 -9.53 10.76 31.16
N MET C 502 -8.49 10.78 30.34
CA MET C 502 -8.30 9.70 29.37
C MET C 502 -7.87 8.42 30.06
N GLY C 503 -7.10 8.53 31.13
CA GLY C 503 -6.71 7.35 31.88
C GLY C 503 -7.84 6.74 32.67
N GLU C 504 -8.80 7.57 33.11
CA GLU C 504 -9.95 7.06 33.84
C GLU C 504 -11.08 6.61 32.92
N LEU C 505 -11.19 7.18 31.72
CA LEU C 505 -12.24 6.78 30.80
C LEU C 505 -11.92 5.42 30.19
N LEU C 506 -10.68 5.22 29.75
CA LEU C 506 -10.30 3.97 29.11
C LEU C 506 -10.17 2.82 30.10
N SER C 507 -10.07 3.12 31.40
CA SER C 507 -10.02 2.08 32.42
C SER C 507 -11.38 1.47 32.73
N GLY C 508 -12.46 2.04 32.19
CA GLY C 508 -13.80 1.53 32.46
C GLY C 508 -14.46 2.11 33.69
N GLN C 509 -13.73 2.88 34.49
CA GLN C 509 -14.33 3.48 35.68
C GLN C 509 -15.26 4.63 35.34
N ALA C 510 -15.09 5.25 34.17
CA ALA C 510 -15.94 6.34 33.72
C ALA C 510 -16.75 5.90 32.50
N ASP C 511 -17.69 6.77 32.12
CA ASP C 511 -18.55 6.50 30.98
C ASP C 511 -18.53 7.59 29.91
N MET C 512 -18.43 8.85 30.31
CA MET C 512 -18.49 9.96 29.36
C MET C 512 -17.80 11.16 29.96
N ILE C 513 -16.73 11.63 29.30
CA ILE C 513 -16.02 12.83 29.75
C ILE C 513 -16.85 14.03 29.34
N VAL C 514 -17.58 14.61 30.30
CA VAL C 514 -18.34 15.84 30.07
C VAL C 514 -17.44 16.96 30.58
N ALA C 515 -16.65 17.53 29.67
CA ALA C 515 -15.63 18.51 30.00
C ALA C 515 -15.25 19.23 28.72
N PRO C 516 -14.76 20.48 28.81
CA PRO C 516 -14.22 21.13 27.60
C PRO C 516 -12.90 20.51 27.16
N LEU C 517 -12.98 19.35 26.52
CA LEU C 517 -11.81 18.56 26.17
C LEU C 517 -11.19 19.08 24.88
N THR C 518 -9.86 19.14 24.86
CA THR C 518 -9.13 19.67 23.72
C THR C 518 -9.13 18.63 22.60
N ILE C 519 -9.76 18.96 21.48
CA ILE C 519 -9.84 18.06 20.34
C ILE C 519 -8.57 18.21 19.52
N ASN C 520 -7.83 17.11 19.35
CA ASN C 520 -6.62 17.09 18.53
C ASN C 520 -6.57 15.77 17.77
N ASN C 521 -5.41 15.50 17.17
CA ASN C 521 -5.27 14.34 16.30
C ASN C 521 -5.04 13.05 17.09
N GLU C 522 -4.28 13.13 18.20
CA GLU C 522 -3.88 11.93 18.92
C GLU C 522 -5.03 11.29 19.68
N ARG C 523 -5.95 12.10 20.21
CA ARG C 523 -7.06 11.56 20.99
C ARG C 523 -8.09 10.86 20.12
N ALA C 524 -8.30 11.35 18.89
CA ALA C 524 -9.25 10.73 17.99
C ALA C 524 -8.76 9.41 17.41
N GLN C 525 -7.46 9.13 17.50
CA GLN C 525 -6.93 7.84 17.06
C GLN C 525 -7.35 6.71 17.99
N TYR C 526 -7.73 7.00 19.22
CA TYR C 526 -8.04 6.00 20.23
C TYR C 526 -9.52 5.94 20.59
N ILE C 527 -10.19 7.09 20.69
CA ILE C 527 -11.62 7.12 20.99
C ILE C 527 -12.34 7.83 19.86
N GLU C 528 -13.67 7.93 19.99
CA GLU C 528 -14.49 8.65 19.03
C GLU C 528 -14.95 9.98 19.63
N PHE C 529 -15.31 10.91 18.76
CA PHE C 529 -15.70 12.25 19.15
C PHE C 529 -17.14 12.54 18.74
N SER C 530 -17.69 13.59 19.33
CA SER C 530 -19.00 14.12 18.99
C SER C 530 -18.84 15.51 18.38
N LYS C 531 -19.96 16.17 18.14
CA LYS C 531 -19.90 17.53 17.61
C LYS C 531 -19.48 18.51 18.70
N PRO C 532 -18.57 19.44 18.40
CA PRO C 532 -18.11 20.38 19.44
C PRO C 532 -19.19 21.39 19.80
N PHE C 533 -19.23 21.71 21.09
CA PHE C 533 -20.15 22.73 21.60
C PHE C 533 -19.50 24.09 21.78
N LYS C 534 -18.21 24.12 22.12
CA LYS C 534 -17.51 25.37 22.36
C LYS C 534 -16.61 25.65 21.16
N TYR C 535 -16.52 26.93 20.77
CA TYR C 535 -15.70 27.33 19.64
C TYR C 535 -14.95 28.60 20.01
N GLN C 536 -13.63 28.48 20.15
CA GLN C 536 -12.82 29.59 20.64
C GLN C 536 -11.37 29.38 20.21
N GLY C 537 -10.57 30.43 20.41
CA GLY C 537 -9.17 30.40 20.02
C GLY C 537 -8.22 30.44 21.19
N LEU C 538 -7.03 31.03 20.97
CA LEU C 538 -6.02 31.14 22.00
C LEU C 538 -5.65 32.60 22.21
N THR C 539 -5.19 32.92 23.42
CA THR C 539 -4.90 34.29 23.82
C THR C 539 -3.95 34.26 25.02
N ILE C 540 -3.56 35.45 25.45
CA ILE C 540 -2.54 35.65 26.47
C ILE C 540 -3.13 36.51 27.58
N LEU C 541 -3.02 36.05 28.82
CA LEU C 541 -3.50 36.81 29.97
C LEU C 541 -2.38 37.72 30.48
N VAL C 542 -2.62 39.03 30.41
CA VAL C 542 -1.66 40.01 30.94
C VAL C 542 -2.36 40.87 31.99
N LYS C 543 -1.61 41.80 32.59
CA LYS C 543 -2.12 42.68 33.64
C LYS C 543 -1.95 44.12 33.22
N LYS C 544 -3.04 44.89 33.26
CA LYS C 544 -2.97 46.32 32.99
C LYS C 544 -3.67 47.11 34.09
N PRO C 660 4.58 52.79 27.22
CA PRO C 660 5.14 51.44 27.31
C PRO C 660 4.11 50.39 26.92
N GLU C 661 4.53 49.47 26.06
CA GLU C 661 3.63 48.42 25.54
C GLU C 661 3.55 47.29 26.56
N GLU C 662 2.55 47.36 27.43
CA GLU C 662 2.29 46.29 28.37
C GLU C 662 1.69 45.06 27.69
N ARG C 663 1.13 45.24 26.50
CA ARG C 663 0.57 44.13 25.75
C ARG C 663 1.67 43.36 25.03
N ILE C 664 1.30 42.17 24.53
CA ILE C 664 2.24 41.29 23.86
C ILE C 664 1.97 41.18 22.36
N THR C 665 0.71 41.38 21.94
CA THR C 665 0.21 41.15 20.58
C THR C 665 0.54 39.74 20.09
N GLY C 666 0.19 38.75 20.93
CA GLY C 666 0.23 37.36 20.52
C GLY C 666 1.62 36.76 20.50
N ILE C 667 1.77 35.73 19.65
CA ILE C 667 3.01 34.97 19.57
C ILE C 667 4.09 35.73 18.80
N ASN C 668 3.70 36.73 18.01
CA ASN C 668 4.61 37.44 17.12
C ASN C 668 5.46 38.50 17.83
N ASP C 669 5.51 38.50 19.15
CA ASP C 669 6.41 39.38 19.88
C ASP C 669 7.83 38.84 19.76
N PRO C 670 8.79 39.60 19.22
CA PRO C 670 10.16 39.08 19.10
C PRO C 670 10.86 38.88 20.44
N ARG C 671 10.42 39.55 21.50
CA ARG C 671 11.03 39.35 22.81
C ARG C 671 10.61 38.02 23.44
N LEU C 672 9.51 37.43 22.97
CA LEU C 672 9.09 36.12 23.46
C LEU C 672 9.57 34.98 22.56
N ARG C 673 10.03 35.28 21.35
CA ARG C 673 10.64 34.25 20.51
C ARG C 673 11.96 33.79 21.11
N ASN C 674 12.79 34.73 21.55
CA ASN C 674 14.01 34.44 22.31
C ASN C 674 13.79 34.98 23.73
N PRO C 675 13.26 34.17 24.64
CA PRO C 675 12.83 34.69 25.95
C PRO C 675 14.01 34.88 26.89
N SER C 676 13.69 35.35 28.09
CA SER C 676 14.66 35.56 29.16
C SER C 676 13.94 35.35 30.49
N ASP C 677 14.57 35.81 31.57
CA ASP C 677 14.00 35.72 32.90
C ASP C 677 13.03 36.86 33.22
N LYS C 678 12.75 37.73 32.25
CA LYS C 678 11.87 38.88 32.48
C LYS C 678 10.42 38.56 32.13
N PHE C 679 10.17 38.19 30.88
CA PHE C 679 8.81 37.89 30.42
C PHE C 679 8.48 36.44 30.77
N ILE C 680 7.67 36.26 31.81
CA ILE C 680 7.34 34.93 32.32
C ILE C 680 6.03 34.50 31.66
N TYR C 681 6.15 33.63 30.66
CA TYR C 681 4.99 32.98 30.05
C TYR C 681 5.02 31.50 30.40
N ALA C 682 3.85 30.95 30.70
CA ALA C 682 3.77 29.57 31.17
C ALA C 682 2.44 28.97 30.75
N THR C 683 2.22 27.72 31.14
CA THR C 683 1.00 27.00 30.80
C THR C 683 0.71 25.98 31.89
N VAL C 684 -0.40 25.26 31.72
CA VAL C 684 -0.79 24.23 32.66
C VAL C 684 0.11 23.01 32.48
N LYS C 685 0.54 22.41 33.61
CA LYS C 685 1.33 21.20 33.57
C LYS C 685 0.51 20.05 32.98
N GLN C 686 1.14 19.33 32.03
CA GLN C 686 0.55 18.20 31.31
C GLN C 686 -0.76 18.58 30.61
N SER C 687 -0.72 19.69 29.89
CA SER C 687 -1.85 20.16 29.11
C SER C 687 -1.68 19.80 27.65
N SER C 688 -2.79 19.88 26.91
CA SER C 688 -2.75 19.57 25.48
C SER C 688 -2.11 20.69 24.67
N VAL C 689 -2.01 21.89 25.23
CA VAL C 689 -1.29 22.98 24.59
C VAL C 689 0.21 22.67 24.54
N ASP C 690 0.72 21.95 25.55
CA ASP C 690 2.10 21.51 25.55
C ASP C 690 2.38 20.51 24.44
N ILE C 691 1.43 19.60 24.18
CA ILE C 691 1.60 18.65 23.09
C ILE C 691 1.46 19.35 21.74
N TYR C 692 0.53 20.31 21.67
CA TYR C 692 0.33 21.08 20.44
C TYR C 692 1.54 21.92 20.08
N PHE C 693 2.26 22.42 21.09
CA PHE C 693 3.52 23.12 20.84
C PHE C 693 4.71 22.18 20.72
N ARG C 694 4.57 20.95 21.22
CA ARG C 694 5.61 19.95 21.02
C ARG C 694 5.63 19.44 19.58
N ARG C 695 4.46 19.37 18.95
CA ARG C 695 4.43 19.05 17.52
C ARG C 695 5.05 20.17 16.69
N GLN C 696 4.80 21.42 17.09
CA GLN C 696 5.41 22.57 16.41
C GLN C 696 6.88 22.67 16.76
N VAL C 697 7.75 22.09 15.93
CA VAL C 697 9.18 22.03 16.23
C VAL C 697 9.90 23.34 15.96
N GLU C 698 9.24 24.31 15.32
CA GLU C 698 9.85 25.58 15.01
C GLU C 698 9.86 26.54 16.19
N LEU C 699 9.13 26.24 17.26
CA LEU C 699 9.12 27.03 18.49
C LEU C 699 9.44 26.15 19.69
N SER C 700 10.51 25.35 19.56
CA SER C 700 10.92 24.47 20.66
C SER C 700 11.54 25.24 21.82
N THR C 701 12.02 26.47 21.58
CA THR C 701 12.56 27.30 22.65
C THR C 701 11.48 27.68 23.64
N MET C 702 10.24 27.91 23.15
CA MET C 702 9.10 28.07 24.05
C MET C 702 8.78 26.76 24.76
N TYR C 703 9.10 25.63 24.14
CA TYR C 703 8.90 24.34 24.80
C TYR C 703 9.88 24.13 25.93
N ARG C 704 11.08 24.70 25.82
CA ARG C 704 12.10 24.61 26.85
C ARG C 704 11.98 25.72 27.89
N HIS C 705 11.08 26.67 27.70
CA HIS C 705 10.89 27.78 28.62
C HIS C 705 9.70 27.61 29.55
N MET C 706 8.59 27.07 29.04
CA MET C 706 7.42 26.84 29.87
C MET C 706 7.58 25.64 30.79
N GLU C 707 8.57 24.79 30.53
CA GLU C 707 8.81 23.62 31.37
C GLU C 707 9.35 23.99 32.74
N LYS C 708 9.90 25.19 32.90
CA LYS C 708 10.38 25.64 34.20
C LYS C 708 9.28 26.26 35.05
N HIS C 709 8.09 26.48 34.50
CA HIS C 709 7.04 27.19 35.21
C HIS C 709 5.67 26.52 35.01
N ASN C 710 5.64 25.20 34.86
CA ASN C 710 4.37 24.49 34.68
C ASN C 710 3.58 24.47 35.99
N TYR C 711 2.37 24.99 35.95
CA TYR C 711 1.47 25.00 37.11
C TYR C 711 0.43 23.90 36.97
N GLU C 712 -0.08 23.46 38.12
CA GLU C 712 -1.02 22.34 38.14
C GLU C 712 -2.40 22.76 37.62
N SER C 713 -2.92 23.86 38.13
CA SER C 713 -4.24 24.34 37.73
C SER C 713 -4.15 25.78 37.25
N ALA C 714 -5.19 26.20 36.52
CA ALA C 714 -5.25 27.57 36.02
C ALA C 714 -5.55 28.56 37.14
N ALA C 715 -6.18 28.11 38.23
CA ALA C 715 -6.41 28.98 39.38
C ALA C 715 -5.10 29.37 40.05
N GLU C 716 -4.11 28.46 40.04
CA GLU C 716 -2.77 28.81 40.51
C GLU C 716 -2.15 29.87 39.62
N ALA C 717 -2.40 29.82 38.32
CA ALA C 717 -1.89 30.83 37.40
C ALA C 717 -2.57 32.18 37.63
N ILE C 718 -3.88 32.15 37.92
CA ILE C 718 -4.60 33.39 38.22
C ILE C 718 -4.11 34.00 39.54
N GLN C 719 -3.86 33.16 40.54
CA GLN C 719 -3.34 33.63 41.83
C GLN C 719 -1.92 34.18 41.69
N ALA C 720 -1.12 33.56 40.82
CA ALA C 720 0.25 34.05 40.62
C ALA C 720 0.30 35.31 39.77
N VAL C 721 -0.63 35.47 38.84
CA VAL C 721 -0.63 36.68 38.00
C VAL C 721 -1.33 37.84 38.70
N ARG C 722 -2.20 37.57 39.68
CA ARG C 722 -2.77 38.65 40.48
C ARG C 722 -1.73 39.22 41.44
N ASP C 723 -0.85 38.36 41.97
CA ASP C 723 0.22 38.78 42.86
C ASP C 723 1.47 39.23 42.11
N ASN C 724 1.37 39.43 40.79
CA ASN C 724 2.43 39.95 39.92
C ASN C 724 3.66 39.06 39.91
N LYS C 725 3.47 37.75 39.99
CA LYS C 725 4.58 36.81 39.84
C LYS C 725 4.72 36.32 38.40
N LEU C 726 3.62 36.26 37.66
CA LEU C 726 3.64 35.89 36.25
C LEU C 726 3.59 37.14 35.37
N HIS C 727 3.76 36.92 34.07
CA HIS C 727 3.65 37.99 33.09
C HIS C 727 2.82 37.62 31.88
N ALA C 728 2.64 36.34 31.57
CA ALA C 728 1.86 35.92 30.41
C ALA C 728 1.40 34.49 30.65
N PHE C 729 0.30 34.12 29.99
CA PHE C 729 -0.27 32.79 30.17
C PHE C 729 -1.07 32.43 28.92
N ILE C 730 -0.66 31.38 28.22
CA ILE C 730 -1.36 30.91 27.03
C ILE C 730 -2.61 30.16 27.47
N TRP C 731 -3.79 30.66 27.06
CA TRP C 731 -5.03 30.01 27.45
C TRP C 731 -6.12 30.37 26.44
N ASP C 732 -7.23 29.65 26.51
CA ASP C 732 -8.37 29.84 25.64
C ASP C 732 -9.01 31.22 25.85
N SER C 733 -9.85 31.60 24.89
CA SER C 733 -10.31 32.98 24.77
C SER C 733 -11.40 33.31 25.78
N ALA C 734 -12.53 32.59 25.71
CA ALA C 734 -13.73 32.98 26.44
C ALA C 734 -13.62 32.78 27.95
N VAL C 735 -12.77 31.85 28.39
CA VAL C 735 -12.54 31.69 29.83
C VAL C 735 -11.83 32.92 30.39
N LEU C 736 -10.80 33.40 29.68
CA LEU C 736 -10.12 34.62 30.11
C LEU C 736 -10.99 35.85 29.90
N GLU C 737 -11.92 35.83 28.93
CA GLU C 737 -12.87 36.92 28.80
C GLU C 737 -13.84 36.95 29.98
N PHE C 738 -14.26 35.78 30.46
CA PHE C 738 -15.11 35.71 31.64
C PHE C 738 -14.34 36.16 32.89
N GLU C 739 -13.06 35.81 32.97
CA GLU C 739 -12.25 36.27 34.10
C GLU C 739 -11.97 37.77 34.02
N ALA C 740 -11.90 38.32 32.80
CA ALA C 740 -11.81 39.77 32.63
C ALA C 740 -13.11 40.45 33.03
N SER C 741 -14.24 39.78 32.81
CA SER C 741 -15.51 40.27 33.35
C SER C 741 -15.53 40.19 34.87
N GLN C 742 -14.86 39.20 35.45
CA GLN C 742 -14.74 39.11 36.90
C GLN C 742 -13.82 40.20 37.44
N LYS C 743 -12.60 40.28 36.91
CA LYS C 743 -11.59 41.24 37.36
C LYS C 743 -11.15 42.09 36.18
N CYS C 744 -11.33 43.40 36.30
CA CYS C 744 -11.10 44.32 35.18
C CYS C 744 -9.63 44.47 34.81
N ASP C 745 -8.71 44.11 35.71
CA ASP C 745 -7.30 44.22 35.39
C ASP C 745 -6.81 43.15 34.43
N LEU C 746 -7.57 42.07 34.27
CA LEU C 746 -7.18 40.98 33.39
C LEU C 746 -7.46 41.37 31.94
N VAL C 747 -6.43 41.32 31.09
CA VAL C 747 -6.50 41.80 29.72
C VAL C 747 -6.03 40.68 28.80
N THR C 748 -6.79 40.42 27.73
CA THR C 748 -6.40 39.46 26.71
C THR C 748 -5.56 40.13 25.63
N THR C 749 -4.88 39.32 24.82
CA THR C 749 -4.01 39.84 23.78
C THR C 749 -4.78 40.03 22.48
N GLY C 750 -4.10 40.56 21.47
CA GLY C 750 -4.73 40.90 20.20
C GLY C 750 -4.87 39.75 19.23
N GLU C 751 -3.87 38.88 19.14
CA GLU C 751 -3.89 37.81 18.15
C GLU C 751 -4.86 36.71 18.56
N LEU C 752 -5.67 36.25 17.61
CA LEU C 752 -6.62 35.16 17.80
C LEU C 752 -6.24 34.05 16.84
N PHE C 753 -5.42 33.11 17.30
CA PHE C 753 -4.96 31.99 16.50
C PHE C 753 -5.46 30.69 17.12
N PHE C 754 -5.42 29.63 16.30
CA PHE C 754 -5.90 28.29 16.61
C PHE C 754 -7.37 28.33 17.07
N ARG C 755 -8.22 28.74 16.12
CA ARG C 755 -9.66 28.81 16.34
C ARG C 755 -10.19 27.38 16.27
N SER C 756 -10.28 26.74 17.43
CA SER C 756 -10.65 25.33 17.52
C SER C 756 -11.96 25.19 18.29
N GLY C 757 -12.33 23.94 18.53
CA GLY C 757 -13.59 23.64 19.19
C GLY C 757 -13.43 22.57 20.25
N PHE C 758 -14.25 22.67 21.28
CA PHE C 758 -14.28 21.73 22.38
C PHE C 758 -15.61 20.98 22.37
N GLY C 759 -15.54 19.66 22.51
CA GLY C 759 -16.72 18.83 22.56
C GLY C 759 -16.78 17.96 23.80
N ILE C 760 -17.55 16.89 23.73
CA ILE C 760 -17.75 15.97 24.85
C ILE C 760 -16.91 14.73 24.60
N GLY C 761 -16.10 14.36 25.59
CA GLY C 761 -15.29 13.16 25.48
C GLY C 761 -16.16 11.91 25.49
N MET C 762 -15.95 11.04 24.51
CA MET C 762 -16.82 9.91 24.25
C MET C 762 -16.03 8.61 24.21
N ARG C 763 -16.77 7.51 24.19
CA ARG C 763 -16.24 6.17 24.07
C ARG C 763 -16.11 5.82 22.58
N LYS C 764 -15.97 4.53 22.27
CA LYS C 764 -15.98 4.01 20.91
C LYS C 764 -17.40 3.92 20.37
N ASP C 765 -17.59 3.14 19.29
CA ASP C 765 -18.89 2.93 18.65
C ASP C 765 -19.92 2.43 19.66
N SER C 766 -20.93 3.27 19.90
CA SER C 766 -21.84 3.15 21.02
C SER C 766 -23.22 3.62 20.58
N PRO C 767 -24.29 3.09 21.19
CA PRO C 767 -25.63 3.64 20.91
C PRO C 767 -25.86 5.03 21.48
N TRP C 768 -24.95 5.56 22.30
CA TRP C 768 -25.01 6.94 22.76
C TRP C 768 -24.18 7.88 21.87
N LYS C 769 -24.09 7.59 20.57
CA LYS C 769 -23.35 8.44 19.66
C LYS C 769 -24.27 9.24 18.74
N GLN C 770 -25.21 8.57 18.07
CA GLN C 770 -26.04 9.24 17.08
C GLN C 770 -27.12 10.09 17.73
N ASN C 771 -27.84 9.52 18.70
CA ASN C 771 -28.86 10.25 19.46
C ASN C 771 -28.28 11.46 20.17
N VAL C 772 -27.10 11.30 20.77
CA VAL C 772 -26.49 12.38 21.54
C VAL C 772 -25.98 13.47 20.61
N SER C 773 -25.42 13.10 19.46
CA SER C 773 -24.98 14.11 18.50
C SER C 773 -26.15 14.86 17.88
N LEU C 774 -27.28 14.16 17.64
CA LEU C 774 -28.47 14.86 17.16
C LEU C 774 -29.05 15.78 18.22
N SER C 775 -28.96 15.38 19.50
CA SER C 775 -29.39 16.27 20.58
C SER C 775 -28.49 17.49 20.71
N ILE C 776 -27.18 17.32 20.51
CA ILE C 776 -26.25 18.44 20.53
C ILE C 776 -26.53 19.39 19.37
N LEU C 777 -26.81 18.84 18.19
CA LEU C 777 -27.14 19.68 17.03
C LEU C 777 -28.48 20.40 17.21
N LYS C 778 -29.44 19.74 17.88
CA LYS C 778 -30.69 20.40 18.25
C LYS C 778 -30.44 21.53 19.24
N SER C 779 -29.46 21.36 20.13
CA SER C 779 -29.08 22.46 21.03
C SER C 779 -28.34 23.56 20.28
N HIS C 780 -27.65 23.22 19.19
CA HIS C 780 -26.97 24.24 18.40
C HIS C 780 -27.95 25.08 17.59
N GLU C 781 -28.98 24.44 17.02
CA GLU C 781 -29.83 25.15 16.07
C GLU C 781 -30.75 26.17 16.74
N ASN C 782 -31.14 25.93 18.00
CA ASN C 782 -32.05 26.83 18.67
C ASN C 782 -31.27 27.85 19.51
N GLY C 783 -32.01 28.64 20.29
CA GLY C 783 -31.41 29.66 21.12
C GLY C 783 -31.04 29.19 22.51
N PHE C 784 -30.89 27.88 22.68
CA PHE C 784 -30.48 27.35 23.98
C PHE C 784 -29.01 27.64 24.26
N MET C 785 -28.19 27.73 23.22
CA MET C 785 -26.83 28.21 23.38
C MET C 785 -26.82 29.66 23.85
N GLU C 786 -27.76 30.47 23.35
CA GLU C 786 -27.90 31.83 23.83
C GLU C 786 -28.41 31.87 25.26
N ASP C 787 -29.24 30.90 25.65
CA ASP C 787 -29.68 30.81 27.04
C ASP C 787 -28.53 30.45 27.96
N LEU C 788 -27.66 29.53 27.53
CA LEU C 788 -26.47 29.20 28.30
C LEU C 788 -25.48 30.36 28.34
N ASP C 789 -25.48 31.21 27.31
CA ASP C 789 -24.72 32.45 27.37
C ASP C 789 -25.32 33.41 28.38
N LYS C 790 -26.65 33.47 28.44
CA LYS C 790 -27.34 34.32 29.42
C LYS C 790 -27.10 33.84 30.85
N THR C 791 -26.83 32.55 31.04
CA THR C 791 -26.48 32.07 32.37
C THR C 791 -25.12 32.59 32.81
N TRP C 792 -24.09 32.35 32.01
CA TRP C 792 -22.74 32.70 32.47
C TRP C 792 -21.94 33.53 31.48
N VAL C 793 -22.06 33.27 30.17
CA VAL C 793 -21.11 33.81 29.22
C VAL C 793 -21.43 35.27 28.88
N ARG C 794 -22.67 35.56 28.52
CA ARG C 794 -23.04 36.91 28.09
C ARG C 794 -23.06 37.88 29.28
N TYR C 795 -23.39 37.40 30.47
CA TYR C 795 -23.42 38.25 31.65
C TYR C 795 -22.01 38.64 32.07
N GLN C 796 -21.83 39.91 32.38
CA GLN C 796 -20.54 40.46 32.81
C GLN C 796 -20.67 41.03 34.21
N GLU C 797 -19.52 41.25 34.84
CA GLU C 797 -19.49 41.81 36.18
C GLU C 797 -18.55 43.02 36.26
N LEU D 34 25.20 -30.32 41.14
CA LEU D 34 24.52 -31.58 41.34
C LEU D 34 24.85 -32.57 40.23
N ASN D 35 24.02 -33.61 40.10
CA ASN D 35 24.18 -34.61 39.05
C ASN D 35 23.79 -33.99 37.71
N ILE D 36 24.78 -33.56 36.94
CA ILE D 36 24.57 -32.86 35.68
C ILE D 36 25.36 -33.57 34.59
N ALA D 37 24.70 -33.88 33.47
CA ALA D 37 25.35 -34.47 32.32
C ALA D 37 25.38 -33.47 31.19
N VAL D 38 26.55 -33.29 30.60
CA VAL D 38 26.75 -32.41 29.45
C VAL D 38 27.14 -33.30 28.27
N LEU D 39 26.21 -33.48 27.35
CA LEU D 39 26.48 -34.20 26.11
C LEU D 39 26.57 -33.20 24.98
N LEU D 40 27.49 -33.44 24.05
CA LEU D 40 27.72 -32.51 22.95
C LEU D 40 27.76 -33.26 21.63
N GLY D 41 26.93 -32.82 20.69
CA GLY D 41 26.98 -33.33 19.33
C GLY D 41 27.67 -32.36 18.41
N HIS D 42 28.93 -32.64 18.05
CA HIS D 42 29.74 -31.69 17.30
C HIS D 42 30.62 -32.41 16.29
N SER D 43 30.92 -31.70 15.20
CA SER D 43 32.00 -32.09 14.31
C SER D 43 33.24 -31.24 14.51
N HIS D 44 33.08 -30.01 15.00
CA HIS D 44 34.19 -29.20 15.47
C HIS D 44 34.80 -29.85 16.69
N ASP D 45 36.10 -30.20 16.62
CA ASP D 45 36.73 -31.10 17.57
C ASP D 45 36.94 -30.41 18.91
N VAL D 46 35.88 -30.41 19.72
CA VAL D 46 35.97 -30.04 21.12
C VAL D 46 36.05 -31.35 21.91
N THR D 47 37.22 -31.64 22.47
CA THR D 47 37.48 -32.93 23.09
C THR D 47 36.79 -33.01 24.46
N GLU D 48 36.99 -34.13 25.15
CA GLU D 48 36.25 -34.40 26.38
C GLU D 48 37.01 -34.03 27.65
N ARG D 49 38.35 -33.99 27.60
CA ARG D 49 39.12 -33.85 28.85
C ARG D 49 39.11 -32.43 29.39
N GLU D 50 38.92 -31.41 28.53
CA GLU D 50 38.78 -30.05 29.04
C GLU D 50 37.42 -29.85 29.69
N LEU D 51 36.43 -30.70 29.37
CA LEU D 51 35.17 -30.67 30.09
C LEU D 51 35.31 -31.31 31.46
N ARG D 52 36.17 -32.33 31.58
CA ARG D 52 36.50 -32.89 32.89
C ARG D 52 37.31 -31.89 33.71
N ASN D 53 38.13 -31.08 33.04
CA ASN D 53 38.81 -29.97 33.72
C ASN D 53 37.91 -28.75 33.89
N LEU D 54 36.66 -28.80 33.42
CA LEU D 54 35.71 -27.72 33.61
C LEU D 54 34.82 -27.95 34.83
N TRP D 55 35.34 -28.62 35.84
CA TRP D 55 34.62 -28.89 37.09
C TRP D 55 35.41 -28.54 38.34
N GLY D 56 36.74 -28.54 38.29
CA GLY D 56 37.59 -28.31 39.44
C GLY D 56 37.49 -26.93 40.07
N PRO D 57 37.96 -25.90 39.37
CA PRO D 57 37.84 -24.54 39.91
C PRO D 57 36.42 -24.01 39.90
N GLU D 58 35.53 -24.60 39.11
CA GLU D 58 34.12 -24.26 39.17
C GLU D 58 33.51 -24.73 40.48
N GLN D 59 32.56 -23.94 41.00
CA GLN D 59 31.92 -24.12 42.31
C GLN D 59 32.98 -24.21 43.42
N ALA D 60 33.66 -23.07 43.59
CA ALA D 60 34.69 -22.97 44.62
C ALA D 60 34.10 -23.00 46.02
N THR D 61 32.89 -22.47 46.19
CA THR D 61 32.14 -22.53 47.44
C THR D 61 30.98 -23.50 47.21
N GLY D 62 31.20 -24.77 47.53
CA GLY D 62 30.22 -25.79 47.20
C GLY D 62 29.09 -25.91 48.20
N LEU D 63 27.94 -25.33 47.87
CA LEU D 63 26.76 -25.45 48.71
C LEU D 63 26.02 -26.79 48.51
N PRO D 64 25.86 -27.33 47.30
CA PRO D 64 25.41 -28.74 47.22
C PRO D 64 26.56 -29.67 47.58
N LEU D 65 26.25 -30.68 48.40
CA LEU D 65 27.26 -31.62 48.84
C LEU D 65 27.58 -32.67 47.78
N ASP D 66 26.59 -33.06 46.98
CA ASP D 66 26.74 -34.11 45.98
C ASP D 66 26.64 -33.51 44.58
N VAL D 67 27.79 -33.12 44.03
CA VAL D 67 27.89 -32.54 42.70
C VAL D 67 28.72 -33.48 41.85
N ASN D 68 28.13 -33.98 40.75
CA ASN D 68 28.80 -34.91 39.86
C ASN D 68 28.42 -34.57 38.43
N VAL D 69 29.41 -34.29 37.59
CA VAL D 69 29.18 -33.98 36.19
C VAL D 69 29.69 -35.12 35.33
N VAL D 70 28.99 -35.36 34.22
CA VAL D 70 29.35 -36.42 33.28
C VAL D 70 29.40 -35.80 31.89
N ALA D 71 30.58 -35.82 31.28
CA ALA D 71 30.79 -35.26 29.95
C ALA D 71 30.75 -36.35 28.90
N LEU D 72 29.94 -36.16 27.87
CA LEU D 72 29.80 -37.14 26.80
C LEU D 72 29.83 -36.45 25.43
N LEU D 73 30.40 -37.15 24.46
CA LEU D 73 30.51 -36.63 23.09
C LEU D 73 29.91 -37.64 22.14
N MET D 74 29.00 -37.18 21.29
CA MET D 74 28.34 -38.03 20.29
C MET D 74 28.53 -37.40 18.92
N ASN D 75 28.80 -38.24 17.91
CA ASN D 75 29.00 -37.70 16.57
C ASN D 75 27.72 -37.77 15.73
N ARG D 76 26.87 -38.77 15.96
CA ARG D 76 25.62 -38.85 15.24
C ARG D 76 24.57 -37.96 15.92
N THR D 77 23.72 -37.35 15.10
CA THR D 77 22.75 -36.36 15.57
C THR D 77 21.32 -36.80 15.26
N ASP D 78 21.05 -38.11 15.35
CA ASP D 78 19.67 -38.54 15.14
C ASP D 78 18.91 -38.55 16.48
N PRO D 79 17.59 -38.39 16.46
CA PRO D 79 16.83 -38.41 17.72
C PRO D 79 16.78 -39.76 18.40
N LYS D 80 17.10 -40.85 17.68
CA LYS D 80 17.23 -42.17 18.29
C LYS D 80 18.30 -42.17 19.37
N SER D 81 19.49 -41.68 19.03
CA SER D 81 20.58 -41.58 20.00
C SER D 81 20.26 -40.57 21.09
N LEU D 82 19.47 -39.53 20.76
CA LEU D 82 19.05 -38.56 21.77
C LEU D 82 18.20 -39.21 22.84
N ILE D 83 17.16 -39.93 22.44
CA ILE D 83 16.28 -40.62 23.38
C ILE D 83 17.04 -41.71 24.12
N THR D 84 17.96 -42.40 23.42
CA THR D 84 18.73 -43.48 24.03
C THR D 84 19.66 -42.96 25.12
N HIS D 85 20.42 -41.89 24.84
CA HIS D 85 21.33 -41.36 25.84
C HIS D 85 20.59 -40.63 26.96
N VAL D 86 19.41 -40.05 26.68
CA VAL D 86 18.62 -39.47 27.76
C VAL D 86 18.11 -40.56 28.71
N CYS D 87 17.63 -41.67 28.14
CA CYS D 87 17.16 -42.77 28.99
C CYS D 87 18.32 -43.48 29.70
N ASP D 88 19.52 -43.41 29.12
CA ASP D 88 20.68 -43.99 29.80
C ASP D 88 21.17 -43.10 30.94
N LEU D 89 21.19 -41.78 30.74
CA LEU D 89 21.70 -40.88 31.75
C LEU D 89 20.68 -40.58 32.85
N MET D 90 19.38 -40.65 32.54
CA MET D 90 18.38 -40.46 33.58
C MET D 90 18.35 -41.65 34.53
N SER D 91 18.51 -42.86 33.99
CA SER D 91 18.71 -44.04 34.82
C SER D 91 20.13 -44.13 35.37
N GLY D 92 21.05 -43.33 34.84
CA GLY D 92 22.42 -43.32 35.32
C GLY D 92 22.60 -42.54 36.59
N ALA D 93 22.14 -43.13 37.71
CA ALA D 93 22.25 -42.58 39.06
C ALA D 93 21.56 -41.23 39.20
N ARG D 94 20.43 -41.07 38.50
CA ARG D 94 19.49 -39.96 38.67
C ARG D 94 20.13 -38.59 38.37
N ILE D 95 20.51 -38.40 37.12
CA ILE D 95 21.07 -37.13 36.67
C ILE D 95 19.93 -36.13 36.46
N HIS D 96 20.06 -34.95 37.06
CA HIS D 96 19.00 -33.95 37.06
C HIS D 96 19.24 -32.80 36.10
N GLY D 97 20.47 -32.57 35.66
CA GLY D 97 20.81 -31.47 34.77
C GLY D 97 21.30 -31.98 33.44
N LEU D 98 20.84 -31.35 32.35
CA LEU D 98 21.22 -31.74 31.01
C LEU D 98 21.57 -30.50 30.20
N VAL D 99 22.74 -30.53 29.55
CA VAL D 99 23.27 -29.42 28.78
C VAL D 99 23.70 -29.97 27.42
N PHE D 100 23.16 -29.41 26.35
CA PHE D 100 23.41 -29.95 25.01
C PHE D 100 23.71 -28.84 24.03
N GLY D 101 24.65 -29.11 23.11
CA GLY D 101 24.92 -28.22 22.00
C GLY D 101 24.98 -28.99 20.70
N ASP D 102 24.91 -28.25 19.60
CA ASP D 102 24.85 -28.84 18.27
C ASP D 102 25.71 -28.02 17.31
N ASP D 103 26.27 -28.70 16.31
CA ASP D 103 27.04 -28.03 15.28
C ASP D 103 26.28 -27.78 13.99
N THR D 104 25.24 -28.57 13.71
CA THR D 104 24.50 -28.46 12.46
C THR D 104 23.44 -27.36 12.59
N ASP D 105 22.54 -27.31 11.61
CA ASP D 105 21.49 -26.28 11.58
C ASP D 105 20.11 -26.92 11.52
N GLN D 106 19.89 -27.93 12.37
CA GLN D 106 18.62 -28.65 12.42
C GLN D 106 17.83 -28.18 13.64
N GLU D 107 16.81 -27.35 13.40
CA GLU D 107 16.03 -26.77 14.48
C GLU D 107 15.03 -27.75 15.11
N ALA D 108 14.86 -28.93 14.53
CA ALA D 108 13.93 -29.92 15.10
C ALA D 108 14.51 -30.59 16.35
N VAL D 109 15.84 -30.53 16.52
CA VAL D 109 16.47 -31.15 17.69
C VAL D 109 16.06 -30.43 18.97
N ALA D 110 15.92 -29.10 18.90
CA ALA D 110 15.46 -28.33 20.05
C ALA D 110 14.02 -28.66 20.39
N GLN D 111 13.18 -28.93 19.38
CA GLN D 111 11.81 -29.32 19.64
C GLN D 111 11.73 -30.72 20.25
N MET D 112 12.60 -31.62 19.78
CA MET D 112 12.68 -32.95 20.37
C MET D 112 13.12 -32.89 21.83
N LEU D 113 14.12 -32.05 22.13
CA LEU D 113 14.55 -31.90 23.51
C LEU D 113 13.51 -31.18 24.36
N ASP D 114 12.71 -30.31 23.75
CA ASP D 114 11.59 -29.69 24.47
C ASP D 114 10.53 -30.72 24.84
N PHE D 115 10.24 -31.65 23.92
CA PHE D 115 9.31 -32.73 24.22
C PHE D 115 9.86 -33.67 25.30
N ILE D 116 11.16 -33.95 25.24
CA ILE D 116 11.80 -34.80 26.24
C ILE D 116 11.77 -34.13 27.62
N SER D 117 12.00 -32.82 27.66
CA SER D 117 11.94 -32.11 28.93
C SER D 117 10.50 -31.98 29.44
N SER D 118 9.53 -31.97 28.53
CA SER D 118 8.13 -31.96 28.96
C SER D 118 7.72 -33.30 29.55
N GLN D 119 8.19 -34.40 28.95
CA GLN D 119 7.81 -35.72 29.44
C GLN D 119 8.57 -36.09 30.71
N THR D 120 9.88 -35.88 30.74
CA THR D 120 10.72 -36.34 31.83
C THR D 120 10.82 -35.35 32.98
N PHE D 121 10.34 -34.11 32.78
CA PHE D 121 10.37 -33.03 33.77
C PHE D 121 11.79 -32.72 34.23
N ILE D 122 12.70 -32.52 33.27
CA ILE D 122 14.11 -32.29 33.54
C ILE D 122 14.51 -30.98 32.87
N PRO D 123 15.11 -30.03 33.59
CA PRO D 123 15.58 -28.79 32.95
C PRO D 123 16.76 -29.02 32.02
N ILE D 124 16.57 -28.77 30.74
CA ILE D 124 17.57 -29.01 29.71
C ILE D 124 17.93 -27.68 29.07
N LEU D 125 19.23 -27.46 28.84
CA LEU D 125 19.73 -26.22 28.26
C LEU D 125 20.33 -26.48 26.89
N GLY D 126 20.09 -25.54 25.98
CA GLY D 126 20.68 -25.58 24.64
C GLY D 126 21.80 -24.56 24.52
N ILE D 127 22.82 -24.92 23.74
CA ILE D 127 24.09 -24.21 23.72
C ILE D 127 24.43 -23.69 22.32
N HIS D 128 24.29 -24.53 21.30
CA HIS D 128 24.80 -24.15 19.99
C HIS D 128 23.98 -24.82 18.91
N GLY D 129 23.91 -24.16 17.75
CA GLY D 129 23.33 -24.77 16.57
C GLY D 129 21.81 -24.80 16.59
N GLY D 130 21.26 -25.79 15.87
CA GLY D 130 19.82 -25.96 15.77
C GLY D 130 19.15 -26.35 17.08
N ALA D 131 19.91 -26.86 18.04
CA ALA D 131 19.39 -27.10 19.38
C ALA D 131 19.23 -25.81 20.19
N SER D 132 19.75 -24.68 19.69
CA SER D 132 19.65 -23.41 20.40
C SER D 132 18.98 -22.34 19.54
N MET D 133 18.34 -22.72 18.44
CA MET D 133 17.67 -21.75 17.59
C MET D 133 16.38 -21.27 18.23
N ILE D 134 15.91 -20.11 17.76
CA ILE D 134 14.76 -19.45 18.36
C ILE D 134 13.49 -20.01 17.74
N MET D 135 12.60 -20.52 18.60
CA MET D 135 11.31 -21.04 18.18
C MET D 135 10.21 -20.10 18.68
N ALA D 136 8.96 -20.44 18.35
CA ALA D 136 7.87 -19.48 18.55
C ALA D 136 7.37 -19.48 20.00
N ASP D 137 6.79 -20.58 20.45
CA ASP D 137 6.10 -20.62 21.73
C ASP D 137 6.42 -21.93 22.44
N LYS D 138 7.02 -21.83 23.62
CA LYS D 138 7.23 -23.00 24.47
C LYS D 138 5.97 -23.28 25.27
N ASP D 139 6.03 -24.26 26.16
CA ASP D 139 4.88 -24.65 26.96
C ASP D 139 5.25 -24.65 28.43
N PRO D 140 4.30 -24.34 29.32
CA PRO D 140 4.56 -24.49 30.77
C PRO D 140 4.73 -25.93 31.20
N THR D 141 4.22 -26.90 30.42
CA THR D 141 4.46 -28.30 30.72
C THR D 141 5.90 -28.72 30.42
N SER D 142 6.64 -27.94 29.64
CA SER D 142 8.02 -28.22 29.33
C SER D 142 8.94 -27.32 30.14
N THR D 143 10.01 -27.91 30.68
CA THR D 143 11.00 -27.17 31.45
C THR D 143 12.29 -26.96 30.65
N PHE D 144 12.17 -26.88 29.33
CA PHE D 144 13.31 -26.62 28.47
C PHE D 144 13.58 -25.13 28.38
N PHE D 145 14.85 -24.77 28.39
CA PHE D 145 15.26 -23.38 28.37
C PHE D 145 16.41 -23.17 27.41
N GLN D 146 16.42 -22.01 26.77
CA GLN D 146 17.50 -21.57 25.90
C GLN D 146 18.14 -20.30 26.46
N PHE D 147 19.03 -19.72 25.68
CA PHE D 147 19.69 -18.47 26.00
C PHE D 147 19.38 -17.46 24.90
N GLY D 148 20.04 -16.30 25.00
CA GLY D 148 19.96 -15.33 23.94
C GLY D 148 18.69 -14.49 23.98
N ALA D 149 18.50 -13.73 22.91
CA ALA D 149 17.37 -12.83 22.77
C ALA D 149 16.22 -13.56 22.06
N SER D 150 15.12 -12.85 21.91
CA SER D 150 13.97 -13.31 21.13
C SER D 150 13.94 -12.56 19.81
N ILE D 151 12.89 -12.82 19.02
CA ILE D 151 12.70 -12.05 17.80
C ILE D 151 12.23 -10.64 18.14
N GLN D 152 11.57 -10.47 19.29
CA GLN D 152 11.14 -9.13 19.70
C GLN D 152 12.32 -8.30 20.20
N GLN D 153 13.22 -8.92 20.96
CA GLN D 153 14.42 -8.19 21.38
C GLN D 153 15.35 -7.92 20.22
N GLN D 154 15.40 -8.81 19.24
CA GLN D 154 16.18 -8.56 18.02
C GLN D 154 15.56 -7.43 17.21
N ALA D 155 14.23 -7.35 17.17
CA ALA D 155 13.57 -6.23 16.50
C ALA D 155 13.81 -4.93 17.24
N THR D 156 13.89 -4.99 18.57
CA THR D 156 14.22 -3.81 19.37
C THR D 156 15.64 -3.34 19.09
N VAL D 157 16.58 -4.28 18.96
CA VAL D 157 17.96 -3.93 18.62
C VAL D 157 18.06 -3.34 17.21
N MET D 158 17.31 -3.90 16.27
CA MET D 158 17.35 -3.38 14.89
C MET D 158 16.71 -2.00 14.80
N LEU D 159 15.64 -1.76 15.55
CA LEU D 159 15.07 -0.42 15.59
C LEU D 159 15.95 0.55 16.36
N LYS D 160 16.76 0.05 17.29
CA LYS D 160 17.76 0.89 17.94
C LYS D 160 18.87 1.28 16.96
N ILE D 161 19.24 0.35 16.08
CA ILE D 161 20.18 0.65 14.99
C ILE D 161 19.61 1.72 14.08
N MET D 162 18.32 1.58 13.73
CA MET D 162 17.67 2.58 12.88
C MET D 162 17.52 3.92 13.60
N GLN D 163 17.37 3.90 14.92
CA GLN D 163 17.22 5.14 15.69
C GLN D 163 18.56 5.87 15.82
N ASP D 164 19.65 5.11 15.98
CA ASP D 164 20.97 5.72 16.15
C ASP D 164 21.48 6.35 14.85
N TYR D 165 20.93 5.98 13.70
CA TYR D 165 21.34 6.52 12.42
C TYR D 165 20.29 7.42 11.79
N ASP D 166 19.16 7.63 12.47
CA ASP D 166 18.09 8.54 12.06
C ASP D 166 17.50 8.16 10.70
N TRP D 167 17.44 6.86 10.43
CA TRP D 167 16.84 6.36 9.19
C TRP D 167 15.34 6.16 9.42
N HIS D 168 14.63 7.29 9.44
CA HIS D 168 13.24 7.30 9.88
C HIS D 168 12.28 6.96 8.76
N VAL D 169 12.70 7.07 7.50
CA VAL D 169 11.86 6.74 6.36
C VAL D 169 12.20 5.31 5.94
N PHE D 170 11.24 4.39 6.11
CA PHE D 170 11.50 2.98 5.88
C PHE D 170 10.21 2.31 5.41
N SER D 171 10.29 0.99 5.26
CA SER D 171 9.15 0.19 4.82
C SER D 171 9.17 -1.13 5.59
N LEU D 172 8.29 -2.04 5.21
CA LEU D 172 8.20 -3.35 5.86
C LEU D 172 7.59 -4.35 4.87
N VAL D 173 8.34 -5.42 4.58
CA VAL D 173 7.90 -6.46 3.66
C VAL D 173 7.85 -7.77 4.44
N THR D 174 6.67 -8.37 4.52
CA THR D 174 6.46 -9.59 5.26
C THR D 174 5.95 -10.68 4.32
N THR D 175 6.51 -11.87 4.46
CA THR D 175 6.08 -13.05 3.71
C THR D 175 5.13 -13.88 4.57
N ILE D 176 4.85 -15.11 4.12
CA ILE D 176 3.88 -15.98 4.76
C ILE D 176 4.56 -16.90 5.78
N PHE D 177 5.77 -16.56 6.18
CA PHE D 177 6.43 -17.26 7.26
C PHE D 177 5.70 -16.97 8.57
N PRO D 178 5.40 -17.99 9.38
CA PRO D 178 4.53 -17.78 10.56
C PRO D 178 5.20 -16.93 11.63
N GLY D 179 4.36 -16.47 12.56
CA GLY D 179 4.81 -15.49 13.54
C GLY D 179 4.96 -14.10 12.98
N TYR D 180 4.33 -13.82 11.84
CA TYR D 180 4.50 -12.53 11.16
C TYR D 180 3.55 -11.46 11.68
N ARG D 181 2.34 -11.83 12.10
CA ARG D 181 1.42 -10.83 12.62
C ARG D 181 1.86 -10.31 13.99
N ASP D 182 2.47 -11.18 14.82
CA ASP D 182 3.11 -10.70 16.04
C ASP D 182 4.27 -9.78 15.75
N PHE D 183 5.00 -10.04 14.66
CA PHE D 183 6.12 -9.18 14.26
C PHE D 183 5.63 -7.80 13.83
N ILE D 184 4.57 -7.77 13.02
CA ILE D 184 4.00 -6.50 12.57
C ILE D 184 3.39 -5.73 13.73
N SER D 185 2.68 -6.43 14.64
CA SER D 185 2.09 -5.78 15.79
C SER D 185 3.14 -5.28 16.76
N PHE D 186 4.26 -6.00 16.90
CA PHE D 186 5.34 -5.53 17.75
C PHE D 186 6.01 -4.29 17.17
N ILE D 187 6.17 -4.25 15.84
CA ILE D 187 6.70 -3.05 15.19
C ILE D 187 5.76 -1.87 15.39
N LYS D 188 4.45 -2.11 15.27
CA LYS D 188 3.47 -1.03 15.44
C LYS D 188 3.46 -0.51 16.88
N THR D 189 3.51 -1.41 17.86
CA THR D 189 3.55 -0.97 19.26
C THR D 189 4.88 -0.34 19.62
N THR D 190 5.96 -0.68 18.91
CA THR D 190 7.25 -0.07 19.19
C THR D 190 7.33 1.33 18.61
N VAL D 191 6.77 1.52 17.41
CA VAL D 191 6.66 2.86 16.83
C VAL D 191 5.73 3.73 17.67
N ASP D 192 4.65 3.13 18.19
CA ASP D 192 3.75 3.84 19.08
C ASP D 192 4.35 4.12 20.46
N ASN D 193 5.46 3.47 20.80
CA ASN D 193 6.16 3.70 22.07
C ASN D 193 7.58 4.18 21.81
N SER D 194 7.75 5.14 20.90
CA SER D 194 9.05 5.64 20.53
C SER D 194 9.07 7.16 20.56
N PHE D 195 10.25 7.72 20.86
CA PHE D 195 10.48 9.16 20.81
C PHE D 195 10.74 9.68 19.40
N VAL D 196 10.66 8.83 18.39
CA VAL D 196 11.04 9.20 17.04
C VAL D 196 9.86 9.77 16.25
N GLY D 197 8.75 9.06 16.21
CA GLY D 197 7.70 9.41 15.26
C GLY D 197 8.07 8.88 13.89
N TRP D 198 8.13 7.55 13.79
CA TRP D 198 8.67 6.89 12.61
C TRP D 198 7.78 7.06 11.39
N ASP D 199 8.42 7.20 10.23
CA ASP D 199 7.72 7.25 8.94
C ASP D 199 7.70 5.84 8.39
N MET D 200 6.62 5.11 8.67
CA MET D 200 6.48 3.71 8.28
C MET D 200 5.56 3.61 7.09
N GLN D 201 6.04 2.96 6.03
CA GLN D 201 5.21 2.68 4.87
C GLN D 201 4.35 1.45 5.17
N ASN D 202 3.30 1.25 4.37
CA ASN D 202 2.38 0.14 4.56
C ASN D 202 3.08 -1.21 4.34
N VAL D 203 2.56 -2.23 5.00
CA VAL D 203 3.19 -3.54 5.03
C VAL D 203 2.91 -4.26 3.72
N ILE D 204 3.98 -4.62 3.00
CA ILE D 204 3.85 -5.38 1.76
C ILE D 204 3.77 -6.86 2.13
N THR D 205 2.58 -7.44 2.02
CA THR D 205 2.33 -8.82 2.42
C THR D 205 2.32 -9.70 1.18
N LEU D 206 3.19 -10.71 1.16
CA LEU D 206 3.18 -11.68 0.09
C LEU D 206 2.09 -12.72 0.33
N ASP D 207 1.71 -13.42 -0.74
CA ASP D 207 0.67 -14.43 -0.67
C ASP D 207 1.20 -15.83 -0.96
N THR D 208 1.82 -16.04 -2.12
CA THR D 208 2.34 -17.34 -2.52
C THR D 208 3.70 -17.10 -3.17
N SER D 209 4.20 -18.10 -3.89
CA SER D 209 5.30 -17.89 -4.82
C SER D 209 4.85 -16.91 -5.90
N PHE D 210 5.63 -15.84 -6.07
CA PHE D 210 5.13 -14.66 -6.76
C PHE D 210 5.01 -14.89 -8.26
N GLU D 211 3.89 -14.45 -8.82
CA GLU D 211 3.67 -14.36 -10.25
C GLU D 211 4.39 -13.16 -10.86
N ASP D 212 4.87 -12.26 -10.01
CA ASP D 212 5.51 -10.98 -10.38
C ASP D 212 4.54 -10.12 -11.20
N ALA D 213 3.26 -10.17 -10.83
CA ALA D 213 2.23 -9.34 -11.42
C ALA D 213 1.55 -8.45 -10.40
N LYS D 214 1.05 -9.01 -9.30
CA LYS D 214 0.40 -8.23 -8.27
C LYS D 214 1.34 -7.83 -7.14
N THR D 215 2.36 -8.66 -6.87
CA THR D 215 3.37 -8.28 -5.88
C THR D 215 4.25 -7.15 -6.38
N GLN D 216 4.47 -7.08 -7.70
CA GLN D 216 5.27 -6.02 -8.29
C GLN D 216 4.60 -4.66 -8.14
N VAL D 217 3.27 -4.63 -8.09
CA VAL D 217 2.54 -3.39 -7.86
C VAL D 217 2.84 -2.85 -6.46
N GLN D 218 2.90 -3.74 -5.47
CA GLN D 218 3.25 -3.31 -4.11
C GLN D 218 4.75 -3.00 -4.01
N LEU D 219 5.58 -3.66 -4.81
CA LEU D 219 7.02 -3.37 -4.78
C LEU D 219 7.34 -2.04 -5.43
N LYS D 220 6.57 -1.63 -6.44
CA LYS D 220 6.76 -0.33 -7.06
C LYS D 220 6.25 0.82 -6.19
N LYS D 221 5.44 0.53 -5.17
CA LYS D 221 5.02 1.54 -4.22
C LYS D 221 6.15 1.93 -3.28
N ILE D 222 7.22 1.15 -3.22
CA ILE D 222 8.31 1.38 -2.29
C ILE D 222 9.13 2.57 -2.78
N HIS D 223 9.05 3.69 -2.06
CA HIS D 223 9.88 4.85 -2.32
C HIS D 223 10.79 5.20 -1.16
N SER D 224 10.79 4.38 -0.10
CA SER D 224 11.59 4.65 1.08
C SER D 224 13.02 4.15 0.87
N SER D 225 13.84 4.28 1.92
CA SER D 225 15.24 3.86 1.87
C SER D 225 15.45 2.50 2.52
N VAL D 226 15.11 2.36 3.80
CA VAL D 226 15.38 1.12 4.53
C VAL D 226 14.26 0.14 4.25
N ILE D 227 14.61 -1.03 3.73
CA ILE D 227 13.65 -2.08 3.40
C ILE D 227 13.79 -3.18 4.44
N LEU D 228 12.70 -3.46 5.15
CA LEU D 228 12.68 -4.46 6.20
C LEU D 228 12.02 -5.73 5.68
N LEU D 229 12.79 -6.81 5.62
CA LEU D 229 12.35 -8.07 5.06
C LEU D 229 12.32 -9.14 6.15
N TYR D 230 11.25 -9.92 6.18
CA TYR D 230 11.09 -11.02 7.14
C TYR D 230 10.65 -12.25 6.36
N CYS D 231 11.58 -13.18 6.13
CA CYS D 231 11.30 -14.37 5.34
C CYS D 231 12.29 -15.47 5.73
N SER D 232 12.21 -16.59 5.02
CA SER D 232 13.13 -17.70 5.19
C SER D 232 14.27 -17.59 4.18
N LYS D 233 15.19 -18.56 4.25
CA LYS D 233 16.38 -18.51 3.40
C LYS D 233 16.06 -18.83 1.96
N ASP D 234 15.06 -19.68 1.71
CA ASP D 234 14.76 -20.11 0.34
C ASP D 234 14.09 -18.99 -0.45
N GLU D 235 13.15 -18.28 0.17
CA GLU D 235 12.45 -17.20 -0.53
C GLU D 235 13.29 -15.94 -0.63
N ALA D 236 14.31 -15.80 0.22
CA ALA D 236 15.13 -14.59 0.23
C ALA D 236 15.93 -14.44 -1.05
N VAL D 237 16.36 -15.56 -1.66
CA VAL D 237 17.08 -15.52 -2.91
C VAL D 237 16.19 -14.97 -4.02
N LEU D 238 14.94 -15.44 -4.08
CA LEU D 238 14.01 -14.96 -5.09
C LEU D 238 13.62 -13.51 -4.85
N ILE D 239 13.49 -13.11 -3.59
CA ILE D 239 13.13 -11.72 -3.28
C ILE D 239 14.28 -10.77 -3.65
N LEU D 240 15.52 -11.15 -3.33
CA LEU D 240 16.66 -10.31 -3.68
C LEU D 240 16.91 -10.29 -5.19
N SER D 241 16.64 -11.40 -5.88
CA SER D 241 16.77 -11.40 -7.34
C SER D 241 15.71 -10.54 -7.99
N GLU D 242 14.48 -10.57 -7.46
CA GLU D 242 13.42 -9.71 -7.99
C GLU D 242 13.70 -8.24 -7.70
N ALA D 243 14.27 -7.95 -6.53
CA ALA D 243 14.63 -6.57 -6.21
C ALA D 243 15.80 -6.07 -7.03
N ARG D 244 16.73 -6.97 -7.39
CA ARG D 244 17.82 -6.58 -8.27
C ARG D 244 17.32 -6.35 -9.69
N SER D 245 16.34 -7.16 -10.13
CA SER D 245 15.72 -6.93 -11.44
C SER D 245 14.91 -5.64 -11.45
N LEU D 246 14.30 -5.28 -10.32
CA LEU D 246 13.59 -4.01 -10.20
C LEU D 246 14.54 -2.81 -10.12
N GLY D 247 15.79 -3.03 -9.76
CA GLY D 247 16.66 -1.91 -9.45
C GLY D 247 16.45 -1.33 -8.07
N LEU D 248 15.75 -2.06 -7.20
CA LEU D 248 15.49 -1.63 -5.84
C LEU D 248 16.58 -2.08 -4.87
N THR D 249 17.77 -2.39 -5.37
CA THR D 249 18.92 -2.73 -4.55
C THR D 249 19.99 -1.63 -4.62
N GLY D 250 19.55 -0.37 -4.63
CA GLY D 250 20.44 0.74 -4.82
C GLY D 250 21.28 1.07 -3.59
N TYR D 251 22.02 2.17 -3.71
CA TYR D 251 22.91 2.62 -2.64
C TYR D 251 22.14 3.10 -1.42
N ASP D 252 20.98 3.71 -1.62
CA ASP D 252 20.14 4.18 -0.53
C ASP D 252 19.17 3.10 -0.06
N PHE D 253 19.05 2.02 -0.81
CA PHE D 253 18.06 0.98 -0.55
C PHE D 253 18.71 -0.08 0.35
N PHE D 254 18.55 0.10 1.66
CA PHE D 254 19.18 -0.77 2.64
C PHE D 254 18.39 -2.07 2.79
N TRP D 255 19.05 -3.07 3.39
CA TRP D 255 18.48 -4.40 3.55
C TRP D 255 18.90 -4.94 4.90
N ILE D 256 17.95 -5.08 5.81
CA ILE D 256 18.20 -5.59 7.16
C ILE D 256 17.38 -6.86 7.35
N VAL D 257 18.06 -7.95 7.70
CA VAL D 257 17.44 -9.27 7.72
C VAL D 257 17.55 -9.82 9.14
N PRO D 258 16.62 -10.71 9.54
CA PRO D 258 16.73 -11.35 10.86
C PRO D 258 17.77 -12.46 10.91
N SER D 259 17.82 -13.17 12.03
CA SER D 259 18.87 -14.17 12.27
C SER D 259 18.56 -15.51 11.60
N LEU D 260 17.28 -15.88 11.50
CA LEU D 260 16.95 -17.22 11.02
C LEU D 260 17.15 -17.35 9.51
N VAL D 261 16.96 -16.27 8.76
CA VAL D 261 17.25 -16.30 7.33
C VAL D 261 18.76 -16.35 7.10
N SER D 262 19.55 -15.79 8.01
CA SER D 262 21.00 -15.90 7.94
C SER D 262 21.40 -17.31 8.36
N GLY D 263 21.62 -18.18 7.38
CA GLY D 263 21.87 -19.58 7.66
C GLY D 263 23.33 -19.94 7.82
N ASN D 264 23.85 -20.73 6.90
CA ASN D 264 25.22 -21.23 7.02
C ASN D 264 26.21 -20.13 6.68
N THR D 265 27.30 -20.08 7.45
CA THR D 265 28.38 -19.16 7.14
C THR D 265 29.13 -19.59 5.89
N GLU D 266 29.16 -20.89 5.60
CA GLU D 266 29.83 -21.39 4.40
C GLU D 266 28.95 -21.21 3.17
N LEU D 267 27.68 -21.62 3.26
CA LEU D 267 26.76 -21.55 2.13
C LEU D 267 26.27 -20.12 1.98
N ILE D 268 26.86 -19.39 1.04
CA ILE D 268 26.44 -18.02 0.74
C ILE D 268 26.06 -17.96 -0.74
N PRO D 269 24.79 -17.78 -1.07
CA PRO D 269 24.40 -17.61 -2.48
C PRO D 269 24.90 -16.28 -3.04
N LYS D 270 25.00 -16.23 -4.37
CA LYS D 270 25.55 -15.07 -5.07
C LYS D 270 24.58 -13.90 -5.17
N GLU D 271 23.36 -14.04 -4.68
CA GLU D 271 22.35 -12.99 -4.76
C GLU D 271 22.34 -12.08 -3.53
N PHE D 272 23.39 -12.12 -2.72
CA PHE D 272 23.37 -11.24 -1.56
C PHE D 272 24.06 -9.91 -1.88
N PRO D 273 23.46 -8.79 -1.49
CA PRO D 273 24.12 -7.50 -1.69
C PRO D 273 25.27 -7.30 -0.71
N SER D 274 26.39 -6.83 -1.22
CA SER D 274 27.59 -6.65 -0.42
C SER D 274 27.44 -5.47 0.53
N GLY D 275 27.00 -5.74 1.75
CA GLY D 275 26.56 -4.70 2.65
C GLY D 275 25.25 -5.08 3.34
N LEU D 276 24.90 -6.36 3.22
CA LEU D 276 23.67 -6.89 3.80
C LEU D 276 23.76 -6.86 5.33
N ILE D 277 22.87 -6.10 5.96
CA ILE D 277 22.86 -5.94 7.41
C ILE D 277 22.13 -7.13 8.03
N SER D 278 22.79 -7.81 8.97
CA SER D 278 22.17 -8.92 9.68
C SER D 278 22.50 -8.82 11.16
N VAL D 279 21.60 -9.36 11.99
CA VAL D 279 21.76 -9.37 13.44
C VAL D 279 21.52 -10.80 13.92
N SER D 280 22.51 -11.37 14.61
CA SER D 280 22.40 -12.70 15.18
C SER D 280 23.32 -12.80 16.38
N TYR D 281 23.06 -13.80 17.22
CA TYR D 281 23.84 -14.02 18.44
C TYR D 281 25.08 -14.88 18.21
N ASP D 282 25.49 -15.07 16.96
CA ASP D 282 26.67 -15.86 16.65
C ASP D 282 27.93 -15.10 17.03
N ASP D 283 28.46 -15.36 18.22
CA ASP D 283 29.64 -14.69 18.74
C ASP D 283 30.81 -15.65 18.69
N TRP D 284 31.89 -15.25 18.01
CA TRP D 284 33.10 -16.04 17.93
C TRP D 284 34.12 -15.71 19.01
N ASP D 285 33.96 -14.57 19.70
CA ASP D 285 34.87 -14.22 20.77
C ASP D 285 34.60 -15.04 22.04
N TYR D 286 33.37 -15.48 22.23
CA TYR D 286 33.00 -16.32 23.36
C TYR D 286 32.61 -17.70 22.82
N SER D 287 33.39 -18.71 23.19
CA SER D 287 33.22 -20.05 22.65
C SER D 287 32.16 -20.80 23.47
N LEU D 288 32.04 -22.11 23.20
CA LEU D 288 31.03 -22.92 23.87
C LEU D 288 31.39 -23.24 25.31
N GLU D 289 32.69 -23.26 25.63
CA GLU D 289 33.12 -23.69 26.97
C GLU D 289 32.77 -22.66 28.02
N ALA D 290 32.96 -21.37 27.72
CA ALA D 290 32.55 -20.32 28.65
C ALA D 290 31.04 -20.27 28.81
N ARG D 291 30.30 -20.57 27.74
CA ARG D 291 28.84 -20.55 27.82
C ARG D 291 28.32 -21.72 28.65
N VAL D 292 28.91 -22.91 28.50
CA VAL D 292 28.45 -24.02 29.33
C VAL D 292 28.95 -23.87 30.76
N ARG D 293 30.07 -23.17 30.98
CA ARG D 293 30.49 -22.88 32.35
C ARG D 293 29.53 -21.89 33.02
N ASP D 294 29.07 -20.88 32.27
CA ASP D 294 28.08 -19.96 32.80
C ASP D 294 26.74 -20.66 33.04
N GLY D 295 26.38 -21.62 32.18
CA GLY D 295 25.17 -22.38 32.40
C GLY D 295 25.24 -23.27 33.62
N LEU D 296 26.40 -23.89 33.85
CA LEU D 296 26.63 -24.65 35.08
C LEU D 296 26.58 -23.74 36.30
N GLY D 297 27.10 -22.52 36.18
CA GLY D 297 27.02 -21.57 37.28
C GLY D 297 25.59 -21.18 37.60
N ILE D 298 24.77 -20.97 36.57
CA ILE D 298 23.36 -20.63 36.77
C ILE D 298 22.60 -21.81 37.38
N LEU D 299 22.89 -23.04 36.93
CA LEU D 299 22.21 -24.22 37.47
C LEU D 299 22.59 -24.48 38.91
N THR D 300 23.88 -24.37 39.24
CA THR D 300 24.30 -24.56 40.63
C THR D 300 23.85 -23.42 41.53
N THR D 301 23.73 -22.20 40.99
CA THR D 301 23.20 -21.08 41.78
C THR D 301 21.72 -21.30 42.09
N ALA D 302 20.95 -21.74 41.11
CA ALA D 302 19.54 -22.03 41.32
C ALA D 302 19.36 -23.21 42.28
N ALA D 303 20.21 -24.23 42.19
CA ALA D 303 20.11 -25.36 43.09
C ALA D 303 20.50 -25.00 44.52
N SER D 304 21.51 -24.13 44.67
CA SER D 304 21.93 -23.71 46.00
C SER D 304 20.91 -22.78 46.64
N SER D 305 20.29 -21.90 45.85
CA SER D 305 19.26 -21.02 46.39
C SER D 305 17.94 -21.74 46.61
N MET D 306 17.69 -22.86 45.92
CA MET D 306 16.50 -23.65 46.14
C MET D 306 16.69 -24.65 47.29
N LEU D 307 17.94 -25.02 47.58
CA LEU D 307 18.22 -25.90 48.72
C LEU D 307 17.89 -25.23 50.04
N GLU D 308 18.07 -23.90 50.13
CA GLU D 308 17.69 -23.18 51.35
C GLU D 308 16.18 -23.07 51.51
N LYS D 309 15.43 -23.18 50.42
CA LYS D 309 13.97 -23.12 50.51
C LYS D 309 13.38 -24.48 50.86
N PHE D 310 13.90 -25.55 50.27
CA PHE D 310 13.39 -26.89 50.52
C PHE D 310 14.56 -27.88 50.37
N SER D 311 14.48 -28.98 51.10
CA SER D 311 15.59 -29.93 51.16
C SER D 311 15.56 -30.96 50.04
N TYR D 312 14.42 -31.65 49.86
CA TYR D 312 14.32 -32.72 48.86
C TYR D 312 13.98 -32.17 47.48
N ILE D 313 14.89 -31.36 46.96
CA ILE D 313 14.78 -30.81 45.61
C ILE D 313 15.22 -31.81 44.54
N PRO D 314 16.41 -32.52 44.61
CA PRO D 314 16.71 -33.47 43.52
C PRO D 314 15.85 -34.73 43.56
N GLU D 315 14.87 -34.80 42.65
CA GLU D 315 14.00 -35.96 42.50
C GLU D 315 13.76 -36.16 41.01
N ALA D 316 14.36 -37.21 40.45
CA ALA D 316 14.24 -37.51 39.03
C ALA D 316 13.43 -38.79 38.82
N LYS D 317 13.15 -39.07 37.55
CA LYS D 317 12.44 -40.28 37.17
C LYS D 317 13.43 -41.45 37.12
N ALA D 318 12.94 -42.63 37.51
CA ALA D 318 13.82 -43.79 37.63
C ALA D 318 14.29 -44.30 36.27
N SER D 319 13.33 -44.67 35.40
CA SER D 319 13.68 -45.17 34.09
C SER D 319 12.56 -44.81 33.11
N CYS D 320 12.90 -44.83 31.82
CA CYS D 320 11.91 -44.51 30.78
C CYS D 320 10.86 -45.59 30.63
N TYR D 321 11.22 -46.84 30.92
CA TYR D 321 10.29 -47.95 30.76
C TYR D 321 9.27 -47.97 31.89
N GLY D 322 8.11 -48.53 31.61
CA GLY D 322 7.07 -48.68 32.61
C GLY D 322 5.89 -47.77 32.33
N PRO D 330 6.39 -34.38 40.64
CA PRO D 330 7.19 -33.26 41.14
C PRO D 330 6.35 -32.03 41.49
N LEU D 331 6.71 -31.36 42.59
CA LEU D 331 5.99 -30.18 43.04
C LEU D 331 6.83 -28.92 42.98
N HIS D 332 8.01 -28.92 43.60
CA HIS D 332 8.89 -27.76 43.63
C HIS D 332 10.06 -27.99 42.69
N THR D 333 10.04 -27.31 41.54
CA THR D 333 11.09 -27.41 40.54
C THR D 333 11.73 -26.05 40.34
N LEU D 334 12.75 -26.04 39.48
CA LEU D 334 13.45 -24.81 39.11
C LEU D 334 12.82 -24.12 37.90
N HIS D 335 11.63 -24.57 37.48
CA HIS D 335 10.98 -23.96 36.32
C HIS D 335 10.46 -22.56 36.63
N GLN D 336 10.10 -22.31 37.89
CA GLN D 336 9.59 -21.01 38.32
C GLN D 336 10.46 -20.40 39.41
N PHE D 337 11.77 -20.62 39.37
CA PHE D 337 12.64 -20.16 40.43
C PHE D 337 13.82 -19.34 39.93
N MET D 338 14.36 -19.71 38.76
CA MET D 338 15.60 -19.10 38.26
C MET D 338 15.33 -17.97 37.29
N VAL D 339 14.24 -17.23 37.48
CA VAL D 339 14.01 -15.98 36.76
C VAL D 339 15.04 -14.94 37.18
N ASN D 340 15.35 -14.88 38.47
CA ASN D 340 16.40 -14.03 39.01
C ASN D 340 17.67 -14.85 39.16
N VAL D 341 18.68 -14.55 38.35
CA VAL D 341 19.99 -15.18 38.47
C VAL D 341 21.03 -14.22 37.90
N THR D 342 22.18 -14.15 38.56
CA THR D 342 23.29 -13.32 38.12
C THR D 342 24.59 -13.97 38.60
N TRP D 343 25.47 -14.29 37.65
CA TRP D 343 26.72 -14.99 37.96
C TRP D 343 27.89 -14.19 37.41
N ASP D 344 28.87 -13.93 38.30
CA ASP D 344 30.13 -13.26 37.97
C ASP D 344 29.94 -11.87 37.38
N GLY D 345 28.90 -11.15 37.84
CA GLY D 345 28.62 -9.81 37.38
C GLY D 345 27.74 -9.75 36.14
N LYS D 346 27.82 -10.74 35.26
CA LYS D 346 27.01 -10.77 34.05
C LYS D 346 25.59 -11.13 34.42
N ASP D 347 24.66 -10.20 34.18
CA ASP D 347 23.25 -10.42 34.51
C ASP D 347 22.66 -11.35 33.45
N LEU D 348 22.61 -12.64 33.75
CA LEU D 348 22.08 -13.65 32.85
C LEU D 348 20.71 -14.12 33.31
N SER D 349 19.90 -13.18 33.81
CA SER D 349 18.57 -13.50 34.31
C SER D 349 17.63 -13.88 33.18
N PHE D 350 16.56 -14.58 33.54
CA PHE D 350 15.63 -15.16 32.58
C PHE D 350 14.32 -14.38 32.57
N THR D 351 13.49 -14.67 31.58
CA THR D 351 12.17 -14.10 31.44
C THR D 351 11.12 -15.15 31.77
N GLU D 352 9.85 -14.74 31.73
CA GLU D 352 8.75 -15.63 32.05
C GLU D 352 8.32 -16.49 30.86
N GLU D 353 8.87 -16.24 29.67
CA GLU D 353 8.54 -17.04 28.50
C GLU D 353 9.64 -18.04 28.12
N GLY D 354 10.87 -17.83 28.59
CA GLY D 354 11.94 -18.75 28.30
C GLY D 354 13.18 -18.12 27.72
N TYR D 355 13.18 -16.79 27.60
CA TYR D 355 14.32 -16.05 27.07
C TYR D 355 15.07 -15.38 28.21
N GLN D 356 16.19 -14.75 27.86
CA GLN D 356 17.00 -14.05 28.84
C GLN D 356 16.65 -12.56 28.89
N VAL D 357 17.21 -11.89 29.90
CA VAL D 357 17.01 -10.47 30.09
C VAL D 357 18.11 -9.66 29.42
N HIS D 358 19.37 -10.00 29.66
CA HIS D 358 20.52 -9.32 29.05
C HIS D 358 21.36 -10.32 28.28
N PRO D 359 21.01 -10.60 27.01
CA PRO D 359 21.87 -11.47 26.19
C PRO D 359 23.02 -10.72 25.54
N ARG D 360 23.74 -11.39 24.64
CA ARG D 360 24.81 -10.79 23.85
C ARG D 360 24.43 -10.87 22.39
N LEU D 361 24.26 -9.70 21.77
CA LEU D 361 23.84 -9.62 20.37
C LEU D 361 25.01 -9.27 19.48
N VAL D 362 24.96 -9.76 18.23
CA VAL D 362 26.01 -9.58 17.24
C VAL D 362 25.39 -8.92 16.01
N VAL D 363 26.06 -7.90 15.48
CA VAL D 363 25.61 -7.23 14.27
C VAL D 363 26.69 -7.44 13.20
N ILE D 364 26.34 -8.15 12.14
CA ILE D 364 27.27 -8.45 11.06
C ILE D 364 26.79 -7.77 9.78
N VAL D 365 27.75 -7.51 8.89
CA VAL D 365 27.49 -7.02 7.55
C VAL D 365 28.21 -7.93 6.56
N LEU D 366 28.04 -7.66 5.28
CA LEU D 366 28.69 -8.40 4.21
C LEU D 366 29.70 -7.48 3.54
N ASN D 367 30.94 -7.95 3.44
CA ASN D 367 32.00 -7.15 2.84
C ASN D 367 31.99 -7.32 1.32
N LYS D 368 33.01 -6.75 0.65
CA LYS D 368 33.19 -6.98 -0.77
C LYS D 368 33.81 -8.33 -1.07
N ASP D 369 34.35 -9.01 -0.04
CA ASP D 369 34.94 -10.34 -0.20
C ASP D 369 33.94 -11.46 0.08
N ARG D 370 32.63 -11.13 0.11
CA ARG D 370 31.52 -12.08 0.27
C ARG D 370 31.63 -12.86 1.58
N GLU D 371 32.00 -12.17 2.65
CA GLU D 371 32.14 -12.77 3.97
C GLU D 371 31.34 -11.96 4.99
N TRP D 372 30.78 -12.67 5.98
CA TRP D 372 29.98 -12.03 7.01
C TRP D 372 30.86 -11.28 7.98
N GLU D 373 31.03 -9.97 7.76
CA GLU D 373 31.95 -9.16 8.56
C GLU D 373 31.29 -8.79 9.88
N LYS D 374 31.81 -9.34 10.98
CA LYS D 374 31.30 -9.02 12.32
C LYS D 374 31.71 -7.61 12.71
N VAL D 375 30.74 -6.77 13.06
CA VAL D 375 31.02 -5.36 13.35
C VAL D 375 30.57 -4.99 14.76
N GLY D 376 29.28 -5.10 15.04
CA GLY D 376 28.69 -4.46 16.21
C GLY D 376 28.44 -5.43 17.35
N LYS D 377 28.74 -4.96 18.56
CA LYS D 377 28.46 -5.68 19.79
C LYS D 377 27.44 -4.90 20.61
N TRP D 378 26.74 -5.59 21.50
CA TRP D 378 25.64 -5.01 22.26
C TRP D 378 26.00 -4.95 23.73
N GLU D 379 25.62 -3.86 24.38
CA GLU D 379 25.90 -3.65 25.80
C GLU D 379 24.75 -4.29 26.58
N ASN D 380 24.67 -4.07 27.89
CA ASN D 380 23.61 -4.69 28.69
C ASN D 380 22.26 -4.03 28.42
N GLN D 381 22.26 -2.71 28.23
CA GLN D 381 21.04 -1.99 27.87
C GLN D 381 21.15 -1.30 26.53
N THR D 382 22.19 -0.48 26.33
CA THR D 382 22.36 0.26 25.09
C THR D 382 23.14 -0.59 24.08
N LEU D 383 23.57 0.04 22.99
CA LEU D 383 24.25 -0.64 21.90
C LEU D 383 25.61 0.01 21.66
N SER D 384 26.64 -0.82 21.49
CA SER D 384 27.96 -0.34 21.10
C SER D 384 28.10 -0.41 19.58
N LEU D 385 28.97 0.45 19.04
CA LEU D 385 29.23 0.51 17.62
C LEU D 385 30.73 0.57 17.39
N ARG D 386 31.26 -0.41 16.67
CA ARG D 386 32.68 -0.37 16.30
C ARG D 386 32.94 0.70 15.24
N HIS D 387 32.18 0.68 14.15
CA HIS D 387 32.25 1.70 13.12
C HIS D 387 31.17 2.74 13.42
N ALA D 388 31.56 3.84 14.06
CA ALA D 388 30.62 4.92 14.31
C ALA D 388 30.23 5.61 13.00
N VAL D 389 31.19 5.80 12.12
CA VAL D 389 30.90 6.26 10.76
C VAL D 389 30.37 5.07 9.98
N TRP D 390 29.13 5.17 9.50
CA TRP D 390 28.52 4.07 8.77
C TRP D 390 29.12 3.97 7.37
N PRO D 391 29.65 2.83 6.97
CA PRO D 391 30.24 2.70 5.64
C PRO D 391 29.18 2.67 4.56
N ARG D 392 29.55 3.16 3.38
CA ARG D 392 28.59 3.36 2.30
C ARG D 392 28.16 2.05 1.66
N TYR D 393 29.14 1.20 1.32
CA TYR D 393 28.98 0.06 0.41
C TYR D 393 28.31 0.51 -0.89
N LYS D 394 29.03 1.38 -1.60
CA LYS D 394 28.49 2.05 -2.78
C LYS D 394 28.28 1.09 -3.94
N SER D 395 29.11 0.06 -4.04
CA SER D 395 29.00 -0.95 -5.09
C SER D 395 28.67 -2.29 -4.43
N PHE D 396 27.38 -2.65 -4.41
CA PHE D 396 26.99 -3.98 -3.95
C PHE D 396 27.40 -5.04 -4.93
N SER D 397 27.42 -4.71 -6.22
CA SER D 397 27.94 -5.55 -7.29
C SER D 397 28.87 -4.70 -8.14
N ASP D 398 29.45 -5.32 -9.16
CA ASP D 398 30.36 -4.59 -10.04
C ASP D 398 29.62 -3.68 -11.01
N CYS D 399 28.41 -4.07 -11.42
CA CYS D 399 27.63 -3.30 -12.39
C CYS D 399 26.63 -2.39 -11.68
N GLU D 400 27.16 -1.50 -10.84
CA GLU D 400 26.34 -0.51 -10.12
C GLU D 400 26.97 0.87 -10.24
N PRO D 401 26.64 1.62 -11.28
CA PRO D 401 27.14 3.00 -11.39
C PRO D 401 26.37 3.94 -10.47
N ASP D 402 27.09 4.56 -9.54
CA ASP D 402 26.49 5.50 -8.59
C ASP D 402 27.29 6.79 -8.59
N ASP D 403 26.57 7.92 -8.50
CA ASP D 403 27.21 9.24 -8.61
C ASP D 403 26.66 10.25 -7.61
N ASN D 404 25.99 9.81 -6.54
CA ASN D 404 25.26 10.72 -5.68
C ASN D 404 25.88 10.93 -4.31
N HIS D 405 26.87 10.13 -3.93
CA HIS D 405 27.51 10.30 -2.62
C HIS D 405 28.45 11.50 -2.66
N LEU D 406 28.17 12.50 -1.83
CA LEU D 406 28.91 13.75 -1.83
C LEU D 406 29.36 14.07 -0.41
N SER D 407 30.66 14.32 -0.25
CA SER D 407 31.25 14.65 1.04
C SER D 407 31.30 16.16 1.21
N ILE D 408 30.75 16.65 2.32
CA ILE D 408 30.60 18.09 2.57
C ILE D 408 31.22 18.42 3.92
N VAL D 409 32.10 19.42 3.93
CA VAL D 409 32.69 19.94 5.16
C VAL D 409 32.20 21.37 5.34
N THR D 410 32.13 21.82 6.59
CA THR D 410 31.63 23.16 6.90
C THR D 410 32.35 23.70 8.13
N LEU D 411 32.03 24.95 8.46
CA LEU D 411 32.64 25.66 9.58
C LEU D 411 31.55 26.30 10.42
N GLU D 412 31.78 26.36 11.73
CA GLU D 412 30.80 26.88 12.69
C GLU D 412 30.66 28.39 12.53
N GLU D 413 29.52 28.84 12.01
CA GLU D 413 29.18 30.25 11.93
C GLU D 413 27.78 30.45 12.49
N ALA D 414 27.64 31.43 13.38
CA ALA D 414 26.43 31.54 14.19
C ALA D 414 25.13 31.83 13.43
N PRO D 415 25.07 32.68 12.40
CA PRO D 415 23.81 32.72 11.62
C PRO D 415 23.67 31.60 10.62
N PHE D 416 24.70 30.80 10.36
CA PHE D 416 24.66 29.79 9.32
C PHE D 416 24.72 28.37 9.85
N VAL D 417 25.74 28.03 10.64
CA VAL D 417 25.97 26.67 11.10
C VAL D 417 25.97 26.69 12.62
N ILE D 418 24.86 26.31 13.22
CA ILE D 418 24.74 26.20 14.67
C ILE D 418 24.93 24.74 15.04
N VAL D 419 26.01 24.45 15.77
CA VAL D 419 26.36 23.10 16.17
C VAL D 419 26.08 22.97 17.66
N GLU D 420 25.17 22.06 18.02
CA GLU D 420 24.76 21.88 19.40
C GLU D 420 24.83 20.41 19.78
N ASP D 421 24.62 20.14 21.07
CA ASP D 421 24.70 18.79 21.59
C ASP D 421 23.49 17.97 21.16
N ILE D 422 23.63 16.65 21.25
CA ILE D 422 22.51 15.76 21.02
C ILE D 422 21.58 15.81 22.23
N ASP D 423 20.30 15.58 22.00
CA ASP D 423 19.31 15.58 23.08
C ASP D 423 19.53 14.38 23.98
N PRO D 424 19.82 14.56 25.27
CA PRO D 424 20.02 13.41 26.16
C PRO D 424 18.74 12.67 26.51
N LEU D 425 17.58 13.28 26.31
CA LEU D 425 16.32 12.61 26.62
C LEU D 425 15.95 11.58 25.56
N THR D 426 16.37 11.81 24.31
CA THR D 426 16.01 10.94 23.20
C THR D 426 17.17 10.21 22.55
N GLU D 427 18.41 10.69 22.75
CA GLU D 427 19.61 10.26 22.03
C GLU D 427 19.38 10.36 20.52
N THR D 428 18.79 11.49 20.11
CA THR D 428 18.34 11.69 18.74
C THR D 428 18.30 13.18 18.47
N CYS D 429 18.89 13.62 17.36
CA CYS D 429 18.75 15.01 16.92
C CYS D 429 17.30 15.30 16.55
N VAL D 430 16.85 16.52 16.87
CA VAL D 430 15.47 16.95 16.50
C VAL D 430 15.33 16.88 14.97
N ARG D 431 14.09 16.83 14.46
CA ARG D 431 13.87 16.68 13.00
C ARG D 431 14.51 17.82 12.20
N ASN D 432 14.45 19.06 12.70
CA ASN D 432 14.94 20.16 11.88
C ASN D 432 16.45 20.35 11.97
N THR D 433 17.16 19.39 12.56
CA THR D 433 18.61 19.38 12.64
C THR D 433 19.17 18.15 11.94
N VAL D 434 20.45 18.22 11.59
CA VAL D 434 21.11 17.12 10.87
C VAL D 434 22.29 16.62 11.71
N PRO D 435 22.68 15.35 11.58
CA PRO D 435 23.86 14.86 12.30
C PRO D 435 25.16 15.40 11.70
N CYS D 436 26.18 15.44 12.55
CA CYS D 436 27.52 15.83 12.11
C CYS D 436 28.53 15.11 13.00
N ARG D 437 29.77 15.08 12.53
CA ARG D 437 30.87 14.53 13.32
C ARG D 437 32.06 15.48 13.24
N LYS D 438 32.90 15.42 14.28
CA LYS D 438 34.11 16.23 14.31
C LYS D 438 35.20 15.44 15.03
N PHE D 439 36.37 15.36 14.40
CA PHE D 439 37.53 14.66 14.97
C PHE D 439 38.17 15.57 15.99
N VAL D 440 37.73 15.46 17.24
CA VAL D 440 38.26 16.25 18.34
C VAL D 440 39.30 15.40 19.07
N LYS D 441 40.50 15.96 19.23
CA LYS D 441 41.58 15.22 19.89
C LYS D 441 41.37 15.20 21.40
N ILE D 442 41.97 14.20 22.04
CA ILE D 442 41.82 14.01 23.48
C ILE D 442 42.82 14.88 24.22
N ASN D 443 44.11 14.65 23.96
CA ASN D 443 45.19 15.41 24.58
C ASN D 443 46.13 15.96 23.51
N ASN D 444 47.11 16.74 23.97
CA ASN D 444 48.00 17.49 23.10
C ASN D 444 49.35 16.81 22.90
N SER D 445 49.60 15.69 23.59
CA SER D 445 50.83 14.94 23.38
C SER D 445 50.69 13.98 22.20
N THR D 446 49.55 13.32 22.09
CA THR D 446 49.25 12.43 20.97
C THR D 446 48.28 13.10 20.01
N ASN D 447 48.15 12.51 18.83
CA ASN D 447 47.25 13.01 17.79
C ASN D 447 45.99 12.19 17.66
N GLU D 448 45.76 11.22 18.55
CA GLU D 448 44.57 10.41 18.49
C GLU D 448 43.38 11.20 19.02
N GLY D 449 42.22 11.00 18.40
CA GLY D 449 41.00 11.68 18.82
C GLY D 449 39.75 10.87 18.57
N MET D 450 38.60 11.48 18.82
CA MET D 450 37.31 10.83 18.65
C MET D 450 36.43 11.66 17.73
N ASN D 451 35.64 10.98 16.90
CA ASN D 451 34.68 11.64 16.02
C ASN D 451 33.41 11.87 16.82
N VAL D 452 33.36 12.99 17.53
CA VAL D 452 32.19 13.34 18.33
C VAL D 452 31.06 13.76 17.39
N LYS D 453 29.90 13.14 17.57
CA LYS D 453 28.73 13.39 16.73
C LYS D 453 27.78 14.35 17.44
N LYS D 454 27.39 15.41 16.73
CA LYS D 454 26.56 16.48 17.28
C LYS D 454 25.45 16.81 16.29
N CYS D 455 24.60 17.77 16.65
CA CYS D 455 23.48 18.17 15.83
C CYS D 455 23.76 19.54 15.22
N CYS D 456 23.17 19.79 14.05
CA CYS D 456 23.38 21.04 13.31
C CYS D 456 22.06 21.62 12.84
N LYS D 457 21.84 22.91 13.15
CA LYS D 457 20.76 23.68 12.57
C LYS D 457 21.32 24.97 11.98
N GLY D 458 20.45 25.84 11.48
CA GLY D 458 20.89 27.13 10.98
C GLY D 458 20.34 27.39 9.60
N PHE D 459 21.06 28.24 8.85
CA PHE D 459 20.63 28.68 7.54
C PHE D 459 21.13 27.76 6.42
N CYS D 460 22.43 27.46 6.43
CA CYS D 460 23.00 26.57 5.41
C CYS D 460 22.50 25.14 5.58
N ILE D 461 22.09 24.77 6.79
CA ILE D 461 21.42 23.48 6.99
C ILE D 461 20.09 23.46 6.26
N ASP D 462 19.35 24.57 6.31
CA ASP D 462 18.09 24.68 5.58
C ASP D 462 18.32 24.68 4.07
N ILE D 463 19.41 25.32 3.63
CA ILE D 463 19.78 25.31 2.22
C ILE D 463 20.09 23.88 1.75
N LEU D 464 20.84 23.14 2.56
CA LEU D 464 21.19 21.76 2.21
C LEU D 464 19.98 20.84 2.23
N LYS D 465 19.05 21.07 3.17
CA LYS D 465 17.83 20.28 3.21
C LYS D 465 16.94 20.57 2.01
N LYS D 466 16.86 21.83 1.58
CA LYS D 466 16.05 22.12 0.39
C LYS D 466 16.73 21.62 -0.88
N LEU D 467 18.06 21.60 -0.92
CA LEU D 467 18.75 20.97 -2.05
C LEU D 467 18.53 19.47 -2.07
N SER D 468 18.46 18.83 -0.90
CA SER D 468 18.15 17.41 -0.86
C SER D 468 16.69 17.14 -1.21
N ARG D 469 15.81 18.11 -0.96
CA ARG D 469 14.43 17.97 -1.40
C ARG D 469 14.31 18.09 -2.92
N THR D 470 15.00 19.06 -3.51
CA THR D 470 14.84 19.35 -4.93
C THR D 470 15.71 18.45 -5.80
N VAL D 471 17.02 18.48 -5.58
CA VAL D 471 17.95 17.76 -6.45
C VAL D 471 17.90 16.25 -6.17
N LYS D 472 17.52 15.87 -4.95
CA LYS D 472 17.38 14.48 -4.49
C LYS D 472 18.71 13.72 -4.61
N PHE D 473 19.68 14.16 -3.82
CA PHE D 473 20.99 13.54 -3.72
C PHE D 473 21.23 13.12 -2.26
N THR D 474 22.43 12.63 -2.00
CA THR D 474 22.87 12.26 -0.66
C THR D 474 24.06 13.11 -0.25
N TYR D 475 24.12 13.48 1.02
CA TYR D 475 25.15 14.35 1.54
C TYR D 475 25.89 13.66 2.68
N ASP D 476 27.15 14.03 2.87
CA ASP D 476 27.99 13.53 3.96
C ASP D 476 28.55 14.76 4.67
N LEU D 477 27.80 15.27 5.64
CA LEU D 477 28.14 16.51 6.32
C LEU D 477 28.97 16.24 7.58
N TYR D 478 30.07 16.98 7.72
CA TYR D 478 30.91 16.90 8.92
C TYR D 478 31.62 18.24 9.08
N LEU D 479 32.32 18.38 10.20
CA LEU D 479 32.98 19.63 10.56
C LEU D 479 34.46 19.56 10.23
N VAL D 480 35.05 20.74 10.07
CA VAL D 480 36.47 20.87 9.79
C VAL D 480 37.24 20.86 11.10
N THR D 481 38.41 20.23 11.10
CA THR D 481 39.24 20.14 12.30
C THR D 481 40.55 20.92 12.20
N ASN D 482 40.91 21.38 11.01
CA ASN D 482 42.17 22.11 10.86
C ASN D 482 42.02 23.55 11.32
N GLY D 483 40.89 24.18 11.03
CA GLY D 483 40.66 25.54 11.47
C GLY D 483 39.63 26.32 10.68
N LYS D 484 40.03 27.51 10.23
CA LYS D 484 39.13 28.45 9.56
C LYS D 484 38.93 28.12 8.08
N HIS D 485 38.43 29.11 7.32
CA HIS D 485 38.05 28.92 5.93
C HIS D 485 39.22 28.45 5.07
N GLY D 486 40.29 29.24 5.02
CA GLY D 486 41.44 28.86 4.22
C GLY D 486 42.49 29.94 4.10
N LYS D 487 43.76 29.54 4.06
CA LYS D 487 44.87 30.48 3.93
C LYS D 487 46.06 29.76 3.31
N LYS D 488 46.58 30.31 2.22
CA LYS D 488 47.71 29.73 1.51
C LYS D 488 48.99 30.05 2.28
N VAL D 489 49.52 29.06 3.00
CA VAL D 489 50.75 29.22 3.77
C VAL D 489 51.86 28.61 2.92
N ASN D 490 52.45 29.44 2.06
CA ASN D 490 53.54 29.07 1.14
C ASN D 490 53.15 27.89 0.24
N ASN D 491 52.13 28.14 -0.59
CA ASN D 491 51.54 27.17 -1.52
C ASN D 491 51.00 25.93 -0.79
N VAL D 492 50.53 26.12 0.44
CA VAL D 492 49.86 25.09 1.22
C VAL D 492 48.60 25.70 1.81
N TRP D 493 47.45 25.17 1.44
CA TRP D 493 46.18 25.66 1.95
C TRP D 493 45.81 24.92 3.24
N ASN D 494 44.69 25.31 3.83
CA ASN D 494 44.24 24.72 5.08
C ASN D 494 42.72 24.82 5.19
N GLY D 495 42.16 23.98 6.06
CA GLY D 495 40.72 24.05 6.32
C GLY D 495 39.90 23.48 5.19
N MET D 496 38.80 24.17 4.89
CA MET D 496 37.88 23.71 3.85
C MET D 496 38.50 23.80 2.46
N ILE D 497 39.40 24.75 2.26
CA ILE D 497 40.15 24.82 1.01
C ILE D 497 41.07 23.61 0.87
N GLY D 498 41.71 23.20 1.98
CA GLY D 498 42.52 22.01 1.96
C GLY D 498 41.72 20.74 1.82
N GLU D 499 40.43 20.77 2.19
CA GLU D 499 39.58 19.60 2.00
C GLU D 499 39.04 19.51 0.57
N VAL D 500 38.75 20.65 -0.04
CA VAL D 500 38.14 20.63 -1.38
C VAL D 500 39.21 20.52 -2.47
N VAL D 501 40.30 21.30 -2.35
CA VAL D 501 41.34 21.31 -3.38
C VAL D 501 42.07 19.97 -3.43
N TYR D 502 42.37 19.39 -2.28
CA TYR D 502 42.97 18.06 -2.23
C TYR D 502 41.95 16.93 -2.35
N GLN D 503 40.69 17.27 -2.62
CA GLN D 503 39.63 16.34 -3.05
C GLN D 503 39.29 15.31 -1.98
N ARG D 504 39.50 15.64 -0.71
CA ARG D 504 38.98 14.80 0.36
C ARG D 504 37.50 15.02 0.58
N ALA D 505 36.97 16.17 0.18
CA ALA D 505 35.54 16.43 0.20
C ALA D 505 35.09 16.89 -1.19
N VAL D 506 33.84 17.33 -1.33
CA VAL D 506 33.29 17.75 -2.61
C VAL D 506 33.02 19.26 -2.62
N MET D 507 32.16 19.74 -1.71
CA MET D 507 31.76 21.13 -1.71
C MET D 507 31.52 21.58 -0.28
N ALA D 508 31.34 22.89 -0.12
CA ALA D 508 31.09 23.50 1.18
C ALA D 508 29.79 24.29 1.10
N VAL D 509 28.78 23.85 1.86
CA VAL D 509 27.49 24.54 1.89
C VAL D 509 27.61 25.83 2.71
N GLY D 510 28.54 25.87 3.66
CA GLY D 510 28.72 27.03 4.51
C GLY D 510 29.23 28.25 3.75
N SER D 511 29.15 29.39 4.43
CA SER D 511 29.48 30.67 3.81
C SER D 511 30.99 30.80 3.60
N LEU D 512 31.35 31.50 2.54
CA LEU D 512 32.75 31.67 2.16
C LEU D 512 32.90 32.94 1.34
N THR D 513 33.87 33.76 1.71
CA THR D 513 34.20 34.93 0.91
C THR D 513 34.93 34.51 -0.36
N ILE D 514 34.78 35.32 -1.41
CA ILE D 514 35.32 35.01 -2.73
C ILE D 514 36.31 36.09 -3.12
N ASN D 515 37.54 35.68 -3.42
CA ASN D 515 38.56 36.58 -3.97
C ASN D 515 39.25 35.86 -5.12
N GLU D 516 40.39 36.42 -5.54
CA GLU D 516 41.03 36.01 -6.80
C GLU D 516 41.55 34.58 -6.76
N GLU D 517 42.41 34.27 -5.77
CA GLU D 517 43.06 32.97 -5.76
C GLU D 517 42.13 31.84 -5.35
N ARG D 518 41.06 32.14 -4.60
CA ARG D 518 40.04 31.13 -4.33
C ARG D 518 39.29 30.76 -5.61
N SER D 519 39.01 31.75 -6.47
CA SER D 519 38.44 31.44 -7.77
C SER D 519 39.46 30.82 -8.71
N GLU D 520 40.76 31.00 -8.42
CA GLU D 520 41.78 30.30 -9.20
C GLU D 520 41.81 28.82 -8.83
N VAL D 521 41.69 28.49 -7.55
CA VAL D 521 41.91 27.10 -7.16
C VAL D 521 40.67 26.23 -7.37
N VAL D 522 39.46 26.76 -7.16
CA VAL D 522 38.22 26.02 -7.34
C VAL D 522 37.26 26.85 -8.18
N ASP D 523 36.07 26.30 -8.38
CA ASP D 523 35.00 26.94 -9.15
C ASP D 523 33.85 27.25 -8.21
N PHE D 524 33.50 28.53 -8.10
CA PHE D 524 32.37 28.93 -7.28
C PHE D 524 31.07 28.84 -8.07
N SER D 525 29.97 28.74 -7.33
CA SER D 525 28.64 28.76 -7.92
C SER D 525 28.15 30.20 -8.00
N VAL D 526 26.89 30.38 -8.34
CA VAL D 526 26.29 31.72 -8.39
C VAL D 526 25.99 32.17 -6.97
N PRO D 527 26.08 33.46 -6.68
CA PRO D 527 25.70 33.94 -5.34
C PRO D 527 24.19 34.00 -5.17
N PHE D 528 23.78 34.11 -3.92
CA PHE D 528 22.36 34.17 -3.57
C PHE D 528 21.99 35.28 -2.61
N VAL D 529 22.95 35.88 -1.91
CA VAL D 529 22.67 36.89 -0.91
C VAL D 529 23.69 38.02 -1.06
N GLU D 530 23.24 39.25 -0.82
CA GLU D 530 24.08 40.44 -0.98
C GLU D 530 24.72 40.76 0.37
N THR D 531 25.89 40.17 0.61
CA THR D 531 26.60 40.33 1.88
C THR D 531 27.99 40.89 1.59
N GLY D 532 28.13 42.19 1.75
CA GLY D 532 29.42 42.85 1.66
C GLY D 532 30.14 42.88 3.00
N ILE D 533 30.91 43.94 3.20
CA ILE D 533 31.60 44.17 4.46
C ILE D 533 31.04 45.43 5.11
N SER D 534 31.36 45.61 6.38
CA SER D 534 30.85 46.73 7.17
C SER D 534 31.76 46.94 8.37
N VAL D 535 31.56 48.09 9.03
CA VAL D 535 32.29 48.48 10.21
C VAL D 535 31.30 48.73 11.33
N MET D 536 31.45 48.02 12.44
CA MET D 536 30.62 48.23 13.62
C MET D 536 31.29 49.23 14.55
N VAL D 537 30.54 50.26 14.93
CA VAL D 537 30.95 51.25 15.91
C VAL D 537 29.85 51.36 16.97
N SER D 538 30.05 52.27 17.92
CA SER D 538 29.08 52.51 18.98
C SER D 538 27.84 53.23 18.44
N PHE D 658 19.98 60.29 13.71
CA PHE D 658 21.14 59.63 14.30
C PHE D 658 22.39 60.19 13.66
N VAL D 659 23.47 60.24 14.44
CA VAL D 659 24.74 60.78 13.98
C VAL D 659 25.64 59.65 13.50
N ASP D 660 26.46 59.95 12.50
CA ASP D 660 27.39 58.99 11.90
C ASP D 660 28.76 59.65 11.78
N GLN D 661 29.77 59.02 12.40
CA GLN D 661 31.13 59.55 12.31
C GLN D 661 31.82 59.08 11.03
N VAL D 662 31.90 57.77 10.85
CA VAL D 662 32.57 57.20 9.68
C VAL D 662 31.60 57.14 8.52
N THR D 663 32.01 57.67 7.36
CA THR D 663 31.18 57.62 6.17
C THR D 663 31.46 56.38 5.33
N GLY D 664 32.67 55.84 5.39
CA GLY D 664 32.99 54.65 4.62
C GLY D 664 34.50 54.41 4.59
N LEU D 665 34.94 53.81 3.49
CA LEU D 665 36.37 53.53 3.32
C LEU D 665 37.18 54.79 3.05
N SER D 666 36.53 55.86 2.59
CA SER D 666 37.18 57.15 2.33
C SER D 666 37.19 58.04 3.56
N ASP D 667 37.12 57.46 4.76
CA ASP D 667 37.12 58.24 5.98
C ASP D 667 38.49 58.85 6.24
N LYS D 668 38.49 60.03 6.86
CA LYS D 668 39.73 60.65 7.31
C LYS D 668 40.30 59.96 8.55
N LYS D 669 39.52 59.12 9.23
CA LYS D 669 40.02 58.30 10.32
C LYS D 669 40.96 57.21 9.83
N PHE D 670 40.88 56.83 8.54
CA PHE D 670 41.67 55.74 7.98
C PHE D 670 43.04 56.19 7.49
N GLN D 671 43.54 57.33 7.98
CA GLN D 671 44.87 57.80 7.63
C GLN D 671 45.84 57.72 8.79
N ARG D 672 45.50 58.33 9.93
CA ARG D 672 46.36 58.34 11.11
C ARG D 672 45.51 58.65 12.34
N PRO D 673 45.57 57.82 13.38
CA PRO D 673 44.80 58.13 14.61
C PRO D 673 45.38 59.27 15.42
N HIS D 674 46.57 59.77 15.07
CA HIS D 674 47.10 60.97 15.70
C HIS D 674 46.41 62.23 15.21
N ASP D 675 45.73 62.16 14.07
CA ASP D 675 44.99 63.31 13.55
C ASP D 675 43.82 63.67 14.44
N TYR D 676 43.19 62.65 15.04
CA TYR D 676 42.10 62.86 15.98
C TYR D 676 42.62 62.75 17.41
N SER D 677 41.98 63.50 18.31
CA SER D 677 42.47 63.62 19.68
C SER D 677 42.30 62.35 20.54
N PRO D 678 41.24 61.55 20.44
CA PRO D 678 41.31 60.21 21.06
C PRO D 678 41.96 59.21 20.13
N PRO D 679 42.98 58.50 20.60
CA PRO D 679 43.56 57.41 19.81
C PRO D 679 42.66 56.19 19.82
N PHE D 680 41.99 55.95 18.70
CA PHE D 680 41.01 54.87 18.59
C PHE D 680 41.70 53.60 18.10
N ARG D 681 40.90 52.57 17.82
CA ARG D 681 41.42 51.24 17.54
C ARG D 681 40.36 50.42 16.81
N PHE D 682 40.81 49.62 15.85
CA PHE D 682 39.92 48.74 15.11
C PHE D 682 40.76 47.62 14.48
N GLY D 683 40.23 46.40 14.55
CA GLY D 683 40.91 45.25 13.98
C GLY D 683 39.95 44.30 13.29
N THR D 684 40.44 43.11 12.95
CA THR D 684 39.64 42.06 12.33
C THR D 684 39.88 40.75 13.09
N VAL D 685 39.30 39.67 12.55
CA VAL D 685 39.51 38.33 13.08
C VAL D 685 40.83 37.80 12.51
N PRO D 686 41.57 36.98 13.25
CA PRO D 686 42.82 36.43 12.71
C PRO D 686 42.54 35.36 11.66
N ASN D 687 43.56 35.14 10.82
CA ASN D 687 43.57 34.15 9.73
C ASN D 687 42.40 34.34 8.76
N GLY D 688 41.99 35.58 8.53
CA GLY D 688 40.81 35.83 7.72
C GLY D 688 41.13 36.38 6.34
N SER D 689 40.17 36.20 5.43
CA SER D 689 40.31 36.74 4.09
C SER D 689 40.12 38.24 4.03
N THR D 690 39.47 38.82 5.05
CA THR D 690 39.37 40.28 5.15
C THR D 690 40.74 40.89 5.37
N GLU D 691 41.61 40.19 6.12
CA GLU D 691 43.00 40.61 6.27
C GLU D 691 43.72 40.61 4.92
N ARG D 692 43.48 39.60 4.10
CA ARG D 692 44.06 39.55 2.76
C ARG D 692 43.51 40.67 1.88
N ASN D 693 42.23 41.00 2.04
CA ASN D 693 41.63 42.09 1.28
C ASN D 693 42.22 43.44 1.66
N ILE D 694 42.51 43.63 2.96
CA ILE D 694 43.15 44.86 3.41
C ILE D 694 44.59 44.93 2.93
N ARG D 695 45.31 43.79 2.98
CA ARG D 695 46.70 43.77 2.54
C ARG D 695 46.83 43.95 1.03
N ASN D 696 45.81 43.56 0.26
CA ASN D 696 45.77 43.93 -1.15
C ASN D 696 45.29 45.35 -1.37
N ASN D 697 44.52 45.92 -0.43
CA ASN D 697 44.12 47.31 -0.55
C ASN D 697 45.19 48.25 0.00
N TYR D 698 45.53 48.10 1.28
CA TYR D 698 46.49 48.99 1.91
C TYR D 698 47.41 48.23 2.86
N PRO D 699 48.70 48.10 2.53
CA PRO D 699 49.63 47.48 3.49
C PRO D 699 49.88 48.34 4.73
N TYR D 700 49.77 49.66 4.60
CA TYR D 700 49.91 50.54 5.76
C TYR D 700 48.76 50.32 6.74
N MET D 701 47.57 50.02 6.22
CA MET D 701 46.44 49.68 7.09
C MET D 701 46.69 48.37 7.83
N HIS D 702 47.35 47.41 7.19
CA HIS D 702 47.77 46.19 7.87
C HIS D 702 48.83 46.48 8.92
N GLN D 703 49.70 47.46 8.65
CA GLN D 703 50.73 47.84 9.63
C GLN D 703 50.11 48.51 10.86
N TYR D 704 49.06 49.30 10.67
CA TYR D 704 48.36 49.85 11.83
C TYR D 704 47.49 48.81 12.52
N MET D 705 46.95 47.84 11.78
CA MET D 705 46.08 46.82 12.34
C MET D 705 46.88 45.74 13.08
N THR D 706 48.19 45.65 12.80
CA THR D 706 49.03 44.66 13.46
C THR D 706 49.09 44.87 14.98
N ARG D 707 49.07 46.13 15.41
CA ARG D 707 48.96 46.43 16.83
C ARG D 707 47.51 46.44 17.32
N PHE D 708 46.54 46.19 16.44
CA PHE D 708 45.12 46.30 16.76
C PHE D 708 44.38 44.98 16.60
N ASN D 709 45.08 43.85 16.64
CA ASN D 709 44.43 42.57 16.42
C ASN D 709 43.66 42.11 17.65
N GLN D 710 42.84 41.08 17.46
CA GLN D 710 42.02 40.50 18.52
C GLN D 710 41.85 39.01 18.22
N ARG D 711 40.97 38.36 18.98
CA ARG D 711 40.83 36.91 18.90
C ARG D 711 39.47 36.45 18.38
N GLY D 712 38.37 36.84 19.04
CA GLY D 712 37.08 36.22 18.79
C GLY D 712 35.99 37.22 18.44
N VAL D 713 35.00 36.75 17.69
CA VAL D 713 33.88 37.60 17.28
C VAL D 713 33.05 38.02 18.49
N GLU D 714 32.72 37.05 19.36
CA GLU D 714 32.06 37.39 20.61
C GLU D 714 32.99 38.14 21.55
N ASP D 715 34.29 37.87 21.48
CA ASP D 715 35.26 38.63 22.27
C ASP D 715 35.33 40.07 21.81
N ALA D 716 35.31 40.30 20.49
CA ALA D 716 35.25 41.67 19.97
C ALA D 716 33.92 42.33 20.27
N LEU D 717 32.84 41.54 20.35
CA LEU D 717 31.54 42.10 20.73
C LEU D 717 31.54 42.57 22.18
N VAL D 718 32.10 41.77 23.09
CA VAL D 718 32.23 42.17 24.49
C VAL D 718 33.16 43.37 24.62
N SER D 719 34.23 43.40 23.79
CA SER D 719 35.13 44.55 23.82
C SER D 719 34.48 45.82 23.30
N LEU D 720 33.53 45.70 22.37
CA LEU D 720 32.80 46.88 21.92
C LEU D 720 31.74 47.31 22.93
N LYS D 721 31.12 46.35 23.63
CA LYS D 721 30.11 46.71 24.62
C LYS D 721 30.72 47.34 25.86
N THR D 722 31.81 46.78 26.37
CA THR D 722 32.42 47.31 27.57
C THR D 722 33.24 48.57 27.29
N GLY D 723 33.99 48.56 26.18
CA GLY D 723 34.81 49.72 25.82
C GLY D 723 36.26 49.37 25.59
N LYS D 724 36.55 48.08 25.40
CA LYS D 724 37.90 47.63 25.08
C LYS D 724 38.20 47.67 23.60
N LEU D 725 37.28 48.20 22.78
CA LEU D 725 37.46 48.32 21.35
C LEU D 725 36.57 49.44 20.85
N ASP D 726 37.05 50.19 19.86
CA ASP D 726 36.30 51.32 19.32
C ASP D 726 35.47 50.92 18.10
N ALA D 727 36.11 50.40 17.06
CA ALA D 727 35.43 49.98 15.83
C ALA D 727 35.88 48.56 15.48
N PHE D 728 35.17 47.96 14.52
CA PHE D 728 35.52 46.61 14.09
C PHE D 728 35.10 46.44 12.64
N ILE D 729 35.89 45.69 11.88
CA ILE D 729 35.63 45.44 10.46
C ILE D 729 35.23 43.98 10.30
N TYR D 730 34.04 43.75 9.74
CA TYR D 730 33.54 42.39 9.53
C TYR D 730 32.63 42.43 8.30
N ASP D 731 31.83 41.40 8.11
CA ASP D 731 30.82 41.40 7.05
C ASP D 731 29.56 42.11 7.52
N ALA D 732 28.61 42.29 6.60
CA ALA D 732 27.47 43.16 6.86
C ALA D 732 26.33 42.43 7.55
N ALA D 733 25.83 41.35 6.94
CA ALA D 733 24.57 40.75 7.40
C ALA D 733 24.74 39.99 8.70
N VAL D 734 25.93 39.46 8.97
CA VAL D 734 26.15 38.76 10.24
C VAL D 734 26.15 39.75 11.40
N LEU D 735 26.76 40.93 11.19
CA LEU D 735 26.68 41.98 12.19
C LEU D 735 25.26 42.55 12.30
N ASN D 736 24.51 42.55 11.19
CA ASN D 736 23.11 42.98 11.25
C ASN D 736 22.27 42.01 12.07
N TYR D 737 22.55 40.71 11.95
CA TYR D 737 21.83 39.71 12.74
C TYR D 737 22.24 39.76 14.21
N LYS D 738 23.52 40.05 14.47
CA LYS D 738 23.97 40.16 15.86
C LYS D 738 23.47 41.43 16.52
N ALA D 739 23.22 42.48 15.74
CA ALA D 739 22.69 43.72 16.30
C ALA D 739 21.17 43.69 16.40
N GLY D 740 20.50 42.90 15.56
CA GLY D 740 19.05 42.79 15.62
C GLY D 740 18.52 42.01 16.80
N ARG D 741 19.38 41.24 17.48
CA ARG D 741 18.98 40.48 18.66
C ARG D 741 19.71 40.94 19.91
N ASP D 742 20.48 42.03 19.84
CA ASP D 742 21.23 42.50 20.99
C ASP D 742 20.36 43.39 21.87
N GLU D 743 20.47 43.19 23.18
CA GLU D 743 19.71 43.99 24.15
C GLU D 743 20.41 45.34 24.34
N GLY D 744 19.65 46.41 24.13
CA GLY D 744 20.19 47.75 24.30
C GLY D 744 20.38 48.47 22.98
N CYS D 745 20.91 47.74 21.98
CA CYS D 745 21.14 48.22 20.61
C CYS D 745 22.04 49.46 20.58
N LYS D 746 23.08 49.45 21.42
CA LYS D 746 23.99 50.59 21.48
C LYS D 746 24.92 50.63 20.28
N LEU D 747 25.35 49.47 19.79
CA LEU D 747 26.22 49.41 18.63
C LEU D 747 25.41 49.65 17.36
N VAL D 748 25.84 50.62 16.56
CA VAL D 748 25.11 51.06 15.38
C VAL D 748 25.94 50.74 14.15
N THR D 749 25.30 50.15 13.14
CA THR D 749 25.98 49.84 11.89
C THR D 749 26.21 51.12 11.08
N ILE D 750 27.04 51.01 10.06
CA ILE D 750 27.42 52.14 9.21
C ILE D 750 26.98 51.83 7.79
N GLY D 751 26.00 52.59 7.30
CA GLY D 751 25.57 52.49 5.91
C GLY D 751 24.86 51.19 5.59
N SER D 752 24.82 50.89 4.29
CA SER D 752 24.21 49.66 3.79
C SER D 752 25.05 49.03 2.68
N GLY D 753 26.37 49.20 2.73
CA GLY D 753 27.23 48.65 1.71
C GLY D 753 27.44 49.56 0.53
N TYR D 754 27.92 50.77 0.78
CA TYR D 754 28.12 51.78 -0.26
C TYR D 754 29.58 52.00 -0.61
N ILE D 755 30.46 52.12 0.39
CA ILE D 755 31.87 52.38 0.14
C ILE D 755 32.60 51.11 0.60
N PHE D 756 31.94 49.97 0.45
CA PHE D 756 32.42 48.70 0.97
C PHE D 756 32.70 47.74 -0.19
N ALA D 757 32.98 46.49 0.17
CA ALA D 757 33.38 45.50 -0.83
C ALA D 757 32.20 45.09 -1.70
N THR D 758 31.05 44.79 -1.07
CA THR D 758 29.78 44.42 -1.71
C THR D 758 29.97 43.16 -2.58
N THR D 759 30.26 42.07 -1.88
CA THR D 759 30.44 40.76 -2.48
C THR D 759 29.24 39.88 -2.14
N GLY D 760 29.33 38.59 -2.52
CA GLY D 760 28.27 37.65 -2.26
C GLY D 760 28.80 36.37 -1.64
N TYR D 761 27.86 35.48 -1.33
CA TYR D 761 28.15 34.16 -0.76
C TYR D 761 27.80 33.10 -1.78
N GLY D 762 28.78 32.26 -2.12
CA GLY D 762 28.60 31.18 -3.07
C GLY D 762 28.96 29.84 -2.48
N ILE D 763 28.81 28.81 -3.33
CA ILE D 763 29.13 27.43 -2.96
C ILE D 763 30.31 27.00 -3.83
N ALA D 764 31.44 26.74 -3.20
CA ALA D 764 32.64 26.35 -3.94
C ALA D 764 32.56 24.87 -4.29
N LEU D 765 32.75 24.56 -5.58
CA LEU D 765 32.82 23.19 -6.06
C LEU D 765 34.16 22.95 -6.73
N GLN D 766 34.45 21.68 -6.99
CA GLN D 766 35.70 21.32 -7.64
C GLN D 766 35.66 21.69 -9.12
N LYS D 767 36.84 21.80 -9.71
CA LYS D 767 36.97 22.19 -11.11
C LYS D 767 36.54 21.03 -12.00
N GLY D 768 35.40 21.19 -12.67
CA GLY D 768 34.85 20.15 -13.51
C GLY D 768 33.77 19.31 -12.86
N SER D 769 33.06 19.83 -11.88
CA SER D 769 32.02 19.06 -11.20
C SER D 769 30.75 19.06 -12.05
N PRO D 770 30.10 17.90 -12.21
CA PRO D 770 28.84 17.88 -12.96
C PRO D 770 27.66 18.46 -12.19
N TRP D 771 27.78 18.61 -10.88
CA TRP D 771 26.71 19.14 -10.06
C TRP D 771 26.56 20.66 -10.15
N LYS D 772 27.52 21.33 -10.81
CA LYS D 772 27.59 22.79 -10.76
C LYS D 772 26.41 23.45 -11.46
N ARG D 773 26.04 22.93 -12.63
CA ARG D 773 24.90 23.48 -13.37
C ARG D 773 23.59 23.25 -12.65
N GLN D 774 23.44 22.08 -12.01
CA GLN D 774 22.23 21.78 -11.26
C GLN D 774 22.12 22.65 -10.02
N ILE D 775 23.23 22.92 -9.34
CA ILE D 775 23.22 23.82 -8.19
C ILE D 775 22.93 25.25 -8.62
N ASP D 776 23.46 25.66 -9.78
CA ASP D 776 23.19 27.00 -10.30
C ASP D 776 21.72 27.16 -10.70
N LEU D 777 21.08 26.09 -11.18
CA LEU D 777 19.65 26.16 -11.45
C LEU D 777 18.85 26.15 -10.15
N ALA D 778 19.29 25.35 -9.17
CA ALA D 778 18.54 25.20 -7.93
C ALA D 778 18.58 26.46 -7.06
N LEU D 779 19.70 27.18 -7.07
CA LEU D 779 19.78 28.44 -6.32
C LEU D 779 18.86 29.49 -6.92
N LEU D 780 18.81 29.59 -8.25
CA LEU D 780 17.90 30.54 -8.88
C LEU D 780 16.45 30.12 -8.75
N GLN D 781 16.20 28.82 -8.59
CA GLN D 781 14.85 28.38 -8.26
C GLN D 781 14.48 28.74 -6.83
N PHE D 782 15.44 28.62 -5.91
CA PHE D 782 15.17 28.92 -4.50
C PHE D 782 15.03 30.41 -4.23
N VAL D 783 15.73 31.24 -5.00
CA VAL D 783 15.59 32.69 -4.81
C VAL D 783 14.36 33.22 -5.54
N GLY D 784 14.12 32.73 -6.76
CA GLY D 784 13.09 33.28 -7.62
C GLY D 784 11.65 32.93 -7.30
N ASP D 785 11.36 32.47 -6.08
CA ASP D 785 10.00 32.17 -5.68
C ASP D 785 9.67 32.68 -4.28
N GLY D 786 10.52 33.50 -3.68
CA GLY D 786 10.29 34.00 -2.34
C GLY D 786 10.63 33.03 -1.23
N GLU D 787 11.14 31.85 -1.56
CA GLU D 787 11.51 30.88 -0.53
C GLU D 787 12.81 31.29 0.16
N MET D 788 13.72 31.92 -0.58
CA MET D 788 14.89 32.52 0.03
C MET D 788 14.50 33.69 0.93
N GLU D 789 13.46 34.44 0.54
CA GLU D 789 12.92 35.49 1.40
C GLU D 789 12.28 34.90 2.65
N GLU D 790 11.65 33.73 2.53
CA GLU D 790 11.11 33.03 3.70
C GLU D 790 12.22 32.59 4.65
N LEU D 791 13.34 32.10 4.09
CA LEU D 791 14.46 31.73 4.94
C LEU D 791 15.14 32.95 5.57
N GLU D 792 15.16 34.08 4.87
CA GLU D 792 15.67 35.31 5.46
C GLU D 792 14.75 35.82 6.56
N THR D 793 13.44 35.64 6.40
CA THR D 793 12.51 35.99 7.46
C THR D 793 12.70 35.08 8.67
N LEU D 794 13.01 33.80 8.41
CA LEU D 794 13.22 32.86 9.49
C LEU D 794 14.53 33.12 10.24
N TRP D 795 15.58 33.51 9.51
CA TRP D 795 16.91 33.58 10.11
C TRP D 795 17.48 35.00 10.18
N LEU D 796 16.67 36.03 9.95
CA LEU D 796 17.08 37.40 10.20
C LEU D 796 15.93 38.15 10.83
N THR D 797 16.26 39.14 11.66
CA THR D 797 15.27 39.97 12.35
C THR D 797 15.62 41.43 12.10
N GLY D 798 14.92 42.05 11.15
CA GLY D 798 15.15 43.44 10.85
C GLY D 798 14.36 44.37 11.76
N ILE D 799 15.04 44.96 12.73
CA ILE D 799 14.41 45.86 13.69
C ILE D 799 14.66 47.29 13.26
N CYS D 800 13.77 48.19 13.71
CA CYS D 800 13.75 49.62 13.41
C CYS D 800 13.77 49.93 11.91
N LYS E 25 13.26 -29.53 -54.14
CA LYS E 25 14.67 -29.74 -53.84
C LYS E 25 15.55 -28.79 -54.64
N ILE E 26 14.95 -27.71 -55.14
CA ILE E 26 15.67 -26.73 -55.95
C ILE E 26 15.53 -25.35 -55.32
N VAL E 27 16.54 -24.52 -55.53
CA VAL E 27 16.56 -23.15 -55.09
C VAL E 27 16.94 -22.28 -56.28
N ASN E 28 16.06 -21.35 -56.64
CA ASN E 28 16.28 -20.46 -57.77
C ASN E 28 16.81 -19.11 -57.28
N ILE E 29 17.77 -18.56 -58.02
CA ILE E 29 18.37 -17.27 -57.69
C ILE E 29 18.26 -16.36 -58.91
N GLY E 30 17.58 -15.23 -58.76
CA GLY E 30 17.42 -14.27 -59.83
C GLY E 30 18.47 -13.18 -59.74
N ALA E 31 18.89 -12.68 -60.91
CA ALA E 31 19.93 -11.67 -60.99
C ALA E 31 19.69 -10.77 -62.19
N VAL E 32 20.01 -9.49 -62.03
CA VAL E 32 19.94 -8.53 -63.12
C VAL E 32 21.39 -8.15 -63.41
N LEU E 33 22.01 -8.86 -64.36
CA LEU E 33 23.42 -8.67 -64.64
C LEU E 33 23.64 -8.60 -66.14
N SER E 34 24.60 -7.78 -66.57
CA SER E 34 24.79 -7.45 -67.98
C SER E 34 25.86 -8.30 -68.66
N THR E 35 27.10 -8.22 -68.17
CA THR E 35 28.24 -8.76 -68.89
C THR E 35 28.30 -10.28 -68.81
N ARG E 36 28.68 -10.90 -69.92
CA ARG E 36 28.68 -12.37 -70.01
C ARG E 36 29.81 -12.98 -69.18
N LYS E 37 30.91 -12.25 -69.00
CA LYS E 37 32.02 -12.76 -68.18
C LYS E 37 31.62 -12.84 -66.72
N HIS E 38 30.94 -11.82 -66.20
CA HIS E 38 30.47 -11.87 -64.83
C HIS E 38 29.27 -12.80 -64.67
N GLU E 39 28.48 -13.05 -65.72
CA GLU E 39 27.48 -14.09 -65.67
C GLU E 39 28.11 -15.47 -65.56
N GLN E 40 29.21 -15.69 -66.29
CA GLN E 40 29.94 -16.94 -66.19
C GLN E 40 30.60 -17.09 -64.82
N MET E 41 31.08 -15.98 -64.25
CA MET E 41 31.64 -16.01 -62.90
C MET E 41 30.56 -16.28 -61.85
N PHE E 42 29.36 -15.75 -62.07
CA PHE E 42 28.24 -15.99 -61.17
C PHE E 42 27.80 -17.45 -61.22
N ARG E 43 27.72 -18.01 -62.43
CA ARG E 43 27.36 -19.43 -62.58
C ARG E 43 28.45 -20.33 -62.02
N GLU E 44 29.72 -19.92 -62.15
CA GLU E 44 30.82 -20.68 -61.57
C GLU E 44 30.77 -20.65 -60.04
N ALA E 45 30.39 -19.49 -59.48
CA ALA E 45 30.23 -19.41 -58.02
C ALA E 45 29.04 -20.22 -57.52
N VAL E 46 27.97 -20.29 -58.31
CA VAL E 46 26.84 -21.16 -57.98
C VAL E 46 27.27 -22.63 -58.03
N ASN E 47 28.08 -22.99 -59.02
CA ASN E 47 28.55 -24.36 -59.16
C ASN E 47 29.51 -24.73 -58.03
N GLN E 48 30.39 -23.81 -57.64
CA GLN E 48 31.33 -24.04 -56.55
C GLN E 48 30.70 -23.90 -55.18
N ALA E 49 29.48 -23.35 -55.08
CA ALA E 49 28.82 -23.26 -53.79
C ALA E 49 28.40 -24.63 -53.26
N ASN E 50 28.12 -25.59 -54.15
CA ASN E 50 27.75 -26.94 -53.75
C ASN E 50 28.94 -27.87 -53.59
N LYS E 51 30.16 -27.32 -53.53
CA LYS E 51 31.35 -28.16 -53.43
C LYS E 51 31.57 -28.67 -52.02
N ARG E 52 31.73 -27.75 -51.06
CA ARG E 52 32.04 -28.11 -49.68
C ARG E 52 30.81 -28.44 -48.85
N HIS E 53 29.60 -28.29 -49.42
CA HIS E 53 28.37 -28.58 -48.70
C HIS E 53 27.91 -30.03 -48.88
N GLY E 54 28.83 -30.93 -49.22
CA GLY E 54 28.51 -32.34 -49.30
C GLY E 54 27.72 -32.72 -50.53
N SER E 55 27.20 -33.96 -50.50
CA SER E 55 26.42 -34.54 -51.58
C SER E 55 24.93 -34.47 -51.29
N TRP E 56 24.47 -33.40 -50.65
CA TRP E 56 23.06 -33.23 -50.36
C TRP E 56 22.28 -32.96 -51.64
N LYS E 57 21.01 -33.40 -51.65
CA LYS E 57 20.19 -33.41 -52.86
C LYS E 57 19.58 -32.05 -53.20
N ILE E 58 20.04 -30.96 -52.58
CA ILE E 58 19.55 -29.63 -52.97
C ILE E 58 20.21 -29.23 -54.29
N GLN E 59 19.47 -28.49 -55.10
CA GLN E 59 19.96 -27.99 -56.37
C GLN E 59 19.89 -26.47 -56.38
N LEU E 60 20.75 -25.85 -57.19
CA LEU E 60 20.83 -24.39 -57.28
C LEU E 60 20.75 -23.99 -58.74
N ASN E 61 19.71 -23.24 -59.12
CA ASN E 61 19.59 -22.72 -60.47
C ASN E 61 19.70 -21.21 -60.41
N ALA E 62 20.23 -20.61 -61.49
CA ALA E 62 20.42 -19.17 -61.58
C ALA E 62 19.80 -18.65 -62.86
N THR E 63 19.14 -17.50 -62.77
CA THR E 63 18.50 -16.84 -63.90
C THR E 63 18.88 -15.38 -63.92
N SER E 64 19.60 -14.96 -64.96
CA SER E 64 20.09 -13.60 -65.10
C SER E 64 19.41 -12.93 -66.28
N VAL E 65 19.06 -11.66 -66.12
CA VAL E 65 18.38 -10.88 -67.16
C VAL E 65 19.24 -9.69 -67.56
N THR E 66 19.04 -9.21 -68.78
CA THR E 66 19.84 -8.05 -69.28
C THR E 66 19.17 -6.75 -68.85
N HIS E 67 19.23 -5.71 -69.69
CA HIS E 67 18.65 -4.39 -69.31
C HIS E 67 18.16 -3.62 -70.54
N LYS E 68 16.88 -3.26 -70.57
CA LYS E 68 16.36 -2.40 -71.68
C LYS E 68 16.48 -0.95 -71.21
N PRO E 69 16.81 0.02 -72.07
CA PRO E 69 17.04 1.41 -71.62
C PRO E 69 15.88 2.03 -70.86
N ASN E 70 14.69 1.46 -70.90
CA ASN E 70 13.56 1.98 -70.14
C ASN E 70 13.60 1.44 -68.71
N ALA E 71 12.57 1.74 -67.93
CA ALA E 71 12.49 1.27 -66.55
C ALA E 71 11.14 0.65 -66.19
N ILE E 72 10.07 0.98 -66.89
CA ILE E 72 8.77 0.38 -66.59
C ILE E 72 8.70 -1.04 -67.14
N GLN E 73 9.04 -1.22 -68.42
CA GLN E 73 8.99 -2.53 -69.03
C GLN E 73 10.12 -3.43 -68.56
N MET E 74 11.24 -2.84 -68.12
CA MET E 74 12.25 -3.61 -67.40
C MET E 74 11.68 -4.19 -66.11
N ALA E 75 10.96 -3.36 -65.33
CA ALA E 75 10.36 -3.83 -64.09
C ALA E 75 9.31 -4.91 -64.37
N LEU E 76 8.56 -4.74 -65.47
CA LEU E 76 7.57 -5.74 -65.87
C LEU E 76 8.23 -7.07 -66.25
N SER E 77 9.25 -7.02 -67.11
CA SER E 77 9.93 -8.24 -67.55
C SER E 77 10.59 -8.97 -66.39
N VAL E 78 11.27 -8.22 -65.51
CA VAL E 78 11.96 -8.83 -64.39
C VAL E 78 10.97 -9.39 -63.37
N CYS E 79 9.88 -8.67 -63.09
CA CYS E 79 8.95 -9.14 -62.07
C CYS E 79 8.19 -10.38 -62.53
N GLU E 80 7.69 -10.41 -63.78
CA GLU E 80 7.02 -11.63 -64.19
C GLU E 80 7.99 -12.79 -64.47
N ASP E 81 9.25 -12.50 -64.84
CA ASP E 81 10.21 -13.60 -65.00
C ASP E 81 10.61 -14.19 -63.66
N LEU E 82 10.69 -13.38 -62.60
CA LEU E 82 11.01 -13.93 -61.31
C LEU E 82 9.80 -14.51 -60.59
N ILE E 83 8.59 -14.11 -60.98
CA ILE E 83 7.39 -14.85 -60.54
C ILE E 83 7.34 -16.21 -61.21
N SER E 84 7.58 -16.27 -62.52
CA SER E 84 7.61 -17.55 -63.23
C SER E 84 8.79 -18.43 -62.85
N SER E 85 9.86 -17.84 -62.30
CA SER E 85 11.02 -18.61 -61.87
C SER E 85 10.96 -19.01 -60.41
N GLN E 86 10.20 -18.27 -59.58
CA GLN E 86 10.03 -18.49 -58.14
C GLN E 86 11.38 -18.49 -57.41
N VAL E 87 12.09 -17.36 -57.54
CA VAL E 87 13.42 -17.22 -56.98
C VAL E 87 13.34 -16.84 -55.51
N TYR E 88 14.46 -16.93 -54.80
CA TYR E 88 14.55 -16.56 -53.40
C TYR E 88 15.40 -15.32 -53.15
N ALA E 89 16.39 -15.07 -54.00
CA ALA E 89 17.27 -13.91 -53.86
C ALA E 89 17.34 -13.18 -55.19
N ILE E 90 17.24 -11.85 -55.13
CA ILE E 90 17.24 -11.00 -56.32
C ILE E 90 18.39 -10.02 -56.20
N LEU E 91 19.25 -9.99 -57.22
CA LEU E 91 20.48 -9.20 -57.17
C LEU E 91 20.56 -8.25 -58.36
N VAL E 92 20.92 -7.00 -58.07
CA VAL E 92 21.16 -5.97 -59.07
C VAL E 92 22.59 -5.50 -58.91
N SER E 93 23.37 -5.60 -59.99
CA SER E 93 24.82 -5.41 -59.93
C SER E 93 25.29 -4.52 -61.07
N HIS E 94 24.67 -3.35 -61.23
CA HIS E 94 25.00 -2.42 -62.31
C HIS E 94 25.49 -1.08 -61.77
N PRO E 95 26.79 -0.93 -61.53
CA PRO E 95 27.32 0.42 -61.23
C PRO E 95 27.30 1.40 -62.40
N PRO E 96 27.87 1.07 -63.67
CA PRO E 96 28.16 2.15 -64.62
C PRO E 96 26.95 2.55 -65.47
N THR E 97 25.80 2.75 -64.83
CA THR E 97 24.60 3.09 -65.58
C THR E 97 24.63 4.55 -66.01
N PRO E 98 24.24 4.85 -67.25
CA PRO E 98 24.25 6.25 -67.70
C PRO E 98 23.18 7.11 -67.04
N ASN E 99 22.06 6.50 -66.64
CA ASN E 99 21.03 7.22 -65.89
C ASN E 99 21.50 7.41 -64.45
N ASP E 100 21.45 8.65 -63.97
CA ASP E 100 21.91 8.98 -62.62
C ASP E 100 20.84 8.76 -61.56
N HIS E 101 19.74 8.08 -61.90
CA HIS E 101 18.69 7.81 -60.91
C HIS E 101 19.11 6.72 -59.95
N PHE E 102 19.70 5.64 -60.47
CA PHE E 102 20.19 4.47 -59.72
C PHE E 102 19.06 3.84 -58.90
N THR E 103 18.01 3.41 -59.61
CA THR E 103 16.78 2.93 -58.97
C THR E 103 16.49 1.48 -59.31
N PRO E 104 16.93 0.53 -58.47
CA PRO E 104 16.39 -0.83 -58.53
C PRO E 104 15.11 -0.99 -57.70
N THR E 105 14.49 0.13 -57.37
CA THR E 105 13.30 0.16 -56.52
C THR E 105 12.09 -0.71 -56.95
N PRO E 106 11.64 -0.77 -58.23
CA PRO E 106 10.37 -1.47 -58.48
C PRO E 106 10.44 -2.98 -58.32
N VAL E 107 11.58 -3.60 -58.64
CA VAL E 107 11.73 -5.04 -58.43
C VAL E 107 11.77 -5.35 -56.93
N SER E 108 12.41 -4.49 -56.15
CA SER E 108 12.42 -4.65 -54.71
C SER E 108 11.02 -4.45 -54.11
N TYR E 109 10.23 -3.55 -54.69
CA TYR E 109 8.87 -3.35 -54.22
C TYR E 109 7.98 -4.53 -54.57
N THR E 110 8.16 -5.10 -55.76
CA THR E 110 7.40 -6.28 -56.17
C THR E 110 7.76 -7.48 -55.32
N ALA E 111 9.04 -7.63 -54.96
CA ALA E 111 9.43 -8.70 -54.05
C ALA E 111 8.95 -8.43 -52.63
N GLY E 112 8.85 -7.16 -52.23
CA GLY E 112 8.30 -6.80 -50.94
C GLY E 112 6.80 -6.96 -50.86
N PHE E 113 6.12 -7.08 -52.01
CA PHE E 113 4.72 -7.47 -51.99
C PHE E 113 4.56 -8.90 -51.48
N TYR E 114 5.55 -9.77 -51.71
CA TYR E 114 5.56 -11.11 -51.14
C TYR E 114 6.67 -11.30 -50.11
N ARG E 115 7.33 -10.21 -49.70
CA ARG E 115 8.38 -10.20 -48.66
C ARG E 115 9.54 -11.12 -49.02
N ILE E 116 10.18 -10.82 -50.15
CA ILE E 116 11.31 -11.59 -50.66
C ILE E 116 12.53 -10.68 -50.63
N PRO E 117 13.64 -11.11 -50.00
CA PRO E 117 14.80 -10.22 -49.83
C PRO E 117 15.53 -9.96 -51.14
N VAL E 118 15.64 -8.69 -51.51
CA VAL E 118 16.45 -8.24 -52.63
C VAL E 118 17.75 -7.70 -52.08
N LEU E 119 18.87 -8.26 -52.54
CA LEU E 119 20.20 -7.87 -52.08
C LEU E 119 20.76 -6.84 -53.05
N GLY E 120 20.59 -5.56 -52.71
CA GLY E 120 21.22 -4.49 -53.49
C GLY E 120 22.72 -4.47 -53.24
N LEU E 121 23.46 -4.17 -54.30
CA LEU E 121 24.90 -4.30 -54.27
C LEU E 121 25.66 -3.05 -54.68
N THR E 122 25.02 -2.08 -55.33
CA THR E 122 25.72 -0.95 -55.95
C THR E 122 25.44 0.37 -55.24
N THR E 123 24.18 0.75 -55.12
CA THR E 123 23.84 2.08 -54.63
C THR E 123 23.97 2.15 -53.11
N ARG E 124 24.10 3.38 -52.61
CA ARG E 124 24.24 3.65 -51.18
C ARG E 124 23.30 4.75 -50.72
N MET E 125 22.11 4.82 -51.33
CA MET E 125 21.17 5.88 -50.99
C MET E 125 20.48 5.56 -49.66
N SER E 126 20.18 6.63 -48.92
CA SER E 126 19.55 6.50 -47.61
C SER E 126 18.06 6.22 -47.70
N ILE E 127 17.45 6.33 -48.89
CA ILE E 127 16.05 5.98 -49.05
C ILE E 127 15.85 4.47 -48.96
N TYR E 128 16.91 3.70 -49.24
CA TYR E 128 16.86 2.25 -49.09
C TYR E 128 17.06 1.82 -47.63
N SER E 129 17.54 2.72 -46.79
CA SER E 129 17.74 2.41 -45.38
C SER E 129 16.44 2.32 -44.61
N ASP E 130 15.39 2.98 -45.09
CA ASP E 130 14.08 2.92 -44.45
C ASP E 130 13.45 1.57 -44.73
N LYS E 131 13.38 0.72 -43.71
CA LYS E 131 12.74 -0.58 -43.86
C LYS E 131 11.21 -0.49 -43.86
N SER E 132 10.65 0.64 -43.46
CA SER E 132 9.20 0.83 -43.58
C SER E 132 8.81 1.01 -45.05
N ILE E 133 9.68 1.59 -45.86
CA ILE E 133 9.43 1.76 -47.28
C ILE E 133 9.88 0.49 -48.00
N HIS E 134 11.16 0.13 -47.81
CA HIS E 134 11.74 -1.07 -48.42
C HIS E 134 11.62 -2.21 -47.41
N LEU E 135 10.52 -2.96 -47.52
CA LEU E 135 10.16 -3.93 -46.49
C LEU E 135 11.09 -5.14 -46.51
N SER E 136 11.56 -5.54 -47.69
CA SER E 136 12.38 -6.73 -47.85
C SER E 136 13.61 -6.42 -48.69
N PHE E 137 14.34 -5.37 -48.31
CA PHE E 137 15.57 -5.00 -48.98
C PHE E 137 16.74 -5.20 -48.03
N LEU E 138 17.76 -5.93 -48.49
CA LEU E 138 19.02 -6.05 -47.79
C LEU E 138 20.14 -5.57 -48.69
N ARG E 139 21.29 -5.28 -48.09
CA ARG E 139 22.43 -4.78 -48.83
C ARG E 139 23.69 -5.04 -48.02
N THR E 140 24.82 -5.07 -48.72
CA THR E 140 26.12 -5.26 -48.10
C THR E 140 26.97 -4.01 -48.13
N VAL E 141 26.38 -2.86 -48.47
CA VAL E 141 27.10 -1.59 -48.45
C VAL E 141 26.38 -0.61 -47.54
N PRO E 142 27.10 0.19 -46.76
CA PRO E 142 26.45 1.16 -45.87
C PRO E 142 26.17 2.46 -46.60
N PRO E 143 25.27 3.29 -46.09
CA PRO E 143 25.14 4.66 -46.63
C PRO E 143 26.31 5.53 -46.18
N TYR E 144 26.33 6.75 -46.72
CA TYR E 144 27.45 7.66 -46.51
C TYR E 144 27.45 8.27 -45.11
N SER E 145 26.32 8.19 -44.39
CA SER E 145 26.23 8.75 -43.05
C SER E 145 27.15 8.04 -42.07
N HIS E 146 27.38 6.74 -42.29
CA HIS E 146 28.36 5.98 -41.52
C HIS E 146 29.77 6.54 -41.71
N GLN E 147 30.04 7.12 -42.89
CA GLN E 147 31.30 7.83 -43.12
C GLN E 147 31.46 9.01 -42.18
N SER E 148 30.34 9.64 -41.79
CA SER E 148 30.39 10.70 -40.77
C SER E 148 30.88 10.15 -39.44
N SER E 149 30.54 8.90 -39.12
CA SER E 149 31.12 8.24 -37.96
C SER E 149 32.62 8.09 -38.11
N VAL E 150 33.07 7.79 -39.33
CA VAL E 150 34.49 7.83 -39.64
C VAL E 150 35.03 9.23 -39.45
N TRP E 151 34.24 10.23 -39.85
CA TRP E 151 34.59 11.62 -39.58
C TRP E 151 34.49 11.92 -38.09
N PHE E 152 33.60 11.23 -37.37
CA PHE E 152 33.63 11.31 -35.92
C PHE E 152 34.88 10.67 -35.36
N GLU E 153 35.44 9.68 -36.07
CA GLU E 153 36.77 9.18 -35.73
C GLU E 153 37.83 10.25 -35.89
N MET E 154 37.63 11.16 -36.87
CA MET E 154 38.45 12.37 -36.96
C MET E 154 38.36 13.18 -35.68
N MET E 155 37.14 13.30 -35.13
CA MET E 155 36.93 13.94 -33.84
C MET E 155 37.57 13.15 -32.72
N ARG E 156 37.74 11.84 -32.89
CA ARG E 156 38.48 11.05 -31.93
C ARG E 156 39.99 11.19 -32.07
N VAL E 157 40.47 11.73 -33.19
CA VAL E 157 41.90 11.86 -33.44
C VAL E 157 42.36 13.30 -33.36
N TYR E 158 41.72 14.19 -34.12
CA TYR E 158 42.19 15.56 -34.25
C TYR E 158 41.58 16.50 -33.21
N ASN E 159 40.63 16.00 -32.40
CA ASN E 159 40.06 16.69 -31.24
C ASN E 159 39.39 18.01 -31.64
N TRP E 160 38.44 17.91 -32.57
CA TRP E 160 37.73 19.06 -33.10
C TRP E 160 36.25 18.94 -32.75
N ASN E 161 35.66 20.02 -32.25
CA ASN E 161 34.33 19.98 -31.68
C ASN E 161 33.27 20.69 -32.50
N HIS E 162 33.58 21.85 -33.07
CA HIS E 162 32.61 22.66 -33.79
C HIS E 162 32.71 22.36 -35.27
N ILE E 163 31.59 22.04 -35.89
CA ILE E 163 31.54 21.64 -37.29
C ILE E 163 30.59 22.55 -38.05
N ILE E 164 30.68 22.49 -39.38
CA ILE E 164 29.81 23.25 -40.28
C ILE E 164 29.25 22.26 -41.30
N LEU E 165 27.95 21.99 -41.21
CA LEU E 165 27.28 21.01 -42.05
C LEU E 165 26.70 21.68 -43.30
N LEU E 166 26.79 20.98 -44.43
CA LEU E 166 26.22 21.45 -45.70
C LEU E 166 25.72 20.24 -46.47
N VAL E 167 24.40 20.06 -46.48
CA VAL E 167 23.76 18.95 -47.18
C VAL E 167 22.75 19.52 -48.15
N SER E 168 22.87 19.16 -49.43
CA SER E 168 21.90 19.55 -50.44
C SER E 168 20.83 18.49 -50.67
N ASP E 169 21.21 17.22 -50.68
CA ASP E 169 20.28 16.12 -50.91
C ASP E 169 19.40 15.94 -49.68
N ASP E 170 18.15 16.41 -49.76
CA ASP E 170 17.25 16.38 -48.62
C ASP E 170 16.62 15.01 -48.39
N HIS E 171 16.74 14.08 -49.34
CA HIS E 171 16.28 12.72 -49.11
C HIS E 171 17.14 12.00 -48.09
N GLU E 172 18.44 12.30 -48.07
CA GLU E 172 19.35 11.77 -47.08
C GLU E 172 19.74 12.81 -46.03
N GLY E 173 19.22 14.04 -46.14
CA GLY E 173 19.63 15.09 -45.22
C GLY E 173 19.09 14.88 -43.81
N ARG E 174 17.84 14.41 -43.70
CA ARG E 174 17.27 14.13 -42.39
C ARG E 174 17.97 12.94 -41.73
N ALA E 175 18.35 11.93 -42.53
CA ALA E 175 19.11 10.82 -41.99
C ALA E 175 20.52 11.23 -41.59
N ALA E 176 21.13 12.15 -42.33
CA ALA E 176 22.45 12.65 -41.96
C ALA E 176 22.38 13.48 -40.68
N GLN E 177 21.33 14.29 -40.53
CA GLN E 177 21.13 15.05 -39.29
C GLN E 177 20.87 14.12 -38.11
N LYS E 178 20.11 13.03 -38.35
CA LYS E 178 19.86 12.04 -37.31
C LYS E 178 21.14 11.34 -36.88
N ARG E 179 21.97 10.94 -37.85
CA ARG E 179 23.23 10.29 -37.53
C ARG E 179 24.20 11.25 -36.85
N LEU E 180 24.15 12.53 -37.23
CA LEU E 180 25.01 13.52 -36.61
C LEU E 180 24.60 13.79 -35.16
N GLU E 181 23.29 13.85 -34.89
CA GLU E 181 22.83 13.98 -33.51
C GLU E 181 23.11 12.73 -32.70
N THR E 182 23.08 11.55 -33.33
CA THR E 182 23.43 10.31 -32.65
C THR E 182 24.91 10.30 -32.27
N LEU E 183 25.76 10.81 -33.16
CA LEU E 183 27.19 10.91 -32.85
C LEU E 183 27.47 11.96 -31.78
N LEU E 184 26.76 13.09 -31.84
CA LEU E 184 26.96 14.16 -30.87
C LEU E 184 26.22 13.92 -29.55
N GLU E 185 25.44 12.85 -29.45
CA GLU E 185 24.82 12.49 -28.17
C GLU E 185 25.85 12.11 -27.12
N GLU E 186 26.99 11.56 -27.55
CA GLU E 186 28.02 11.11 -26.60
C GLU E 186 28.73 12.30 -25.95
N ARG E 187 29.32 13.17 -26.76
CA ARG E 187 30.04 14.32 -26.23
C ARG E 187 29.10 15.40 -25.71
N GLU E 188 27.83 15.37 -26.14
CA GLU E 188 26.80 16.38 -25.82
C GLU E 188 27.24 17.79 -26.24
N SER E 189 27.81 17.88 -27.44
CA SER E 189 28.12 19.15 -28.08
C SER E 189 27.05 19.43 -29.14
N LYS E 190 27.19 20.58 -29.80
CA LYS E 190 26.22 21.02 -30.79
C LYS E 190 26.93 21.43 -32.07
N ALA E 191 26.31 21.12 -33.21
CA ALA E 191 26.80 21.62 -34.49
C ALA E 191 26.52 23.11 -34.60
N GLU E 192 27.51 23.85 -35.11
CA GLU E 192 27.40 25.29 -35.14
C GLU E 192 26.47 25.78 -36.24
N LYS E 193 26.49 25.13 -37.40
CA LYS E 193 25.68 25.58 -38.53
C LYS E 193 25.29 24.40 -39.39
N VAL E 194 23.99 24.27 -39.65
CA VAL E 194 23.46 23.25 -40.55
C VAL E 194 22.72 23.95 -41.68
N LEU E 195 22.76 23.33 -42.86
CA LEU E 195 22.17 23.94 -44.06
C LEU E 195 21.52 22.86 -44.92
N GLN E 196 20.28 23.12 -45.33
CA GLN E 196 19.55 22.29 -46.27
C GLN E 196 18.84 23.20 -47.27
N PHE E 197 19.00 22.91 -48.56
CA PHE E 197 18.39 23.72 -49.59
C PHE E 197 18.16 22.87 -50.84
N ASP E 198 17.59 23.49 -51.87
CA ASP E 198 17.24 22.79 -53.09
C ASP E 198 18.48 22.67 -53.99
N PRO E 199 18.86 21.46 -54.40
CA PRO E 199 19.98 21.34 -55.35
C PRO E 199 19.63 21.90 -56.72
N GLY E 200 20.57 22.65 -57.29
CA GLY E 200 20.39 23.29 -58.58
C GLY E 200 20.71 24.77 -58.59
N THR E 201 20.59 25.45 -57.46
CA THR E 201 20.89 26.87 -57.39
C THR E 201 22.40 27.10 -57.33
N LYS E 202 22.79 28.37 -57.44
CA LYS E 202 24.19 28.74 -57.46
C LYS E 202 24.59 29.81 -56.45
N ASN E 203 23.63 30.60 -55.95
CA ASN E 203 23.97 31.73 -55.08
C ASN E 203 23.85 31.30 -53.62
N VAL E 204 24.70 30.34 -53.24
CA VAL E 204 24.79 29.90 -51.86
C VAL E 204 26.03 30.48 -51.16
N THR E 205 26.67 31.49 -51.76
CA THR E 205 27.92 32.01 -51.21
C THR E 205 27.66 32.91 -50.00
N ALA E 206 26.43 33.39 -49.84
CA ALA E 206 26.10 34.20 -48.68
C ALA E 206 26.16 33.38 -47.40
N LEU E 207 25.60 32.17 -47.43
CA LEU E 207 25.71 31.28 -46.28
C LEU E 207 27.13 30.77 -46.09
N LEU E 208 27.91 30.69 -47.17
CA LEU E 208 29.32 30.35 -47.06
C LEU E 208 30.10 31.45 -46.34
N MET E 209 29.76 32.72 -46.62
CA MET E 209 30.41 33.82 -45.91
C MET E 209 29.92 33.91 -44.46
N GLU E 210 28.66 33.54 -44.21
CA GLU E 210 28.18 33.49 -42.84
C GLU E 210 28.85 32.38 -42.04
N ALA E 211 29.16 31.25 -42.69
CA ALA E 211 29.95 30.23 -42.04
C ALA E 211 31.42 30.64 -41.93
N ARG E 212 31.91 31.49 -42.82
CA ARG E 212 33.27 31.99 -42.75
C ARG E 212 33.47 32.93 -41.58
N GLU E 213 32.43 33.70 -41.23
CA GLU E 213 32.50 34.59 -40.08
C GLU E 213 32.45 33.86 -38.75
N LEU E 214 32.09 32.57 -38.75
CA LEU E 214 32.06 31.78 -37.54
C LEU E 214 33.48 31.39 -37.12
N GLU E 215 33.59 30.82 -35.92
CA GLU E 215 34.90 30.48 -35.38
C GLU E 215 35.46 29.22 -36.02
N ALA E 216 34.61 28.25 -36.33
CA ALA E 216 35.07 26.96 -36.83
C ALA E 216 35.41 27.04 -38.31
N ARG E 217 36.18 26.04 -38.77
CA ARG E 217 36.53 25.90 -40.18
C ARG E 217 36.20 24.51 -40.70
N VAL E 218 35.55 23.66 -39.91
CA VAL E 218 35.25 22.29 -40.31
C VAL E 218 34.11 22.31 -41.31
N ILE E 219 34.35 21.75 -42.50
CA ILE E 219 33.38 21.76 -43.59
C ILE E 219 33.00 20.32 -43.88
N ILE E 220 31.75 19.97 -43.61
CA ILE E 220 31.19 18.67 -43.94
C ILE E 220 30.21 18.88 -45.09
N LEU E 221 30.41 18.13 -46.18
CA LEU E 221 29.61 18.29 -47.38
C LEU E 221 28.96 16.97 -47.75
N SER E 222 27.67 17.01 -48.09
CA SER E 222 26.95 15.82 -48.55
C SER E 222 26.02 16.23 -49.68
N ALA E 223 26.45 16.00 -50.92
CA ALA E 223 25.67 16.34 -52.09
C ALA E 223 26.12 15.46 -53.25
N SER E 224 25.66 15.79 -54.45
CA SER E 224 26.07 15.09 -55.66
C SER E 224 27.33 15.75 -56.22
N GLU E 225 27.69 15.40 -57.46
CA GLU E 225 28.92 15.94 -58.05
C GLU E 225 28.75 17.40 -58.48
N ASP E 226 27.56 17.77 -58.93
CA ASP E 226 27.35 19.11 -59.48
C ASP E 226 27.39 20.18 -58.38
N ASP E 227 26.70 19.93 -57.27
CA ASP E 227 26.71 20.88 -56.16
C ASP E 227 28.07 20.92 -55.47
N ALA E 228 28.79 19.79 -55.45
CA ALA E 228 30.14 19.77 -54.91
C ALA E 228 31.09 20.59 -55.77
N ALA E 229 30.99 20.47 -57.10
CA ALA E 229 31.80 21.30 -57.99
C ALA E 229 31.41 22.77 -57.88
N THR E 230 30.12 23.04 -57.66
CA THR E 230 29.66 24.42 -57.50
C THR E 230 30.23 25.06 -56.24
N VAL E 231 30.21 24.33 -55.11
CA VAL E 231 30.78 24.90 -53.90
C VAL E 231 32.31 24.90 -53.93
N TYR E 232 32.94 24.02 -54.71
CA TYR E 232 34.39 24.12 -54.92
C TYR E 232 34.74 25.39 -55.68
N ARG E 233 33.97 25.70 -56.73
CA ARG E 233 34.19 26.93 -57.48
C ARG E 233 33.88 28.16 -56.63
N ALA E 234 32.87 28.05 -55.76
CA ALA E 234 32.53 29.17 -54.89
C ALA E 234 33.60 29.40 -53.82
N ALA E 235 34.22 28.33 -53.33
CA ALA E 235 35.32 28.49 -52.39
C ALA E 235 36.60 28.92 -53.10
N ALA E 236 36.74 28.59 -54.39
CA ALA E 236 37.94 29.00 -55.12
C ALA E 236 37.89 30.47 -55.51
N MET E 237 36.71 30.97 -55.87
CA MET E 237 36.59 32.39 -56.24
C MET E 237 36.67 33.30 -55.03
N LEU E 238 36.13 32.88 -53.88
CA LEU E 238 36.14 33.69 -52.67
C LEU E 238 37.33 33.40 -51.76
N ASN E 239 38.22 32.49 -52.20
CA ASN E 239 39.41 32.04 -51.46
C ASN E 239 39.06 31.54 -50.05
N MET E 240 38.15 30.59 -49.99
CA MET E 240 37.84 29.88 -48.75
C MET E 240 38.65 28.60 -48.60
N THR E 241 39.72 28.44 -49.39
CA THR E 241 40.58 27.26 -49.35
C THR E 241 42.00 27.61 -48.92
N GLY E 242 42.13 28.66 -48.11
CA GLY E 242 43.44 29.10 -47.67
C GLY E 242 43.98 28.32 -46.49
N SER E 243 44.48 29.04 -45.49
CA SER E 243 45.09 28.42 -44.33
C SER E 243 44.05 28.15 -43.24
N GLY E 244 44.10 26.94 -42.68
CA GLY E 244 43.23 26.56 -41.59
C GLY E 244 41.85 26.06 -41.99
N TYR E 245 41.45 26.24 -43.25
CA TYR E 245 40.14 25.81 -43.71
C TYR E 245 40.09 24.29 -43.83
N VAL E 246 39.33 23.65 -42.95
CA VAL E 246 39.25 22.19 -42.91
C VAL E 246 38.30 21.71 -43.99
N TRP E 247 38.80 20.85 -44.87
CA TRP E 247 38.00 20.23 -45.92
C TRP E 247 38.00 18.72 -45.72
N LEU E 248 36.82 18.12 -45.84
CA LEU E 248 36.67 16.70 -45.53
C LEU E 248 35.48 16.17 -46.33
N VAL E 249 35.78 15.46 -47.42
CA VAL E 249 34.75 15.01 -48.36
C VAL E 249 34.81 13.49 -48.53
N GLY E 250 33.96 12.97 -49.41
CA GLY E 250 33.87 11.53 -49.63
C GLY E 250 34.13 11.12 -51.07
N GLU E 251 33.59 9.96 -51.46
CA GLU E 251 33.87 9.40 -52.78
C GLU E 251 33.07 10.09 -53.88
N ARG E 252 31.85 10.54 -53.57
CA ARG E 252 31.04 11.20 -54.59
C ARG E 252 31.57 12.59 -54.92
N GLU E 253 32.32 13.20 -54.01
CA GLU E 253 32.81 14.56 -54.18
C GLU E 253 34.21 14.61 -54.78
N ILE E 254 34.80 13.47 -55.12
CA ILE E 254 36.14 13.43 -55.70
C ILE E 254 36.07 12.81 -57.10
N SER E 255 34.91 12.91 -57.74
CA SER E 255 34.71 12.33 -59.06
C SER E 255 34.13 13.38 -60.00
N GLY E 256 34.41 13.20 -61.29
CA GLY E 256 33.88 14.11 -62.30
C GLY E 256 34.62 15.44 -62.30
N ASN E 257 33.87 16.51 -62.57
CA ASN E 257 34.44 17.85 -62.57
C ASN E 257 34.72 18.37 -61.16
N ALA E 258 34.13 17.73 -60.13
CA ALA E 258 34.46 18.08 -58.76
C ALA E 258 35.89 17.71 -58.41
N LEU E 259 36.40 16.63 -59.00
CA LEU E 259 37.81 16.29 -58.85
C LEU E 259 38.70 17.29 -59.56
N ARG E 260 38.24 17.83 -60.69
CA ARG E 260 38.99 18.85 -61.40
C ARG E 260 38.97 20.18 -60.64
N TYR E 261 37.84 20.50 -60.02
CA TYR E 261 37.68 21.75 -59.28
C TYR E 261 38.14 21.64 -57.83
N ALA E 262 38.70 20.50 -57.43
CA ALA E 262 39.10 20.33 -56.04
C ALA E 262 40.44 21.02 -55.79
N PRO E 263 40.59 21.69 -54.65
CA PRO E 263 41.88 22.27 -54.29
C PRO E 263 42.86 21.21 -53.84
N ASP E 264 44.15 21.52 -53.94
CA ASP E 264 45.18 20.60 -53.53
C ASP E 264 45.26 20.53 -52.01
N GLY E 265 45.46 19.32 -51.49
CA GLY E 265 45.52 19.10 -50.07
C GLY E 265 44.21 18.70 -49.43
N ILE E 266 43.18 18.41 -50.21
CA ILE E 266 41.88 18.03 -49.65
C ILE E 266 41.92 16.55 -49.25
N ILE E 267 41.24 16.25 -48.14
CA ILE E 267 41.20 14.90 -47.58
C ILE E 267 39.87 14.26 -47.95
N GLY E 268 39.94 13.08 -48.58
CA GLY E 268 38.75 12.36 -48.99
C GLY E 268 38.80 10.91 -48.55
N LEU E 269 37.72 10.21 -48.84
CA LEU E 269 37.57 8.80 -48.49
C LEU E 269 37.53 7.94 -49.75
N GLN E 270 37.83 6.65 -49.57
CA GLN E 270 37.81 5.69 -50.65
C GLN E 270 37.25 4.37 -50.16
N LEU E 271 36.26 3.85 -50.89
CA LEU E 271 35.69 2.55 -50.61
C LEU E 271 36.58 1.47 -51.19
N ILE E 272 37.15 0.62 -50.33
CA ILE E 272 37.98 -0.47 -50.79
C ILE E 272 37.09 -1.54 -51.40
N ASN E 273 37.36 -1.88 -52.68
CA ASN E 273 36.55 -2.77 -53.51
C ASN E 273 35.10 -2.29 -53.59
N GLY E 274 34.91 -0.98 -53.69
CA GLY E 274 33.57 -0.43 -53.82
C GLY E 274 32.99 -0.63 -55.22
N LYS E 275 33.85 -0.57 -56.23
CA LYS E 275 33.44 -0.79 -57.61
C LYS E 275 33.96 -2.11 -58.17
N ASN E 276 34.70 -2.88 -57.38
CA ASN E 276 35.26 -4.15 -57.85
C ASN E 276 34.18 -5.21 -57.70
N GLU E 277 33.63 -5.59 -58.86
CA GLU E 277 32.38 -6.35 -58.88
C GLU E 277 32.63 -7.84 -58.75
N SER E 278 33.80 -8.31 -59.20
CA SER E 278 34.01 -9.75 -59.39
C SER E 278 34.10 -10.50 -58.06
N ALA E 279 34.84 -9.96 -57.10
CA ALA E 279 34.86 -10.56 -55.76
C ALA E 279 33.58 -10.28 -54.99
N HIS E 280 32.90 -9.17 -55.31
CA HIS E 280 31.66 -8.82 -54.63
C HIS E 280 30.54 -9.79 -54.98
N ILE E 281 30.51 -10.25 -56.24
CA ILE E 281 29.56 -11.27 -56.66
C ILE E 281 29.79 -12.58 -55.92
N SER E 282 31.06 -12.98 -55.77
CA SER E 282 31.37 -14.22 -55.06
C SER E 282 31.04 -14.11 -53.57
N ASP E 283 31.24 -12.93 -52.98
CA ASP E 283 30.84 -12.71 -51.60
C ASP E 283 29.33 -12.79 -51.44
N ALA E 284 28.59 -12.23 -52.39
CA ALA E 284 27.12 -12.30 -52.34
C ALA E 284 26.63 -13.74 -52.52
N VAL E 285 27.30 -14.51 -53.39
CA VAL E 285 26.95 -15.91 -53.58
C VAL E 285 27.21 -16.71 -52.31
N GLY E 286 28.33 -16.44 -51.63
CA GLY E 286 28.60 -17.12 -50.37
C GLY E 286 27.60 -16.78 -49.27
N VAL E 287 27.22 -15.50 -49.19
CA VAL E 287 26.22 -15.06 -48.21
C VAL E 287 24.87 -15.72 -48.46
N VAL E 288 24.40 -15.69 -49.73
CA VAL E 288 23.11 -16.28 -50.07
C VAL E 288 23.13 -17.80 -49.90
N ALA E 289 24.25 -18.44 -50.24
CA ALA E 289 24.35 -19.89 -50.15
C ALA E 289 24.36 -20.36 -48.70
N GLN E 290 25.09 -19.67 -47.82
CA GLN E 290 25.07 -20.08 -46.42
C GLN E 290 23.74 -19.72 -45.76
N ALA E 291 23.06 -18.66 -46.23
CA ALA E 291 21.72 -18.37 -45.73
C ALA E 291 20.71 -19.45 -46.14
N VAL E 292 20.82 -19.96 -47.38
CA VAL E 292 19.92 -21.01 -47.83
C VAL E 292 20.20 -22.32 -47.11
N HIS E 293 21.48 -22.67 -46.93
CA HIS E 293 21.82 -23.88 -46.19
C HIS E 293 21.52 -23.75 -44.70
N GLU E 294 21.43 -22.54 -44.16
CA GLU E 294 20.93 -22.35 -42.81
C GLU E 294 19.41 -22.52 -42.76
N LEU E 295 18.70 -22.03 -43.78
CA LEU E 295 17.25 -22.11 -43.78
C LEU E 295 16.77 -23.53 -44.03
N LEU E 296 17.57 -24.36 -44.72
CA LEU E 296 17.16 -25.74 -44.98
C LEU E 296 17.17 -26.61 -43.74
N GLU E 297 17.82 -26.18 -42.67
CA GLU E 297 17.90 -26.96 -41.44
C GLU E 297 16.69 -26.76 -40.53
N LYS E 298 15.72 -25.94 -40.90
CA LYS E 298 14.58 -25.65 -40.06
C LYS E 298 13.28 -26.01 -40.77
N GLU E 299 12.19 -25.94 -40.02
CA GLU E 299 10.88 -26.40 -40.47
C GLU E 299 10.09 -25.22 -41.05
N ASN E 300 8.81 -25.48 -41.36
CA ASN E 300 7.87 -24.52 -41.96
C ASN E 300 8.40 -23.95 -43.27
N ILE E 301 8.56 -24.84 -44.25
CA ILE E 301 9.04 -24.44 -45.57
C ILE E 301 7.87 -24.01 -46.44
N THR E 302 7.94 -22.78 -46.95
CA THR E 302 6.92 -22.24 -47.84
C THR E 302 7.56 -21.85 -49.16
N ASP E 303 6.73 -21.72 -50.18
CA ASP E 303 7.20 -21.42 -51.53
C ASP E 303 6.41 -20.26 -52.11
N PRO E 304 7.06 -19.43 -52.93
CA PRO E 304 6.34 -18.34 -53.61
C PRO E 304 5.40 -18.89 -54.67
N PRO E 305 4.14 -18.48 -54.66
CA PRO E 305 3.18 -19.01 -55.64
C PRO E 305 3.32 -18.31 -56.98
N ARG E 306 2.43 -18.69 -57.91
CA ARG E 306 2.37 -18.09 -59.24
C ARG E 306 1.55 -16.80 -59.14
N GLY E 307 2.20 -15.76 -58.61
CA GLY E 307 1.52 -14.52 -58.26
C GLY E 307 1.11 -13.66 -59.43
N CYS E 308 1.47 -14.04 -60.66
CA CYS E 308 1.07 -13.24 -61.82
C CYS E 308 -0.41 -13.41 -62.14
N VAL E 309 -0.92 -14.63 -62.04
CA VAL E 309 -2.31 -14.94 -62.40
C VAL E 309 -2.98 -15.56 -61.19
N GLY E 310 -3.89 -14.82 -60.57
CA GLY E 310 -4.80 -15.39 -59.58
C GLY E 310 -4.21 -15.79 -58.25
N ASN E 311 -3.11 -15.16 -57.83
CA ASN E 311 -2.49 -15.48 -56.55
C ASN E 311 -2.05 -14.18 -55.89
N THR E 312 -2.79 -13.75 -54.87
CA THR E 312 -2.44 -12.59 -54.06
C THR E 312 -2.09 -12.99 -52.64
N ASN E 313 -2.00 -14.28 -52.34
CA ASN E 313 -1.64 -14.73 -51.01
C ASN E 313 -0.14 -14.54 -50.78
N ILE E 314 0.20 -13.89 -49.66
CA ILE E 314 1.59 -13.53 -49.40
C ILE E 314 2.38 -14.76 -48.95
N TRP E 315 3.69 -14.67 -49.15
CA TRP E 315 4.61 -15.72 -48.70
C TRP E 315 4.77 -15.61 -47.20
N LYS E 316 4.30 -16.64 -46.47
CA LYS E 316 4.07 -16.53 -45.03
C LYS E 316 5.36 -16.47 -44.22
N THR E 317 6.47 -16.99 -44.74
CA THR E 317 7.74 -16.99 -44.03
C THR E 317 8.65 -15.85 -44.48
N GLY E 318 8.06 -14.70 -44.80
CA GLY E 318 8.80 -13.50 -45.12
C GLY E 318 9.64 -12.96 -43.98
N PRO E 319 8.99 -12.53 -42.89
CA PRO E 319 9.76 -12.12 -41.71
C PRO E 319 10.55 -13.24 -41.05
N LEU E 320 10.15 -14.50 -41.23
CA LEU E 320 10.93 -15.62 -40.71
C LEU E 320 12.27 -15.73 -41.42
N PHE E 321 12.24 -15.69 -42.77
CA PHE E 321 13.48 -15.71 -43.54
C PHE E 321 14.28 -14.43 -43.34
N LYS E 322 13.59 -13.32 -43.08
CA LYS E 322 14.28 -12.08 -42.71
C LYS E 322 15.01 -12.24 -41.38
N ARG E 323 14.39 -12.93 -40.41
CA ARG E 323 15.03 -13.19 -39.12
C ARG E 323 16.21 -14.15 -39.28
N VAL E 324 16.10 -15.08 -40.23
CA VAL E 324 17.25 -15.91 -40.60
C VAL E 324 18.39 -15.04 -41.13
N LEU E 325 18.05 -14.04 -41.95
CA LEU E 325 19.08 -13.15 -42.50
C LEU E 325 19.59 -12.14 -41.49
N MET E 326 18.90 -11.95 -40.36
CA MET E 326 19.38 -11.01 -39.35
C MET E 326 20.61 -11.54 -38.63
N SER E 327 20.58 -12.81 -38.21
CA SER E 327 21.66 -13.41 -37.47
C SER E 327 22.71 -14.07 -38.37
N SER E 328 22.84 -13.61 -39.60
CA SER E 328 23.79 -14.19 -40.55
C SER E 328 25.19 -13.69 -40.22
N LYS E 329 26.07 -14.60 -39.83
CA LYS E 329 27.44 -14.29 -39.46
C LYS E 329 28.39 -15.10 -40.34
N TYR E 330 29.38 -14.43 -40.92
CA TYR E 330 30.21 -15.02 -41.95
C TYR E 330 31.69 -14.89 -41.61
N ALA E 331 32.51 -15.73 -42.25
CA ALA E 331 33.94 -15.75 -42.04
C ALA E 331 34.72 -15.94 -43.34
N ASP E 332 34.08 -15.82 -44.48
CA ASP E 332 34.72 -16.03 -45.77
C ASP E 332 34.61 -14.76 -46.61
N GLY E 333 35.63 -14.53 -47.43
CA GLY E 333 35.63 -13.39 -48.32
C GLY E 333 36.93 -12.61 -48.34
N VAL E 334 37.20 -11.93 -49.45
CA VAL E 334 38.40 -11.11 -49.55
C VAL E 334 38.23 -9.82 -48.75
N THR E 335 36.99 -9.33 -48.68
CA THR E 335 36.71 -8.11 -47.93
C THR E 335 36.87 -8.33 -46.42
N GLY E 336 36.26 -9.38 -45.90
CA GLY E 336 36.48 -9.75 -44.52
C GLY E 336 35.18 -10.09 -43.82
N ARG E 337 35.08 -9.57 -42.59
CA ARG E 337 33.99 -9.89 -41.67
C ARG E 337 32.73 -9.15 -42.10
N VAL E 338 32.00 -9.71 -43.06
CA VAL E 338 30.70 -9.16 -43.42
C VAL E 338 29.67 -9.55 -42.37
N GLU E 339 28.92 -8.57 -41.90
CA GLU E 339 27.98 -8.78 -40.80
C GLU E 339 26.89 -7.73 -40.86
N PHE E 340 25.65 -8.14 -40.59
CA PHE E 340 24.50 -7.27 -40.64
C PHE E 340 24.16 -6.73 -39.26
N ASN E 341 23.81 -5.44 -39.20
CA ASN E 341 23.32 -4.83 -37.99
C ASN E 341 21.80 -4.94 -37.94
N GLU E 342 21.15 -4.17 -37.05
CA GLU E 342 19.69 -4.11 -37.04
C GLU E 342 19.13 -3.42 -38.29
N ASP E 343 19.93 -2.61 -38.98
CA ASP E 343 19.52 -2.00 -40.23
C ASP E 343 19.95 -2.82 -41.45
N GLY E 344 20.64 -3.95 -41.24
CA GLY E 344 21.12 -4.75 -42.34
C GLY E 344 22.28 -4.13 -43.09
N ASP E 345 23.12 -3.36 -42.41
CA ASP E 345 24.24 -2.68 -43.04
C ASP E 345 25.49 -3.55 -42.98
N ARG E 346 26.64 -2.96 -43.29
CA ARG E 346 27.91 -3.67 -43.34
C ARG E 346 28.74 -3.31 -42.12
N LYS E 347 29.16 -4.32 -41.36
CA LYS E 347 30.05 -4.12 -40.23
C LYS E 347 31.49 -4.41 -40.63
N PHE E 348 32.41 -3.72 -39.94
CA PHE E 348 33.86 -3.92 -40.04
C PHE E 348 34.37 -3.71 -41.47
N ALA E 349 34.23 -2.48 -41.94
CA ALA E 349 34.55 -2.13 -43.30
C ALA E 349 35.89 -1.41 -43.38
N ASN E 350 36.82 -1.98 -44.14
CA ASN E 350 38.08 -1.32 -44.46
C ASN E 350 37.83 -0.13 -45.37
N TYR E 351 38.25 1.06 -44.94
CA TYR E 351 38.18 2.27 -45.72
C TYR E 351 39.58 2.82 -45.95
N SER E 352 39.73 3.61 -47.01
CA SER E 352 40.98 4.32 -47.28
C SER E 352 40.76 5.81 -47.15
N ILE E 353 41.82 6.53 -46.77
CA ILE E 353 41.79 7.97 -46.61
C ILE E 353 42.84 8.54 -47.55
N MET E 354 42.39 9.31 -48.53
CA MET E 354 43.21 9.80 -49.63
C MET E 354 43.44 11.30 -49.48
N ASN E 355 44.53 11.77 -50.07
CA ASN E 355 44.87 13.18 -50.11
C ASN E 355 45.18 13.57 -51.55
N LEU E 356 44.87 14.82 -51.89
CA LEU E 356 45.10 15.34 -53.23
C LEU E 356 46.33 16.24 -53.18
N GLN E 357 47.49 15.66 -53.49
CA GLN E 357 48.76 16.38 -53.46
C GLN E 357 49.15 16.72 -54.89
N ASN E 358 48.96 17.99 -55.26
CA ASN E 358 49.29 18.55 -56.58
C ASN E 358 48.57 17.79 -57.70
N ARG E 359 47.24 17.70 -57.57
CA ARG E 359 46.35 16.98 -58.51
C ARG E 359 46.73 15.52 -58.65
N LYS E 360 47.17 14.89 -57.56
CA LYS E 360 47.49 13.48 -57.51
C LYS E 360 46.92 12.87 -56.25
N LEU E 361 46.22 11.75 -56.39
CA LEU E 361 45.61 11.06 -55.26
C LEU E 361 46.69 10.34 -54.47
N VAL E 362 46.90 10.75 -53.22
CA VAL E 362 47.93 10.17 -52.36
C VAL E 362 47.24 9.58 -51.14
N GLN E 363 47.49 8.31 -50.87
CA GLN E 363 46.89 7.64 -49.73
C GLN E 363 47.59 8.05 -48.44
N VAL E 364 46.81 8.51 -47.47
CA VAL E 364 47.34 8.98 -46.19
C VAL E 364 46.75 8.25 -45.00
N GLY E 365 45.82 7.33 -45.20
CA GLY E 365 45.32 6.60 -44.04
C GLY E 365 44.56 5.35 -44.41
N ILE E 366 44.49 4.44 -43.44
CA ILE E 366 43.68 3.23 -43.54
C ILE E 366 42.74 3.19 -42.35
N TYR E 367 41.63 2.48 -42.48
CA TYR E 367 40.61 2.42 -41.45
C TYR E 367 40.01 1.02 -41.36
N ASN E 368 40.19 0.39 -40.19
CA ASN E 368 39.49 -0.85 -39.83
C ASN E 368 38.11 -0.45 -39.27
N GLY E 369 37.35 -1.38 -38.71
CA GLY E 369 35.98 -1.08 -38.33
C GLY E 369 35.85 -0.16 -37.12
N THR E 370 36.97 0.11 -36.42
CA THR E 370 36.93 0.94 -35.23
C THR E 370 38.05 1.96 -35.13
N HIS E 371 39.10 1.88 -35.94
CA HIS E 371 40.27 2.71 -35.67
C HIS E 371 40.93 3.16 -36.97
N VAL E 372 41.46 4.38 -36.94
CA VAL E 372 42.16 5.01 -38.05
C VAL E 372 43.65 4.90 -37.79
N ILE E 373 44.42 4.48 -38.79
CA ILE E 373 45.88 4.52 -38.73
C ILE E 373 46.40 5.23 -39.98
N PRO E 374 47.13 6.32 -39.83
CA PRO E 374 47.82 6.90 -40.99
C PRO E 374 49.01 6.05 -41.39
N ASN E 375 49.30 6.04 -42.69
CA ASN E 375 50.39 5.23 -43.23
C ASN E 375 51.72 5.96 -43.06
N ASP E 376 52.76 5.46 -43.75
CA ASP E 376 54.07 6.09 -43.71
C ASP E 376 54.12 7.40 -44.49
N ARG E 377 53.14 7.66 -45.34
CA ARG E 377 53.08 8.92 -46.08
C ARG E 377 52.69 10.07 -45.15
N LYS E 378 53.17 11.26 -45.48
CA LYS E 378 52.90 12.43 -44.67
C LYS E 378 51.55 13.03 -45.03
N ILE E 379 51.07 13.92 -44.16
CA ILE E 379 49.79 14.61 -44.34
C ILE E 379 50.11 16.06 -44.63
N ILE E 380 50.09 16.43 -45.91
CA ILE E 380 50.37 17.80 -46.34
C ILE E 380 49.03 18.51 -46.52
N TRP E 381 48.85 19.59 -45.80
CA TRP E 381 47.68 20.43 -45.64
C TRP E 381 47.71 21.59 -46.63
N PRO E 382 46.56 22.12 -47.02
CA PRO E 382 46.54 23.28 -47.93
C PRO E 382 47.04 24.58 -47.30
N GLY E 383 47.20 24.64 -45.98
CA GLY E 383 47.65 25.84 -45.33
C GLY E 383 49.14 25.87 -45.07
N GLY E 384 49.54 25.70 -43.81
CA GLY E 384 50.93 25.81 -43.45
C GLY E 384 51.64 24.49 -43.23
N GLU E 385 51.83 24.11 -41.97
CA GLU E 385 52.62 22.94 -41.60
C GLU E 385 51.86 21.66 -41.89
N THR E 386 52.56 20.54 -41.71
CA THR E 386 51.99 19.21 -41.92
C THR E 386 51.20 18.71 -40.73
N GLU E 387 51.24 19.42 -39.59
CA GLU E 387 50.40 19.08 -38.45
C GLU E 387 48.98 19.61 -38.67
N LYS E 388 48.09 19.32 -37.73
CA LYS E 388 46.69 19.69 -37.90
C LYS E 388 46.53 21.20 -37.71
N PRO E 389 45.81 21.88 -38.60
CA PRO E 389 45.52 23.31 -38.39
C PRO E 389 44.36 23.45 -37.43
N ARG E 390 44.60 24.11 -36.30
CA ARG E 390 43.55 24.39 -35.34
C ARG E 390 42.66 25.48 -35.92
N GLY E 391 41.57 25.09 -36.58
CA GLY E 391 40.69 26.02 -37.23
C GLY E 391 39.60 26.58 -36.33
N TYR E 392 39.91 26.72 -35.04
CA TYR E 392 38.99 27.31 -34.07
C TYR E 392 39.60 28.63 -33.62
N GLN E 393 39.34 29.67 -34.40
CA GLN E 393 39.83 31.01 -34.10
C GLN E 393 38.67 31.82 -33.53
N MET E 394 38.82 32.26 -32.29
CA MET E 394 37.77 33.02 -31.62
C MET E 394 37.63 34.41 -32.24
N SER E 395 36.43 34.98 -32.11
CA SER E 395 36.11 36.25 -32.74
C SER E 395 36.83 37.37 -32.02
N THR E 396 37.79 38.00 -32.70
CA THR E 396 38.49 39.14 -32.12
C THR E 396 37.63 40.40 -32.09
N ARG E 397 36.54 40.43 -32.86
CA ARG E 397 35.58 41.54 -32.88
C ARG E 397 34.24 40.99 -32.38
N LEU E 398 33.99 41.13 -31.08
CA LEU E 398 32.78 40.59 -30.48
C LEU E 398 31.60 41.51 -30.77
N LYS E 399 30.58 40.98 -31.43
CA LYS E 399 29.40 41.75 -31.75
C LYS E 399 28.58 42.02 -30.48
N ILE E 400 28.47 43.28 -30.11
CA ILE E 400 27.82 43.69 -28.86
C ILE E 400 26.44 44.23 -29.20
N VAL E 401 25.42 43.66 -28.56
CA VAL E 401 24.06 44.17 -28.68
C VAL E 401 23.58 44.56 -27.29
N THR E 402 22.75 45.60 -27.23
CA THR E 402 22.24 46.09 -25.97
C THR E 402 20.88 46.74 -26.19
N ILE E 403 20.21 47.02 -25.08
CA ILE E 403 18.94 47.73 -25.09
C ILE E 403 19.22 49.14 -24.56
N HIS E 404 18.36 50.08 -24.94
CA HIS E 404 18.52 51.45 -24.46
C HIS E 404 18.11 51.57 -23.01
N GLN E 405 19.04 51.27 -22.10
CA GLN E 405 18.81 51.52 -20.68
C GLN E 405 19.06 52.98 -20.39
N GLU E 406 18.15 53.61 -19.63
CA GLU E 406 18.17 55.07 -19.52
C GLU E 406 19.34 55.61 -18.69
N PRO E 407 19.68 55.09 -17.50
CA PRO E 407 20.89 55.61 -16.85
C PRO E 407 22.17 54.92 -17.26
N PHE E 408 22.10 53.88 -18.07
CA PHE E 408 23.28 53.08 -18.39
C PHE E 408 23.73 53.20 -19.83
N VAL E 409 22.79 53.25 -20.77
CA VAL E 409 23.11 53.30 -22.19
C VAL E 409 22.57 54.63 -22.72
N TYR E 410 23.41 55.65 -22.74
CA TYR E 410 23.04 56.95 -23.27
C TYR E 410 23.34 56.99 -24.76
N VAL E 411 22.30 57.23 -25.56
CA VAL E 411 22.41 57.28 -27.02
C VAL E 411 22.13 58.70 -27.45
N LYS E 412 23.08 59.30 -28.16
CA LYS E 412 23.02 60.68 -28.59
C LYS E 412 23.14 60.77 -30.10
N PRO E 413 22.33 61.58 -30.77
CA PRO E 413 22.48 61.75 -32.22
C PRO E 413 23.78 62.48 -32.56
N THR E 414 24.27 62.21 -33.77
CA THR E 414 25.54 62.77 -34.22
C THR E 414 25.38 64.25 -34.53
N MET E 415 26.50 64.97 -34.47
CA MET E 415 26.47 66.42 -34.66
C MET E 415 26.36 66.79 -36.13
N SER E 416 27.36 66.41 -36.93
CA SER E 416 27.36 66.75 -38.35
C SER E 416 27.24 65.52 -39.25
N ASP E 417 28.16 64.57 -39.15
CA ASP E 417 28.10 63.35 -39.97
C ASP E 417 28.88 62.26 -39.24
N GLY E 418 28.17 61.40 -38.52
CA GLY E 418 28.78 60.25 -37.86
C GLY E 418 29.78 60.58 -36.78
N THR E 419 29.72 61.76 -36.19
CA THR E 419 30.71 62.21 -35.22
C THR E 419 30.09 62.28 -33.82
N CYS E 420 30.96 62.33 -32.82
CA CYS E 420 30.57 62.41 -31.43
C CYS E 420 31.22 63.64 -30.81
N LYS E 421 30.39 64.51 -30.22
CA LYS E 421 30.91 65.70 -29.55
C LYS E 421 31.60 65.29 -28.26
N GLU E 422 32.92 65.46 -28.22
CA GLU E 422 33.73 65.02 -27.09
C GLU E 422 33.58 66.02 -25.95
N GLU E 423 32.46 65.91 -25.24
CA GLU E 423 32.20 66.76 -24.09
C GLU E 423 32.87 66.19 -22.84
N PHE E 424 33.13 67.07 -21.88
CA PHE E 424 33.84 66.72 -20.67
C PHE E 424 32.89 66.81 -19.47
N THR E 425 33.07 65.90 -18.52
CA THR E 425 32.25 65.90 -17.31
C THR E 425 32.76 66.92 -16.31
N VAL E 426 32.01 67.07 -15.21
CA VAL E 426 32.39 68.01 -14.16
C VAL E 426 33.51 67.50 -13.28
N ASN E 427 33.85 66.21 -13.35
CA ASN E 427 34.92 65.63 -12.55
C ASN E 427 36.19 65.40 -13.35
N GLY E 428 36.34 66.08 -14.49
CA GLY E 428 37.54 65.94 -15.29
C GLY E 428 37.65 64.63 -16.04
N ASP E 429 36.54 63.92 -16.24
CA ASP E 429 36.57 62.63 -16.93
C ASP E 429 36.04 62.82 -18.34
N PRO E 430 36.85 62.62 -19.37
CA PRO E 430 36.32 62.70 -20.74
C PRO E 430 35.47 61.48 -21.08
N VAL E 431 34.34 61.75 -21.72
CA VAL E 431 33.40 60.69 -22.09
C VAL E 431 33.93 59.99 -23.34
N LYS E 432 34.27 58.72 -23.22
CA LYS E 432 34.75 57.93 -24.35
C LYS E 432 33.56 57.22 -24.97
N LYS E 433 32.97 57.86 -25.97
CA LYS E 433 31.79 57.33 -26.65
C LYS E 433 32.19 56.24 -27.64
N VAL E 434 31.20 55.68 -28.34
CA VAL E 434 31.45 54.71 -29.39
C VAL E 434 30.39 54.92 -30.47
N ILE E 435 30.75 54.60 -31.71
CA ILE E 435 29.82 54.72 -32.83
C ILE E 435 29.00 53.43 -32.87
N CYS E 436 27.77 53.51 -32.39
CA CYS E 436 26.84 52.39 -32.42
C CYS E 436 25.82 52.60 -33.53
N THR E 437 25.10 51.53 -33.86
CA THR E 437 24.07 51.58 -34.89
C THR E 437 22.73 51.18 -34.27
N GLY E 438 21.71 51.99 -34.51
CA GLY E 438 20.42 51.73 -33.90
C GLY E 438 19.25 52.22 -34.74
N PRO E 439 18.11 51.54 -34.63
CA PRO E 439 16.88 52.02 -35.27
C PRO E 439 16.35 53.27 -34.59
N ASN E 440 15.40 53.92 -35.26
CA ASN E 440 14.93 55.22 -34.78
C ASN E 440 13.77 55.05 -33.81
N ASP E 441 12.69 54.40 -34.24
CA ASP E 441 11.48 54.25 -33.46
C ASP E 441 10.96 52.83 -33.61
N THR E 442 9.71 52.62 -33.21
CA THR E 442 9.09 51.30 -33.33
C THR E 442 8.73 51.01 -34.78
N SER E 443 8.36 49.76 -35.04
CA SER E 443 8.09 49.33 -36.42
C SER E 443 6.81 49.91 -37.03
N PRO E 444 5.68 50.10 -36.32
CA PRO E 444 4.61 50.91 -36.94
C PRO E 444 4.96 52.38 -37.07
N GLY E 445 5.78 52.92 -36.17
CA GLY E 445 6.20 54.30 -36.26
C GLY E 445 7.25 54.51 -37.32
N SER E 446 8.40 53.86 -37.18
CA SER E 446 9.49 53.96 -38.14
C SER E 446 9.53 52.70 -38.98
N PRO E 447 9.26 52.77 -40.29
CA PRO E 447 9.36 51.57 -41.14
C PRO E 447 10.79 51.07 -41.30
N ARG E 448 11.71 51.95 -41.70
CA ARG E 448 13.12 51.59 -41.83
C ARG E 448 13.94 52.87 -41.67
N HIS E 449 14.43 53.10 -40.45
CA HIS E 449 15.33 54.24 -40.19
C HIS E 449 16.33 53.77 -39.12
N THR E 450 17.48 53.28 -39.57
CA THR E 450 18.54 52.80 -38.69
C THR E 450 19.79 53.62 -38.98
N VAL E 451 20.24 54.40 -38.00
CA VAL E 451 21.35 55.32 -38.18
C VAL E 451 22.48 54.98 -37.20
N PRO E 452 23.72 55.32 -37.52
CA PRO E 452 24.78 55.27 -36.50
C PRO E 452 24.78 56.53 -35.64
N GLN E 453 24.71 56.33 -34.33
CA GLN E 453 24.76 57.42 -33.36
C GLN E 453 25.82 57.13 -32.30
N CYS E 454 25.86 57.92 -31.23
CA CYS E 454 26.92 57.83 -30.24
C CYS E 454 26.37 57.16 -28.98
N CYS E 455 26.94 56.01 -28.62
CA CYS E 455 26.57 55.30 -27.41
C CYS E 455 27.66 55.46 -26.35
N TYR E 456 27.24 55.77 -25.12
CA TYR E 456 28.16 55.85 -24.00
C TYR E 456 27.42 55.50 -22.72
N GLY E 457 28.10 55.63 -21.59
CA GLY E 457 27.47 55.42 -20.30
C GLY E 457 28.17 54.43 -19.38
N PHE E 458 27.38 53.58 -18.74
CA PHE E 458 27.88 52.69 -17.70
C PHE E 458 28.51 51.42 -18.28
N CYS E 459 27.70 50.63 -18.99
CA CYS E 459 28.17 49.38 -19.57
C CYS E 459 29.14 49.61 -20.73
N ILE E 460 29.09 50.79 -21.35
CA ILE E 460 30.10 51.14 -22.35
C ILE E 460 31.46 51.30 -21.69
N ASP E 461 31.50 51.94 -20.51
CA ASP E 461 32.75 52.02 -19.76
C ASP E 461 33.17 50.68 -19.21
N LEU E 462 32.20 49.80 -18.90
CA LEU E 462 32.51 48.42 -18.54
C LEU E 462 33.19 47.68 -19.69
N LEU E 463 32.69 47.89 -20.91
CA LEU E 463 33.31 47.28 -22.08
C LEU E 463 34.68 47.90 -22.37
N ILE E 464 34.85 49.19 -22.06
CA ILE E 464 36.17 49.83 -22.18
C ILE E 464 37.15 49.19 -21.20
N LYS E 465 36.69 48.92 -19.98
CA LYS E 465 37.54 48.21 -19.01
C LYS E 465 37.86 46.79 -19.46
N LEU E 466 36.90 46.11 -20.08
CA LEU E 466 37.14 44.76 -20.59
C LEU E 466 38.15 44.77 -21.74
N ALA E 467 38.03 45.76 -22.63
CA ALA E 467 38.98 45.90 -23.73
C ALA E 467 40.35 46.39 -23.26
N ARG E 468 40.40 47.06 -22.11
CA ARG E 468 41.69 47.44 -21.54
C ARG E 468 42.38 46.25 -20.88
N THR E 469 41.60 45.39 -20.22
CA THR E 469 42.14 44.21 -19.57
C THR E 469 42.60 43.19 -20.60
N MET E 470 41.68 42.70 -21.42
CA MET E 470 41.99 41.76 -22.50
C MET E 470 41.93 42.48 -23.83
N ASN E 471 42.90 42.21 -24.70
CA ASN E 471 42.94 42.83 -26.02
C ASN E 471 41.97 42.13 -26.96
N PHE E 472 40.83 42.78 -27.20
CA PHE E 472 39.87 42.33 -28.20
C PHE E 472 39.09 43.54 -28.68
N THR E 473 38.82 43.58 -29.99
CA THR E 473 37.95 44.60 -30.56
C THR E 473 36.49 44.17 -30.39
N TYR E 474 35.58 45.04 -30.82
CA TYR E 474 34.17 44.80 -30.57
C TYR E 474 33.34 45.52 -31.63
N GLU E 475 32.02 45.29 -31.57
CA GLU E 475 31.09 45.88 -32.53
C GLU E 475 29.78 46.12 -31.79
N VAL E 476 29.57 47.36 -31.34
CA VAL E 476 28.38 47.71 -30.58
C VAL E 476 27.25 48.08 -31.55
N HIS E 477 26.17 47.32 -31.49
CA HIS E 477 24.92 47.67 -32.17
C HIS E 477 23.79 47.57 -31.16
N LEU E 478 22.57 47.81 -31.62
CA LEU E 478 21.42 47.85 -30.73
C LEU E 478 20.38 46.83 -31.16
N VAL E 479 19.58 46.40 -30.18
CA VAL E 479 18.48 45.49 -30.46
C VAL E 479 17.35 46.26 -31.16
N ALA E 480 16.60 45.57 -32.01
CA ALA E 480 15.63 46.23 -32.87
C ALA E 480 14.40 46.72 -32.11
N ASP E 481 14.15 46.22 -30.92
CA ASP E 481 12.97 46.61 -30.17
C ASP E 481 13.32 47.11 -28.77
N GLY E 482 12.31 47.31 -27.93
CA GLY E 482 12.53 47.72 -26.56
C GLY E 482 12.11 46.66 -25.58
N LYS E 483 12.38 45.39 -25.91
CA LYS E 483 11.98 44.26 -25.09
C LYS E 483 13.19 43.40 -24.77
N PHE E 484 13.13 42.72 -23.62
CA PHE E 484 14.18 41.80 -23.24
C PHE E 484 14.11 40.52 -24.07
N GLY E 485 12.94 39.89 -24.11
CA GLY E 485 12.73 38.68 -24.87
C GLY E 485 12.01 37.61 -24.07
N THR E 486 10.87 37.14 -24.57
CA THR E 486 10.08 36.13 -23.89
C THR E 486 9.87 34.91 -24.77
N GLN E 487 9.34 33.86 -24.14
CA GLN E 487 9.22 32.55 -24.77
C GLN E 487 7.80 32.40 -25.31
N GLU E 488 7.65 32.62 -26.61
CA GLU E 488 6.34 32.82 -27.21
C GLU E 488 6.12 31.80 -28.32
N ARG E 489 4.86 31.36 -28.45
CA ARG E 489 4.46 30.48 -29.54
C ARG E 489 4.56 31.20 -30.88
N VAL E 490 5.32 30.63 -31.81
CA VAL E 490 5.28 31.12 -33.19
C VAL E 490 3.97 30.65 -33.82
N ASN E 491 3.53 31.39 -34.85
CA ASN E 491 2.15 31.26 -35.32
C ASN E 491 1.94 30.07 -36.25
N ASN E 492 2.93 29.19 -36.38
CA ASN E 492 2.80 27.96 -37.15
C ASN E 492 3.47 26.79 -36.44
N SER E 493 2.89 25.60 -36.62
CA SER E 493 3.43 24.30 -36.22
C SER E 493 3.67 24.11 -34.72
N ASN E 494 3.17 25.04 -33.89
CA ASN E 494 3.23 25.00 -32.42
C ASN E 494 4.66 24.84 -31.92
N LYS E 495 5.48 25.86 -32.19
CA LYS E 495 6.90 25.84 -31.87
C LYS E 495 7.24 27.02 -30.97
N LYS E 496 8.06 26.77 -29.95
CA LYS E 496 8.58 27.83 -29.10
C LYS E 496 9.67 28.61 -29.83
N GLU E 497 9.62 29.93 -29.70
CA GLU E 497 10.68 30.80 -30.20
C GLU E 497 10.96 31.91 -29.19
N TRP E 498 12.16 32.47 -29.28
CA TRP E 498 12.56 33.64 -28.52
C TRP E 498 12.59 34.87 -29.43
N ASN E 499 12.72 36.03 -28.81
CA ASN E 499 12.79 37.29 -29.54
C ASN E 499 13.66 38.27 -28.75
N GLY E 500 13.76 39.49 -29.26
CA GLY E 500 14.52 40.53 -28.58
C GLY E 500 16.01 40.26 -28.63
N MET E 501 16.67 40.51 -27.49
CA MET E 501 18.10 40.29 -27.40
C MET E 501 18.45 38.80 -27.45
N MET E 502 17.60 37.95 -26.85
CA MET E 502 17.83 36.51 -26.94
C MET E 502 17.58 36.00 -28.36
N GLY E 503 16.57 36.56 -29.04
CA GLY E 503 16.31 36.17 -30.42
C GLY E 503 17.39 36.62 -31.38
N GLU E 504 18.03 37.76 -31.10
CA GLU E 504 19.16 38.19 -31.92
C GLU E 504 20.46 37.50 -31.53
N LEU E 505 20.56 37.00 -30.30
CA LEU E 505 21.77 36.29 -29.89
C LEU E 505 21.78 34.86 -30.38
N LEU E 506 20.66 34.15 -30.23
CA LEU E 506 20.59 32.74 -30.61
C LEU E 506 20.57 32.55 -32.12
N SER E 507 20.26 33.59 -32.89
CA SER E 507 20.30 33.51 -34.34
C SER E 507 21.71 33.63 -34.92
N GLY E 508 22.71 33.89 -34.09
CA GLY E 508 24.07 34.05 -34.54
C GLY E 508 24.44 35.45 -35.00
N GLN E 509 23.47 36.37 -35.06
CA GLN E 509 23.78 37.73 -35.46
C GLN E 509 24.45 38.52 -34.37
N ALA E 510 24.34 38.09 -33.11
CA ALA E 510 24.98 38.75 -31.99
C ALA E 510 25.94 37.79 -31.31
N ASP E 511 26.87 38.35 -30.55
CA ASP E 511 27.90 37.57 -29.87
C ASP E 511 27.84 37.67 -28.35
N MET E 512 27.68 38.88 -27.81
CA MET E 512 27.67 39.07 -26.37
C MET E 512 26.69 40.16 -26.00
N ILE E 513 25.71 39.84 -25.17
CA ILE E 513 24.73 40.81 -24.71
C ILE E 513 25.31 41.51 -23.49
N VAL E 514 25.66 42.79 -23.66
CA VAL E 514 26.12 43.62 -22.56
C VAL E 514 24.93 44.47 -22.14
N ALA E 515 24.23 44.02 -21.11
CA ALA E 515 22.96 44.61 -20.69
C ALA E 515 22.68 44.16 -19.26
N PRO E 516 21.89 44.92 -18.49
CA PRO E 516 21.49 44.44 -17.16
C PRO E 516 20.51 43.28 -17.25
N LEU E 517 21.04 42.08 -17.48
CA LEU E 517 20.23 40.90 -17.71
C LEU E 517 19.63 40.40 -16.41
N THR E 518 18.31 40.24 -16.38
CA THR E 518 17.64 39.70 -15.21
C THR E 518 17.87 38.19 -15.15
N ILE E 519 18.66 37.76 -14.15
CA ILE E 519 19.05 36.37 -14.03
C ILE E 519 17.89 35.57 -13.44
N ASN E 520 17.44 34.55 -14.17
CA ASN E 520 16.38 33.65 -13.71
C ASN E 520 16.74 32.21 -14.05
N ASN E 521 15.85 31.31 -13.67
CA ASN E 521 16.10 29.88 -13.86
C ASN E 521 15.81 29.43 -15.28
N GLU E 522 14.91 30.11 -16.00
CA GLU E 522 14.54 29.69 -17.35
C GLU E 522 15.68 29.95 -18.33
N ARG E 523 16.26 31.14 -18.30
CA ARG E 523 17.34 31.48 -19.22
C ARG E 523 18.64 30.78 -18.84
N ALA E 524 18.78 30.34 -17.58
CA ALA E 524 19.95 29.57 -17.20
C ALA E 524 19.94 28.18 -17.82
N GLN E 525 18.75 27.65 -18.11
CA GLN E 525 18.66 26.35 -18.76
C GLN E 525 19.11 26.39 -20.21
N TYR E 526 19.06 27.56 -20.85
CA TYR E 526 19.33 27.66 -22.28
C TYR E 526 20.72 28.20 -22.59
N ILE E 527 21.19 29.20 -21.84
CA ILE E 527 22.52 29.77 -22.03
C ILE E 527 23.26 29.73 -20.70
N GLU E 528 24.56 30.00 -20.76
CA GLU E 528 25.39 30.08 -19.57
C GLU E 528 25.47 31.51 -19.08
N PHE E 529 25.64 31.67 -17.78
CA PHE E 529 25.66 32.98 -17.14
C PHE E 529 27.04 33.27 -16.56
N SER E 530 27.34 34.56 -16.44
CA SER E 530 28.57 35.04 -15.85
C SER E 530 28.31 35.52 -14.42
N LYS E 531 29.31 36.13 -13.81
CA LYS E 531 29.12 36.67 -12.46
C LYS E 531 28.38 38.00 -12.55
N PRO E 532 27.45 38.26 -11.62
CA PRO E 532 26.71 39.52 -11.66
C PRO E 532 27.58 40.70 -11.23
N PHE E 533 27.49 41.79 -11.99
CA PHE E 533 28.18 43.01 -11.61
C PHE E 533 27.31 43.94 -10.77
N LYS E 534 25.99 43.89 -10.96
CA LYS E 534 25.06 44.72 -10.20
C LYS E 534 24.32 43.85 -9.20
N TYR E 535 24.04 44.39 -8.02
CA TYR E 535 23.29 43.67 -6.99
C TYR E 535 22.27 44.62 -6.40
N GLN E 536 20.99 44.34 -6.67
CA GLN E 536 19.92 45.24 -6.24
C GLN E 536 18.60 44.47 -6.20
N GLY E 537 17.54 45.16 -5.77
CA GLY E 537 16.24 44.56 -5.68
C GLY E 537 15.17 45.28 -6.48
N LEU E 538 13.93 45.21 -6.01
CA LEU E 538 12.80 45.83 -6.69
C LEU E 538 12.15 46.89 -5.79
N THR E 539 11.42 47.79 -6.44
CA THR E 539 10.85 48.95 -5.76
C THR E 539 9.71 49.49 -6.61
N ILE E 540 8.98 50.45 -6.03
CA ILE E 540 7.74 50.98 -6.58
C ILE E 540 7.92 52.47 -6.82
N LEU E 541 7.67 52.92 -8.04
CA LEU E 541 7.78 54.33 -8.39
C LEU E 541 6.44 55.02 -8.18
N VAL E 542 6.40 55.96 -7.23
CA VAL E 542 5.22 56.77 -6.97
C VAL E 542 5.60 58.24 -7.07
N LYS E 543 4.59 59.10 -6.98
CA LYS E 543 4.75 60.54 -7.09
C LYS E 543 4.28 61.21 -5.81
N LYS E 544 5.10 62.13 -5.30
CA LYS E 544 4.73 62.91 -4.12
C LYS E 544 4.96 64.39 -4.36
N PRO E 660 -2.97 60.78 4.47
CA PRO E 660 -3.33 59.79 3.45
C PRO E 660 -2.11 58.99 2.99
N GLU E 661 -2.31 57.69 2.79
CA GLU E 661 -1.21 56.78 2.52
C GLU E 661 -0.68 56.95 1.10
N GLU E 662 0.34 57.81 0.95
CA GLU E 662 0.98 57.98 -0.35
C GLU E 662 1.93 56.85 -0.68
N ARG E 663 2.29 56.03 0.31
CA ARG E 663 3.16 54.87 0.11
C ARG E 663 2.34 53.59 0.06
N ILE E 664 2.96 52.55 -0.51
CA ILE E 664 2.31 51.26 -0.65
C ILE E 664 2.96 50.18 0.21
N THR E 665 4.28 50.28 0.45
CA THR E 665 5.10 49.29 1.17
C THR E 665 4.97 47.89 0.57
N GLY E 666 5.26 47.80 -0.73
CA GLY E 666 5.49 46.52 -1.35
C GLY E 666 4.24 45.78 -1.80
N ILE E 667 4.42 44.46 -1.97
CA ILE E 667 3.38 43.61 -2.53
C ILE E 667 2.32 43.28 -1.48
N ASN E 668 2.60 43.49 -0.20
CA ASN E 668 1.73 43.09 0.88
C ASN E 668 0.58 44.07 1.14
N ASP E 669 0.31 44.99 0.23
CA ASP E 669 -0.87 45.85 0.32
C ASP E 669 -2.08 45.03 -0.08
N PRO E 670 -3.10 44.90 0.78
CA PRO E 670 -4.28 44.11 0.40
C PRO E 670 -5.13 44.73 -0.70
N ARG E 671 -5.04 46.04 -0.90
CA ARG E 671 -5.75 46.66 -2.01
C ARG E 671 -5.12 46.33 -3.36
N LEU E 672 -3.82 46.01 -3.38
CA LEU E 672 -3.19 45.55 -4.61
C LEU E 672 -3.41 44.07 -4.85
N ARG E 673 -3.82 43.31 -3.82
CA ARG E 673 -4.18 41.92 -4.02
C ARG E 673 -5.46 41.80 -4.83
N ASN E 674 -6.47 42.61 -4.51
CA ASN E 674 -7.70 42.73 -5.29
C ASN E 674 -7.79 44.16 -5.79
N PRO E 675 -7.23 44.44 -6.96
CA PRO E 675 -7.15 45.83 -7.45
C PRO E 675 -8.49 46.28 -8.05
N SER E 676 -8.47 47.50 -8.58
CA SER E 676 -9.62 48.09 -9.23
C SER E 676 -9.10 49.06 -10.30
N ASP E 677 -9.98 49.94 -10.78
CA ASP E 677 -9.60 50.93 -11.78
C ASP E 677 -8.89 52.14 -11.19
N LYS E 678 -8.67 52.19 -9.89
CA LYS E 678 -8.02 53.33 -9.25
C LYS E 678 -6.51 53.15 -9.19
N PHE E 679 -6.05 52.09 -8.52
CA PHE E 679 -4.63 51.83 -8.39
C PHE E 679 -4.11 51.24 -9.70
N ILE E 680 -3.59 52.10 -10.56
CA ILE E 680 -3.10 51.70 -11.87
C ILE E 680 -1.63 51.33 -11.73
N TYR E 681 -1.33 50.04 -11.85
CA TYR E 681 0.03 49.54 -11.78
C TYR E 681 0.27 48.56 -12.92
N ALA E 682 1.45 48.63 -13.52
CA ALA E 682 1.80 47.78 -14.66
C ALA E 682 3.32 47.68 -14.73
N THR E 683 3.80 47.11 -15.83
CA THR E 683 5.24 46.95 -16.04
C THR E 683 5.52 46.99 -17.54
N VAL E 684 6.79 46.79 -17.90
CA VAL E 684 7.19 46.77 -19.30
C VAL E 684 6.66 45.50 -19.95
N LYS E 685 6.13 45.65 -21.17
CA LYS E 685 5.63 44.49 -21.92
C LYS E 685 6.79 43.56 -22.29
N GLN E 686 6.55 42.25 -22.11
CA GLN E 686 7.51 41.18 -22.37
C GLN E 686 8.80 41.36 -21.58
N SER E 687 8.65 41.62 -20.29
CA SER E 687 9.77 41.76 -19.38
C SER E 687 9.94 40.51 -18.53
N SER E 688 11.14 40.36 -17.96
CA SER E 688 11.41 39.23 -17.09
C SER E 688 10.72 39.33 -15.75
N VAL E 689 10.29 40.53 -15.36
CA VAL E 689 9.50 40.70 -14.14
C VAL E 689 8.15 40.02 -14.30
N ASP E 690 7.58 40.07 -15.50
CA ASP E 690 6.34 39.35 -15.78
C ASP E 690 6.55 37.84 -15.74
N ILE E 691 7.73 37.35 -16.14
CA ILE E 691 8.02 35.93 -16.05
C ILE E 691 8.18 35.51 -14.60
N TYR E 692 8.83 36.37 -13.79
CA TYR E 692 8.99 36.10 -12.36
C TYR E 692 7.66 36.11 -11.63
N PHE E 693 6.72 36.95 -12.07
CA PHE E 693 5.38 36.92 -11.53
C PHE E 693 4.56 35.76 -12.08
N ARG E 694 4.89 35.28 -13.28
CA ARG E 694 4.22 34.12 -13.86
C ARG E 694 4.62 32.84 -13.14
N ARG E 695 5.85 32.77 -12.65
CA ARG E 695 6.23 31.65 -11.78
C ARG E 695 5.47 31.69 -10.47
N GLN E 696 5.20 32.88 -9.94
CA GLN E 696 4.40 33.04 -8.73
C GLN E 696 2.97 32.63 -9.03
N VAL E 697 2.59 31.45 -8.54
CA VAL E 697 1.25 30.89 -8.81
C VAL E 697 0.20 31.40 -7.86
N GLU E 698 0.54 32.34 -6.98
CA GLU E 698 -0.41 32.93 -6.04
C GLU E 698 -0.69 34.39 -6.30
N LEU E 699 -0.17 34.96 -7.38
CA LEU E 699 -0.44 36.33 -7.80
C LEU E 699 -0.91 36.36 -9.24
N SER E 700 -1.87 35.51 -9.59
CA SER E 700 -2.45 35.53 -10.93
C SER E 700 -3.34 36.74 -11.15
N THR E 701 -3.84 37.36 -10.08
CA THR E 701 -4.69 38.53 -10.21
C THR E 701 -3.91 39.73 -10.73
N MET E 702 -2.69 39.92 -10.23
CA MET E 702 -1.82 40.97 -10.77
C MET E 702 -1.40 40.68 -12.20
N TYR E 703 -1.23 39.40 -12.55
CA TYR E 703 -0.89 39.02 -13.92
C TYR E 703 -2.04 39.31 -14.87
N ARG E 704 -3.27 39.12 -14.42
CA ARG E 704 -4.43 39.47 -15.23
C ARG E 704 -4.71 40.97 -15.24
N HIS E 705 -4.25 41.70 -14.21
CA HIS E 705 -4.52 43.13 -14.16
C HIS E 705 -3.51 43.93 -14.97
N MET E 706 -2.22 43.59 -14.89
CA MET E 706 -1.18 44.38 -15.52
C MET E 706 -1.08 44.15 -17.02
N GLU E 707 -1.77 43.15 -17.56
CA GLU E 707 -1.67 42.87 -18.99
C GLU E 707 -2.44 43.87 -19.84
N LYS E 708 -3.34 44.65 -19.25
CA LYS E 708 -4.09 45.66 -19.97
C LYS E 708 -3.37 47.01 -20.05
N HIS E 709 -2.22 47.15 -19.38
CA HIS E 709 -1.56 48.45 -19.34
C HIS E 709 -0.05 48.34 -19.54
N ASN E 710 0.44 47.28 -20.16
CA ASN E 710 1.88 47.13 -20.38
C ASN E 710 2.36 48.09 -21.46
N TYR E 711 3.44 48.80 -21.17
CA TYR E 711 4.01 49.78 -22.08
C TYR E 711 5.21 49.19 -22.82
N GLU E 712 5.67 49.94 -23.83
CA GLU E 712 6.80 49.48 -24.64
C GLU E 712 8.12 49.62 -23.87
N SER E 713 8.42 50.83 -23.40
CA SER E 713 9.65 51.10 -22.68
C SER E 713 9.33 51.64 -21.29
N ALA E 714 10.37 51.68 -20.44
CA ALA E 714 10.20 52.22 -19.09
C ALA E 714 10.07 53.73 -19.10
N ALA E 715 10.65 54.39 -20.11
CA ALA E 715 10.52 55.84 -20.22
C ALA E 715 9.08 56.26 -20.54
N GLU E 716 8.34 55.39 -21.22
CA GLU E 716 6.90 55.62 -21.40
C GLU E 716 6.18 55.60 -20.06
N ALA E 717 6.57 54.68 -19.17
CA ALA E 717 5.98 54.66 -17.84
C ALA E 717 6.40 55.86 -17.01
N ILE E 718 7.64 56.34 -17.18
CA ILE E 718 8.10 57.54 -16.48
C ILE E 718 7.31 58.76 -16.94
N GLN E 719 7.08 58.88 -18.26
CA GLN E 719 6.29 59.99 -18.78
C GLN E 719 4.82 59.89 -18.39
N ALA E 720 4.29 58.66 -18.29
CA ALA E 720 2.88 58.49 -17.92
C ALA E 720 2.65 58.78 -16.45
N VAL E 721 3.57 58.36 -15.58
CA VAL E 721 3.43 58.69 -14.16
C VAL E 721 3.84 60.13 -13.90
N ARG E 722 4.59 60.75 -14.82
CA ARG E 722 4.90 62.17 -14.73
C ARG E 722 3.66 63.02 -14.95
N ASP E 723 2.74 62.56 -15.79
CA ASP E 723 1.46 63.20 -16.01
C ASP E 723 0.38 62.74 -15.02
N ASN E 724 0.79 62.05 -13.95
CA ASN E 724 -0.09 61.52 -12.89
C ASN E 724 -1.17 60.59 -13.44
N LYS E 725 -0.83 59.82 -14.46
CA LYS E 725 -1.75 58.84 -15.02
C LYS E 725 -1.52 57.43 -14.49
N LEU E 726 -0.29 57.11 -14.10
CA LEU E 726 0.00 55.85 -13.43
C LEU E 726 -0.02 56.04 -11.92
N HIS E 727 0.08 54.94 -11.19
CA HIS E 727 0.11 54.99 -9.73
C HIS E 727 1.20 54.14 -9.09
N ALA E 728 1.70 53.11 -9.78
CA ALA E 728 2.76 52.27 -9.25
C ALA E 728 3.47 51.60 -10.42
N PHE E 729 4.74 51.25 -10.20
CA PHE E 729 5.55 50.65 -11.26
C PHE E 729 6.67 49.85 -10.61
N ILE E 730 6.65 48.54 -10.80
CA ILE E 730 7.69 47.65 -10.27
C ILE E 730 8.93 47.81 -11.13
N TRP E 731 10.05 48.17 -10.51
CA TRP E 731 11.27 48.39 -11.26
C TRP E 731 12.46 48.18 -10.34
N ASP E 732 13.65 48.09 -10.94
CA ASP E 732 14.91 47.93 -10.22
C ASP E 732 15.20 49.15 -9.34
N SER E 733 16.12 48.96 -8.39
CA SER E 733 16.29 49.91 -7.30
C SER E 733 17.09 51.13 -7.72
N ALA E 734 18.34 50.93 -8.15
CA ALA E 734 19.28 52.04 -8.33
C ALA E 734 18.94 52.92 -9.51
N VAL E 735 18.22 52.40 -10.50
CA VAL E 735 17.76 53.22 -11.62
C VAL E 735 16.76 54.27 -11.13
N LEU E 736 15.79 53.83 -10.34
CA LEU E 736 14.84 54.78 -9.75
C LEU E 736 15.47 55.63 -8.67
N GLU E 737 16.55 55.16 -8.02
CA GLU E 737 17.29 56.01 -7.09
C GLU E 737 17.99 57.14 -7.84
N PHE E 738 18.58 56.84 -9.00
CA PHE E 738 19.21 57.87 -9.81
C PHE E 738 18.16 58.83 -10.38
N GLU E 739 16.99 58.32 -10.76
CA GLU E 739 15.94 59.20 -11.26
C GLU E 739 15.32 60.03 -10.14
N ALA E 740 15.34 59.53 -8.91
CA ALA E 740 14.93 60.34 -7.77
C ALA E 740 15.95 61.41 -7.45
N SER E 741 17.24 61.11 -7.68
CA SER E 741 18.27 62.15 -7.57
C SER E 741 18.12 63.18 -8.68
N GLN E 742 17.64 62.79 -9.86
CA GLN E 742 17.39 63.75 -10.92
C GLN E 742 16.13 64.56 -10.66
N LYS E 743 15.03 63.88 -10.33
CA LYS E 743 13.74 64.53 -10.11
C LYS E 743 13.24 64.16 -8.71
N CYS E 744 13.02 65.17 -7.87
CA CYS E 744 12.68 64.94 -6.47
C CYS E 744 11.25 64.42 -6.29
N ASP E 745 10.37 64.64 -7.27
CA ASP E 745 9.00 64.14 -7.15
C ASP E 745 8.91 62.63 -7.33
N LEU E 746 9.91 62.01 -7.96
CA LEU E 746 9.95 60.57 -8.12
C LEU E 746 10.35 59.93 -6.78
N VAL E 747 9.45 59.13 -6.21
CA VAL E 747 9.63 58.57 -4.87
C VAL E 747 9.59 57.05 -4.98
N THR E 748 10.58 56.40 -4.38
CA THR E 748 10.62 54.94 -4.30
C THR E 748 9.97 54.46 -3.02
N THR E 749 9.69 53.16 -2.96
CA THR E 749 9.09 52.58 -1.77
C THR E 749 10.18 52.14 -0.79
N GLY E 750 9.73 51.69 0.39
CA GLY E 750 10.64 51.36 1.46
C GLY E 750 11.19 49.94 1.45
N GLU E 751 10.38 48.98 1.01
CA GLU E 751 10.79 47.59 1.08
C GLU E 751 11.82 47.26 0.00
N LEU E 752 12.51 46.14 0.19
CA LEU E 752 13.55 45.68 -0.73
C LEU E 752 13.38 44.17 -0.89
N PHE E 753 12.64 43.77 -1.92
CA PHE E 753 12.42 42.37 -2.23
C PHE E 753 13.05 42.02 -3.57
N PHE E 754 13.18 40.72 -3.81
CA PHE E 754 13.87 40.13 -4.96
C PHE E 754 15.29 40.69 -5.07
N ARG E 755 16.07 40.41 -4.02
CA ARG E 755 17.46 40.85 -3.98
C ARG E 755 18.28 39.97 -4.91
N SER E 756 18.48 40.42 -6.14
CA SER E 756 19.14 39.63 -7.16
C SER E 756 20.31 40.40 -7.77
N GLY E 757 20.88 39.83 -8.82
CA GLY E 757 22.05 40.42 -9.45
C GLY E 757 21.91 40.43 -10.95
N PHE E 758 22.57 41.40 -11.57
CA PHE E 758 22.59 41.60 -13.01
C PHE E 758 24.01 41.40 -13.51
N GLY E 759 24.16 40.53 -14.50
CA GLY E 759 25.45 40.25 -15.12
C GLY E 759 25.45 40.48 -16.61
N ILE E 760 26.31 39.78 -17.32
CA ILE E 760 26.49 39.94 -18.76
C ILE E 760 25.85 38.74 -19.46
N GLY E 761 24.99 38.99 -20.43
CA GLY E 761 24.39 37.91 -21.20
C GLY E 761 25.43 37.22 -22.06
N MET E 762 25.50 35.90 -21.96
CA MET E 762 26.58 35.12 -22.55
C MET E 762 26.03 33.99 -23.41
N ARG E 763 26.95 33.35 -24.12
CA ARG E 763 26.66 32.19 -24.95
C ARG E 763 26.81 30.92 -24.12
N LYS E 764 26.93 29.77 -24.79
CA LYS E 764 27.21 28.48 -24.16
C LYS E 764 28.69 28.35 -23.80
N ASP E 765 29.13 27.11 -23.55
CA ASP E 765 30.52 26.79 -23.23
C ASP E 765 31.47 27.33 -24.29
N SER E 766 32.31 28.29 -23.89
CA SER E 766 33.08 29.11 -24.81
C SER E 766 34.33 29.57 -24.08
N PRO E 767 35.44 29.82 -24.79
CA PRO E 767 36.63 30.38 -24.12
C PRO E 767 36.49 31.85 -23.75
N TRP E 768 35.39 32.52 -24.07
CA TRP E 768 35.12 33.88 -23.62
C TRP E 768 34.37 33.94 -22.31
N LYS E 769 34.50 32.92 -21.46
CA LYS E 769 33.79 32.87 -20.20
C LYS E 769 34.70 33.05 -19.00
N GLN E 770 35.77 32.25 -18.90
CA GLN E 770 36.56 32.20 -17.68
C GLN E 770 37.41 33.46 -17.51
N ASN E 771 38.10 33.87 -18.58
CA ASN E 771 38.96 35.04 -18.52
C ASN E 771 38.14 36.31 -18.33
N VAL E 772 36.94 36.35 -18.95
CA VAL E 772 36.06 37.50 -18.80
C VAL E 772 35.49 37.56 -17.39
N SER E 773 35.15 36.41 -16.81
CA SER E 773 34.68 36.38 -15.44
C SER E 773 35.78 36.76 -14.45
N LEU E 774 37.02 36.37 -14.72
CA LEU E 774 38.13 36.80 -13.89
C LEU E 774 38.38 38.30 -14.01
N SER E 775 38.18 38.85 -15.21
CA SER E 775 38.29 40.30 -15.37
C SER E 775 37.18 41.04 -14.63
N ILE E 776 35.96 40.48 -14.63
CA ILE E 776 34.86 41.06 -13.87
C ILE E 776 35.14 41.01 -12.38
N LEU E 777 35.67 39.90 -11.89
CA LEU E 777 36.03 39.80 -10.48
C LEU E 777 37.19 40.71 -10.11
N LYS E 778 38.11 40.93 -11.05
CA LYS E 778 39.17 41.92 -10.85
C LYS E 778 38.59 43.33 -10.77
N SER E 779 37.53 43.60 -11.53
CA SER E 779 36.83 44.87 -11.39
C SER E 779 36.06 44.95 -10.08
N HIS E 780 35.61 43.80 -9.55
CA HIS E 780 34.94 43.79 -8.25
C HIS E 780 35.90 44.10 -7.11
N GLU E 781 37.11 43.53 -7.15
CA GLU E 781 37.99 43.59 -5.98
C GLU E 781 38.60 44.97 -5.79
N ASN E 782 38.84 45.71 -6.87
CA ASN E 782 39.45 47.02 -6.74
C ASN E 782 38.37 48.10 -6.61
N GLY E 783 38.77 49.36 -6.70
CA GLY E 783 37.84 50.45 -6.54
C GLY E 783 37.23 50.92 -7.85
N PHE E 784 37.29 50.07 -8.88
CA PHE E 784 36.69 50.44 -10.17
C PHE E 784 35.18 50.43 -10.09
N MET E 785 34.59 49.58 -9.25
CA MET E 785 33.17 49.68 -8.96
C MET E 785 32.85 50.99 -8.26
N GLU E 786 33.73 51.42 -7.37
CA GLU E 786 33.58 52.74 -6.74
C GLU E 786 33.81 53.86 -7.74
N ASP E 787 34.65 53.63 -8.75
CA ASP E 787 34.83 54.62 -9.82
C ASP E 787 33.57 54.75 -10.65
N LEU E 788 32.93 53.62 -10.98
CA LEU E 788 31.67 53.64 -11.69
C LEU E 788 30.56 54.23 -10.84
N ASP E 789 30.66 54.10 -9.52
CA ASP E 789 29.75 54.82 -8.63
C ASP E 789 29.99 56.32 -8.69
N LYS E 790 31.26 56.74 -8.74
CA LYS E 790 31.60 58.14 -8.87
C LYS E 790 31.15 58.73 -10.19
N THR E 791 31.05 57.90 -11.24
CA THR E 791 30.53 58.42 -12.51
C THR E 791 29.03 58.69 -12.42
N TRP E 792 28.25 57.72 -11.96
CA TRP E 792 26.80 57.91 -12.04
C TRP E 792 26.07 57.66 -10.73
N VAL E 793 26.51 56.69 -9.92
CA VAL E 793 25.70 56.26 -8.78
C VAL E 793 25.87 57.22 -7.61
N ARG E 794 27.11 57.48 -7.20
CA ARG E 794 27.36 58.37 -6.07
C ARG E 794 27.08 59.83 -6.41
N TYR E 795 27.19 60.19 -7.69
CA TYR E 795 26.94 61.57 -8.12
C TYR E 795 25.47 61.91 -7.99
N GLN E 796 25.18 62.95 -7.20
CA GLN E 796 23.83 63.43 -6.96
C GLN E 796 23.74 64.89 -7.34
N GLU E 797 22.55 65.47 -7.18
CA GLU E 797 22.32 66.86 -7.53
C GLU E 797 21.68 67.61 -6.36
N LEU F 34 -10.80 17.07 -67.30
CA LEU F 34 -10.31 16.36 -68.48
C LEU F 34 -10.57 14.87 -68.35
N ASN F 35 -9.77 14.08 -69.08
CA ASN F 35 -9.91 12.62 -69.05
C ASN F 35 -9.33 12.10 -67.75
N ILE F 36 -10.19 11.54 -66.91
CA ILE F 36 -9.80 11.00 -65.61
C ILE F 36 -10.30 9.56 -65.52
N ALA F 37 -9.42 8.64 -65.14
CA ALA F 37 -9.76 7.24 -64.98
C ALA F 37 -9.77 6.90 -63.50
N VAL F 38 -10.86 6.28 -63.04
CA VAL F 38 -11.01 5.83 -61.67
C VAL F 38 -11.09 4.32 -61.70
N LEU F 39 -10.01 3.66 -61.29
CA LEU F 39 -9.97 2.21 -61.17
C LEU F 39 -10.02 1.83 -59.71
N LEU F 40 -10.85 0.84 -59.38
CA LEU F 40 -11.04 0.43 -57.99
C LEU F 40 -10.83 -1.06 -57.84
N GLY F 41 -9.96 -1.44 -56.91
CA GLY F 41 -9.78 -2.83 -56.54
C GLY F 41 -10.47 -3.13 -55.22
N HIS F 42 -11.62 -3.80 -55.28
CA HIS F 42 -12.45 -4.01 -54.10
C HIS F 42 -12.88 -5.47 -54.01
N SER F 43 -13.09 -5.92 -52.78
CA SER F 43 -13.67 -7.23 -52.50
C SER F 43 -15.16 -7.14 -52.17
N HIS F 44 -15.57 -6.08 -51.48
CA HIS F 44 -16.99 -5.82 -51.25
C HIS F 44 -17.65 -5.42 -52.57
N ASP F 45 -18.94 -5.76 -52.69
CA ASP F 45 -19.69 -5.55 -53.92
C ASP F 45 -20.01 -4.06 -54.07
N VAL F 46 -19.03 -3.31 -54.55
CA VAL F 46 -19.19 -1.91 -54.90
C VAL F 46 -19.31 -1.85 -56.43
N THR F 47 -20.47 -1.46 -56.92
CA THR F 47 -20.76 -1.51 -58.35
C THR F 47 -20.07 -0.35 -59.07
N GLU F 48 -20.28 -0.25 -60.38
CA GLU F 48 -19.61 0.75 -61.19
C GLU F 48 -20.52 1.85 -61.69
N ARG F 49 -21.84 1.62 -61.73
CA ARG F 49 -22.75 2.59 -62.35
C ARG F 49 -22.97 3.84 -61.50
N GLU F 50 -22.70 3.78 -60.19
CA GLU F 50 -22.75 5.00 -59.39
C GLU F 50 -21.57 5.91 -59.69
N LEU F 51 -20.49 5.36 -60.25
CA LEU F 51 -19.41 6.19 -60.74
C LEU F 51 -19.76 6.78 -62.10
N ARG F 52 -20.58 6.08 -62.89
CA ARG F 52 -21.11 6.66 -64.13
C ARG F 52 -22.09 7.78 -63.84
N ASN F 53 -22.84 7.67 -62.74
CA ASN F 53 -23.70 8.76 -62.30
C ASN F 53 -22.95 9.85 -61.54
N LEU F 54 -21.64 9.67 -61.32
CA LEU F 54 -20.83 10.67 -60.64
C LEU F 54 -20.28 11.72 -61.61
N TRP F 55 -20.65 11.64 -62.89
CA TRP F 55 -20.20 12.58 -63.91
C TRP F 55 -21.23 13.65 -64.25
N GLY F 56 -22.53 13.31 -64.19
CA GLY F 56 -23.58 14.17 -64.68
C GLY F 56 -23.82 15.44 -63.89
N PRO F 57 -24.37 15.33 -62.67
CA PRO F 57 -24.63 16.54 -61.88
C PRO F 57 -23.38 17.14 -61.26
N GLU F 58 -22.32 16.36 -61.10
CA GLU F 58 -21.06 16.89 -60.60
C GLU F 58 -20.40 17.76 -61.66
N GLN F 59 -19.68 18.78 -61.19
CA GLN F 59 -19.04 19.83 -62.01
C GLN F 59 -20.09 20.51 -62.90
N ALA F 60 -21.01 21.21 -62.22
CA ALA F 60 -22.04 21.95 -62.93
C ALA F 60 -21.46 23.17 -63.63
N THR F 61 -20.46 23.80 -63.03
CA THR F 61 -19.75 24.93 -63.66
C THR F 61 -18.48 24.37 -64.28
N GLY F 62 -18.64 23.76 -65.45
CA GLY F 62 -17.53 23.09 -66.10
C GLY F 62 -16.64 24.02 -66.91
N LEU F 63 -15.50 24.39 -66.35
CA LEU F 63 -14.53 25.23 -67.05
C LEU F 63 -13.71 24.47 -68.10
N PRO F 64 -13.29 23.20 -67.89
CA PRO F 64 -12.80 22.43 -69.06
C PRO F 64 -13.96 22.06 -69.97
N LEU F 65 -13.74 22.21 -71.28
CA LEU F 65 -14.78 21.94 -72.27
C LEU F 65 -14.99 20.46 -72.52
N ASP F 66 -14.05 19.60 -72.10
CA ASP F 66 -14.15 18.16 -72.33
C ASP F 66 -13.72 17.40 -71.07
N VAL F 67 -14.69 17.12 -70.20
CA VAL F 67 -14.47 16.37 -68.97
C VAL F 67 -15.08 14.99 -69.16
N ASN F 68 -14.23 13.95 -69.07
CA ASN F 68 -14.67 12.58 -69.25
C ASN F 68 -14.09 11.71 -68.15
N VAL F 69 -14.85 10.72 -67.71
CA VAL F 69 -14.41 9.78 -66.68
C VAL F 69 -14.50 8.36 -67.23
N VAL F 70 -13.57 7.52 -66.77
CA VAL F 70 -13.51 6.11 -67.15
C VAL F 70 -13.52 5.30 -65.86
N ALA F 71 -14.64 4.65 -65.56
CA ALA F 71 -14.78 3.87 -64.34
C ALA F 71 -14.42 2.42 -64.62
N LEU F 72 -13.46 1.88 -63.88
CA LEU F 72 -13.02 0.50 -64.06
C LEU F 72 -12.88 -0.18 -62.70
N LEU F 73 -13.12 -1.49 -62.69
CA LEU F 73 -13.03 -2.31 -61.49
C LEU F 73 -12.06 -3.44 -61.74
N MET F 74 -11.16 -3.68 -60.78
CA MET F 74 -10.16 -4.73 -60.88
C MET F 74 -10.34 -5.70 -59.73
N ASN F 75 -10.21 -6.99 -60.03
CA ASN F 75 -10.43 -8.03 -59.02
C ASN F 75 -9.12 -8.48 -58.38
N ARG F 76 -8.03 -8.49 -59.14
CA ARG F 76 -6.72 -8.87 -58.63
C ARG F 76 -5.96 -7.65 -58.15
N THR F 77 -4.96 -7.89 -57.31
CA THR F 77 -4.17 -6.83 -56.68
C THR F 77 -2.69 -7.00 -56.96
N ASP F 78 -2.34 -7.56 -58.13
CA ASP F 78 -0.92 -7.68 -58.41
C ASP F 78 -0.41 -6.46 -59.19
N PRO F 79 0.87 -6.09 -59.04
CA PRO F 79 1.39 -4.92 -59.78
C PRO F 79 1.49 -5.12 -61.28
N LYS F 80 1.44 -6.37 -61.76
CA LYS F 80 1.35 -6.62 -63.20
C LYS F 80 0.09 -6.02 -63.78
N SER F 81 -1.04 -6.17 -63.08
CA SER F 81 -2.28 -5.53 -63.52
C SER F 81 -2.19 -4.02 -63.40
N LEU F 82 -1.44 -3.51 -62.43
CA LEU F 82 -1.23 -2.07 -62.31
C LEU F 82 -0.51 -1.52 -63.53
N ILE F 83 0.60 -2.18 -63.93
CA ILE F 83 1.35 -1.75 -65.11
C ILE F 83 0.50 -1.90 -66.37
N THR F 84 -0.28 -2.99 -66.44
CA THR F 84 -1.11 -3.24 -67.63
C THR F 84 -2.20 -2.20 -67.78
N HIS F 85 -2.90 -1.87 -66.69
CA HIS F 85 -3.96 -0.88 -66.78
C HIS F 85 -3.42 0.54 -66.94
N VAL F 86 -2.21 0.82 -66.42
CA VAL F 86 -1.60 2.13 -66.68
C VAL F 86 -1.22 2.26 -68.15
N CYS F 87 -0.65 1.20 -68.74
CA CYS F 87 -0.34 1.23 -70.17
C CYS F 87 -1.59 1.22 -71.04
N ASP F 88 -2.71 0.69 -70.55
CA ASP F 88 -3.95 0.74 -71.31
C ASP F 88 -4.58 2.13 -71.25
N LEU F 89 -4.66 2.72 -70.06
CA LEU F 89 -5.40 3.96 -69.89
C LEU F 89 -4.57 5.19 -70.26
N MET F 90 -3.24 5.11 -70.14
CA MET F 90 -2.40 6.21 -70.59
C MET F 90 -2.41 6.33 -72.11
N SER F 91 -2.41 5.19 -72.80
CA SER F 91 -2.64 5.17 -74.24
C SER F 91 -4.11 5.29 -74.60
N GLY F 92 -5.01 5.18 -73.63
CA GLY F 92 -6.43 5.31 -73.87
C GLY F 92 -6.87 6.75 -73.96
N ALA F 93 -6.53 7.39 -75.10
CA ALA F 93 -6.89 8.78 -75.43
C ALA F 93 -6.34 9.77 -74.41
N ARG F 94 -5.15 9.46 -73.86
CA ARG F 94 -4.33 10.36 -73.03
C ARG F 94 -5.07 10.81 -71.78
N ILE F 95 -5.34 9.84 -70.91
CA ILE F 95 -5.97 10.12 -69.62
C ILE F 95 -4.96 10.76 -68.69
N HIS F 96 -5.32 11.91 -68.12
CA HIS F 96 -4.43 12.68 -67.27
C HIS F 96 -4.74 12.53 -65.78
N GLY F 97 -5.73 11.74 -65.41
CA GLY F 97 -6.07 11.58 -64.01
C GLY F 97 -6.31 10.14 -63.61
N LEU F 98 -5.60 9.65 -62.59
CA LEU F 98 -5.77 8.29 -62.10
C LEU F 98 -6.18 8.33 -60.64
N VAL F 99 -7.25 7.61 -60.32
CA VAL F 99 -7.79 7.52 -58.96
C VAL F 99 -7.90 6.05 -58.61
N PHE F 100 -7.26 5.64 -57.52
CA PHE F 100 -7.25 4.24 -57.10
C PHE F 100 -7.58 4.11 -55.62
N GLY F 101 -8.41 3.12 -55.31
CA GLY F 101 -8.65 2.71 -53.94
C GLY F 101 -8.33 1.24 -53.77
N ASP F 102 -7.97 0.86 -52.56
CA ASP F 102 -7.53 -0.50 -52.26
C ASP F 102 -8.34 -1.06 -51.11
N ASP F 103 -8.58 -2.37 -51.14
CA ASP F 103 -9.25 -3.07 -50.06
C ASP F 103 -8.33 -3.96 -49.23
N THR F 104 -7.13 -4.27 -49.73
CA THR F 104 -6.24 -5.20 -49.05
C THR F 104 -5.41 -4.45 -48.00
N ASP F 105 -4.40 -5.13 -47.46
CA ASP F 105 -3.52 -4.59 -46.43
C ASP F 105 -2.08 -4.53 -46.92
N GLN F 106 -1.88 -4.08 -48.16
CA GLN F 106 -0.57 -4.04 -48.79
C GLN F 106 -0.17 -2.58 -49.00
N GLU F 107 0.86 -2.13 -48.29
CA GLU F 107 1.35 -0.77 -48.43
C GLU F 107 2.29 -0.58 -49.61
N ALA F 108 2.71 -1.67 -50.26
CA ALA F 108 3.61 -1.56 -51.41
C ALA F 108 2.90 -1.13 -52.68
N VAL F 109 1.57 -1.23 -52.71
CA VAL F 109 0.81 -0.83 -53.89
C VAL F 109 0.86 0.69 -54.06
N ALA F 110 0.83 1.44 -52.96
CA ALA F 110 0.99 2.88 -53.02
C ALA F 110 2.40 3.27 -53.46
N GLN F 111 3.40 2.47 -53.09
CA GLN F 111 4.76 2.74 -53.55
C GLN F 111 4.91 2.45 -55.04
N MET F 112 4.23 1.41 -55.52
CA MET F 112 4.19 1.12 -56.96
C MET F 112 3.49 2.23 -57.72
N LEU F 113 2.40 2.76 -57.18
CA LEU F 113 1.70 3.87 -57.84
C LEU F 113 2.51 5.16 -57.78
N ASP F 114 3.33 5.34 -56.73
CA ASP F 114 4.24 6.47 -56.67
C ASP F 114 5.32 6.35 -57.73
N PHE F 115 5.82 5.13 -57.96
CA PHE F 115 6.78 4.92 -59.04
C PHE F 115 6.16 5.15 -60.41
N ILE F 116 4.89 4.73 -60.57
CA ILE F 116 4.16 4.97 -61.82
C ILE F 116 3.96 6.46 -62.06
N SER F 117 3.64 7.21 -60.99
CA SER F 117 3.49 8.66 -61.11
C SER F 117 4.83 9.34 -61.37
N SER F 118 5.93 8.76 -60.90
CA SER F 118 7.24 9.31 -61.19
C SER F 118 7.64 9.06 -62.64
N GLN F 119 7.30 7.89 -63.18
CA GLN F 119 7.68 7.57 -64.56
C GLN F 119 6.77 8.23 -65.59
N THR F 120 5.47 8.23 -65.36
CA THR F 120 4.50 8.71 -66.34
C THR F 120 4.17 10.19 -66.20
N PHE F 121 4.57 10.81 -65.08
CA PHE F 121 4.33 12.24 -64.77
C PHE F 121 2.83 12.57 -64.78
N ILE F 122 2.03 11.72 -64.14
CA ILE F 122 0.58 11.86 -64.11
C ILE F 122 0.17 11.97 -62.65
N PRO F 123 -0.67 12.97 -62.29
CA PRO F 123 -1.16 13.05 -60.90
C PRO F 123 -2.08 11.90 -60.52
N ILE F 124 -1.64 11.07 -59.59
CA ILE F 124 -2.36 9.88 -59.16
C ILE F 124 -2.75 10.04 -57.70
N LEU F 125 -3.98 9.67 -57.37
CA LEU F 125 -4.54 9.83 -56.04
C LEU F 125 -4.84 8.47 -55.42
N GLY F 126 -4.54 8.34 -54.13
CA GLY F 126 -4.83 7.13 -53.37
C GLY F 126 -5.96 7.40 -52.39
N ILE F 127 -6.93 6.49 -52.35
CA ILE F 127 -8.21 6.73 -51.69
C ILE F 127 -8.31 5.94 -50.38
N HIS F 128 -8.27 4.61 -50.46
CA HIS F 128 -8.66 3.77 -49.35
C HIS F 128 -7.72 2.58 -49.25
N GLY F 129 -7.53 2.09 -48.03
CA GLY F 129 -6.76 0.86 -47.83
C GLY F 129 -5.29 1.08 -48.04
N GLY F 130 -4.67 0.14 -48.78
CA GLY F 130 -3.26 0.21 -49.10
C GLY F 130 -2.89 1.37 -50.01
N ALA F 131 -3.87 1.90 -50.75
CA ALA F 131 -3.64 3.11 -51.53
C ALA F 131 -3.56 4.35 -50.65
N SER F 132 -4.04 4.26 -49.39
CA SER F 132 -4.04 5.40 -48.49
C SER F 132 -3.14 5.17 -47.28
N MET F 133 -2.29 4.14 -47.31
CA MET F 133 -1.38 3.91 -46.20
C MET F 133 -0.21 4.88 -46.26
N ILE F 134 0.25 5.30 -45.09
CA ILE F 134 1.17 6.43 -44.98
C ILE F 134 2.59 5.97 -45.31
N MET F 135 3.20 6.65 -46.27
CA MET F 135 4.60 6.44 -46.62
C MET F 135 5.43 7.64 -46.17
N ALA F 136 6.75 7.46 -46.14
CA ALA F 136 7.61 8.42 -45.46
C ALA F 136 7.91 9.65 -46.31
N ASP F 137 8.60 9.46 -47.44
CA ASP F 137 9.13 10.58 -48.20
C ASP F 137 8.84 10.39 -49.69
N LYS F 138 8.31 11.43 -50.33
CA LYS F 138 8.02 11.39 -51.75
C LYS F 138 9.22 11.92 -52.54
N ASP F 139 9.03 12.11 -53.83
CA ASP F 139 10.04 12.63 -54.74
C ASP F 139 9.47 13.79 -55.54
N PRO F 140 10.31 14.73 -55.97
CA PRO F 140 9.83 15.78 -56.87
C PRO F 140 9.46 15.26 -58.25
N THR F 141 10.00 14.13 -58.67
CA THR F 141 9.63 13.54 -59.95
C THR F 141 8.25 12.87 -59.90
N SER F 142 7.76 12.54 -58.71
CA SER F 142 6.48 11.87 -58.54
C SER F 142 5.41 12.85 -58.10
N THR F 143 4.24 12.76 -58.71
CA THR F 143 3.09 13.59 -58.38
C THR F 143 1.96 12.76 -57.77
N PHE F 144 2.32 11.76 -56.98
CA PHE F 144 1.35 10.92 -56.29
C PHE F 144 0.93 11.57 -54.97
N PHE F 145 -0.34 11.40 -54.63
CA PHE F 145 -0.89 12.02 -53.42
C PHE F 145 -1.85 11.05 -52.75
N GLN F 146 -1.99 11.20 -51.44
CA GLN F 146 -2.84 10.34 -50.63
C GLN F 146 -3.89 11.16 -49.88
N PHE F 147 -5.06 10.56 -49.69
CA PHE F 147 -6.11 11.15 -48.85
C PHE F 147 -6.07 10.42 -47.51
N GLY F 148 -5.14 10.84 -46.66
CA GLY F 148 -4.96 10.19 -45.37
C GLY F 148 -4.45 11.12 -44.29
N ALA F 149 -3.91 10.53 -43.21
CA ALA F 149 -3.39 11.29 -42.09
C ALA F 149 -2.06 10.69 -41.66
N SER F 150 -1.00 11.49 -41.74
CA SER F 150 0.35 11.00 -41.47
C SER F 150 0.55 10.76 -39.97
N ILE F 151 1.69 10.13 -39.65
CA ILE F 151 2.00 9.80 -38.27
C ILE F 151 2.42 11.03 -37.48
N GLN F 152 2.88 12.09 -38.15
CA GLN F 152 3.30 13.30 -37.45
C GLN F 152 2.09 14.08 -36.95
N GLN F 153 1.09 14.28 -37.82
CA GLN F 153 -0.15 14.92 -37.39
C GLN F 153 -0.91 14.05 -36.40
N GLN F 154 -0.80 12.73 -36.51
CA GLN F 154 -1.41 11.84 -35.54
C GLN F 154 -0.74 11.95 -34.17
N ALA F 155 0.59 12.09 -34.17
CA ALA F 155 1.30 12.31 -32.91
C ALA F 155 0.96 13.67 -32.33
N THR F 156 0.73 14.66 -33.18
CA THR F 156 0.26 15.97 -32.73
C THR F 156 -1.11 15.87 -32.06
N VAL F 157 -2.02 15.09 -32.67
CA VAL F 157 -3.35 14.89 -32.09
C VAL F 157 -3.27 14.12 -30.77
N MET F 158 -2.40 13.12 -30.70
CA MET F 158 -2.28 12.34 -29.46
C MET F 158 -1.65 13.15 -28.33
N LEU F 159 -0.68 14.01 -28.66
CA LEU F 159 -0.14 14.89 -27.62
C LEU F 159 -1.12 16.00 -27.27
N LYS F 160 -2.02 16.36 -28.19
CA LYS F 160 -3.13 17.26 -27.84
C LYS F 160 -4.10 16.59 -26.87
N ILE F 161 -4.35 15.30 -27.06
CA ILE F 161 -5.16 14.51 -26.13
C ILE F 161 -4.49 14.47 -24.76
N MET F 162 -3.18 14.23 -24.73
CA MET F 162 -2.45 14.19 -23.47
C MET F 162 -2.38 15.55 -22.80
N GLN F 163 -2.38 16.63 -23.57
CA GLN F 163 -2.42 17.97 -23.00
C GLN F 163 -3.79 18.27 -22.43
N ASP F 164 -4.85 17.82 -23.10
CA ASP F 164 -6.21 18.08 -22.64
C ASP F 164 -6.61 17.25 -21.43
N TYR F 165 -5.79 16.28 -21.01
CA TYR F 165 -6.09 15.45 -19.86
C TYR F 165 -5.13 15.65 -18.70
N ASP F 166 -4.15 16.55 -18.84
CA ASP F 166 -3.07 16.79 -17.86
C ASP F 166 -2.31 15.52 -17.52
N TRP F 167 -2.09 14.68 -18.54
CA TRP F 167 -1.31 13.45 -18.37
C TRP F 167 0.14 13.74 -18.74
N HIS F 168 0.80 14.47 -17.83
CA HIS F 168 2.11 15.03 -18.11
C HIS F 168 3.25 14.08 -17.77
N VAL F 169 3.04 13.14 -16.86
CA VAL F 169 4.05 12.15 -16.50
C VAL F 169 3.77 10.90 -17.32
N PHE F 170 4.67 10.59 -18.25
CA PHE F 170 4.45 9.51 -19.19
C PHE F 170 5.80 8.87 -19.53
N SER F 171 5.76 7.92 -20.47
CA SER F 171 6.95 7.20 -20.91
C SER F 171 6.88 7.01 -22.42
N LEU F 172 7.89 6.33 -22.95
CA LEU F 172 7.97 6.07 -24.39
C LEU F 172 8.78 4.80 -24.62
N VAL F 173 8.15 3.83 -25.27
CA VAL F 173 8.81 2.56 -25.61
C VAL F 173 8.85 2.45 -27.13
N THR F 174 10.06 2.36 -27.68
CA THR F 174 10.27 2.28 -29.12
C THR F 174 10.96 0.97 -29.45
N THR F 175 10.40 0.24 -30.41
CA THR F 175 10.95 -1.02 -30.87
C THR F 175 11.85 -0.79 -32.08
N ILE F 176 12.19 -1.86 -32.77
CA ILE F 176 12.99 -1.79 -33.98
C ILE F 176 12.11 -1.69 -35.24
N PHE F 177 10.83 -1.38 -35.06
CA PHE F 177 9.97 -1.12 -36.21
C PHE F 177 10.41 0.18 -36.88
N PRO F 178 10.56 0.20 -38.20
CA PRO F 178 11.19 1.36 -38.85
C PRO F 178 10.31 2.60 -38.85
N GLY F 179 10.94 3.73 -39.16
CA GLY F 179 10.29 5.02 -39.01
C GLY F 179 10.17 5.47 -37.57
N TYR F 180 11.11 5.06 -36.73
CA TYR F 180 11.01 5.28 -35.29
C TYR F 180 11.85 6.45 -34.79
N ARG F 181 12.98 6.74 -35.44
CA ARG F 181 13.83 7.85 -34.99
C ARG F 181 13.19 9.20 -35.34
N ASP F 182 12.46 9.25 -36.46
CA ASP F 182 11.68 10.44 -36.79
C ASP F 182 10.58 10.67 -35.75
N PHE F 183 10.00 9.58 -35.24
CA PHE F 183 8.97 9.67 -34.21
C PHE F 183 9.53 10.19 -32.90
N ILE F 184 10.72 9.70 -32.51
CA ILE F 184 11.39 10.16 -31.30
C ILE F 184 11.79 11.63 -31.42
N SER F 185 12.33 12.01 -32.58
CA SER F 185 12.73 13.39 -32.80
C SER F 185 11.54 14.34 -32.84
N PHE F 186 10.41 13.89 -33.39
CA PHE F 186 9.22 14.70 -33.42
C PHE F 186 8.64 14.88 -32.01
N ILE F 187 8.70 13.83 -31.19
CA ILE F 187 8.29 13.95 -29.79
C ILE F 187 9.21 14.92 -29.05
N LYS F 188 10.52 14.86 -29.30
CA LYS F 188 11.46 15.75 -28.63
C LYS F 188 11.23 17.21 -29.01
N THR F 189 11.04 17.49 -30.31
CA THR F 189 10.74 18.85 -30.75
C THR F 189 9.38 19.33 -30.26
N THR F 190 8.40 18.44 -30.14
CA THR F 190 7.08 18.85 -29.68
C THR F 190 7.08 19.15 -28.19
N VAL F 191 7.82 18.37 -27.39
CA VAL F 191 7.99 18.67 -25.98
C VAL F 191 8.78 19.96 -25.80
N ASP F 192 9.79 20.18 -26.64
CA ASP F 192 10.54 21.43 -26.58
C ASP F 192 9.75 22.63 -27.13
N ASN F 193 8.62 22.41 -27.81
CA ASN F 193 7.81 23.50 -28.34
C ASN F 193 6.36 23.36 -27.86
N SER F 194 6.17 23.14 -26.56
CA SER F 194 4.85 23.10 -25.96
C SER F 194 4.90 23.72 -24.57
N PHE F 195 3.81 24.38 -24.18
CA PHE F 195 3.72 25.09 -22.90
C PHE F 195 3.59 24.16 -21.70
N VAL F 196 3.55 22.84 -21.90
CA VAL F 196 3.37 21.92 -20.78
C VAL F 196 4.66 21.79 -19.97
N GLY F 197 5.78 21.52 -20.65
CA GLY F 197 6.96 21.09 -19.93
C GLY F 197 6.79 19.64 -19.50
N TRP F 198 6.77 18.75 -20.49
CA TRP F 198 6.36 17.37 -20.29
C TRP F 198 7.37 16.60 -19.42
N ASP F 199 6.86 15.93 -18.39
CA ASP F 199 7.67 15.03 -17.57
C ASP F 199 7.77 13.70 -18.29
N MET F 200 8.79 13.57 -19.14
CA MET F 200 8.95 12.41 -20.01
C MET F 200 10.01 11.49 -19.44
N GLN F 201 9.64 10.24 -19.21
CA GLN F 201 10.62 9.22 -18.83
C GLN F 201 11.45 8.86 -20.07
N ASN F 202 12.67 8.38 -19.83
CA ASN F 202 13.60 8.05 -20.90
C ASN F 202 13.08 6.90 -21.76
N VAL F 203 13.58 6.86 -22.99
CA VAL F 203 13.02 5.99 -24.03
C VAL F 203 13.50 4.57 -23.81
N ILE F 204 12.56 3.64 -23.67
CA ILE F 204 12.88 2.23 -23.59
C ILE F 204 13.09 1.70 -25.01
N THR F 205 14.33 1.37 -25.34
CA THR F 205 14.70 0.96 -26.68
C THR F 205 14.83 -0.56 -26.75
N LEU F 206 14.67 -1.09 -27.96
CA LEU F 206 14.80 -2.52 -28.22
C LEU F 206 15.86 -2.75 -29.28
N ASP F 207 16.35 -3.99 -29.34
CA ASP F 207 17.32 -4.41 -30.34
C ASP F 207 16.81 -5.53 -31.21
N THR F 208 16.24 -6.57 -30.61
CA THR F 208 15.69 -7.72 -31.33
C THR F 208 14.37 -8.07 -30.65
N SER F 209 13.86 -9.27 -30.93
CA SER F 209 12.83 -9.86 -30.08
C SER F 209 13.39 -10.04 -28.68
N PHE F 210 12.59 -9.70 -27.67
CA PHE F 210 13.12 -9.51 -26.33
C PHE F 210 13.50 -10.83 -25.67
N GLU F 211 14.69 -10.85 -25.09
CA GLU F 211 15.19 -11.98 -24.32
C GLU F 211 14.55 -12.06 -22.94
N ASP F 212 13.89 -10.98 -22.51
CA ASP F 212 13.36 -10.78 -21.15
C ASP F 212 14.49 -10.89 -20.13
N ALA F 213 15.67 -10.43 -20.51
CA ALA F 213 16.82 -10.31 -19.61
C ALA F 213 17.32 -8.88 -19.50
N LYS F 214 17.60 -8.21 -20.62
CA LYS F 214 18.03 -6.83 -20.60
C LYS F 214 16.88 -5.86 -20.83
N THR F 215 15.87 -6.28 -21.60
CA THR F 215 14.67 -5.46 -21.76
C THR F 215 13.82 -5.47 -20.49
N GLN F 216 13.99 -6.51 -19.66
CA GLN F 216 13.28 -6.59 -18.39
C GLN F 216 13.68 -5.47 -17.44
N VAL F 217 14.95 -5.09 -17.45
CA VAL F 217 15.42 -4.01 -16.59
C VAL F 217 14.83 -2.67 -17.03
N GLN F 218 14.76 -2.45 -18.35
CA GLN F 218 14.17 -1.21 -18.86
C GLN F 218 12.66 -1.17 -18.66
N LEU F 219 11.99 -2.31 -18.71
CA LEU F 219 10.56 -2.32 -18.44
C LEU F 219 10.26 -2.17 -16.96
N LYS F 220 11.17 -2.65 -16.09
CA LYS F 220 10.99 -2.45 -14.65
C LYS F 220 11.39 -1.06 -14.18
N LYS F 221 11.97 -0.23 -15.07
CA LYS F 221 12.15 1.18 -14.76
C LYS F 221 10.85 1.96 -14.86
N ILE F 222 9.84 1.40 -15.50
CA ILE F 222 8.59 2.10 -15.76
C ILE F 222 7.76 2.14 -14.49
N HIS F 223 7.38 3.35 -14.06
CA HIS F 223 6.46 3.53 -12.95
C HIS F 223 5.41 4.58 -13.26
N SER F 224 5.39 5.10 -14.47
CA SER F 224 4.45 6.12 -14.89
C SER F 224 3.19 5.48 -15.47
N SER F 225 2.18 6.31 -15.72
CA SER F 225 0.87 5.82 -16.13
C SER F 225 0.73 5.70 -17.64
N VAL F 226 0.88 6.81 -18.36
CA VAL F 226 0.66 6.82 -19.81
C VAL F 226 1.87 6.22 -20.50
N ILE F 227 1.64 5.19 -21.31
CA ILE F 227 2.70 4.48 -22.02
C ILE F 227 2.45 4.61 -23.51
N LEU F 228 3.45 5.12 -24.23
CA LEU F 228 3.39 5.26 -25.68
C LEU F 228 4.22 4.18 -26.34
N LEU F 229 3.79 3.74 -27.52
CA LEU F 229 4.40 2.61 -28.18
C LEU F 229 4.30 2.79 -29.69
N TYR F 230 5.35 2.37 -30.41
CA TYR F 230 5.42 2.45 -31.86
C TYR F 230 6.03 1.14 -32.37
N CYS F 231 5.18 0.25 -32.87
CA CYS F 231 5.63 -1.07 -33.31
C CYS F 231 4.61 -1.64 -34.29
N SER F 232 4.78 -2.91 -34.65
CA SER F 232 3.84 -3.64 -35.48
C SER F 232 2.94 -4.49 -34.59
N LYS F 233 1.95 -5.14 -35.21
CA LYS F 233 0.93 -5.87 -34.45
C LYS F 233 1.49 -7.14 -33.83
N ASP F 234 2.28 -7.90 -34.60
CA ASP F 234 2.87 -9.14 -34.08
C ASP F 234 3.91 -8.86 -33.01
N GLU F 235 4.55 -7.69 -33.04
CA GLU F 235 5.38 -7.27 -31.93
C GLU F 235 4.53 -6.84 -30.74
N ALA F 236 3.39 -6.18 -31.02
CA ALA F 236 2.55 -5.65 -29.95
C ALA F 236 1.86 -6.76 -29.16
N VAL F 237 1.63 -7.92 -29.79
CA VAL F 237 1.09 -9.07 -29.06
C VAL F 237 2.06 -9.52 -27.97
N LEU F 238 3.34 -9.64 -28.33
CA LEU F 238 4.36 -10.02 -27.34
C LEU F 238 4.60 -8.91 -26.32
N ILE F 239 4.49 -7.65 -26.74
CA ILE F 239 4.66 -6.53 -25.82
C ILE F 239 3.55 -6.52 -24.77
N LEU F 240 2.30 -6.69 -25.21
CA LEU F 240 1.18 -6.72 -24.27
C LEU F 240 1.19 -7.99 -23.42
N SER F 241 1.70 -9.10 -23.95
CA SER F 241 1.85 -10.31 -23.15
C SER F 241 2.89 -10.12 -22.05
N GLU F 242 4.01 -9.46 -22.37
CA GLU F 242 5.00 -9.15 -21.35
C GLU F 242 4.49 -8.11 -20.36
N ALA F 243 3.67 -7.17 -20.82
CA ALA F 243 3.13 -6.14 -19.93
C ALA F 243 2.11 -6.73 -18.97
N ARG F 244 1.29 -7.68 -19.43
CA ARG F 244 0.41 -8.40 -18.54
C ARG F 244 1.19 -9.32 -17.61
N SER F 245 2.29 -9.90 -18.11
CA SER F 245 3.13 -10.74 -17.26
C SER F 245 3.88 -9.93 -16.22
N LEU F 246 4.20 -8.66 -16.53
CA LEU F 246 4.85 -7.77 -15.58
C LEU F 246 3.85 -6.84 -14.89
N GLY F 247 2.57 -6.99 -15.17
CA GLY F 247 1.56 -6.20 -14.49
C GLY F 247 1.53 -4.74 -14.89
N LEU F 248 1.75 -4.44 -16.17
CA LEU F 248 1.71 -3.07 -16.66
C LEU F 248 0.36 -2.68 -17.21
N THR F 249 -0.67 -3.49 -17.00
CA THR F 249 -2.02 -3.23 -17.50
C THR F 249 -2.97 -2.87 -16.37
N GLY F 250 -2.50 -2.11 -15.41
CA GLY F 250 -3.30 -1.70 -14.28
C GLY F 250 -4.31 -0.62 -14.64
N TYR F 251 -5.12 -0.25 -13.65
CA TYR F 251 -6.13 0.78 -13.84
C TYR F 251 -5.50 2.16 -13.99
N ASP F 252 -4.38 2.39 -13.32
CA ASP F 252 -3.69 3.67 -13.46
C ASP F 252 -2.96 3.75 -14.80
N PHE F 253 -2.43 2.62 -15.28
CA PHE F 253 -1.55 2.62 -16.44
C PHE F 253 -2.36 2.75 -17.73
N PHE F 254 -1.92 3.64 -18.61
CA PHE F 254 -2.60 3.88 -19.88
C PHE F 254 -1.78 3.33 -21.04
N TRP F 255 -2.47 3.13 -22.16
CA TRP F 255 -1.88 2.53 -23.35
C TRP F 255 -2.47 3.22 -24.58
N ILE F 256 -1.64 3.96 -25.31
CA ILE F 256 -2.06 4.70 -26.49
C ILE F 256 -1.25 4.21 -27.67
N VAL F 257 -1.92 3.71 -28.69
CA VAL F 257 -1.26 3.09 -29.84
C VAL F 257 -1.66 3.84 -31.11
N PRO F 258 -0.82 3.85 -32.16
CA PRO F 258 -1.21 4.50 -33.42
C PRO F 258 -2.12 3.63 -34.28
N SER F 259 -2.41 4.12 -35.48
CA SER F 259 -3.30 3.42 -36.40
C SER F 259 -2.58 2.35 -37.21
N LEU F 260 -1.26 2.41 -37.30
CA LEU F 260 -0.53 1.43 -38.12
C LEU F 260 -0.43 0.09 -37.42
N VAL F 261 -0.37 0.08 -36.09
CA VAL F 261 -0.35 -1.18 -35.36
C VAL F 261 -1.76 -1.78 -35.25
N SER F 262 -2.79 -0.94 -35.27
CA SER F 262 -4.18 -1.40 -35.18
C SER F 262 -4.66 -1.69 -36.59
N GLY F 263 -4.72 -2.95 -36.96
CA GLY F 263 -5.01 -3.32 -38.33
C GLY F 263 -6.48 -3.51 -38.63
N ASN F 264 -6.88 -4.74 -38.93
CA ASN F 264 -8.26 -5.02 -39.32
C ASN F 264 -9.19 -4.89 -38.12
N THR F 265 -10.40 -4.39 -38.38
CA THR F 265 -11.40 -4.27 -37.32
C THR F 265 -11.95 -5.64 -36.91
N GLU F 266 -11.89 -6.62 -37.81
CA GLU F 266 -12.37 -7.96 -37.48
C GLU F 266 -11.35 -8.73 -36.66
N LEU F 267 -10.08 -8.66 -37.05
CA LEU F 267 -9.02 -9.41 -36.39
C LEU F 267 -8.60 -8.67 -35.13
N ILE F 268 -9.20 -9.03 -34.00
CA ILE F 268 -8.81 -8.50 -32.70
C ILE F 268 -8.46 -9.68 -31.79
N PRO F 269 -7.17 -9.89 -31.50
CA PRO F 269 -6.80 -10.93 -30.54
C PRO F 269 -7.24 -10.57 -29.13
N LYS F 270 -7.33 -11.61 -28.29
CA LYS F 270 -7.84 -11.45 -26.93
C LYS F 270 -6.81 -10.86 -25.97
N GLU F 271 -5.58 -10.64 -26.40
CA GLU F 271 -4.55 -10.08 -25.54
C GLU F 271 -4.58 -8.56 -25.48
N PHE F 272 -5.55 -7.92 -26.12
CA PHE F 272 -5.62 -6.46 -26.09
C PHE F 272 -6.35 -6.01 -24.82
N PRO F 273 -5.86 -4.99 -24.14
CA PRO F 273 -6.57 -4.46 -22.97
C PRO F 273 -7.79 -3.65 -23.39
N SER F 274 -8.91 -3.90 -22.73
CA SER F 274 -10.18 -3.22 -23.03
C SER F 274 -10.09 -1.79 -22.53
N GLY F 275 -9.85 -0.86 -23.44
CA GLY F 275 -9.57 0.51 -23.08
C GLY F 275 -8.37 1.05 -23.84
N LEU F 276 -7.96 0.30 -24.86
CA LEU F 276 -6.79 0.66 -25.67
C LEU F 276 -7.13 1.87 -26.54
N ILE F 277 -6.37 2.95 -26.36
CA ILE F 277 -6.64 4.21 -27.06
C ILE F 277 -5.97 4.15 -28.43
N SER F 278 -6.76 4.36 -29.48
CA SER F 278 -6.24 4.41 -30.84
C SER F 278 -6.79 5.63 -31.55
N VAL F 279 -6.04 6.11 -32.54
CA VAL F 279 -6.43 7.24 -33.37
C VAL F 279 -6.24 6.84 -34.82
N SER F 280 -7.34 6.71 -35.56
CA SER F 280 -7.32 6.36 -36.96
C SER F 280 -8.32 7.21 -37.72
N TYR F 281 -7.98 7.53 -38.96
CA TYR F 281 -8.84 8.36 -39.81
C TYR F 281 -9.88 7.55 -40.57
N ASP F 282 -10.10 6.29 -40.20
CA ASP F 282 -11.10 5.45 -40.85
C ASP F 282 -12.50 5.87 -40.41
N ASP F 283 -13.13 6.75 -41.17
CA ASP F 283 -14.46 7.24 -40.84
C ASP F 283 -15.50 6.45 -41.64
N TRP F 284 -16.38 5.75 -40.94
CA TRP F 284 -17.45 4.99 -41.59
C TRP F 284 -18.60 5.87 -42.04
N ASP F 285 -18.67 7.12 -41.59
CA ASP F 285 -19.73 8.01 -42.03
C ASP F 285 -19.51 8.50 -43.44
N TYR F 286 -18.26 8.66 -43.85
CA TYR F 286 -17.91 9.10 -45.20
C TYR F 286 -17.45 7.87 -45.99
N SER F 287 -18.24 7.48 -46.99
CA SER F 287 -17.93 6.31 -47.78
C SER F 287 -16.85 6.62 -48.82
N LEU F 288 -16.50 5.59 -49.59
CA LEU F 288 -15.47 5.75 -50.63
C LEU F 288 -15.98 6.59 -51.79
N GLU F 289 -17.29 6.58 -52.04
CA GLU F 289 -17.84 7.34 -53.16
C GLU F 289 -17.77 8.84 -52.90
N ALA F 290 -18.01 9.27 -51.66
CA ALA F 290 -17.88 10.67 -51.32
C ALA F 290 -16.42 11.12 -51.36
N ARG F 291 -15.50 10.22 -50.98
CA ARG F 291 -14.08 10.55 -51.01
C ARG F 291 -13.56 10.67 -52.45
N VAL F 292 -14.00 9.77 -53.34
CA VAL F 292 -13.57 9.91 -54.73
C VAL F 292 -14.31 11.06 -55.43
N ARG F 293 -15.51 11.43 -54.96
CA ARG F 293 -16.16 12.63 -55.47
C ARG F 293 -15.40 13.89 -55.07
N ASP F 294 -14.90 13.92 -53.83
CA ASP F 294 -14.06 15.03 -53.39
C ASP F 294 -12.73 15.05 -54.14
N GLY F 295 -12.19 13.86 -54.45
CA GLY F 295 -10.96 13.80 -55.23
C GLY F 295 -11.15 14.30 -56.66
N LEU F 296 -12.29 13.95 -57.28
CA LEU F 296 -12.62 14.49 -58.59
C LEU F 296 -12.84 16.00 -58.53
N GLY F 297 -13.42 16.49 -57.43
CA GLY F 297 -13.57 17.92 -57.26
C GLY F 297 -12.23 18.64 -57.15
N ILE F 298 -11.27 18.04 -56.44
CA ILE F 298 -9.93 18.60 -56.34
C ILE F 298 -9.23 18.58 -57.69
N LEU F 299 -9.39 17.49 -58.45
CA LEU F 299 -8.77 17.39 -59.78
C LEU F 299 -9.34 18.42 -60.74
N THR F 300 -10.67 18.57 -60.77
CA THR F 300 -11.28 19.57 -61.64
C THR F 300 -10.98 20.99 -61.18
N THR F 301 -10.83 21.21 -59.87
CA THR F 301 -10.45 22.52 -59.36
C THR F 301 -9.03 22.89 -59.79
N ALA F 302 -8.10 21.92 -59.69
CA ALA F 302 -6.73 22.15 -60.12
C ALA F 302 -6.65 22.36 -61.63
N ALA F 303 -7.44 21.61 -62.40
CA ALA F 303 -7.44 21.77 -63.84
C ALA F 303 -8.03 23.11 -64.28
N SER F 304 -9.12 23.54 -63.62
CA SER F 304 -9.72 24.82 -63.97
C SER F 304 -8.87 25.99 -63.53
N SER F 305 -8.17 25.87 -62.39
CA SER F 305 -7.31 26.96 -61.95
C SER F 305 -6.00 27.01 -62.73
N MET F 306 -5.54 25.87 -63.25
CA MET F 306 -4.31 25.87 -64.05
C MET F 306 -4.59 26.25 -65.49
N LEU F 307 -5.82 26.00 -65.98
CA LEU F 307 -6.18 26.41 -67.33
C LEU F 307 -6.32 27.93 -67.43
N GLU F 308 -6.67 28.61 -66.33
CA GLU F 308 -6.74 30.06 -66.33
C GLU F 308 -5.37 30.71 -66.39
N LYS F 309 -4.32 30.00 -65.97
CA LYS F 309 -2.97 30.54 -66.01
C LYS F 309 -2.25 30.21 -67.31
N PHE F 310 -2.26 28.94 -67.71
CA PHE F 310 -1.57 28.49 -68.91
C PHE F 310 -2.57 27.79 -69.82
N SER F 311 -2.29 27.83 -71.14
CA SER F 311 -3.23 27.29 -72.11
C SER F 311 -3.07 25.78 -72.30
N TYR F 312 -1.89 25.34 -72.75
CA TYR F 312 -1.67 23.94 -73.12
C TYR F 312 -1.47 23.10 -71.86
N ILE F 313 -2.58 22.85 -71.17
CA ILE F 313 -2.58 22.07 -69.93
C ILE F 313 -2.54 20.56 -70.17
N PRO F 314 -3.38 19.92 -71.06
CA PRO F 314 -3.26 18.46 -71.20
C PRO F 314 -1.99 18.02 -71.93
N GLU F 315 -1.02 17.52 -71.16
CA GLU F 315 0.25 17.02 -71.71
C GLU F 315 0.59 15.74 -70.96
N ALA F 316 0.47 14.60 -71.63
CA ALA F 316 0.78 13.30 -71.05
C ALA F 316 1.70 12.52 -71.98
N LYS F 317 2.01 11.30 -71.57
CA LYS F 317 2.83 10.40 -72.36
C LYS F 317 1.94 9.56 -73.28
N ALA F 318 2.43 9.31 -74.48
CA ALA F 318 1.63 8.63 -75.50
C ALA F 318 1.42 7.16 -75.16
N SER F 319 2.50 6.40 -75.08
CA SER F 319 2.42 4.98 -74.80
C SER F 319 3.62 4.55 -73.97
N CYS F 320 3.52 3.36 -73.38
CA CYS F 320 4.60 2.84 -72.54
C CYS F 320 5.81 2.45 -73.39
N TYR F 321 5.58 1.87 -74.55
CA TYR F 321 6.66 1.44 -75.43
C TYR F 321 7.28 2.65 -76.12
N GLY F 322 8.61 2.75 -76.05
CA GLY F 322 9.31 3.86 -76.65
C GLY F 322 10.49 4.34 -75.83
N GLN F 323 11.60 4.63 -76.50
CA GLN F 323 12.81 5.08 -75.82
C GLN F 323 13.33 6.38 -76.42
N PRO F 330 8.63 17.77 -68.87
CA PRO F 330 7.44 18.50 -68.42
C PRO F 330 7.77 19.73 -67.60
N LEU F 331 7.08 20.83 -67.87
CA LEU F 331 7.30 22.09 -67.17
C LEU F 331 6.08 22.51 -66.35
N HIS F 332 4.92 22.61 -66.96
CA HIS F 332 3.70 23.02 -66.26
C HIS F 332 3.06 21.79 -65.62
N THR F 333 3.35 21.59 -64.34
CA THR F 333 2.85 20.44 -63.60
C THR F 333 1.97 20.90 -62.45
N LEU F 334 1.13 20.00 -61.98
CA LEU F 334 0.25 20.23 -60.84
C LEU F 334 0.86 19.76 -59.53
N HIS F 335 2.19 19.62 -59.47
CA HIS F 335 2.84 19.09 -58.28
C HIS F 335 2.87 20.11 -57.15
N GLN F 336 3.10 21.38 -57.46
CA GLN F 336 3.15 22.44 -56.46
C GLN F 336 2.10 23.52 -56.74
N PHE F 337 0.98 23.13 -57.36
CA PHE F 337 -0.05 24.07 -57.73
C PHE F 337 -1.31 23.98 -56.89
N MET F 338 -1.75 22.78 -56.51
CA MET F 338 -3.01 22.60 -55.81
C MET F 338 -2.84 22.54 -54.30
N VAL F 339 -1.85 23.25 -53.76
CA VAL F 339 -1.79 23.48 -52.32
C VAL F 339 -2.97 24.35 -51.89
N ASN F 340 -3.26 25.40 -52.65
CA ASN F 340 -4.46 26.20 -52.48
C ASN F 340 -5.61 25.47 -53.18
N VAL F 341 -6.43 24.79 -52.40
CA VAL F 341 -7.63 24.13 -52.94
C VAL F 341 -8.66 24.05 -51.83
N THR F 342 -9.93 24.27 -52.19
CA THR F 342 -11.05 24.16 -51.25
C THR F 342 -12.27 23.77 -52.05
N TRP F 343 -12.82 22.59 -51.77
CA TRP F 343 -13.94 22.02 -52.52
C TRP F 343 -15.19 22.06 -51.65
N ASP F 344 -16.15 22.90 -52.05
CA ASP F 344 -17.49 23.01 -51.44
C ASP F 344 -17.42 23.38 -49.96
N GLY F 345 -16.41 24.19 -49.58
CA GLY F 345 -16.21 24.57 -48.21
C GLY F 345 -15.36 23.63 -47.39
N LYS F 346 -15.15 22.40 -47.86
CA LYS F 346 -14.32 21.43 -47.15
C LYS F 346 -12.86 21.81 -47.32
N ASP F 347 -12.16 21.96 -46.19
CA ASP F 347 -10.75 22.33 -46.20
C ASP F 347 -9.93 21.10 -46.58
N LEU F 348 -9.80 20.91 -47.89
CA LEU F 348 -9.07 19.76 -48.45
C LEU F 348 -7.71 20.17 -49.00
N SER F 349 -7.05 21.13 -48.35
CA SER F 349 -5.77 21.63 -48.83
C SER F 349 -4.67 20.60 -48.62
N PHE F 350 -3.58 20.76 -49.37
CA PHE F 350 -2.50 19.80 -49.42
C PHE F 350 -1.23 20.38 -48.79
N THR F 351 -0.43 19.51 -48.18
CA THR F 351 0.78 19.91 -47.51
C THR F 351 1.96 19.93 -48.47
N GLU F 352 3.13 20.28 -47.94
CA GLU F 352 4.36 20.23 -48.73
C GLU F 352 4.82 18.80 -48.94
N GLU F 353 4.55 17.91 -47.99
CA GLU F 353 4.90 16.51 -48.11
C GLU F 353 3.94 15.73 -48.99
N GLY F 354 2.77 16.29 -49.30
CA GLY F 354 1.81 15.63 -50.16
C GLY F 354 0.57 15.10 -49.47
N TYR F 355 0.42 15.35 -48.17
CA TYR F 355 -0.74 14.89 -47.43
C TYR F 355 -1.72 16.06 -47.23
N GLN F 356 -2.82 15.78 -46.54
CA GLN F 356 -3.83 16.79 -46.30
C GLN F 356 -3.40 17.71 -45.17
N VAL F 357 -3.81 18.98 -45.26
CA VAL F 357 -3.51 19.93 -44.18
C VAL F 357 -4.39 19.64 -42.97
N HIS F 358 -5.70 19.51 -43.18
CA HIS F 358 -6.65 19.22 -42.11
C HIS F 358 -7.44 17.96 -42.46
N PRO F 359 -6.92 16.77 -42.12
CA PRO F 359 -7.69 15.54 -42.36
C PRO F 359 -8.76 15.29 -41.30
N ARG F 360 -9.38 14.12 -41.34
CA ARG F 360 -10.49 13.77 -40.44
C ARG F 360 -10.03 12.61 -39.55
N LEU F 361 -9.45 12.95 -38.41
CA LEU F 361 -8.98 11.93 -37.47
C LEU F 361 -10.13 11.47 -36.58
N VAL F 362 -10.11 10.19 -36.22
CA VAL F 362 -11.13 9.55 -35.40
C VAL F 362 -10.46 8.90 -34.20
N VAL F 363 -10.84 9.32 -33.00
CA VAL F 363 -10.31 8.76 -31.77
C VAL F 363 -11.26 7.66 -31.31
N ILE F 364 -10.74 6.43 -31.21
CA ILE F 364 -11.50 5.28 -30.80
C ILE F 364 -10.83 4.64 -29.59
N VAL F 365 -11.63 3.87 -28.83
CA VAL F 365 -11.13 3.06 -27.74
C VAL F 365 -11.64 1.63 -27.94
N LEU F 366 -11.26 0.75 -27.02
CA LEU F 366 -11.70 -0.63 -27.01
C LEU F 366 -12.62 -0.83 -25.82
N ASN F 367 -13.88 -1.17 -26.08
CA ASN F 367 -14.86 -1.28 -25.01
C ASN F 367 -14.73 -2.62 -24.30
N LYS F 368 -15.63 -2.87 -23.35
CA LYS F 368 -15.67 -4.16 -22.66
C LYS F 368 -16.24 -5.27 -23.52
N ASP F 369 -16.91 -4.93 -24.63
CA ASP F 369 -17.43 -5.90 -25.57
C ASP F 369 -16.46 -6.25 -26.68
N ARG F 370 -15.17 -5.89 -26.51
CA ARG F 370 -14.07 -6.21 -27.42
C ARG F 370 -14.31 -5.66 -28.83
N GLU F 371 -14.73 -4.40 -28.90
CA GLU F 371 -14.99 -3.73 -30.17
C GLU F 371 -14.34 -2.36 -30.17
N TRP F 372 -13.84 -1.95 -31.34
CA TRP F 372 -13.25 -0.64 -31.49
C TRP F 372 -14.34 0.43 -31.52
N GLU F 373 -14.67 0.99 -30.36
CA GLU F 373 -15.81 1.88 -30.23
C GLU F 373 -15.45 3.28 -30.70
N LYS F 374 -16.22 3.81 -31.65
CA LYS F 374 -16.02 5.16 -32.16
C LYS F 374 -16.39 6.17 -31.08
N VAL F 375 -15.46 7.07 -30.76
CA VAL F 375 -15.67 8.00 -29.65
C VAL F 375 -15.68 9.45 -30.14
N GLY F 376 -14.55 9.92 -30.70
CA GLY F 376 -14.40 11.33 -30.97
C GLY F 376 -13.94 11.60 -32.39
N LYS F 377 -14.25 12.81 -32.85
CA LYS F 377 -13.83 13.31 -34.15
C LYS F 377 -12.97 14.55 -33.98
N TRP F 378 -12.31 14.94 -35.05
CA TRP F 378 -11.35 16.04 -35.02
C TRP F 378 -11.78 17.17 -35.95
N GLU F 379 -11.59 18.40 -35.49
CA GLU F 379 -11.98 19.60 -36.22
C GLU F 379 -10.81 20.02 -37.11
N ASN F 380 -10.79 21.28 -37.59
CA ASN F 380 -9.70 21.77 -38.43
C ASN F 380 -8.36 21.67 -37.73
N GLN F 381 -8.20 22.40 -36.62
CA GLN F 381 -6.96 22.37 -35.86
C GLN F 381 -7.24 21.94 -34.43
N THR F 382 -8.35 22.41 -33.88
CA THR F 382 -8.78 22.04 -32.54
C THR F 382 -9.37 20.63 -32.54
N LEU F 383 -9.53 20.09 -31.35
CA LEU F 383 -10.02 18.73 -31.16
C LEU F 383 -11.41 18.74 -30.54
N SER F 384 -12.32 17.97 -31.12
CA SER F 384 -13.64 17.76 -30.56
C SER F 384 -13.65 16.47 -29.74
N LEU F 385 -14.51 16.45 -28.72
CA LEU F 385 -14.67 15.27 -27.87
C LEU F 385 -16.16 15.07 -27.62
N ARG F 386 -16.72 14.01 -28.21
CA ARG F 386 -18.10 13.65 -27.90
C ARG F 386 -18.22 13.13 -26.47
N HIS F 387 -17.25 12.31 -26.05
CA HIS F 387 -17.18 11.84 -24.66
C HIS F 387 -16.07 12.62 -23.96
N ALA F 388 -16.44 13.81 -23.47
CA ALA F 388 -15.50 14.62 -22.69
C ALA F 388 -15.24 14.00 -21.33
N VAL F 389 -16.23 13.31 -20.77
CA VAL F 389 -16.03 12.53 -19.56
C VAL F 389 -15.14 11.34 -19.91
N TRP F 390 -13.96 11.29 -19.32
CA TRP F 390 -13.05 10.20 -19.62
C TRP F 390 -13.50 8.92 -18.91
N PRO F 391 -13.78 7.85 -19.63
CA PRO F 391 -14.24 6.62 -18.99
C PRO F 391 -13.10 5.90 -18.29
N ARG F 392 -13.48 5.07 -17.31
CA ARG F 392 -12.48 4.35 -16.53
C ARG F 392 -11.99 3.12 -17.26
N TYR F 393 -12.91 2.20 -17.60
CA TYR F 393 -12.61 0.83 -18.00
C TYR F 393 -11.65 0.17 -17.02
N LYS F 394 -12.05 0.19 -15.75
CA LYS F 394 -11.15 -0.14 -14.66
C LYS F 394 -10.89 -1.65 -14.57
N SER F 395 -11.81 -2.46 -15.08
CA SER F 395 -11.65 -3.91 -15.13
C SER F 395 -11.18 -4.29 -16.52
N PHE F 396 -9.86 -4.24 -16.73
CA PHE F 396 -9.29 -4.63 -18.01
C PHE F 396 -9.39 -6.14 -18.23
N SER F 397 -9.20 -6.91 -17.16
CA SER F 397 -9.36 -8.36 -17.19
C SER F 397 -10.46 -8.73 -16.18
N ASP F 398 -10.65 -10.03 -15.99
CA ASP F 398 -11.69 -10.49 -15.07
C ASP F 398 -11.24 -10.36 -13.62
N CYS F 399 -10.00 -10.75 -13.31
CA CYS F 399 -9.51 -10.74 -11.94
C CYS F 399 -8.69 -9.47 -11.69
N GLU F 400 -9.41 -8.35 -11.58
CA GLU F 400 -8.83 -7.05 -11.22
C GLU F 400 -9.70 -6.38 -10.16
N PRO F 401 -9.55 -6.78 -8.87
CA PRO F 401 -10.33 -6.12 -7.80
C PRO F 401 -9.72 -4.77 -7.44
N ASP F 402 -10.35 -3.69 -7.90
CA ASP F 402 -9.82 -2.35 -7.73
C ASP F 402 -10.96 -1.37 -7.45
N ASP F 403 -10.86 -0.66 -6.32
CA ASP F 403 -11.89 0.29 -5.88
C ASP F 403 -11.27 1.59 -5.36
N ASN F 404 -10.30 2.16 -6.07
CA ASN F 404 -9.52 3.28 -5.54
C ASN F 404 -9.99 4.65 -6.00
N HIS F 405 -10.79 4.73 -7.07
CA HIS F 405 -11.27 6.04 -7.52
C HIS F 405 -12.39 6.55 -6.62
N LEU F 406 -12.49 7.88 -6.55
CA LEU F 406 -13.47 8.54 -5.70
C LEU F 406 -14.16 9.64 -6.49
N SER F 407 -15.49 9.58 -6.54
CA SER F 407 -16.30 10.58 -7.24
C SER F 407 -16.57 11.76 -6.34
N ILE F 408 -16.17 12.96 -6.77
CA ILE F 408 -16.20 14.17 -5.95
C ILE F 408 -16.92 15.26 -6.72
N VAL F 409 -17.92 15.89 -6.09
CA VAL F 409 -18.65 17.00 -6.67
C VAL F 409 -18.63 18.15 -5.67
N THR F 410 -18.71 19.38 -6.19
CA THR F 410 -18.71 20.57 -5.37
C THR F 410 -19.67 21.59 -5.96
N LEU F 411 -19.72 22.78 -5.34
CA LEU F 411 -20.64 23.83 -5.74
C LEU F 411 -19.88 25.15 -5.87
N GLU F 412 -20.33 25.99 -6.79
CA GLU F 412 -19.67 27.25 -7.12
C GLU F 412 -19.92 28.26 -6.01
N GLU F 413 -18.92 28.49 -5.16
CA GLU F 413 -18.93 29.58 -4.20
C GLU F 413 -17.64 30.37 -4.31
N ALA F 414 -17.75 31.69 -4.14
CA ALA F 414 -16.63 32.57 -4.48
C ALA F 414 -15.41 32.44 -3.55
N PRO F 415 -15.52 32.48 -2.21
CA PRO F 415 -14.29 32.31 -1.42
C PRO F 415 -13.78 30.88 -1.32
N PHE F 416 -14.52 29.90 -1.83
CA PHE F 416 -14.15 28.50 -1.70
C PHE F 416 -13.71 27.89 -3.03
N VAL F 417 -14.57 27.93 -4.05
CA VAL F 417 -14.28 27.30 -5.34
C VAL F 417 -14.38 28.39 -6.39
N ILE F 418 -13.26 29.04 -6.68
CA ILE F 418 -13.19 30.00 -7.78
C ILE F 418 -13.19 29.23 -9.09
N VAL F 419 -14.24 29.41 -9.88
CA VAL F 419 -14.44 28.68 -11.13
C VAL F 419 -14.20 29.65 -12.27
N GLU F 420 -13.13 29.45 -13.02
CA GLU F 420 -12.77 30.34 -14.12
C GLU F 420 -12.61 29.55 -15.40
N ASP F 421 -12.48 30.28 -16.50
CA ASP F 421 -12.28 29.67 -17.81
C ASP F 421 -10.85 29.13 -17.93
N ILE F 422 -10.66 28.27 -18.92
CA ILE F 422 -9.32 27.80 -19.25
C ILE F 422 -8.54 28.93 -19.91
N ASP F 423 -7.23 28.95 -19.71
CA ASP F 423 -6.38 29.97 -20.29
C ASP F 423 -6.31 29.80 -21.80
N PRO F 424 -6.72 30.79 -22.60
CA PRO F 424 -6.67 30.62 -24.06
C PRO F 424 -5.27 30.67 -24.64
N LEU F 425 -4.29 31.18 -23.90
CA LEU F 425 -2.92 31.21 -24.39
C LEU F 425 -2.24 29.86 -24.29
N THR F 426 -2.58 29.07 -23.27
CA THR F 426 -1.93 27.79 -23.02
C THR F 426 -2.82 26.58 -23.27
N GLU F 427 -4.15 26.74 -23.16
CA GLU F 427 -5.15 25.66 -23.20
C GLU F 427 -4.80 24.60 -22.14
N THR F 428 -4.49 25.08 -20.94
CA THR F 428 -4.05 24.23 -19.84
C THR F 428 -4.33 24.96 -18.53
N CYS F 429 -4.97 24.29 -17.58
CA CYS F 429 -5.11 24.85 -16.25
C CYS F 429 -3.75 24.96 -15.57
N VAL F 430 -3.53 26.10 -14.91
CA VAL F 430 -2.21 26.36 -14.24
C VAL F 430 -1.96 25.32 -13.16
N ARG F 431 -0.78 25.31 -12.55
CA ARG F 431 -0.41 24.28 -11.55
C ARG F 431 -1.42 24.21 -10.40
N ASN F 432 -1.84 25.34 -9.83
CA ASN F 432 -2.69 25.26 -8.64
C ASN F 432 -4.15 25.02 -9.00
N THR F 433 -4.56 25.40 -10.20
CA THR F 433 -5.93 25.15 -10.64
C THR F 433 -6.07 23.72 -11.15
N VAL F 434 -7.26 23.16 -10.95
CA VAL F 434 -7.57 21.81 -11.43
C VAL F 434 -8.72 21.88 -12.42
N PRO F 435 -8.74 21.02 -13.43
CA PRO F 435 -9.85 21.02 -14.39
C PRO F 435 -11.09 20.33 -13.82
N CYS F 436 -12.23 20.74 -14.36
CA CYS F 436 -13.51 20.10 -14.06
C CYS F 436 -14.43 20.31 -15.25
N ARG F 437 -15.60 19.69 -15.20
CA ARG F 437 -16.59 19.80 -16.27
C ARG F 437 -17.85 20.47 -15.74
N LYS F 438 -18.63 20.99 -16.69
CA LYS F 438 -19.93 21.58 -16.37
C LYS F 438 -20.87 21.29 -17.53
N PHE F 439 -21.98 20.60 -17.25
CA PHE F 439 -22.95 20.24 -18.27
C PHE F 439 -23.87 21.42 -18.50
N VAL F 440 -23.52 22.27 -19.47
CA VAL F 440 -24.31 23.45 -19.80
C VAL F 440 -25.22 23.09 -20.97
N LYS F 441 -26.53 23.30 -20.78
CA LYS F 441 -27.50 23.01 -21.82
C LYS F 441 -27.52 24.13 -22.85
N ILE F 442 -27.95 23.78 -24.07
CA ILE F 442 -28.02 24.77 -25.14
C ILE F 442 -29.23 25.67 -24.98
N ASN F 443 -30.40 25.09 -24.74
CA ASN F 443 -31.63 25.85 -24.64
C ASN F 443 -32.52 25.17 -23.61
N ASN F 444 -33.79 25.60 -23.56
CA ASN F 444 -34.78 24.84 -22.81
C ASN F 444 -35.59 23.95 -23.74
N SER F 445 -35.33 24.03 -25.05
CA SER F 445 -36.08 23.23 -26.02
C SER F 445 -35.65 21.77 -25.98
N THR F 446 -34.34 21.52 -25.85
CA THR F 446 -33.79 20.18 -25.78
C THR F 446 -33.08 20.01 -24.45
N ASN F 447 -32.89 18.75 -24.04
CA ASN F 447 -32.19 18.43 -22.81
C ASN F 447 -30.72 18.15 -23.09
N GLU F 448 -30.32 18.27 -24.36
CA GLU F 448 -28.95 18.03 -24.76
C GLU F 448 -28.07 19.22 -24.39
N GLY F 449 -26.89 18.93 -23.85
CA GLY F 449 -25.93 19.97 -23.50
C GLY F 449 -24.51 19.57 -23.81
N MET F 450 -23.55 20.36 -23.33
CA MET F 450 -22.13 20.10 -23.53
C MET F 450 -21.40 20.19 -22.21
N ASN F 451 -20.42 19.31 -22.03
CA ASN F 451 -19.60 19.30 -20.82
C ASN F 451 -18.40 20.22 -21.05
N VAL F 452 -18.60 21.51 -20.76
CA VAL F 452 -17.53 22.49 -20.93
C VAL F 452 -16.52 22.32 -19.79
N LYS F 453 -15.25 22.21 -20.14
CA LYS F 453 -14.19 22.04 -19.15
C LYS F 453 -13.64 23.39 -18.74
N LYS F 454 -13.55 23.59 -17.43
CA LYS F 454 -13.11 24.86 -16.84
C LYS F 454 -12.08 24.58 -15.75
N CYS F 455 -11.42 25.64 -15.29
CA CYS F 455 -10.41 25.54 -14.25
C CYS F 455 -10.97 26.01 -12.92
N CYS F 456 -10.43 25.49 -11.82
CA CYS F 456 -10.89 25.85 -10.50
C CYS F 456 -9.72 26.00 -9.54
N LYS F 457 -9.86 26.96 -8.63
CA LYS F 457 -8.90 27.17 -7.54
C LYS F 457 -9.69 27.57 -6.30
N GLY F 458 -8.97 28.00 -5.25
CA GLY F 458 -9.61 28.54 -4.07
C GLY F 458 -9.25 27.75 -2.82
N PHE F 459 -10.19 27.73 -1.89
CA PHE F 459 -9.95 27.12 -0.58
C PHE F 459 -10.10 25.60 -0.64
N CYS F 460 -11.29 25.13 -1.02
CA CYS F 460 -11.59 23.70 -1.05
C CYS F 460 -10.78 22.96 -2.11
N ILE F 461 -10.35 23.66 -3.16
CA ILE F 461 -9.43 23.06 -4.15
C ILE F 461 -8.09 22.76 -3.49
N ASP F 462 -7.58 23.70 -2.69
CA ASP F 462 -6.33 23.48 -1.96
C ASP F 462 -6.49 22.38 -0.92
N ILE F 463 -7.65 22.31 -0.27
CA ILE F 463 -7.93 21.25 0.69
C ILE F 463 -7.93 19.89 0.01
N LEU F 464 -8.56 19.79 -1.16
CA LEU F 464 -8.62 18.53 -1.89
C LEU F 464 -7.25 18.14 -2.44
N LYS F 465 -6.45 19.12 -2.85
CA LYS F 465 -5.10 18.82 -3.32
C LYS F 465 -4.21 18.33 -2.18
N LYS F 466 -4.36 18.92 -0.99
CA LYS F 466 -3.56 18.43 0.14
C LYS F 466 -4.04 17.08 0.63
N LEU F 467 -5.34 16.79 0.49
CA LEU F 467 -5.84 15.45 0.78
C LEU F 467 -5.30 14.44 -0.22
N SER F 468 -5.16 14.83 -1.48
CA SER F 468 -4.56 13.95 -2.48
C SER F 468 -3.06 13.80 -2.25
N ARG F 469 -2.41 14.80 -1.64
CA ARG F 469 -1.01 14.66 -1.29
C ARG F 469 -0.83 13.69 -0.12
N THR F 470 -1.71 13.78 0.89
CA THR F 470 -1.54 12.96 2.09
C THR F 470 -2.01 11.53 1.87
N VAL F 471 -3.25 11.37 1.40
CA VAL F 471 -3.84 10.03 1.29
C VAL F 471 -3.29 9.28 0.08
N LYS F 472 -2.93 10.02 -0.99
CA LYS F 472 -2.41 9.51 -2.25
C LYS F 472 -3.40 8.54 -2.91
N PHE F 473 -4.55 9.11 -3.29
CA PHE F 473 -5.62 8.41 -3.96
C PHE F 473 -5.82 9.03 -5.35
N THR F 474 -6.87 8.58 -6.04
CA THR F 474 -7.29 9.14 -7.32
C THR F 474 -8.70 9.69 -7.18
N TYR F 475 -8.90 10.90 -7.66
CA TYR F 475 -10.16 11.62 -7.50
C TYR F 475 -10.84 11.82 -8.84
N ASP F 476 -12.16 12.03 -8.79
CA ASP F 476 -12.99 12.28 -9.97
C ASP F 476 -13.79 13.55 -9.67
N LEU F 477 -13.24 14.70 -10.05
CA LEU F 477 -13.84 15.99 -9.73
C LEU F 477 -14.73 16.48 -10.87
N TYR F 478 -15.94 16.90 -10.53
CA TYR F 478 -16.86 17.49 -11.49
C TYR F 478 -17.81 18.42 -10.74
N LEU F 479 -18.72 19.05 -11.49
CA LEU F 479 -19.68 19.99 -10.94
C LEU F 479 -21.09 19.45 -11.07
N VAL F 480 -21.97 19.93 -10.19
CA VAL F 480 -23.38 19.57 -10.22
C VAL F 480 -24.12 20.60 -11.06
N THR F 481 -25.14 20.14 -11.79
CA THR F 481 -25.96 21.02 -12.62
C THR F 481 -27.41 21.06 -12.18
N ASN F 482 -27.77 20.37 -11.08
CA ASN F 482 -29.14 20.39 -10.62
C ASN F 482 -29.46 21.72 -9.93
N GLY F 483 -28.55 22.23 -9.11
CA GLY F 483 -28.76 23.50 -8.46
C GLY F 483 -27.99 23.72 -7.18
N LYS F 484 -28.70 24.12 -6.13
CA LYS F 484 -28.11 24.52 -4.86
C LYS F 484 -27.76 23.33 -3.98
N HIS F 485 -27.54 23.59 -2.68
CA HIS F 485 -27.03 22.60 -1.75
C HIS F 485 -27.97 21.41 -1.61
N GLY F 486 -29.19 21.64 -1.14
CA GLY F 486 -30.13 20.55 -0.97
C GLY F 486 -31.47 20.94 -0.37
N LYS F 487 -32.54 20.37 -0.91
CA LYS F 487 -33.90 20.64 -0.42
C LYS F 487 -34.79 19.49 -0.85
N LYS F 488 -35.50 18.91 0.12
CA LYS F 488 -36.35 17.75 -0.14
C LYS F 488 -37.73 18.22 -0.61
N VAL F 489 -38.13 17.80 -1.80
CA VAL F 489 -39.45 18.09 -2.34
C VAL F 489 -40.12 16.74 -2.56
N ASN F 490 -40.95 16.32 -1.57
CA ASN F 490 -41.69 15.06 -1.57
C ASN F 490 -40.76 13.86 -1.73
N ASN F 491 -39.85 13.71 -0.76
CA ASN F 491 -38.85 12.65 -0.68
C ASN F 491 -37.93 12.63 -1.92
N VAL F 492 -37.67 13.80 -2.48
CA VAL F 492 -36.74 13.96 -3.60
C VAL F 492 -35.81 15.10 -3.26
N TRP F 493 -34.52 14.78 -3.08
CA TRP F 493 -33.51 15.79 -2.82
C TRP F 493 -32.92 16.31 -4.13
N ASN F 494 -32.24 17.44 -4.03
CA ASN F 494 -31.66 18.10 -5.19
C ASN F 494 -30.23 18.54 -4.89
N GLY F 495 -29.46 18.72 -5.97
CA GLY F 495 -28.11 19.22 -5.83
C GLY F 495 -27.15 18.17 -5.30
N MET F 496 -26.24 18.61 -4.43
CA MET F 496 -25.22 17.71 -3.88
C MET F 496 -25.82 16.65 -2.98
N ILE F 497 -26.92 16.98 -2.29
CA ILE F 497 -27.62 15.98 -1.49
C ILE F 497 -28.24 14.91 -2.39
N GLY F 498 -28.80 15.33 -3.53
CA GLY F 498 -29.31 14.37 -4.49
C GLY F 498 -28.23 13.56 -5.18
N GLU F 499 -27.01 14.09 -5.24
CA GLU F 499 -25.91 13.33 -5.83
C GLU F 499 -25.31 12.33 -4.84
N VAL F 500 -25.24 12.69 -3.57
CA VAL F 500 -24.58 11.85 -2.58
C VAL F 500 -25.54 10.81 -1.99
N VAL F 501 -26.76 11.22 -1.62
CA VAL F 501 -27.72 10.31 -1.00
C VAL F 501 -28.18 9.24 -1.99
N TYR F 502 -28.42 9.61 -3.24
CA TYR F 502 -28.76 8.65 -4.27
C TYR F 502 -27.53 7.98 -4.89
N GLN F 503 -26.35 8.20 -4.30
CA GLN F 503 -25.11 7.45 -4.57
C GLN F 503 -24.62 7.61 -6.01
N ARG F 504 -24.87 8.77 -6.60
CA ARG F 504 -24.24 9.10 -7.87
C ARG F 504 -22.83 9.67 -7.70
N ALA F 505 -22.43 9.94 -6.45
CA ALA F 505 -21.06 10.34 -6.14
C ALA F 505 -20.61 9.59 -4.89
N VAL F 506 -19.48 10.00 -4.31
CA VAL F 506 -18.94 9.37 -3.12
C VAL F 506 -19.00 10.30 -1.92
N MET F 507 -18.46 11.51 -2.05
CA MET F 507 -18.41 12.43 -0.93
C MET F 507 -18.51 13.86 -1.45
N ALA F 508 -18.90 14.77 -0.56
CA ALA F 508 -19.02 16.19 -0.85
C ALA F 508 -17.91 16.93 -0.13
N VAL F 509 -16.89 17.34 -0.88
CA VAL F 509 -15.76 18.06 -0.30
C VAL F 509 -16.07 19.55 -0.17
N GLY F 510 -16.90 20.09 -1.04
CA GLY F 510 -17.22 21.50 -1.05
C GLY F 510 -18.05 21.95 0.14
N SER F 511 -18.39 23.23 0.12
CA SER F 511 -19.04 23.87 1.25
C SER F 511 -20.49 23.41 1.38
N LEU F 512 -20.90 23.12 2.61
CA LEU F 512 -22.25 22.62 2.87
C LEU F 512 -22.60 22.89 4.33
N THR F 513 -23.77 23.50 4.55
CA THR F 513 -24.26 23.68 5.91
C THR F 513 -24.74 22.36 6.49
N ILE F 514 -24.73 22.27 7.81
CA ILE F 514 -25.05 21.03 8.52
C ILE F 514 -26.23 21.30 9.44
N ASN F 515 -27.30 20.51 9.27
CA ASN F 515 -28.44 20.54 10.17
C ASN F 515 -28.86 19.11 10.45
N GLU F 516 -30.07 18.94 11.02
CA GLU F 516 -30.48 17.66 11.58
C GLU F 516 -30.70 16.60 10.50
N GLU F 517 -31.52 16.92 9.48
CA GLU F 517 -31.89 15.90 8.50
C GLU F 517 -30.74 15.56 7.55
N ARG F 518 -29.83 16.52 7.32
CA ARG F 518 -28.63 16.21 6.54
C ARG F 518 -27.70 15.26 7.31
N SER F 519 -27.62 15.43 8.63
CA SER F 519 -26.88 14.47 9.45
C SER F 519 -27.64 13.16 9.60
N GLU F 520 -28.94 13.15 9.35
CA GLU F 520 -29.68 11.90 9.33
C GLU F 520 -29.44 11.13 8.04
N VAL F 521 -29.38 11.81 6.89
CA VAL F 521 -29.31 11.07 5.64
C VAL F 521 -27.88 10.60 5.32
N VAL F 522 -26.86 11.37 5.68
CA VAL F 522 -25.47 10.99 5.47
C VAL F 522 -24.69 11.18 6.76
N ASP F 523 -23.39 10.89 6.70
CA ASP F 523 -22.51 10.99 7.86
C ASP F 523 -21.45 12.06 7.58
N PHE F 524 -21.59 13.21 8.24
CA PHE F 524 -20.59 14.25 8.11
C PHE F 524 -19.32 13.88 8.85
N SER F 525 -18.23 14.56 8.49
CA SER F 525 -16.96 14.40 9.17
C SER F 525 -16.91 15.37 10.35
N VAL F 526 -15.72 15.51 10.94
CA VAL F 526 -15.53 16.49 12.01
C VAL F 526 -15.47 17.89 11.37
N PRO F 527 -15.95 18.92 12.05
CA PRO F 527 -15.85 20.27 11.48
C PRO F 527 -14.43 20.80 11.59
N PHE F 528 -14.01 21.53 10.56
CA PHE F 528 -12.68 22.10 10.50
C PHE F 528 -12.65 23.62 10.53
N VAL F 529 -13.66 24.28 9.97
CA VAL F 529 -13.71 25.73 9.93
C VAL F 529 -14.95 26.19 10.70
N GLU F 530 -14.83 27.33 11.38
CA GLU F 530 -15.89 27.86 12.22
C GLU F 530 -16.64 28.92 11.40
N THR F 531 -17.70 28.48 10.73
CA THR F 531 -18.49 29.34 9.85
C THR F 531 -19.94 29.32 10.31
N GLY F 532 -20.38 30.41 10.94
CA GLY F 532 -21.75 30.58 11.35
C GLY F 532 -22.53 31.45 10.39
N ILE F 533 -23.55 32.11 10.92
CA ILE F 533 -24.37 33.04 10.14
C ILE F 533 -24.18 34.44 10.69
N SER F 534 -24.55 35.42 9.88
CA SER F 534 -24.38 36.83 10.23
C SER F 534 -25.36 37.66 9.40
N VAL F 535 -25.44 38.94 9.77
CA VAL F 535 -26.30 39.91 9.10
C VAL F 535 -25.43 41.08 8.68
N MET F 536 -25.47 41.41 7.39
CA MET F 536 -24.73 42.54 6.86
C MET F 536 -25.60 43.79 6.88
N VAL F 537 -25.07 44.85 7.47
CA VAL F 537 -25.67 46.18 7.48
C VAL F 537 -24.63 47.17 6.99
N SER F 538 -24.99 48.46 7.01
CA SER F 538 -24.08 49.52 6.59
C SER F 538 -22.95 49.72 7.59
N PHE F 658 -17.27 52.66 16.72
CA PHE F 658 -17.84 51.67 15.79
C PHE F 658 -19.20 51.29 16.36
N VAL F 659 -20.23 52.01 15.91
CA VAL F 659 -21.59 51.83 16.45
C VAL F 659 -22.19 50.53 15.91
N ASP F 660 -23.11 49.96 16.69
CA ASP F 660 -23.79 48.72 16.34
C ASP F 660 -25.28 48.93 16.53
N GLN F 661 -26.02 49.00 15.43
CA GLN F 661 -27.47 49.19 15.52
C GLN F 661 -28.16 47.91 15.97
N VAL F 662 -27.99 46.84 15.21
CA VAL F 662 -28.58 45.55 15.54
C VAL F 662 -27.53 44.72 16.28
N THR F 663 -27.92 44.17 17.43
CA THR F 663 -27.00 43.33 18.19
C THR F 663 -26.98 41.89 17.65
N GLY F 664 -28.13 41.38 17.24
CA GLY F 664 -28.18 40.03 16.72
C GLY F 664 -29.61 39.64 16.37
N LEU F 665 -29.86 38.33 16.41
CA LEU F 665 -31.17 37.80 16.02
C LEU F 665 -32.24 38.14 17.06
N SER F 666 -31.86 38.43 18.30
CA SER F 666 -32.79 38.81 19.35
C SER F 666 -33.03 40.30 19.42
N ASP F 667 -32.91 41.01 18.29
CA ASP F 667 -33.06 42.45 18.27
C ASP F 667 -34.54 42.83 18.42
N LYS F 668 -34.78 44.03 18.97
CA LYS F 668 -36.13 44.56 19.01
C LYS F 668 -36.59 44.99 17.63
N LYS F 669 -35.66 45.27 16.71
CA LYS F 669 -36.03 45.54 15.32
C LYS F 669 -36.56 44.30 14.63
N PHE F 670 -36.11 43.12 15.04
CA PHE F 670 -36.47 41.87 14.39
C PHE F 670 -37.78 41.28 14.90
N GLN F 671 -38.63 42.10 15.53
CA GLN F 671 -39.98 41.70 15.88
C GLN F 671 -41.00 42.21 14.87
N ARG F 672 -41.01 43.53 14.62
CA ARG F 672 -41.89 44.15 13.64
C ARG F 672 -41.31 45.50 13.23
N PRO F 673 -41.10 45.74 11.93
CA PRO F 673 -40.60 47.06 11.50
C PRO F 673 -41.63 48.17 11.57
N HIS F 674 -42.87 47.88 11.93
CA HIS F 674 -43.86 48.93 12.17
C HIS F 674 -43.60 49.67 13.48
N ASP F 675 -42.76 49.12 14.36
CA ASP F 675 -42.40 49.79 15.61
C ASP F 675 -41.61 51.07 15.33
N TYR F 676 -40.77 51.07 14.31
CA TYR F 676 -40.08 52.27 13.85
C TYR F 676 -40.84 52.87 12.67
N SER F 677 -40.63 54.18 12.48
CA SER F 677 -41.39 54.92 11.47
C SER F 677 -40.95 54.62 10.03
N PRO F 678 -39.67 54.40 9.70
CA PRO F 678 -39.38 53.77 8.39
C PRO F 678 -39.42 52.25 8.49
N PRO F 679 -40.25 51.59 7.68
CA PRO F 679 -40.24 50.12 7.63
C PRO F 679 -39.07 49.60 6.82
N PHE F 680 -38.08 49.03 7.50
CA PHE F 680 -36.90 48.51 6.83
C PHE F 680 -37.20 47.13 6.25
N ARG F 681 -36.24 46.59 5.51
CA ARG F 681 -36.43 45.34 4.79
C ARG F 681 -35.13 44.55 4.76
N PHE F 682 -35.29 43.22 4.79
CA PHE F 682 -34.15 42.31 4.77
C PHE F 682 -34.64 40.95 4.30
N GLY F 683 -33.78 40.24 3.56
CA GLY F 683 -34.12 38.94 3.05
C GLY F 683 -32.97 37.95 3.10
N THR F 684 -33.20 36.74 2.59
CA THR F 684 -32.17 35.71 2.55
C THR F 684 -31.97 35.19 1.13
N VAL F 685 -31.17 34.15 0.98
CA VAL F 685 -30.97 33.50 -0.31
C VAL F 685 -32.12 32.53 -0.55
N PRO F 686 -32.60 32.39 -1.78
CA PRO F 686 -33.73 31.50 -2.02
C PRO F 686 -33.30 30.04 -2.06
N ASN F 687 -34.23 29.17 -1.67
CA ASN F 687 -34.05 27.71 -1.57
C ASN F 687 -32.84 27.33 -0.72
N GLY F 688 -32.61 28.07 0.36
CA GLY F 688 -31.44 27.87 1.18
C GLY F 688 -31.75 27.21 2.51
N SER F 689 -30.70 26.68 3.14
CA SER F 689 -30.82 26.09 4.47
C SER F 689 -30.98 27.15 5.55
N THR F 690 -30.59 28.40 5.28
CA THR F 690 -30.88 29.49 6.18
C THR F 690 -32.38 29.73 6.29
N GLU F 691 -33.10 29.58 5.17
CA GLU F 691 -34.56 29.63 5.18
C GLU F 691 -35.15 28.50 6.00
N ARG F 692 -34.56 27.32 5.94
CA ARG F 692 -35.01 26.20 6.75
C ARG F 692 -34.76 26.45 8.24
N ASN F 693 -33.61 27.07 8.56
CA ASN F 693 -33.31 27.40 9.95
C ASN F 693 -34.26 28.47 10.48
N ILE F 694 -34.65 29.41 9.62
CA ILE F 694 -35.65 30.41 10.02
C ILE F 694 -37.01 29.78 10.24
N ARG F 695 -37.43 28.90 9.30
CA ARG F 695 -38.73 28.25 9.42
C ARG F 695 -38.80 27.26 10.57
N ASN F 696 -37.66 26.73 11.02
CA ASN F 696 -37.64 25.95 12.25
C ASN F 696 -37.45 26.80 13.49
N ASN F 697 -36.97 28.04 13.35
CA ASN F 697 -36.87 28.96 14.48
C ASN F 697 -38.08 29.86 14.61
N TYR F 698 -38.39 30.63 13.55
CA TYR F 698 -39.49 31.60 13.59
C TYR F 698 -40.23 31.57 12.25
N PRO F 699 -41.41 30.95 12.19
CA PRO F 699 -42.18 30.98 10.94
C PRO F 699 -42.73 32.35 10.61
N TYR F 700 -42.97 33.19 11.61
CA TYR F 700 -43.39 34.56 11.36
C TYR F 700 -42.29 35.37 10.69
N MET F 701 -41.03 35.07 10.99
CA MET F 701 -39.91 35.69 10.29
C MET F 701 -39.91 35.30 8.81
N HIS F 702 -40.25 34.04 8.51
CA HIS F 702 -40.42 33.62 7.13
C HIS F 702 -41.61 34.30 6.47
N GLN F 703 -42.67 34.57 7.25
CA GLN F 703 -43.83 35.28 6.71
C GLN F 703 -43.47 36.73 6.34
N TYR F 704 -42.69 37.40 7.18
CA TYR F 704 -42.24 38.75 6.83
C TYR F 704 -41.15 38.76 5.77
N MET F 705 -40.41 37.65 5.62
CA MET F 705 -39.40 37.55 4.58
C MET F 705 -39.99 37.15 3.23
N THR F 706 -41.21 36.61 3.23
CA THR F 706 -41.88 36.19 1.99
C THR F 706 -42.11 37.37 1.05
N ARG F 707 -42.40 38.55 1.60
CA ARG F 707 -42.48 39.75 0.77
C ARG F 707 -41.12 40.36 0.47
N PHE F 708 -40.04 39.84 1.06
CA PHE F 708 -38.70 40.42 0.97
C PHE F 708 -37.70 39.45 0.36
N ASN F 709 -38.14 38.59 -0.56
CA ASN F 709 -37.22 37.63 -1.17
C ASN F 709 -36.37 38.29 -2.26
N GLN F 710 -35.29 37.61 -2.61
CA GLN F 710 -34.37 38.06 -3.64
C GLN F 710 -33.78 36.84 -4.33
N ARG F 711 -32.90 37.07 -5.31
CA ARG F 711 -32.30 35.97 -6.06
C ARG F 711 -30.79 35.89 -5.91
N GLY F 712 -30.06 36.95 -6.22
CA GLY F 712 -28.62 36.88 -6.42
C GLY F 712 -27.82 37.45 -5.26
N VAL F 713 -26.70 36.78 -4.96
CA VAL F 713 -25.80 37.24 -3.90
C VAL F 713 -25.15 38.56 -4.29
N GLU F 714 -24.66 38.65 -5.53
CA GLU F 714 -24.15 39.92 -6.03
C GLU F 714 -25.26 40.94 -6.20
N ASP F 715 -26.48 40.48 -6.52
CA ASP F 715 -27.63 41.37 -6.58
C ASP F 715 -27.95 41.94 -5.20
N ALA F 716 -27.87 41.11 -4.17
CA ALA F 716 -28.05 41.59 -2.80
C ALA F 716 -26.92 42.52 -2.37
N LEU F 717 -25.71 42.29 -2.87
CA LEU F 717 -24.59 43.18 -2.57
C LEU F 717 -24.80 44.56 -3.19
N VAL F 718 -25.23 44.59 -4.46
CA VAL F 718 -25.53 45.86 -5.12
C VAL F 718 -26.73 46.53 -4.46
N SER F 719 -27.70 45.76 -3.98
CA SER F 719 -28.84 46.33 -3.27
C SER F 719 -28.44 46.92 -1.92
N LEU F 720 -27.45 46.33 -1.26
CA LEU F 720 -26.97 46.90 0.01
C LEU F 720 -26.11 48.14 -0.24
N LYS F 721 -25.33 48.16 -1.32
CA LYS F 721 -24.47 49.30 -1.59
C LYS F 721 -25.27 50.50 -2.08
N THR F 722 -26.13 50.30 -3.09
CA THR F 722 -26.87 51.42 -3.67
C THR F 722 -28.00 51.89 -2.76
N GLY F 723 -28.52 51.00 -1.93
CA GLY F 723 -29.59 51.32 -1.02
C GLY F 723 -30.92 50.66 -1.29
N LYS F 724 -30.95 49.60 -2.11
CA LYS F 724 -32.19 48.86 -2.37
C LYS F 724 -32.47 47.80 -1.31
N LEU F 725 -31.64 47.69 -0.28
CA LEU F 725 -31.84 46.73 0.78
C LEU F 725 -31.13 47.23 2.02
N ASP F 726 -31.76 47.05 3.19
CA ASP F 726 -31.19 47.55 4.43
C ASP F 726 -30.17 46.58 5.02
N ALA F 727 -30.59 45.35 5.29
CA ALA F 727 -29.73 44.33 5.86
C ALA F 727 -29.87 43.04 5.07
N PHE F 728 -28.92 42.13 5.27
CA PHE F 728 -28.99 40.86 4.56
C PHE F 728 -28.45 39.73 5.43
N ILE F 729 -29.22 38.65 5.55
CA ILE F 729 -28.86 37.51 6.38
C ILE F 729 -28.14 36.50 5.49
N TYR F 730 -26.92 36.13 5.88
CA TYR F 730 -26.11 35.20 5.08
C TYR F 730 -25.18 34.48 6.05
N ASP F 731 -24.23 33.71 5.51
CA ASP F 731 -23.22 33.09 6.35
C ASP F 731 -22.15 34.10 6.76
N ALA F 732 -21.33 33.71 7.73
CA ALA F 732 -20.44 34.66 8.39
C ALA F 732 -19.14 34.87 7.62
N ALA F 733 -18.42 33.79 7.32
CA ALA F 733 -17.05 33.92 6.81
C ALA F 733 -17.02 34.40 5.37
N VAL F 734 -18.06 34.11 4.58
CA VAL F 734 -18.11 34.62 3.21
C VAL F 734 -18.31 36.13 3.21
N LEU F 735 -19.15 36.63 4.10
CA LEU F 735 -19.30 38.07 4.25
C LEU F 735 -18.07 38.71 4.86
N ASN F 736 -17.33 37.96 5.69
CA ASN F 736 -16.06 38.47 6.22
C ASN F 736 -15.02 38.59 5.11
N TYR F 737 -15.02 37.65 4.16
CA TYR F 737 -14.10 37.73 3.04
C TYR F 737 -14.50 38.83 2.07
N LYS F 738 -15.81 39.02 1.87
CA LYS F 738 -16.27 40.08 0.97
C LYS F 738 -16.04 41.46 1.58
N ALA F 739 -16.14 41.57 2.91
CA ALA F 739 -15.84 42.85 3.55
C ALA F 739 -14.35 43.11 3.62
N GLY F 740 -13.54 42.05 3.61
CA GLY F 740 -12.09 42.18 3.60
C GLY F 740 -11.47 42.53 2.28
N ARG F 741 -12.28 42.59 1.21
CA ARG F 741 -11.82 43.02 -0.10
C ARG F 741 -12.71 44.13 -0.67
N ASP F 742 -13.61 44.68 0.13
CA ASP F 742 -14.56 45.68 -0.36
C ASP F 742 -13.88 47.04 -0.51
N GLU F 743 -14.30 47.77 -1.53
CA GLU F 743 -13.76 49.11 -1.81
C GLU F 743 -14.29 50.10 -0.78
N GLY F 744 -13.43 50.49 0.16
CA GLY F 744 -13.76 51.49 1.14
C GLY F 744 -14.32 50.96 2.45
N CYS F 745 -14.77 49.69 2.47
CA CYS F 745 -15.37 49.02 3.63
C CYS F 745 -16.58 49.79 4.17
N LYS F 746 -17.57 50.00 3.30
CA LYS F 746 -18.77 50.73 3.72
C LYS F 746 -19.69 49.86 4.54
N LEU F 747 -19.92 48.61 4.11
CA LEU F 747 -20.78 47.71 4.85
C LEU F 747 -20.04 47.14 6.05
N VAL F 748 -20.72 47.06 7.19
CA VAL F 748 -20.13 46.65 8.46
C VAL F 748 -20.85 45.40 8.94
N THR F 749 -20.07 44.39 9.34
CA THR F 749 -20.63 43.16 9.89
C THR F 749 -21.12 43.39 11.31
N ILE F 750 -21.75 42.36 11.88
CA ILE F 750 -22.32 42.43 13.23
C ILE F 750 -21.64 41.35 14.06
N GLY F 751 -20.67 41.74 14.90
CA GLY F 751 -20.11 40.85 15.89
C GLY F 751 -19.26 39.75 15.27
N SER F 752 -19.28 38.58 15.91
CA SER F 752 -18.58 37.40 15.43
C SER F 752 -19.43 36.15 15.60
N GLY F 753 -20.75 36.28 15.50
CA GLY F 753 -21.64 35.16 15.72
C GLY F 753 -22.09 34.98 17.15
N TYR F 754 -22.29 36.07 17.89
CA TYR F 754 -22.62 35.96 19.31
C TYR F 754 -24.09 35.64 19.52
N ILE F 755 -24.98 36.23 18.73
CA ILE F 755 -26.42 36.00 18.87
C ILE F 755 -26.83 35.27 17.58
N PHE F 756 -25.94 34.45 17.07
CA PHE F 756 -26.15 33.71 15.84
C PHE F 756 -25.99 32.21 16.09
N ALA F 757 -26.01 31.44 15.00
CA ALA F 757 -25.93 29.98 15.12
C ALA F 757 -24.53 29.53 15.50
N THR F 758 -23.52 30.05 14.79
CA THR F 758 -22.09 29.75 14.98
C THR F 758 -21.83 28.25 14.85
N THR F 759 -22.06 27.74 13.65
CA THR F 759 -21.87 26.33 13.33
C THR F 759 -20.55 26.15 12.59
N GLY F 760 -20.32 24.95 12.07
CA GLY F 760 -19.12 24.65 11.32
C GLY F 760 -19.43 23.87 10.06
N TYR F 761 -18.39 23.70 9.23
CA TYR F 761 -18.49 22.95 7.99
C TYR F 761 -17.66 21.69 8.09
N GLY F 762 -18.24 20.56 7.69
CA GLY F 762 -17.51 19.30 7.63
C GLY F 762 -17.47 18.75 6.23
N ILE F 763 -17.14 17.47 6.08
CA ILE F 763 -17.12 16.79 4.80
C ILE F 763 -18.16 15.68 4.83
N ALA F 764 -19.15 15.77 3.95
CA ALA F 764 -20.24 14.81 3.93
C ALA F 764 -19.81 13.52 3.27
N LEU F 765 -19.93 12.41 3.99
CA LEU F 765 -19.67 11.08 3.46
C LEU F 765 -20.91 10.22 3.63
N GLN F 766 -21.02 9.17 2.81
CA GLN F 766 -22.16 8.28 2.88
C GLN F 766 -22.05 7.37 4.09
N LYS F 767 -23.20 6.82 4.49
CA LYS F 767 -23.28 5.99 5.68
C LYS F 767 -22.64 4.63 5.40
N GLY F 768 -21.52 4.35 6.05
CA GLY F 768 -20.81 3.10 5.86
C GLY F 768 -19.56 3.20 5.01
N SER F 769 -19.06 4.40 4.74
CA SER F 769 -17.85 4.54 3.95
C SER F 769 -16.63 4.31 4.83
N PRO F 770 -15.67 3.47 4.40
CA PRO F 770 -14.47 3.25 5.21
C PRO F 770 -13.45 4.37 5.14
N TRP F 771 -13.66 5.38 4.29
CA TRP F 771 -12.70 6.46 4.10
C TRP F 771 -12.79 7.54 5.17
N LYS F 772 -13.74 7.42 6.12
CA LYS F 772 -14.01 8.51 7.05
C LYS F 772 -12.86 8.72 8.05
N ARG F 773 -12.26 7.62 8.52
CA ARG F 773 -11.22 7.71 9.53
C ARG F 773 -9.95 8.34 8.97
N GLN F 774 -9.59 7.98 7.73
CA GLN F 774 -8.39 8.55 7.12
C GLN F 774 -8.57 10.03 6.81
N ILE F 775 -9.76 10.43 6.39
CA ILE F 775 -10.05 11.84 6.13
C ILE F 775 -10.04 12.63 7.44
N ASP F 776 -10.54 12.02 8.52
CA ASP F 776 -10.50 12.70 9.83
C ASP F 776 -9.08 12.85 10.34
N LEU F 777 -8.24 11.82 10.15
CA LEU F 777 -6.83 11.92 10.55
C LEU F 777 -6.09 12.96 9.70
N ALA F 778 -6.44 13.05 8.41
CA ALA F 778 -5.80 14.03 7.55
C ALA F 778 -6.23 15.45 7.91
N LEU F 779 -7.50 15.64 8.29
CA LEU F 779 -7.95 16.96 8.72
C LEU F 779 -7.30 17.36 10.05
N LEU F 780 -7.15 16.40 10.97
CA LEU F 780 -6.49 16.72 12.23
C LEU F 780 -4.99 16.93 12.04
N GLN F 781 -4.40 16.34 11.00
CA GLN F 781 -3.02 16.67 10.65
C GLN F 781 -2.93 18.06 10.04
N PHE F 782 -3.92 18.44 9.23
CA PHE F 782 -3.89 19.74 8.56
C PHE F 782 -4.15 20.89 9.53
N VAL F 783 -4.97 20.66 10.55
CA VAL F 783 -5.22 21.70 11.54
C VAL F 783 -4.08 21.79 12.54
N GLY F 784 -3.58 20.64 12.99
CA GLY F 784 -2.62 20.59 14.08
C GLY F 784 -1.17 20.91 13.74
N ASP F 785 -0.92 21.65 12.66
CA ASP F 785 0.44 22.08 12.34
C ASP F 785 0.51 23.52 11.83
N GLY F 786 -0.59 24.25 11.82
CA GLY F 786 -0.60 25.61 11.30
C GLY F 786 -0.72 25.70 9.79
N GLU F 787 -0.83 24.58 9.09
CA GLU F 787 -0.97 24.62 7.63
C GLU F 787 -2.37 25.09 7.25
N MET F 788 -3.39 24.70 8.03
CA MET F 788 -4.73 25.24 7.85
C MET F 788 -4.76 26.73 8.15
N GLU F 789 -3.99 27.17 9.14
CA GLU F 789 -3.87 28.60 9.43
C GLU F 789 -3.16 29.33 8.30
N GLU F 790 -2.19 28.67 7.66
CA GLU F 790 -1.52 29.27 6.50
C GLU F 790 -2.48 29.39 5.31
N LEU F 791 -3.32 28.38 5.12
CA LEU F 791 -4.31 28.46 4.03
C LEU F 791 -5.37 29.52 4.31
N GLU F 792 -5.76 29.68 5.59
CA GLU F 792 -6.70 30.73 5.93
C GLU F 792 -6.07 32.11 5.84
N THR F 793 -4.76 32.22 6.10
CA THR F 793 -4.07 33.48 5.88
C THR F 793 -3.97 33.80 4.39
N LEU F 794 -3.79 32.77 3.58
CA LEU F 794 -3.71 32.96 2.13
C LEU F 794 -5.05 33.35 1.53
N TRP F 795 -6.14 32.72 1.97
CA TRP F 795 -7.43 32.90 1.31
C TRP F 795 -8.40 33.77 2.10
N LEU F 796 -7.96 34.42 3.18
CA LEU F 796 -8.76 35.41 3.88
C LEU F 796 -7.87 36.59 4.25
N THR F 797 -8.48 37.78 4.29
CA THR F 797 -7.76 39.02 4.61
C THR F 797 -8.68 39.85 5.51
N GLY F 798 -8.41 39.85 6.81
CA GLY F 798 -9.28 40.50 7.76
C GLY F 798 -8.94 41.96 8.03
N ILE F 799 -8.95 42.78 6.98
CA ILE F 799 -8.76 44.22 7.14
C ILE F 799 -10.09 44.85 7.52
N CYS F 800 -10.04 46.12 7.94
CA CYS F 800 -11.16 46.99 8.34
C CYS F 800 -12.24 46.34 9.22
#